data_9G00
#
_entry.id   9G00
#
_cell.length_a   1.00
_cell.length_b   1.00
_cell.length_c   1.00
_cell.angle_alpha   90.00
_cell.angle_beta   90.00
_cell.angle_gamma   90.00
#
_symmetry.space_group_name_H-M   'P 1'
#
loop_
_entity.id
_entity.type
_entity.pdbx_description
1 polymer 'CO-methylating acetyl-CoA synthase'
2 polymer 'Acetyl-CoA decarbonylase/synthase complex subunit delta'
3 polymer 'Corrinoid iron-sulfur protein large subunit'
4 polymer 'Carbon monoxide dehydrogenase/acetyl-CoA synthase beta subunit'
5 non-polymer 'IRON/SULFUR CLUSTER'
6 non-polymer 'NICKEL (II) ION'
7 non-polymer COBALAMIN
8 non-polymer 'Fe(3)-Ni(1)-S(4) cluster'
#
loop_
_entity_poly.entity_id
_entity_poly.type
_entity_poly.pdbx_seq_one_letter_code
_entity_poly.pdbx_strand_id
1 'polypeptide(L)'
;MNLFQTVFTGSKQALAAAEGIVKQAVDEKGRDYKVAFPDTAYSLPVIFAATGKKITNVGELEGALDIVRSLIVEEEMLDK
LLNSGLATAVAAEIIEAAKYVLSDAPYAEPCVGFISDPIIRSLGVPLVTGDIPGVAVILGECPDSETAAKIIKDYQSKGL
LTCLVGKVIDQAIEGKVKMGLDLRVIPLGYDVTSVIHVVTIAIRAALIFGGIKGGQLNDILKYTAERVPAFVNAFGPLSE
LVVSAGAGAIALGFPVLTDQVVPEVPTLLLTQKDYDKMVKTSLEARNIKIKITEIPIPVSFAAAFEGERIRKNDMLAEFG
GNKTKAWELVMCADQGEVEDHKIEVIGPDIDTIDKAPGRMPLGMLIKVSGTNMQKDFEPVLERRLHYFLNYIEGVMHVGQ
RNLTWVRIGKEAFEKGFRLKHFGEVIYAKMLDEFGSVVDKCEVTIITDPGKAEELEGKYAVPRYKERDARLESLVDEKVD
TFYSCNLCQSFAPAHVCIVTPERLGLCGAVSWLDAKATLELNPTGPCQAVPKEGVVDENLGIWEKVNETVSKISQGAVTS
VTLYSILQDPMTSCGCFECITGIMPEANGVVMVNREFGATTPLGMTFGELASMTGGGVQTPGFMGHGRQFIASKKFMKGE
GGLGRIVWMPKELKDFVAEKLNKTAKELYNIDNFADMICDETIATESEEVVKFLEEKGHPALKMDPIM
;
D,A
2 'polypeptide(L)'
;MFKKPTQKFSGKIGEVEIGTGEKALKLGGESVLPFYTFDGDTGNTPKVGMEILDVYPEDWIDPLKDIYKDVAKDPVKWAQ
FVEEKYSPDFICLRLISADPNGTDAAPEDCAKTAKAVVEAIKTPLVVAGTGNHEKDAKLFEKVAQETEGHNILLMSAVED
NYKSVGAAGVMAYNDKVVAESSVDINLAKQINILMNQLGIDNTKFVDNVGCAAGGYGYEYVISTLDRVKLAALGQDDKTL
QVPIISPVSFEACKVKEAMDSEEDSPQWGSQEDRTVSMEVATASGVLASGTDAVILRHPKSVEVIRNFIKELLG
;
E
3 'polypeptide(L)'
;MALTGLNIFKLTPKKNCKDCGFPTCLAFSMKVAAGAVEIGKCPHMSDEAMEKLAEATAPIMKTITIGKGDNEYKLGGETV
LFRHEKTFVNRNRFAVAFSDSMDDAEVDAKIQHIKDVDYVRIGEQMKTEFAAIKYAGNKDKYLALINKIKASGVKVAYAL
VCEDVAVMKEALPLVKDENPLVYGANKDNFKEMVELVKGDKLALGVKADGLEALYGLVEEIQKLGYKNLVLDPGGKSIKE
AFENTVQIRRINIEGQDRTFGYPSIIFLDELTKADKFMEVALSTLFTLKYGSLLVLSDMDYSRALPLYSIRQNVFTDPQK
PMTVDLGIHGINNPDENSPVLCTVDFALTYFLVSGEVERSKVPVWMVIPDAGGYSVLTSWAAGKFTGAAIADEIKKCGIA
EKTKNRTLLIPGKVAVLKGELEELLPDWNIVISSTEAMFIPKLLKELTAK
;
F
4 'polypeptide(L)'
;EEKAKSIDQATLQLLDKAKQDGVETVWDRKADMKVQCGFGSAGVCCRNCSMGPCRVSPVPGKGVERGICGATADVIVSRN
FARMVAAGTAAHSDHGRSIALSLYHTSKDGDIKVKDENKLKEVAKSFNVETEGRDIYDIAHDVAKEGLSNYGKQLGEVTL
PPSLPEKRKELWRKLGVYPRAVDREIAAVMHSTHIGCNADAEAMIKMSMRCSLTDGWMGSFMGTEFSDIMFGTPHSIDTE
ANLGVLEKNSVNVVLHGHEPLLSEMVVEAASDPELVELAKSVGADGINLCGMCCTGNEVSMRHGIKIAGNFMQQELAVVT
GAVDGLIVDVQCIMPALAKLSKSYHTKFITTSPKAHITDSIYMEFDEENPLDSAKKILKEAILNFKNRDQSKVMIPELKC
KAILGYSVEEIINKLDKVVNTQIGPMQTVKPLADVLVSGVLRGAAAVVGCNNPKVVQDSAHIETIKGLIKNDVIVVVTGC
AAQAAAKYGLLQKEAAEKYAGPGLATVCKLVDIPPVLHMGSCVDISRILDLVGRVANLLGVDMSDLPVAGVAPEWMSEKA
VAIGTYVVTSGIDTWLGVAPPVTGGPEVVDILTNKMEDWVGAKFFIETDPHKAVEQIVNRMNEKRKKLGI
;
B,C
#
loop_
_chem_comp.id
_chem_comp.type
_chem_comp.name
_chem_comp.formula
B12 non-polymer COBALAMIN 'C62 H89 Co N13 O14 P 2'
NI non-polymer 'NICKEL (II) ION' 'Ni 2'
RQM non-polymer 'Fe(3)-Ni(1)-S(4) cluster' 'Fe4 Ni S4'
SF4 non-polymer 'IRON/SULFUR CLUSTER' 'Fe4 S4'
#
# COMPACT_ATOMS: atom_id res chain seq x y z
N MET A 1 15.17 29.48 -24.95
CA MET A 1 13.92 30.11 -24.44
C MET A 1 12.89 29.04 -24.12
N ASN A 2 12.53 28.95 -22.84
CA ASN A 2 11.61 27.92 -22.38
C ASN A 2 10.17 28.35 -22.69
N LEU A 3 9.21 27.52 -22.29
CA LEU A 3 7.80 27.80 -22.59
C LEU A 3 7.32 29.10 -21.98
N PHE A 4 7.63 29.31 -20.69
CA PHE A 4 7.21 30.52 -20.00
C PHE A 4 7.78 31.77 -20.65
N GLN A 5 9.06 31.74 -20.99
CA GLN A 5 9.67 32.89 -21.63
C GLN A 5 9.14 33.11 -23.03
N THR A 6 8.82 32.04 -23.75
CA THR A 6 8.21 32.20 -25.07
C THR A 6 6.84 32.87 -24.97
N VAL A 7 6.02 32.47 -23.99
CA VAL A 7 4.70 33.07 -23.81
C VAL A 7 4.83 34.53 -23.38
N PHE A 8 5.71 34.82 -22.43
CA PHE A 8 5.90 36.21 -22.00
C PHE A 8 6.38 37.08 -23.16
N THR A 9 7.31 36.57 -23.96
CA THR A 9 7.79 37.33 -25.12
C THR A 9 6.66 37.59 -26.10
N GLY A 10 5.84 36.58 -26.36
CA GLY A 10 4.73 36.78 -27.27
C GLY A 10 3.73 37.80 -26.75
N SER A 11 3.42 37.76 -25.46
CA SER A 11 2.47 38.73 -24.89
C SER A 11 3.02 40.15 -24.98
N LYS A 12 4.32 40.32 -24.75
CA LYS A 12 4.92 41.64 -24.89
C LYS A 12 4.85 42.14 -26.33
N GLN A 13 5.10 41.25 -27.29
CA GLN A 13 4.95 41.63 -28.70
C GLN A 13 3.50 41.99 -29.04
N ALA A 14 2.55 41.24 -28.48
CA ALA A 14 1.13 41.58 -28.68
C ALA A 14 0.80 42.94 -28.06
N LEU A 15 1.34 43.22 -26.88
CA LEU A 15 1.16 44.54 -26.26
C LEU A 15 1.79 45.64 -27.11
N ALA A 16 2.98 45.39 -27.66
CA ALA A 16 3.64 46.39 -28.49
C ALA A 16 2.84 46.71 -29.74
N ALA A 17 2.27 45.68 -30.36
CA ALA A 17 1.44 45.91 -31.55
C ALA A 17 0.13 46.62 -31.18
N ALA A 18 -0.43 46.30 -30.03
CA ALA A 18 -1.66 46.97 -29.61
C ALA A 18 -1.41 48.45 -29.33
N GLU A 19 -0.28 48.78 -28.70
CA GLU A 19 0.01 50.18 -28.42
C GLU A 19 0.24 50.96 -29.70
N GLY A 20 0.91 50.34 -30.68
CA GLY A 20 1.17 51.04 -31.93
C GLY A 20 -0.10 51.34 -32.72
N ILE A 21 -1.01 50.36 -32.77
CA ILE A 21 -2.21 50.58 -33.57
C ILE A 21 -3.19 51.51 -32.84
N VAL A 22 -3.18 51.49 -31.50
CA VAL A 22 -4.01 52.43 -30.77
C VAL A 22 -3.51 53.85 -30.99
N LYS A 23 -2.19 54.02 -31.06
CA LYS A 23 -1.65 55.36 -31.32
C LYS A 23 -2.10 55.87 -32.68
N GLN A 24 -2.16 54.99 -33.67
CA GLN A 24 -2.66 55.40 -34.99
C GLN A 24 -4.12 55.83 -34.91
N ALA A 25 -4.93 55.10 -34.16
CA ALA A 25 -6.35 55.45 -34.02
C ALA A 25 -6.52 56.79 -33.34
N VAL A 26 -5.72 57.07 -32.31
CA VAL A 26 -5.79 58.35 -31.62
C VAL A 26 -5.40 59.49 -32.56
N ASP A 27 -4.33 59.30 -33.34
CA ASP A 27 -3.84 60.36 -34.21
C ASP A 27 -4.77 60.63 -35.39
N GLU A 28 -5.48 59.62 -35.87
CA GLU A 28 -6.33 59.80 -37.05
C GLU A 28 -7.78 60.11 -36.70
N LYS A 29 -8.30 59.51 -35.62
CA LYS A 29 -9.71 59.65 -35.29
C LYS A 29 -9.97 60.40 -33.99
N GLY A 30 -9.00 60.51 -33.11
CA GLY A 30 -9.20 61.17 -31.84
C GLY A 30 -9.81 60.25 -30.80
N ARG A 31 -9.66 60.66 -29.53
CA ARG A 31 -10.14 59.84 -28.42
C ARG A 31 -11.65 59.85 -28.28
N ASP A 32 -12.36 60.74 -28.97
CA ASP A 32 -13.82 60.78 -28.90
C ASP A 32 -14.47 59.91 -29.97
N TYR A 33 -13.69 59.37 -30.90
CA TYR A 33 -14.24 58.55 -31.96
C TYR A 33 -14.77 57.23 -31.40
N LYS A 34 -15.89 56.77 -31.94
CA LYS A 34 -16.56 55.59 -31.42
C LYS A 34 -15.78 54.33 -31.72
N VAL A 35 -15.78 53.40 -30.76
CA VAL A 35 -15.17 52.09 -30.91
C VAL A 35 -16.24 51.04 -30.75
N ALA A 36 -16.40 50.18 -31.76
CA ALA A 36 -17.43 49.16 -31.69
C ALA A 36 -17.10 48.03 -32.66
N PHE A 37 -17.72 46.87 -32.43
CA PHE A 37 -17.70 45.72 -33.31
C PHE A 37 -19.06 45.59 -34.01
N PRO A 38 -19.10 45.13 -35.26
CA PRO A 38 -20.37 45.12 -36.00
C PRO A 38 -21.37 44.15 -35.39
N ASP A 39 -22.51 44.69 -34.93
CA ASP A 39 -23.65 43.91 -34.46
C ASP A 39 -23.28 42.98 -33.28
N THR A 40 -22.97 43.62 -32.14
CA THR A 40 -22.76 42.89 -30.88
C THR A 40 -23.25 43.74 -29.71
N ALA A 41 -23.79 43.09 -28.69
CA ALA A 41 -24.21 43.77 -27.45
C ALA A 41 -23.18 43.70 -26.33
N TYR A 42 -22.04 43.06 -26.55
CA TYR A 42 -21.03 42.85 -25.52
C TYR A 42 -19.81 43.78 -25.67
N SER A 43 -19.92 44.83 -26.47
CA SER A 43 -18.81 45.74 -26.75
C SER A 43 -17.58 44.98 -27.25
N LEU A 44 -16.44 45.05 -26.56
CA LEU A 44 -15.33 44.16 -26.85
C LEU A 44 -15.48 42.96 -25.93
N PRO A 45 -15.85 41.78 -26.42
CA PRO A 45 -16.23 40.69 -25.50
C PRO A 45 -15.15 40.28 -24.51
N VAL A 46 -13.88 40.22 -24.90
CA VAL A 46 -12.84 39.73 -23.99
C VAL A 46 -12.67 40.70 -22.82
N ILE A 47 -12.62 42.00 -23.12
CA ILE A 47 -12.50 42.98 -22.04
C ILE A 47 -13.76 43.02 -21.20
N PHE A 48 -14.93 42.91 -21.83
CA PHE A 48 -16.16 42.88 -21.05
C PHE A 48 -16.22 41.64 -20.16
N ALA A 49 -15.77 40.50 -20.66
CA ALA A 49 -15.74 39.29 -19.85
C ALA A 49 -14.77 39.42 -18.69
N ALA A 50 -13.59 39.99 -18.94
CA ALA A 50 -12.55 40.03 -17.91
C ALA A 50 -12.83 41.09 -16.86
N THR A 51 -13.37 42.25 -17.26
CA THR A 51 -13.52 43.38 -16.36
C THR A 51 -14.97 43.85 -16.19
N GLY A 52 -15.87 43.51 -17.09
CA GLY A 52 -17.22 44.00 -17.05
C GLY A 52 -17.42 45.36 -17.66
N LYS A 53 -16.35 45.99 -18.15
CA LYS A 53 -16.41 47.32 -18.73
C LYS A 53 -16.70 47.26 -20.22
N LYS A 54 -17.59 48.12 -20.67
CA LYS A 54 -17.87 48.30 -22.08
C LYS A 54 -17.07 49.49 -22.60
N ILE A 55 -16.36 49.28 -23.71
CA ILE A 55 -15.50 50.28 -24.31
C ILE A 55 -16.23 50.85 -25.52
N THR A 56 -16.43 52.17 -25.53
CA THR A 56 -17.22 52.81 -26.58
C THR A 56 -16.44 53.79 -27.43
N ASN A 57 -15.42 54.46 -26.88
CA ASN A 57 -14.66 55.46 -27.60
C ASN A 57 -13.19 55.03 -27.65
N VAL A 58 -12.43 55.75 -28.48
CA VAL A 58 -11.01 55.45 -28.67
C VAL A 58 -10.22 55.72 -27.39
N GLY A 59 -10.61 56.76 -26.64
CA GLY A 59 -9.89 57.05 -25.40
C GLY A 59 -9.94 55.90 -24.41
N GLU A 60 -11.08 55.21 -24.35
CA GLU A 60 -11.18 54.03 -23.49
C GLU A 60 -10.43 52.85 -24.08
N LEU A 61 -10.33 52.80 -25.41
CA LEU A 61 -9.52 51.73 -26.00
C LEU A 61 -8.06 51.88 -25.60
N GLU A 62 -7.57 53.12 -25.57
CA GLU A 62 -6.22 53.39 -25.10
C GLU A 62 -6.06 53.04 -23.63
N GLY A 63 -7.11 53.27 -22.84
CA GLY A 63 -7.07 52.89 -21.43
C GLY A 63 -7.19 51.40 -21.17
N ALA A 64 -7.59 50.62 -22.17
CA ALA A 64 -7.63 49.16 -22.06
C ALA A 64 -6.26 48.51 -22.18
N LEU A 65 -5.25 49.25 -22.63
CA LEU A 65 -3.89 48.71 -22.66
C LEU A 65 -3.38 48.39 -21.27
N ASP A 66 -3.89 49.08 -20.24
CA ASP A 66 -3.49 48.78 -18.88
C ASP A 66 -3.97 47.40 -18.43
N ILE A 67 -5.08 46.91 -19.00
CA ILE A 67 -5.50 45.53 -18.71
C ILE A 67 -4.46 44.54 -19.21
N VAL A 68 -3.95 44.78 -20.42
CA VAL A 68 -2.92 43.90 -20.97
C VAL A 68 -1.67 43.97 -20.11
N ARG A 69 -1.29 45.18 -19.67
CA ARG A 69 -0.08 45.32 -18.88
C ARG A 69 -0.22 44.61 -17.54
N SER A 70 -1.38 44.72 -16.90
CA SER A 70 -1.59 44.09 -15.60
C SER A 70 -1.69 42.58 -15.70
N LEU A 71 -1.90 42.04 -16.90
CA LEU A 71 -2.00 40.59 -17.05
C LEU A 71 -0.66 39.92 -17.36
N ILE A 72 0.41 40.69 -17.54
CA ILE A 72 1.74 40.14 -17.84
C ILE A 72 2.62 40.28 -16.61
N VAL A 73 2.67 39.23 -15.79
CA VAL A 73 3.59 39.15 -14.66
C VAL A 73 4.58 38.04 -14.96
N GLU A 74 5.86 38.43 -15.16
CA GLU A 74 6.89 37.50 -15.64
C GLU A 74 7.47 36.70 -14.48
N GLU A 75 6.66 35.80 -13.96
CA GLU A 75 7.08 34.84 -12.95
C GLU A 75 6.70 33.45 -13.45
N GLU A 76 7.66 32.51 -13.39
CA GLU A 76 7.47 31.20 -14.01
C GLU A 76 6.63 30.29 -13.11
N MET A 77 5.34 30.61 -13.07
CA MET A 77 4.32 29.77 -12.44
C MET A 77 3.13 29.69 -13.38
N LEU A 78 2.39 28.59 -13.28
CA LEU A 78 1.38 28.28 -14.28
C LEU A 78 0.31 29.36 -14.35
N ASP A 79 -0.08 29.91 -13.20
CA ASP A 79 -1.13 30.93 -13.18
C ASP A 79 -0.69 32.17 -13.97
N LYS A 80 0.58 32.58 -13.83
CA LYS A 80 1.07 33.73 -14.58
C LYS A 80 1.10 33.44 -16.07
N LEU A 81 1.44 32.21 -16.44
CA LEU A 81 1.44 31.84 -17.87
C LEU A 81 0.04 31.94 -18.46
N LEU A 82 -0.97 31.47 -17.73
CA LEU A 82 -2.35 31.57 -18.20
C LEU A 82 -2.82 33.02 -18.26
N ASN A 83 -2.44 33.83 -17.27
CA ASN A 83 -2.77 35.25 -17.31
C ASN A 83 -2.08 35.94 -18.50
N SER A 84 -0.85 35.55 -18.80
CA SER A 84 -0.16 36.13 -19.94
C SER A 84 -0.82 35.71 -21.26
N GLY A 85 -1.32 34.48 -21.34
CA GLY A 85 -2.10 34.10 -22.50
C GLY A 85 -3.34 34.97 -22.65
N LEU A 86 -4.00 35.25 -21.52
CA LEU A 86 -5.15 36.15 -21.58
C LEU A 86 -4.74 37.58 -21.95
N ALA A 87 -3.51 37.97 -21.59
CA ALA A 87 -3.02 39.28 -22.01
C ALA A 87 -2.93 39.36 -23.52
N THR A 88 -2.44 38.29 -24.15
CA THR A 88 -2.39 38.24 -25.61
C THR A 88 -3.79 38.29 -26.21
N ALA A 89 -4.75 37.60 -25.58
CA ALA A 89 -6.13 37.63 -26.09
C ALA A 89 -6.73 39.03 -26.01
N VAL A 90 -6.50 39.73 -24.90
CA VAL A 90 -6.99 41.11 -24.77
C VAL A 90 -6.28 42.02 -25.76
N ALA A 91 -4.97 41.87 -25.92
CA ALA A 91 -4.24 42.70 -26.88
C ALA A 91 -4.71 42.45 -28.30
N ALA A 92 -4.97 41.19 -28.65
CA ALA A 92 -5.46 40.87 -29.99
C ALA A 92 -6.83 41.50 -30.22
N GLU A 93 -7.68 41.49 -29.19
CA GLU A 93 -8.99 42.12 -29.32
C GLU A 93 -8.86 43.63 -29.54
N ILE A 94 -7.94 44.27 -28.83
CA ILE A 94 -7.71 45.71 -29.00
C ILE A 94 -7.22 46.01 -30.41
N ILE A 95 -6.34 45.16 -30.94
CA ILE A 95 -5.86 45.34 -32.31
C ILE A 95 -7.02 45.19 -33.30
N GLU A 96 -7.86 44.17 -33.12
CA GLU A 96 -9.00 44.01 -34.04
C GLU A 96 -10.01 45.16 -33.93
N ALA A 97 -10.24 45.64 -32.71
CA ALA A 97 -11.15 46.77 -32.55
C ALA A 97 -10.59 48.01 -33.25
N ALA A 98 -9.27 48.23 -33.14
CA ALA A 98 -8.70 49.39 -33.82
C ALA A 98 -8.76 49.22 -35.33
N LYS A 99 -8.79 47.98 -35.81
CA LYS A 99 -8.90 47.77 -37.27
C LYS A 99 -10.23 48.31 -37.78
N TYR A 100 -11.31 48.06 -37.03
CA TYR A 100 -12.61 48.58 -37.44
C TYR A 100 -12.69 50.09 -37.29
N VAL A 101 -11.94 50.64 -36.33
CA VAL A 101 -11.91 52.11 -36.19
C VAL A 101 -11.19 52.75 -37.36
N LEU A 102 -10.03 52.22 -37.73
CA LEU A 102 -9.20 52.83 -38.77
C LEU A 102 -9.81 52.68 -40.16
N SER A 103 -10.30 51.49 -40.50
CA SER A 103 -10.83 51.21 -41.84
C SER A 103 -12.25 50.69 -41.69
N ASP A 104 -13.16 51.23 -42.52
CA ASP A 104 -14.58 50.96 -42.31
C ASP A 104 -14.89 49.48 -42.45
N ALA A 105 -14.32 48.81 -43.45
CA ALA A 105 -14.48 47.38 -43.61
C ALA A 105 -13.09 46.76 -43.66
N PRO A 106 -12.52 46.31 -42.54
CA PRO A 106 -11.11 45.92 -42.59
C PRO A 106 -10.88 44.55 -43.19
N TYR A 107 -11.91 43.71 -43.26
CA TYR A 107 -11.78 42.36 -43.79
C TYR A 107 -12.43 42.28 -45.16
N ALA A 108 -11.71 41.71 -46.13
CA ALA A 108 -12.26 41.47 -47.45
C ALA A 108 -12.51 39.97 -47.60
N GLU A 109 -13.56 39.62 -48.33
CA GLU A 109 -13.87 38.21 -48.50
C GLU A 109 -12.68 37.51 -49.17
N PRO A 110 -12.42 36.21 -48.86
CA PRO A 110 -13.24 35.26 -48.06
C PRO A 110 -13.22 35.51 -46.54
N CYS A 111 -12.33 36.34 -46.02
CA CYS A 111 -12.27 36.55 -44.58
C CYS A 111 -13.51 37.26 -44.07
N VAL A 112 -14.02 36.81 -42.92
CA VAL A 112 -15.23 37.37 -42.36
C VAL A 112 -14.96 38.28 -41.17
N GLY A 113 -13.78 38.18 -40.56
CA GLY A 113 -13.49 39.05 -39.43
C GLY A 113 -14.35 38.73 -38.23
N PHE A 114 -14.95 39.77 -37.68
CA PHE A 114 -15.75 39.62 -36.47
C PHE A 114 -17.02 38.84 -36.77
N ILE A 115 -17.44 38.03 -35.79
CA ILE A 115 -18.66 37.22 -35.88
C ILE A 115 -19.73 37.88 -35.01
N SER A 116 -20.84 38.27 -35.64
CA SER A 116 -21.87 39.02 -34.93
C SER A 116 -22.66 38.10 -33.98
N ASP A 117 -23.35 38.77 -33.05
CA ASP A 117 -24.15 38.03 -32.09
C ASP A 117 -25.25 37.18 -32.73
N PRO A 118 -26.00 37.65 -33.72
CA PRO A 118 -27.02 36.75 -34.31
C PRO A 118 -26.44 35.47 -34.87
N ILE A 119 -25.21 35.51 -35.39
CA ILE A 119 -24.57 34.29 -35.86
C ILE A 119 -24.32 33.34 -34.69
N ILE A 120 -23.86 33.91 -33.58
CA ILE A 120 -23.58 33.06 -32.41
C ILE A 120 -24.87 32.38 -31.94
N ARG A 121 -25.96 33.13 -31.85
CA ARG A 121 -27.24 32.52 -31.49
C ARG A 121 -27.70 31.51 -32.54
N SER A 122 -27.36 31.73 -33.80
CA SER A 122 -27.71 30.79 -34.86
C SER A 122 -27.01 29.44 -34.68
N LEU A 123 -25.71 29.46 -34.38
CA LEU A 123 -24.96 28.22 -34.19
C LEU A 123 -24.89 27.79 -32.73
N GLY A 124 -25.47 28.54 -31.81
CA GLY A 124 -25.46 28.14 -30.42
C GLY A 124 -26.30 26.92 -30.14
N VAL A 125 -27.46 26.81 -30.79
CA VAL A 125 -28.31 25.64 -30.59
C VAL A 125 -27.61 24.36 -31.03
N PRO A 126 -26.98 24.28 -32.21
CA PRO A 126 -26.22 23.08 -32.53
C PRO A 126 -25.08 22.82 -31.57
N LEU A 127 -24.50 23.86 -30.96
CA LEU A 127 -23.44 23.63 -29.98
C LEU A 127 -23.96 22.98 -28.72
N VAL A 128 -25.20 23.27 -28.33
CA VAL A 128 -25.76 22.70 -27.12
C VAL A 128 -26.25 21.28 -27.36
N THR A 129 -26.91 21.06 -28.50
CA THR A 129 -27.46 19.74 -28.80
C THR A 129 -26.42 18.74 -29.28
N GLY A 130 -25.18 19.18 -29.53
CA GLY A 130 -24.16 18.28 -30.04
C GLY A 130 -24.18 18.09 -31.53
N ASP A 131 -25.05 18.80 -32.25
CA ASP A 131 -25.03 18.76 -33.71
C ASP A 131 -23.71 19.30 -34.25
N ILE A 132 -23.08 20.20 -33.50
CA ILE A 132 -21.70 20.59 -33.77
C ILE A 132 -20.84 19.92 -32.72
N PRO A 133 -20.14 18.83 -33.05
CA PRO A 133 -19.36 18.12 -32.02
C PRO A 133 -18.24 18.95 -31.41
N GLY A 134 -17.72 19.94 -32.12
CA GLY A 134 -16.66 20.76 -31.59
C GLY A 134 -16.29 21.87 -32.53
N VAL A 135 -15.34 22.70 -32.10
CA VAL A 135 -14.85 23.82 -32.88
C VAL A 135 -13.35 23.59 -33.13
N ALA A 136 -12.98 23.45 -34.39
CA ALA A 136 -11.60 23.22 -34.81
C ALA A 136 -11.01 24.56 -35.23
N VAL A 137 -10.12 25.10 -34.41
CA VAL A 137 -9.44 26.37 -34.68
C VAL A 137 -8.12 26.03 -35.35
N ILE A 138 -8.06 26.20 -36.67
CA ILE A 138 -6.89 25.86 -37.46
C ILE A 138 -6.19 27.15 -37.85
N LEU A 139 -4.93 27.28 -37.44
CA LEU A 139 -4.17 28.46 -37.80
C LEU A 139 -2.76 28.05 -38.21
N GLY A 140 -2.15 28.88 -39.06
CA GLY A 140 -0.81 28.62 -39.55
C GLY A 140 -0.80 28.23 -41.00
N GLU A 141 0.12 27.33 -41.36
CA GLU A 141 0.22 26.81 -42.73
C GLU A 141 0.66 25.36 -42.68
N CYS A 142 0.00 24.52 -43.46
CA CYS A 142 0.38 23.11 -43.61
C CYS A 142 1.51 22.97 -44.63
N PRO A 143 2.20 21.83 -44.63
CA PRO A 143 3.28 21.64 -45.61
C PRO A 143 2.82 21.74 -47.06
N ASP A 144 1.57 21.39 -47.35
CA ASP A 144 1.02 21.54 -48.70
C ASP A 144 -0.49 21.79 -48.60
N SER A 145 -1.03 22.26 -49.74
CA SER A 145 -2.44 22.61 -49.79
C SER A 145 -3.31 21.39 -49.59
N GLU A 146 -2.92 20.25 -50.17
CA GLU A 146 -3.74 19.05 -50.05
C GLU A 146 -3.78 18.53 -48.62
N THR A 147 -2.69 18.67 -47.87
CA THR A 147 -2.71 18.28 -46.46
C THR A 147 -3.72 19.12 -45.67
N ALA A 148 -3.71 20.43 -45.91
CA ALA A 148 -4.68 21.28 -45.24
C ALA A 148 -6.11 20.95 -45.65
N ALA A 149 -6.32 20.74 -46.95
CA ALA A 149 -7.67 20.43 -47.43
C ALA A 149 -8.16 19.12 -46.84
N LYS A 150 -7.30 18.12 -46.76
CA LYS A 150 -7.69 16.83 -46.20
C LYS A 150 -8.12 16.98 -44.75
N ILE A 151 -7.33 17.68 -43.94
CA ILE A 151 -7.66 17.83 -42.52
C ILE A 151 -8.95 18.64 -42.35
N ILE A 152 -9.06 19.74 -43.08
CA ILE A 152 -10.24 20.61 -42.97
C ILE A 152 -11.49 19.87 -43.39
N LYS A 153 -11.43 19.17 -44.51
CA LYS A 153 -12.61 18.44 -44.97
C LYS A 153 -12.91 17.24 -44.09
N ASP A 154 -11.90 16.68 -43.43
CA ASP A 154 -12.16 15.65 -42.44
C ASP A 154 -12.98 16.19 -41.26
N TYR A 155 -12.60 17.37 -40.75
CA TYR A 155 -13.41 18.00 -39.71
C TYR A 155 -14.81 18.36 -40.20
N GLN A 156 -14.88 18.87 -41.42
CA GLN A 156 -16.18 19.26 -41.97
C GLN A 156 -17.10 18.05 -42.13
N SER A 157 -16.56 16.93 -42.62
CA SER A 157 -17.37 15.73 -42.82
C SER A 157 -17.84 15.16 -41.49
N LYS A 158 -17.16 15.51 -40.40
CA LYS A 158 -17.58 15.05 -39.08
C LYS A 158 -18.54 16.02 -38.39
N GLY A 159 -18.94 17.09 -39.07
CA GLY A 159 -19.89 18.02 -38.49
C GLY A 159 -19.31 19.09 -37.61
N LEU A 160 -18.00 19.15 -37.46
CA LEU A 160 -17.37 20.16 -36.64
C LEU A 160 -17.35 21.50 -37.37
N LEU A 161 -17.47 22.57 -36.61
CA LEU A 161 -17.28 23.92 -37.13
C LEU A 161 -15.79 24.24 -37.09
N THR A 162 -15.19 24.48 -38.25
CA THR A 162 -13.76 24.78 -38.34
C THR A 162 -13.58 26.25 -38.70
N CYS A 163 -12.69 26.92 -37.97
CA CYS A 163 -12.31 28.32 -38.22
C CYS A 163 -10.86 28.36 -38.68
N LEU A 164 -10.55 29.25 -39.61
CA LEU A 164 -9.25 29.29 -40.27
C LEU A 164 -8.58 30.63 -40.04
N VAL A 165 -7.30 30.60 -39.66
CA VAL A 165 -6.50 31.79 -39.48
C VAL A 165 -5.18 31.57 -40.23
N GLY A 166 -4.78 32.55 -41.01
CA GLY A 166 -3.49 32.50 -41.69
C GLY A 166 -3.54 31.87 -43.06
N LYS A 167 -2.37 31.36 -43.47
CA LYS A 167 -2.19 30.86 -44.84
C LYS A 167 -2.99 29.60 -45.13
N VAL A 168 -3.52 28.93 -44.10
CA VAL A 168 -4.41 27.80 -44.34
C VAL A 168 -5.67 28.24 -45.08
N ILE A 169 -6.04 29.51 -44.99
CA ILE A 169 -7.17 30.00 -45.78
C ILE A 169 -6.87 29.89 -47.28
N ASP A 170 -5.67 30.29 -47.68
CA ASP A 170 -5.29 30.17 -49.08
C ASP A 170 -5.06 28.71 -49.47
N GLN A 171 -4.45 27.94 -48.57
CA GLN A 171 -4.22 26.53 -48.87
C GLN A 171 -5.54 25.80 -49.05
N ALA A 172 -6.53 26.09 -48.21
CA ALA A 172 -7.84 25.47 -48.35
C ALA A 172 -8.51 25.89 -49.66
N ILE A 173 -8.33 27.15 -50.07
CA ILE A 173 -8.87 27.58 -51.36
C ILE A 173 -8.21 26.83 -52.51
N GLU A 174 -6.89 26.67 -52.44
CA GLU A 174 -6.18 25.84 -53.43
C GLU A 174 -6.63 24.40 -53.37
N GLY A 175 -6.96 23.89 -52.19
CA GLY A 175 -7.51 22.58 -52.02
C GLY A 175 -8.99 22.48 -52.28
N LYS A 176 -9.63 23.58 -52.66
CA LYS A 176 -11.04 23.59 -53.06
C LYS A 176 -11.96 23.13 -51.92
N VAL A 177 -11.79 23.74 -50.75
CA VAL A 177 -12.68 23.54 -49.62
C VAL A 177 -13.79 24.57 -49.71
N LYS A 178 -15.04 24.11 -49.66
CA LYS A 178 -16.18 25.01 -49.79
C LYS A 178 -16.41 25.70 -48.44
N MET A 179 -16.21 27.02 -48.42
CA MET A 179 -16.24 27.80 -47.19
C MET A 179 -17.57 28.51 -47.04
N GLY A 180 -18.14 28.45 -45.84
CA GLY A 180 -19.37 29.15 -45.56
C GLY A 180 -19.82 28.87 -44.15
N LEU A 181 -20.75 29.70 -43.68
CA LEU A 181 -21.33 29.48 -42.36
C LEU A 181 -22.17 28.22 -42.33
N ASP A 182 -22.95 27.98 -43.40
CA ASP A 182 -23.72 26.75 -43.50
C ASP A 182 -22.82 25.55 -43.79
N LEU A 183 -21.68 25.78 -44.44
CA LEU A 183 -20.68 24.74 -44.68
C LEU A 183 -19.72 24.56 -43.52
N ARG A 184 -19.84 25.38 -42.48
CA ARG A 184 -19.07 25.24 -41.24
C ARG A 184 -17.56 25.32 -41.50
N VAL A 185 -17.15 26.18 -42.42
CA VAL A 185 -15.75 26.46 -42.72
C VAL A 185 -15.63 27.98 -42.78
N ILE A 186 -15.19 28.60 -41.69
CA ILE A 186 -15.20 30.05 -41.55
C ILE A 186 -13.76 30.56 -41.56
N PRO A 187 -13.33 31.27 -42.61
CA PRO A 187 -12.02 31.94 -42.54
C PRO A 187 -12.14 33.28 -41.83
N LEU A 188 -11.37 33.45 -40.76
CA LEU A 188 -11.44 34.66 -39.94
C LEU A 188 -10.55 35.78 -40.45
N GLY A 189 -9.31 35.46 -40.81
CA GLY A 189 -8.38 36.47 -41.28
C GLY A 189 -6.99 35.92 -41.39
N TYR A 190 -6.12 36.61 -42.14
CA TYR A 190 -4.76 36.16 -42.36
C TYR A 190 -3.81 36.51 -41.22
N ASP A 191 -4.21 37.40 -40.33
CA ASP A 191 -3.35 37.78 -39.21
C ASP A 191 -3.67 36.93 -37.99
N VAL A 192 -2.65 36.74 -37.15
CA VAL A 192 -2.80 35.89 -35.96
C VAL A 192 -3.86 36.46 -35.05
N THR A 193 -3.95 37.79 -34.95
CA THR A 193 -4.93 38.41 -34.07
C THR A 193 -6.37 38.07 -34.46
N SER A 194 -6.61 37.61 -35.70
CA SER A 194 -7.96 37.23 -36.11
C SER A 194 -8.47 35.99 -35.37
N VAL A 195 -7.60 35.26 -34.68
CA VAL A 195 -8.07 34.11 -33.90
C VAL A 195 -8.94 34.57 -32.71
N ILE A 196 -8.85 35.86 -32.35
CA ILE A 196 -9.69 36.36 -31.28
C ILE A 196 -11.15 36.33 -31.68
N HIS A 197 -11.44 36.29 -32.99
CA HIS A 197 -12.82 36.32 -33.44
C HIS A 197 -13.55 35.00 -33.15
N VAL A 198 -12.82 33.88 -33.04
CA VAL A 198 -13.45 32.65 -32.55
C VAL A 198 -13.36 32.56 -31.03
N VAL A 199 -12.36 33.23 -30.44
CA VAL A 199 -12.32 33.30 -28.97
C VAL A 199 -13.54 34.02 -28.42
N THR A 200 -13.92 35.14 -29.04
CA THR A 200 -15.11 35.86 -28.59
C THR A 200 -16.38 35.03 -28.78
N ILE A 201 -16.39 34.09 -29.73
CA ILE A 201 -17.52 33.19 -29.86
C ILE A 201 -17.68 32.36 -28.60
N ALA A 202 -16.57 31.81 -28.10
CA ALA A 202 -16.65 31.06 -26.84
C ALA A 202 -16.97 31.97 -25.64
N ILE A 203 -16.42 33.18 -25.64
CA ILE A 203 -16.67 34.10 -24.55
C ILE A 203 -18.16 34.50 -24.53
N ARG A 204 -18.71 34.86 -25.69
CA ARG A 204 -20.10 35.26 -25.72
C ARG A 204 -21.02 34.06 -25.55
N ALA A 205 -20.55 32.84 -25.81
CA ALA A 205 -21.36 31.67 -25.49
C ALA A 205 -21.60 31.61 -23.99
N ALA A 206 -20.56 31.90 -23.21
CA ALA A 206 -20.76 32.01 -21.77
C ALA A 206 -21.68 33.18 -21.41
N LEU A 207 -21.52 34.31 -22.09
CA LEU A 207 -22.36 35.48 -21.80
C LEU A 207 -23.82 35.25 -22.18
N ILE A 208 -24.07 34.63 -23.33
CA ILE A 208 -25.44 34.47 -23.84
C ILE A 208 -26.10 33.23 -23.29
N PHE A 209 -25.46 32.06 -23.43
CA PHE A 209 -26.08 30.81 -23.03
C PHE A 209 -25.80 30.46 -21.57
N GLY A 210 -24.61 30.79 -21.06
CA GLY A 210 -24.32 30.51 -19.68
C GLY A 210 -24.92 31.50 -18.71
N GLY A 211 -25.35 32.65 -19.18
CA GLY A 211 -25.94 33.64 -18.28
C GLY A 211 -24.98 34.16 -17.23
N ILE A 212 -23.71 34.37 -17.60
CA ILE A 212 -22.70 34.85 -16.68
C ILE A 212 -22.47 36.33 -16.94
N LYS A 213 -22.56 37.13 -15.89
CA LYS A 213 -22.37 38.57 -16.04
C LYS A 213 -20.92 38.90 -16.33
N GLY A 214 -20.71 40.06 -16.96
CA GLY A 214 -19.37 40.50 -17.26
C GLY A 214 -18.58 40.77 -15.99
N GLY A 215 -17.28 40.51 -16.07
CA GLY A 215 -16.41 40.67 -14.94
C GLY A 215 -16.22 39.39 -14.13
N GLN A 216 -17.07 38.39 -14.33
CA GLN A 216 -16.91 37.09 -13.65
C GLN A 216 -16.00 36.21 -14.51
N LEU A 217 -14.73 36.59 -14.52
CA LEU A 217 -13.78 35.97 -15.44
C LEU A 217 -13.61 34.49 -15.15
N ASN A 218 -13.50 34.12 -13.87
CA ASN A 218 -13.29 32.71 -13.51
C ASN A 218 -14.48 31.87 -13.90
N ASP A 219 -15.69 32.37 -13.71
CA ASP A 219 -16.87 31.65 -14.14
C ASP A 219 -16.92 31.49 -15.66
N ILE A 220 -16.51 32.53 -16.38
CA ILE A 220 -16.47 32.45 -17.84
C ILE A 220 -15.41 31.45 -18.32
N LEU A 221 -14.22 31.47 -17.71
CA LEU A 221 -13.20 30.50 -18.07
C LEU A 221 -13.63 29.08 -17.73
N LYS A 222 -14.30 28.90 -16.59
CA LYS A 222 -14.84 27.60 -16.25
C LYS A 222 -15.87 27.15 -17.27
N TYR A 223 -16.70 28.10 -17.72
CA TYR A 223 -17.73 27.75 -18.68
C TYR A 223 -17.12 27.30 -20.01
N THR A 224 -16.16 28.07 -20.53
CA THR A 224 -15.58 27.71 -21.82
C THR A 224 -14.83 26.39 -21.73
N ALA A 225 -14.22 26.10 -20.56
CA ALA A 225 -13.48 24.86 -20.40
C ALA A 225 -14.40 23.65 -20.37
N GLU A 226 -15.59 23.78 -19.79
CA GLU A 226 -16.49 22.63 -19.69
C GLU A 226 -17.51 22.56 -20.82
N ARG A 227 -17.96 23.69 -21.33
CA ARG A 227 -19.10 23.76 -22.23
C ARG A 227 -18.74 23.96 -23.70
N VAL A 228 -17.63 24.62 -24.01
CA VAL A 228 -17.28 24.93 -25.40
C VAL A 228 -16.24 23.89 -25.85
N PRO A 229 -16.57 22.97 -26.77
CA PRO A 229 -15.61 21.95 -27.21
C PRO A 229 -14.69 22.44 -28.33
N ALA A 230 -13.90 23.46 -28.02
CA ALA A 230 -12.97 24.05 -28.97
C ALA A 230 -11.56 23.52 -28.76
N PHE A 231 -10.78 23.46 -29.83
CA PHE A 231 -9.38 23.05 -29.76
C PHE A 231 -8.64 23.76 -30.90
N VAL A 232 -7.32 23.82 -30.78
CA VAL A 232 -6.47 24.57 -31.69
C VAL A 232 -5.51 23.62 -32.40
N ASN A 233 -5.47 23.71 -33.73
CA ASN A 233 -4.46 23.00 -34.54
C ASN A 233 -3.55 24.04 -35.15
N ALA A 234 -2.34 24.15 -34.60
CA ALA A 234 -1.34 25.14 -35.03
C ALA A 234 -0.36 24.44 -35.95
N PHE A 235 -0.40 24.77 -37.24
CA PHE A 235 0.45 24.18 -38.25
C PHE A 235 1.53 25.17 -38.68
N GLY A 236 2.69 24.66 -39.07
CA GLY A 236 3.78 25.49 -39.51
C GLY A 236 4.58 26.08 -38.37
N PRO A 237 5.68 26.76 -38.70
CA PRO A 237 6.52 27.33 -37.63
C PRO A 237 5.71 28.31 -36.78
N LEU A 238 5.97 28.29 -35.47
CA LEU A 238 5.20 29.04 -34.50
C LEU A 238 6.08 30.14 -33.91
N SER A 239 5.67 31.39 -34.08
CA SER A 239 6.38 32.50 -33.45
C SER A 239 6.00 32.58 -31.98
N GLU A 240 6.69 33.46 -31.27
CA GLU A 240 6.39 33.67 -29.86
C GLU A 240 4.96 34.20 -29.67
N LEU A 241 4.51 35.05 -30.58
CA LEU A 241 3.15 35.56 -30.51
C LEU A 241 2.13 34.44 -30.67
N VAL A 242 2.39 33.51 -31.59
CA VAL A 242 1.47 32.38 -31.78
C VAL A 242 1.43 31.54 -30.51
N VAL A 243 2.60 31.30 -29.90
CA VAL A 243 2.63 30.50 -28.68
C VAL A 243 1.88 31.21 -27.54
N SER A 244 2.05 32.52 -27.41
CA SER A 244 1.35 33.26 -26.37
C SER A 244 -0.17 33.26 -26.61
N ALA A 245 -0.58 33.36 -27.87
CA ALA A 245 -2.01 33.23 -28.17
C ALA A 245 -2.51 31.82 -27.83
N GLY A 246 -1.68 30.81 -28.07
CA GLY A 246 -2.06 29.46 -27.68
C GLY A 246 -2.21 29.35 -26.18
N ALA A 247 -1.35 30.04 -25.42
CA ALA A 247 -1.52 30.07 -23.98
C ALA A 247 -2.87 30.71 -23.62
N GLY A 248 -3.34 31.64 -24.44
CA GLY A 248 -4.70 32.15 -24.24
C GLY A 248 -5.77 31.10 -24.47
N ALA A 249 -5.59 30.29 -25.51
CA ALA A 249 -6.52 29.18 -25.74
C ALA A 249 -6.49 28.17 -24.59
N ILE A 250 -5.30 27.89 -24.08
CA ILE A 250 -5.18 27.00 -22.94
C ILE A 250 -5.84 27.64 -21.72
N ALA A 251 -5.72 28.96 -21.57
CA ALA A 251 -6.37 29.65 -20.46
C ALA A 251 -7.89 29.47 -20.51
N LEU A 252 -8.44 29.34 -21.71
CA LEU A 252 -9.87 29.08 -21.86
C LEU A 252 -10.21 27.59 -21.81
N GLY A 253 -9.23 26.74 -21.52
CA GLY A 253 -9.47 25.31 -21.48
C GLY A 253 -9.45 24.62 -22.82
N PHE A 254 -8.97 25.27 -23.86
CA PHE A 254 -8.90 24.70 -25.18
C PHE A 254 -7.53 24.09 -25.41
N PRO A 255 -7.39 22.78 -25.61
CA PRO A 255 -6.05 22.22 -25.84
C PRO A 255 -5.50 22.65 -27.19
N VAL A 256 -4.18 22.80 -27.26
CA VAL A 256 -3.49 23.25 -28.45
C VAL A 256 -2.68 22.08 -29.00
N LEU A 257 -2.95 21.73 -30.26
CA LEU A 257 -2.27 20.67 -30.98
C LEU A 257 -1.43 21.33 -32.08
N THR A 258 -0.24 20.79 -32.31
CA THR A 258 0.67 21.37 -33.30
C THR A 258 1.51 20.26 -33.91
N ASP A 259 2.04 20.53 -35.10
CA ASP A 259 3.00 19.66 -35.75
C ASP A 259 4.44 20.05 -35.46
N GLN A 260 4.65 21.07 -34.63
CA GLN A 260 5.97 21.56 -34.29
C GLN A 260 6.43 20.97 -32.96
N VAL A 261 7.75 20.93 -32.79
CA VAL A 261 8.34 20.50 -31.53
C VAL A 261 8.15 21.63 -30.51
N VAL A 262 7.46 21.33 -29.43
CA VAL A 262 7.17 22.32 -28.39
C VAL A 262 7.35 21.66 -27.03
N PRO A 263 7.47 22.48 -25.97
CA PRO A 263 7.46 21.91 -24.60
C PRO A 263 6.09 21.41 -24.21
N GLU A 264 5.81 20.16 -24.57
CA GLU A 264 4.49 19.59 -24.40
C GLU A 264 4.03 19.62 -22.94
N VAL A 265 2.75 19.94 -22.77
CA VAL A 265 2.07 19.86 -21.49
C VAL A 265 0.92 18.85 -21.64
N PRO A 266 0.87 17.79 -20.82
CA PRO A 266 -0.16 16.76 -21.02
C PRO A 266 -1.57 17.36 -21.01
N THR A 267 -2.38 16.90 -21.97
CA THR A 267 -3.78 17.29 -22.16
C THR A 267 -3.97 18.74 -22.59
N LEU A 268 -2.91 19.54 -22.64
CA LEU A 268 -3.03 20.97 -22.97
C LEU A 268 -2.23 21.37 -24.20
N LEU A 269 -0.97 21.00 -24.30
CA LEU A 269 -0.11 21.36 -25.43
C LEU A 269 0.53 20.08 -25.93
N LEU A 270 0.18 19.66 -27.15
CA LEU A 270 0.58 18.37 -27.68
C LEU A 270 1.16 18.51 -29.08
N THR A 271 2.17 17.71 -29.37
CA THR A 271 2.79 17.66 -30.68
C THR A 271 2.34 16.39 -31.39
N GLN A 272 1.84 16.56 -32.62
CA GLN A 272 1.42 15.44 -33.45
C GLN A 272 1.93 15.77 -34.85
N LYS A 273 3.03 15.13 -35.26
CA LYS A 273 3.57 15.35 -36.59
C LYS A 273 2.76 14.65 -37.68
N ASP A 274 2.18 13.49 -37.36
CA ASP A 274 1.44 12.69 -38.33
C ASP A 274 0.14 13.39 -38.69
N TYR A 275 0.10 13.99 -39.88
CA TYR A 275 -1.10 14.70 -40.32
C TYR A 275 -2.27 13.76 -40.56
N ASP A 276 -2.01 12.48 -40.77
CA ASP A 276 -3.07 11.50 -40.94
C ASP A 276 -3.78 11.16 -39.63
N LYS A 277 -3.22 11.55 -38.50
CA LYS A 277 -3.81 11.29 -37.20
C LYS A 277 -4.13 12.55 -36.41
N MET A 278 -3.94 13.73 -36.99
CA MET A 278 -4.17 14.97 -36.27
C MET A 278 -5.64 15.14 -35.87
N VAL A 279 -6.56 14.80 -36.79
CA VAL A 279 -7.99 14.91 -36.46
C VAL A 279 -8.35 13.98 -35.30
N LYS A 280 -7.89 12.73 -35.35
CA LYS A 280 -8.21 11.79 -34.26
C LYS A 280 -7.53 12.21 -32.96
N THR A 281 -6.31 12.75 -33.05
CA THR A 281 -5.65 13.24 -31.84
C THR A 281 -6.43 14.37 -31.22
N SER A 282 -6.94 15.28 -32.05
CA SER A 282 -7.67 16.44 -31.51
C SER A 282 -8.98 16.01 -30.88
N LEU A 283 -9.70 15.09 -31.52
CA LEU A 283 -10.97 14.63 -30.97
C LEU A 283 -10.77 13.97 -29.63
N GLU A 284 -9.72 13.15 -29.50
CA GLU A 284 -9.41 12.57 -28.21
C GLU A 284 -9.00 13.63 -27.18
N ALA A 285 -8.19 14.60 -27.61
CA ALA A 285 -7.71 15.63 -26.69
C ALA A 285 -8.83 16.52 -26.18
N ARG A 286 -9.85 16.74 -27.00
CA ARG A 286 -10.99 17.56 -26.62
C ARG A 286 -12.19 16.71 -26.18
N ASN A 287 -12.04 15.39 -26.09
CA ASN A 287 -13.12 14.47 -25.68
C ASN A 287 -14.35 14.61 -26.58
N ILE A 288 -14.12 14.75 -27.88
CA ILE A 288 -15.19 14.92 -28.84
C ILE A 288 -15.58 13.56 -29.40
N LYS A 289 -16.88 13.28 -29.40
CA LYS A 289 -17.40 12.02 -29.92
C LYS A 289 -18.35 12.34 -31.03
N ILE A 290 -18.21 11.58 -32.12
CA ILE A 290 -19.01 11.74 -33.30
C ILE A 290 -19.96 10.56 -33.37
N LYS A 291 -21.23 10.84 -33.59
CA LYS A 291 -22.23 9.78 -33.58
C LYS A 291 -22.46 9.30 -35.00
N ILE A 292 -22.77 8.00 -35.12
CA ILE A 292 -23.06 7.37 -36.40
C ILE A 292 -24.56 7.11 -36.45
N THR A 293 -25.23 7.73 -37.42
CA THR A 293 -26.68 7.62 -37.53
C THR A 293 -27.11 6.26 -38.07
N GLU A 294 -26.42 5.78 -39.11
CA GLU A 294 -26.86 4.59 -39.84
C GLU A 294 -25.97 3.41 -39.50
N ILE A 295 -26.60 2.27 -39.23
CA ILE A 295 -25.88 1.01 -39.10
C ILE A 295 -25.46 0.59 -40.50
N PRO A 296 -24.15 0.39 -40.79
CA PRO A 296 -23.71 0.11 -42.16
C PRO A 296 -23.94 -1.33 -42.62
N ILE A 297 -25.18 -1.79 -42.49
CA ILE A 297 -25.55 -3.14 -42.91
C ILE A 297 -26.62 -3.07 -44.00
N PRO A 298 -26.55 -3.90 -45.04
CA PRO A 298 -27.60 -3.86 -46.06
C PRO A 298 -28.94 -4.38 -45.58
N VAL A 299 -28.94 -5.35 -44.66
CA VAL A 299 -30.20 -5.90 -44.15
C VAL A 299 -30.85 -4.89 -43.22
N SER A 300 -32.18 -4.79 -43.30
CA SER A 300 -32.90 -3.81 -42.49
C SER A 300 -32.77 -4.13 -41.02
N PHE A 301 -32.62 -3.09 -40.20
CA PHE A 301 -32.38 -3.20 -38.77
C PHE A 301 -33.44 -2.42 -38.02
N ALA A 302 -34.20 -3.12 -37.19
CA ALA A 302 -35.25 -2.47 -36.43
C ALA A 302 -35.60 -3.33 -35.23
N ALA A 303 -36.14 -2.69 -34.19
CA ALA A 303 -36.58 -3.42 -33.01
C ALA A 303 -37.78 -4.30 -33.31
N ALA A 304 -38.48 -4.05 -34.42
CA ALA A 304 -39.67 -4.83 -34.72
C ALA A 304 -39.33 -6.22 -35.22
N PHE A 305 -38.14 -6.41 -35.79
CA PHE A 305 -37.82 -7.69 -36.41
C PHE A 305 -37.54 -8.80 -35.43
N GLU A 306 -37.23 -8.47 -34.17
CA GLU A 306 -37.02 -9.52 -33.18
C GLU A 306 -38.32 -10.26 -32.93
N GLY A 307 -38.20 -11.51 -32.50
CA GLY A 307 -39.36 -12.35 -32.30
C GLY A 307 -39.90 -13.00 -33.56
N GLU A 308 -39.23 -12.82 -34.69
CA GLU A 308 -39.65 -13.47 -35.92
C GLU A 308 -39.38 -14.97 -35.84
N ARG A 309 -39.78 -15.69 -36.88
CA ARG A 309 -39.50 -17.11 -37.01
C ARG A 309 -38.95 -17.38 -38.39
N ILE A 310 -37.80 -18.03 -38.45
CA ILE A 310 -37.21 -18.49 -39.71
C ILE A 310 -37.74 -19.88 -40.00
N ARG A 311 -38.24 -20.09 -41.20
CA ARG A 311 -38.78 -21.40 -41.57
C ARG A 311 -37.69 -22.44 -41.42
N LYS A 312 -38.09 -23.63 -40.96
CA LYS A 312 -37.12 -24.69 -40.72
C LYS A 312 -36.34 -25.03 -41.97
N ASN A 313 -36.90 -24.76 -43.14
CA ASN A 313 -36.28 -25.12 -44.40
C ASN A 313 -35.64 -23.93 -45.08
N ASP A 314 -35.78 -22.72 -44.50
CA ASP A 314 -35.20 -21.50 -45.06
C ASP A 314 -34.10 -20.94 -44.16
N MET A 315 -33.54 -21.76 -43.27
CA MET A 315 -32.31 -21.37 -42.60
C MET A 315 -31.13 -21.55 -43.55
N LEU A 316 -30.05 -20.83 -43.26
CA LEU A 316 -28.81 -20.97 -44.02
C LEU A 316 -27.70 -21.57 -43.18
N ALA A 317 -27.38 -20.96 -42.04
CA ALA A 317 -26.34 -21.45 -41.15
C ALA A 317 -26.86 -21.45 -39.73
N GLU A 318 -26.62 -22.53 -39.00
CA GLU A 318 -27.06 -22.68 -37.62
C GLU A 318 -25.83 -22.82 -36.75
N PHE A 319 -25.39 -21.71 -36.16
CA PHE A 319 -24.23 -21.71 -35.28
C PHE A 319 -24.67 -22.01 -33.86
N GLY A 320 -24.02 -23.00 -33.23
CA GLY A 320 -24.18 -23.24 -31.81
C GLY A 320 -25.23 -24.28 -31.48
N GLY A 321 -25.72 -24.17 -30.25
CA GLY A 321 -26.68 -25.13 -29.72
C GLY A 321 -26.00 -26.35 -29.17
N ASN A 322 -26.78 -27.41 -28.99
CA ASN A 322 -26.20 -28.72 -28.74
C ASN A 322 -25.54 -29.28 -29.99
N LYS A 323 -25.73 -28.63 -31.13
CA LYS A 323 -25.18 -29.06 -32.40
C LYS A 323 -23.69 -28.77 -32.44
N THR A 324 -23.31 -27.49 -32.34
CA THR A 324 -21.92 -27.04 -32.30
C THR A 324 -21.77 -26.09 -31.11
N LYS A 325 -20.54 -25.65 -30.85
CA LYS A 325 -20.27 -24.76 -29.72
C LYS A 325 -20.25 -23.31 -30.20
N ALA A 326 -21.05 -22.48 -29.54
CA ALA A 326 -21.06 -21.04 -29.78
C ALA A 326 -21.04 -20.32 -28.44
N TRP A 327 -20.42 -19.14 -28.43
CA TRP A 327 -20.28 -18.39 -27.19
C TRP A 327 -20.17 -16.91 -27.50
N GLU A 328 -20.30 -16.10 -26.45
CA GLU A 328 -20.23 -14.66 -26.55
C GLU A 328 -19.55 -14.12 -25.30
N LEU A 329 -18.88 -12.98 -25.43
CA LEU A 329 -18.19 -12.40 -24.29
C LEU A 329 -17.97 -10.92 -24.52
N VAL A 330 -18.19 -10.12 -23.49
CA VAL A 330 -17.89 -8.70 -23.48
C VAL A 330 -16.77 -8.47 -22.47
N MET A 331 -15.68 -7.86 -22.91
CA MET A 331 -14.49 -7.67 -22.08
C MET A 331 -14.25 -6.20 -21.81
N CYS A 332 -13.73 -5.92 -20.63
CA CYS A 332 -13.26 -4.59 -20.24
C CYS A 332 -11.74 -4.65 -20.24
N ALA A 333 -11.12 -4.15 -21.31
CA ALA A 333 -9.68 -4.20 -21.49
C ALA A 333 -9.11 -2.79 -21.53
N ASP A 334 -7.78 -2.72 -21.47
CA ASP A 334 -7.09 -1.44 -21.56
C ASP A 334 -7.24 -0.84 -22.95
N GLN A 335 -7.10 0.49 -23.04
CA GLN A 335 -7.23 1.15 -24.32
C GLN A 335 -6.21 0.65 -25.33
N GLY A 336 -5.07 0.15 -24.86
CA GLY A 336 -4.07 -0.36 -25.78
C GLY A 336 -4.54 -1.55 -26.57
N GLU A 337 -5.24 -2.48 -25.92
CA GLU A 337 -5.66 -3.72 -26.56
C GLU A 337 -6.89 -3.55 -27.44
N VAL A 338 -7.61 -2.45 -27.30
CA VAL A 338 -8.83 -2.21 -28.06
C VAL A 338 -8.55 -1.14 -29.10
N GLU A 339 -8.73 -1.48 -30.37
CA GLU A 339 -8.61 -0.53 -31.48
C GLU A 339 -10.01 -0.24 -32.00
N ASP A 340 -10.32 1.05 -32.16
CA ASP A 340 -11.69 1.45 -32.44
C ASP A 340 -12.13 0.94 -33.80
N HIS A 341 -13.31 0.32 -33.84
CA HIS A 341 -13.95 -0.15 -35.07
C HIS A 341 -13.04 -1.10 -35.85
N LYS A 342 -12.73 -2.24 -35.21
CA LYS A 342 -12.02 -3.33 -35.85
C LYS A 342 -12.91 -4.56 -35.82
N ILE A 343 -13.28 -5.06 -37.00
CA ILE A 343 -14.13 -6.24 -37.14
C ILE A 343 -13.29 -7.33 -37.79
N GLU A 344 -13.11 -8.44 -37.08
CA GLU A 344 -12.27 -9.53 -37.54
C GLU A 344 -13.10 -10.80 -37.62
N VAL A 345 -13.10 -11.44 -38.79
CA VAL A 345 -13.76 -12.72 -39.00
C VAL A 345 -12.66 -13.76 -39.13
N ILE A 346 -12.57 -14.64 -38.14
CA ILE A 346 -11.54 -15.67 -38.10
C ILE A 346 -12.19 -17.00 -38.49
N GLY A 347 -11.87 -17.48 -39.68
CA GLY A 347 -12.43 -18.72 -40.17
C GLY A 347 -13.25 -18.50 -41.43
N PRO A 348 -13.89 -19.57 -41.92
CA PRO A 348 -14.67 -19.45 -43.15
C PRO A 348 -15.81 -18.44 -42.99
N ASP A 349 -16.07 -17.70 -44.06
CA ASP A 349 -17.14 -16.73 -44.06
C ASP A 349 -18.47 -17.42 -44.39
N ILE A 350 -19.56 -16.65 -44.28
CA ILE A 350 -20.88 -17.22 -44.58
C ILE A 350 -20.99 -17.60 -46.05
N ASP A 351 -20.23 -16.94 -46.93
CA ASP A 351 -20.27 -17.25 -48.35
C ASP A 351 -19.61 -18.58 -48.69
N THR A 352 -18.97 -19.22 -47.72
CA THR A 352 -18.32 -20.51 -47.99
C THR A 352 -19.31 -21.67 -47.92
N ILE A 353 -20.35 -21.56 -47.11
CA ILE A 353 -21.32 -22.67 -46.94
C ILE A 353 -22.40 -22.44 -47.99
N ASP A 354 -22.13 -22.91 -49.20
CA ASP A 354 -23.09 -22.89 -50.29
C ASP A 354 -24.01 -24.10 -50.30
N LYS A 355 -23.69 -25.13 -49.51
CA LYS A 355 -24.44 -26.38 -49.53
C LYS A 355 -25.70 -26.24 -48.68
N ALA A 356 -26.35 -27.37 -48.39
CA ALA A 356 -27.55 -27.40 -47.57
C ALA A 356 -27.29 -26.72 -46.23
N PRO A 357 -28.33 -26.25 -45.54
CA PRO A 357 -28.12 -25.59 -44.24
C PRO A 357 -27.30 -26.44 -43.28
N GLY A 358 -26.18 -25.89 -42.81
CA GLY A 358 -25.27 -26.61 -41.94
C GLY A 358 -24.92 -25.80 -40.70
N ARG A 359 -24.02 -26.38 -39.90
CA ARG A 359 -23.60 -25.81 -38.63
C ARG A 359 -22.12 -25.49 -38.66
N MET A 360 -21.76 -24.37 -38.04
CA MET A 360 -20.37 -23.96 -37.88
C MET A 360 -20.18 -23.41 -36.48
N PRO A 361 -18.99 -23.57 -35.89
CA PRO A 361 -18.73 -22.94 -34.59
C PRO A 361 -18.78 -21.42 -34.72
N LEU A 362 -19.19 -20.77 -33.63
CA LEU A 362 -19.29 -19.32 -33.59
C LEU A 362 -18.66 -18.81 -32.29
N GLY A 363 -17.75 -17.85 -32.43
CA GLY A 363 -17.19 -17.17 -31.29
C GLY A 363 -17.24 -15.67 -31.46
N MET A 364 -17.99 -14.98 -30.63
CA MET A 364 -18.14 -13.53 -30.71
C MET A 364 -17.44 -12.91 -29.49
N LEU A 365 -16.22 -12.43 -29.70
CA LEU A 365 -15.45 -11.78 -28.66
C LEU A 365 -15.50 -10.27 -28.88
N ILE A 366 -16.02 -9.54 -27.89
CA ILE A 366 -16.15 -8.10 -27.95
C ILE A 366 -15.25 -7.50 -26.88
N LYS A 367 -14.33 -6.64 -27.30
CA LYS A 367 -13.45 -5.93 -26.39
C LYS A 367 -13.91 -4.48 -26.28
N VAL A 368 -14.04 -4.00 -25.05
CA VAL A 368 -14.56 -2.67 -24.76
C VAL A 368 -13.59 -1.97 -23.83
N SER A 369 -13.25 -0.72 -24.13
CA SER A 369 -12.40 0.08 -23.27
C SER A 369 -13.02 1.45 -23.07
N GLY A 370 -12.78 2.02 -21.90
CA GLY A 370 -13.31 3.33 -21.59
C GLY A 370 -12.70 3.87 -20.33
N THR A 371 -12.87 5.19 -20.14
CA THR A 371 -12.30 5.84 -18.96
C THR A 371 -12.95 5.31 -17.69
N ASN A 372 -14.26 5.12 -17.68
CA ASN A 372 -15.00 4.67 -16.51
C ASN A 372 -15.74 3.36 -16.79
N MET A 373 -15.14 2.49 -17.60
CA MET A 373 -15.68 1.16 -17.84
C MET A 373 -15.00 0.17 -16.90
N GLN A 374 -15.81 -0.60 -16.18
CA GLN A 374 -15.30 -1.54 -15.19
C GLN A 374 -15.90 -2.91 -15.44
N LYS A 375 -15.42 -3.90 -14.66
CA LYS A 375 -15.84 -5.27 -14.85
C LYS A 375 -17.28 -5.52 -14.39
N ASP A 376 -17.83 -4.64 -13.55
CA ASP A 376 -19.20 -4.81 -13.10
C ASP A 376 -20.20 -4.47 -14.19
N PHE A 377 -19.80 -3.73 -15.22
CA PHE A 377 -20.69 -3.36 -16.30
C PHE A 377 -20.67 -4.35 -17.46
N GLU A 378 -19.79 -5.34 -17.44
CA GLU A 378 -19.74 -6.30 -18.54
C GLU A 378 -21.03 -7.08 -18.69
N PRO A 379 -21.64 -7.63 -17.64
CA PRO A 379 -22.91 -8.34 -17.84
C PRO A 379 -24.00 -7.48 -18.45
N VAL A 380 -24.05 -6.18 -18.11
CA VAL A 380 -25.07 -5.31 -18.68
C VAL A 380 -24.88 -5.17 -20.18
N LEU A 381 -23.64 -4.98 -20.62
CA LEU A 381 -23.37 -4.90 -22.05
C LEU A 381 -23.69 -6.23 -22.74
N GLU A 382 -23.34 -7.35 -22.11
CA GLU A 382 -23.57 -8.65 -22.71
C GLU A 382 -25.06 -8.99 -22.77
N ARG A 383 -25.85 -8.57 -21.79
CA ARG A 383 -27.28 -8.84 -21.83
C ARG A 383 -27.93 -8.16 -23.03
N ARG A 384 -27.56 -6.91 -23.28
CA ARG A 384 -28.14 -6.18 -24.41
C ARG A 384 -27.72 -6.76 -25.75
N LEU A 385 -26.60 -7.48 -25.80
CA LEU A 385 -26.16 -8.08 -27.05
C LEU A 385 -27.16 -9.08 -27.58
N HIS A 386 -28.00 -9.65 -26.71
CA HIS A 386 -29.04 -10.57 -27.17
C HIS A 386 -30.04 -9.87 -28.06
N TYR A 387 -30.50 -8.67 -27.66
CA TYR A 387 -31.45 -7.92 -28.44
C TYR A 387 -30.83 -7.24 -29.65
N PHE A 388 -29.52 -6.95 -29.60
CA PHE A 388 -28.87 -6.35 -30.75
C PHE A 388 -28.92 -7.27 -31.96
N LEU A 389 -28.68 -8.57 -31.75
CA LEU A 389 -28.68 -9.52 -32.85
C LEU A 389 -30.08 -9.88 -33.29
N ASN A 390 -31.05 -9.86 -32.38
CA ASN A 390 -32.42 -10.20 -32.75
C ASN A 390 -33.09 -9.11 -33.56
N TYR A 391 -32.59 -7.87 -33.49
CA TYR A 391 -33.18 -6.77 -34.24
C TYR A 391 -32.91 -6.86 -35.74
N ILE A 392 -32.02 -7.74 -36.17
CA ILE A 392 -31.69 -7.89 -37.59
C ILE A 392 -32.65 -8.91 -38.21
N GLU A 393 -33.19 -8.57 -39.37
CA GLU A 393 -34.04 -9.52 -40.09
C GLU A 393 -33.22 -10.75 -40.50
N GLY A 394 -33.83 -11.92 -40.33
CA GLY A 394 -33.19 -13.16 -40.70
C GLY A 394 -32.14 -13.65 -39.74
N VAL A 395 -31.92 -12.95 -38.63
CA VAL A 395 -30.93 -13.34 -37.62
C VAL A 395 -31.66 -13.36 -36.28
N MET A 396 -31.61 -14.49 -35.60
CA MET A 396 -32.23 -14.66 -34.30
C MET A 396 -31.22 -15.27 -33.34
N HIS A 397 -31.01 -14.60 -32.21
CA HIS A 397 -30.05 -15.03 -31.21
C HIS A 397 -30.78 -15.31 -29.90
N VAL A 398 -30.56 -16.50 -29.35
CA VAL A 398 -31.12 -16.90 -28.06
C VAL A 398 -30.04 -17.62 -27.28
N GLY A 399 -29.85 -17.23 -26.02
CA GLY A 399 -28.90 -17.87 -25.15
C GLY A 399 -27.86 -16.93 -24.59
N GLN A 400 -27.15 -17.36 -23.55
CA GLN A 400 -26.12 -16.57 -22.92
C GLN A 400 -24.87 -17.42 -22.74
N ARG A 401 -23.72 -16.76 -22.64
CA ARG A 401 -22.45 -17.45 -22.47
C ARG A 401 -22.28 -18.51 -23.54
N ASN A 402 -21.80 -19.69 -23.18
CA ASN A 402 -21.57 -20.77 -24.14
C ASN A 402 -22.84 -21.54 -24.49
N LEU A 403 -24.00 -21.10 -24.02
CA LEU A 403 -25.28 -21.75 -24.32
C LEU A 403 -26.05 -21.04 -25.44
N THR A 404 -25.37 -20.23 -26.24
CA THR A 404 -26.01 -19.44 -27.27
C THR A 404 -26.02 -20.19 -28.61
N TRP A 405 -26.93 -19.78 -29.49
CA TRP A 405 -26.92 -20.29 -30.85
C TRP A 405 -27.70 -19.32 -31.75
N VAL A 406 -27.09 -18.97 -32.88
CA VAL A 406 -27.61 -17.97 -33.81
C VAL A 406 -27.82 -18.64 -35.16
N ARG A 407 -29.01 -18.48 -35.72
CA ARG A 407 -29.33 -19.03 -37.04
C ARG A 407 -29.51 -17.89 -38.03
N ILE A 408 -28.97 -18.07 -39.23
CA ILE A 408 -28.98 -17.05 -40.28
C ILE A 408 -29.94 -17.52 -41.37
N GLY A 409 -30.84 -16.63 -41.78
CA GLY A 409 -31.78 -16.95 -42.83
C GLY A 409 -31.23 -16.66 -44.22
N LYS A 410 -31.82 -17.32 -45.22
CA LYS A 410 -31.39 -17.10 -46.60
C LYS A 410 -31.61 -15.65 -47.01
N GLU A 411 -32.63 -15.00 -46.45
CA GLU A 411 -33.01 -13.66 -46.89
C GLU A 411 -31.86 -12.68 -46.70
N ALA A 412 -31.16 -12.77 -45.58
CA ALA A 412 -30.06 -11.85 -45.31
C ALA A 412 -28.88 -12.12 -46.25
N PHE A 413 -28.52 -13.39 -46.43
CA PHE A 413 -27.30 -13.70 -47.18
C PHE A 413 -27.39 -13.24 -48.63
N GLU A 414 -28.55 -13.45 -49.28
CA GLU A 414 -28.70 -13.01 -50.66
C GLU A 414 -28.62 -11.50 -50.79
N LYS A 415 -28.77 -10.77 -49.68
CA LYS A 415 -28.59 -9.32 -49.64
C LYS A 415 -27.20 -8.93 -49.16
N GLY A 416 -26.22 -9.81 -49.32
CA GLY A 416 -24.85 -9.49 -48.99
C GLY A 416 -24.51 -9.54 -47.52
N PHE A 417 -25.32 -10.21 -46.70
CA PHE A 417 -25.01 -10.30 -45.28
C PHE A 417 -23.81 -11.21 -45.05
N ARG A 418 -22.84 -10.70 -44.27
CA ARG A 418 -21.61 -11.41 -43.98
C ARG A 418 -21.36 -11.36 -42.48
N LEU A 419 -20.40 -12.18 -42.03
CA LEU A 419 -20.05 -12.16 -40.62
C LEU A 419 -19.44 -10.83 -40.19
N LYS A 420 -18.87 -10.07 -41.13
CA LYS A 420 -18.36 -8.75 -40.78
C LYS A 420 -19.49 -7.81 -40.36
N HIS A 421 -20.68 -7.98 -40.94
CA HIS A 421 -21.81 -7.16 -40.53
C HIS A 421 -22.22 -7.43 -39.08
N PHE A 422 -21.92 -8.62 -38.55
CA PHE A 422 -22.23 -8.90 -37.16
C PHE A 422 -21.49 -7.95 -36.24
N GLY A 423 -20.21 -7.69 -36.52
CA GLY A 423 -19.47 -6.73 -35.73
C GLY A 423 -19.84 -5.29 -35.98
N GLU A 424 -20.44 -5.01 -37.14
CA GLU A 424 -20.88 -3.64 -37.42
C GLU A 424 -22.11 -3.28 -36.60
N VAL A 425 -23.02 -4.23 -36.40
CA VAL A 425 -24.22 -3.97 -35.60
C VAL A 425 -23.83 -3.74 -34.15
N ILE A 426 -22.98 -4.59 -33.60
CA ILE A 426 -22.59 -4.45 -32.20
C ILE A 426 -21.84 -3.15 -31.98
N TYR A 427 -20.82 -2.89 -32.81
CA TYR A 427 -19.99 -1.71 -32.60
C TYR A 427 -20.81 -0.43 -32.74
N ALA A 428 -21.67 -0.36 -33.76
CA ALA A 428 -22.36 0.89 -34.04
C ALA A 428 -23.27 1.30 -32.89
N LYS A 429 -23.93 0.34 -32.26
CA LYS A 429 -24.88 0.64 -31.20
C LYS A 429 -24.38 0.35 -29.80
N MET A 430 -23.25 -0.34 -29.65
CA MET A 430 -22.58 -0.37 -28.35
C MET A 430 -22.11 1.03 -27.98
N LEU A 431 -21.56 1.76 -28.94
CA LEU A 431 -21.22 3.16 -28.72
C LEU A 431 -22.46 4.03 -28.57
N ASP A 432 -23.60 3.59 -29.08
CA ASP A 432 -24.83 4.38 -29.00
C ASP A 432 -25.45 4.31 -27.61
N GLU A 433 -25.85 3.11 -27.20
CA GLU A 433 -26.52 2.97 -25.90
C GLU A 433 -25.55 3.22 -24.75
N PHE A 434 -24.37 2.63 -24.81
CA PHE A 434 -23.34 2.81 -23.77
C PHE A 434 -22.36 3.89 -24.21
N GLY A 435 -22.90 5.08 -24.47
CA GLY A 435 -22.10 6.20 -24.92
C GLY A 435 -21.37 6.95 -23.84
N SER A 436 -21.60 6.62 -22.57
CA SER A 436 -20.94 7.29 -21.47
C SER A 436 -19.93 6.41 -20.76
N VAL A 437 -19.85 5.13 -21.10
CA VAL A 437 -18.91 4.22 -20.48
C VAL A 437 -18.03 3.49 -21.48
N VAL A 438 -18.38 3.47 -22.77
CA VAL A 438 -17.64 2.76 -23.79
C VAL A 438 -16.99 3.79 -24.71
N ASP A 439 -15.66 3.84 -24.69
CA ASP A 439 -14.93 4.71 -25.60
C ASP A 439 -14.63 4.01 -26.92
N LYS A 440 -14.06 2.81 -26.86
CA LYS A 440 -13.71 2.05 -28.06
C LYS A 440 -14.24 0.64 -27.93
N CYS A 441 -14.67 0.07 -29.05
CA CYS A 441 -15.21 -1.28 -29.08
C CYS A 441 -14.53 -2.04 -30.20
N GLU A 442 -14.07 -3.24 -29.89
CA GLU A 442 -13.39 -4.11 -30.86
C GLU A 442 -14.10 -5.45 -30.86
N VAL A 443 -14.58 -5.87 -32.03
CA VAL A 443 -15.39 -7.08 -32.17
C VAL A 443 -14.65 -8.06 -33.07
N THR A 444 -14.49 -9.29 -32.60
CA THR A 444 -13.93 -10.37 -33.39
C THR A 444 -14.94 -11.50 -33.43
N ILE A 445 -15.27 -11.96 -34.63
CA ILE A 445 -16.16 -13.09 -34.84
C ILE A 445 -15.30 -14.28 -35.22
N ILE A 446 -15.26 -15.29 -34.35
CA ILE A 446 -14.44 -16.48 -34.56
C ILE A 446 -15.35 -17.60 -35.01
N THR A 447 -15.00 -18.25 -36.11
CA THR A 447 -15.73 -19.40 -36.60
C THR A 447 -14.82 -20.57 -36.98
N ASP A 448 -13.53 -20.48 -36.67
CA ASP A 448 -12.63 -21.61 -36.81
C ASP A 448 -12.81 -22.57 -35.64
N PRO A 449 -13.05 -23.86 -35.88
CA PRO A 449 -13.25 -24.77 -34.73
C PRO A 449 -12.08 -24.80 -33.76
N GLY A 450 -10.84 -24.74 -34.28
CA GLY A 450 -9.69 -24.76 -33.40
C GLY A 450 -9.59 -23.53 -32.52
N LYS A 451 -9.80 -22.34 -33.10
CA LYS A 451 -9.69 -21.11 -32.33
C LYS A 451 -10.89 -20.89 -31.43
N ALA A 452 -12.09 -21.31 -31.87
CA ALA A 452 -13.27 -21.09 -31.06
C ALA A 452 -13.16 -21.79 -29.72
N GLU A 453 -12.59 -23.00 -29.71
CA GLU A 453 -12.39 -23.71 -28.46
C GLU A 453 -11.27 -23.08 -27.64
N GLU A 454 -10.22 -22.60 -28.30
CA GLU A 454 -9.06 -22.07 -27.57
C GLU A 454 -9.40 -20.75 -26.90
N LEU A 455 -10.04 -19.83 -27.63
CA LEU A 455 -10.32 -18.51 -27.06
C LEU A 455 -11.34 -18.57 -25.94
N GLU A 456 -12.23 -19.58 -25.97
CA GLU A 456 -13.19 -19.74 -24.89
C GLU A 456 -12.50 -20.03 -23.56
N GLY A 457 -11.46 -20.87 -23.59
CA GLY A 457 -10.82 -21.31 -22.36
C GLY A 457 -9.94 -20.26 -21.71
N LYS A 458 -9.51 -19.24 -22.47
CA LYS A 458 -8.65 -18.20 -21.92
C LYS A 458 -9.37 -16.89 -21.67
N TYR A 459 -10.50 -16.65 -22.33
CA TYR A 459 -11.27 -15.43 -22.13
C TYR A 459 -12.67 -15.70 -21.61
N ALA A 460 -13.41 -16.62 -22.22
CA ALA A 460 -14.81 -16.80 -21.88
C ALA A 460 -14.97 -17.52 -20.54
N VAL A 461 -14.45 -18.75 -20.44
CA VAL A 461 -14.64 -19.54 -19.22
C VAL A 461 -14.06 -18.82 -18.00
N PRO A 462 -12.83 -18.32 -18.01
CA PRO A 462 -12.32 -17.62 -16.82
C PRO A 462 -13.16 -16.43 -16.42
N ARG A 463 -13.72 -15.70 -17.37
CA ARG A 463 -14.50 -14.51 -17.02
C ARG A 463 -15.89 -14.86 -16.50
N TYR A 464 -16.44 -16.01 -16.87
CA TYR A 464 -17.68 -16.46 -16.25
C TYR A 464 -17.47 -16.86 -14.80
N LYS A 465 -16.25 -17.30 -14.46
CA LYS A 465 -15.92 -17.57 -13.07
C LYS A 465 -16.05 -16.31 -12.23
N GLU A 466 -15.50 -15.21 -12.72
CA GLU A 466 -15.51 -13.96 -11.96
C GLU A 466 -16.92 -13.46 -11.74
N ARG A 467 -17.79 -13.62 -12.75
CA ARG A 467 -19.16 -13.17 -12.60
C ARG A 467 -19.88 -13.93 -11.51
N ASP A 468 -19.72 -15.26 -11.49
CA ASP A 468 -20.40 -16.05 -10.48
C ASP A 468 -19.82 -15.82 -9.09
N ALA A 469 -18.51 -15.73 -8.98
CA ALA A 469 -17.88 -15.49 -7.68
C ALA A 469 -18.24 -14.11 -7.14
N ARG A 470 -18.26 -13.09 -8.00
CA ARG A 470 -18.60 -11.75 -7.56
C ARG A 470 -20.02 -11.70 -7.01
N LEU A 471 -20.97 -12.32 -7.72
CA LEU A 471 -22.36 -12.29 -7.27
C LEU A 471 -22.54 -13.05 -5.98
N GLU A 472 -21.89 -14.21 -5.84
CA GLU A 472 -22.11 -15.05 -4.68
C GLU A 472 -21.43 -14.50 -3.43
N SER A 473 -20.20 -14.03 -3.56
CA SER A 473 -19.36 -13.70 -2.41
C SER A 473 -19.50 -12.26 -1.94
N LEU A 474 -20.37 -11.46 -2.56
CA LEU A 474 -20.53 -10.07 -2.17
C LEU A 474 -21.60 -9.96 -1.10
N VAL A 475 -21.23 -9.36 0.04
CA VAL A 475 -22.13 -9.21 1.17
C VAL A 475 -22.25 -7.72 1.51
N ASP A 476 -23.19 -7.40 2.40
CA ASP A 476 -23.46 -6.00 2.73
C ASP A 476 -22.27 -5.35 3.41
N GLU A 477 -21.52 -6.09 4.22
CA GLU A 477 -20.41 -5.48 4.94
C GLU A 477 -19.32 -5.00 3.98
N LYS A 478 -19.08 -5.75 2.89
CA LYS A 478 -18.02 -5.38 1.96
C LYS A 478 -18.35 -4.10 1.22
N VAL A 479 -19.58 -3.97 0.72
CA VAL A 479 -19.94 -2.77 -0.02
C VAL A 479 -20.05 -1.58 0.93
N ASP A 480 -19.90 -0.38 0.36
CA ASP A 480 -19.97 0.85 1.13
C ASP A 480 -21.11 1.77 0.71
N THR A 481 -21.73 1.53 -0.44
CA THR A 481 -22.87 2.32 -0.89
C THR A 481 -23.99 1.36 -1.28
N PHE A 482 -25.19 1.63 -0.79
CA PHE A 482 -26.39 0.94 -1.23
C PHE A 482 -27.01 1.73 -2.37
N TYR A 483 -28.11 1.21 -2.92
CA TYR A 483 -28.82 1.88 -4.00
C TYR A 483 -30.31 1.86 -3.72
N SER A 484 -30.99 2.88 -4.22
CA SER A 484 -32.42 3.08 -4.00
C SER A 484 -33.12 3.17 -5.34
N CYS A 485 -34.18 2.38 -5.50
CA CYS A 485 -34.97 2.36 -6.73
C CYS A 485 -36.38 2.85 -6.41
N ASN A 486 -36.95 3.63 -7.33
CA ASN A 486 -38.29 4.19 -7.14
C ASN A 486 -39.10 4.10 -8.42
N LEU A 487 -38.96 2.99 -9.14
CA LEU A 487 -39.73 2.82 -10.36
C LEU A 487 -41.14 2.28 -10.12
N CYS A 488 -41.44 1.83 -8.92
CA CYS A 488 -42.78 1.37 -8.57
C CYS A 488 -43.61 2.43 -7.88
N GLN A 489 -43.09 3.66 -7.78
CA GLN A 489 -43.86 4.75 -7.18
C GLN A 489 -44.99 5.23 -8.07
N SER A 490 -45.09 4.74 -9.30
CA SER A 490 -46.21 5.12 -10.15
C SER A 490 -47.54 4.70 -9.56
N PHE A 491 -47.55 3.64 -8.74
CA PHE A 491 -48.76 3.21 -8.05
C PHE A 491 -48.60 3.05 -6.55
N ALA A 492 -47.38 3.11 -6.03
CA ALA A 492 -47.12 3.06 -4.59
C ALA A 492 -46.23 4.26 -4.26
N PRO A 493 -46.83 5.45 -4.11
CA PRO A 493 -46.01 6.66 -4.00
C PRO A 493 -45.02 6.66 -2.86
N ALA A 494 -45.32 5.97 -1.76
CA ALA A 494 -44.47 6.00 -0.57
C ALA A 494 -43.42 4.91 -0.57
N HIS A 495 -43.26 4.18 -1.66
CA HIS A 495 -42.40 3.01 -1.69
C HIS A 495 -41.01 3.36 -2.23
N VAL A 496 -39.99 3.01 -1.46
CA VAL A 496 -38.60 3.11 -1.87
C VAL A 496 -37.94 1.76 -1.61
N CYS A 497 -37.31 1.20 -2.63
CA CYS A 497 -36.59 -0.07 -2.52
C CYS A 497 -35.12 0.23 -2.26
N ILE A 498 -34.61 -0.27 -1.14
CA ILE A 498 -33.18 -0.20 -0.83
C ILE A 498 -32.55 -1.52 -1.27
N VAL A 499 -31.60 -1.43 -2.20
CA VAL A 499 -30.99 -2.60 -2.82
C VAL A 499 -29.60 -2.76 -2.25
N THR A 500 -29.33 -3.92 -1.66
CA THR A 500 -28.04 -4.29 -1.09
C THR A 500 -27.59 -5.60 -1.74
N PRO A 501 -26.30 -5.91 -1.68
CA PRO A 501 -25.84 -7.16 -2.30
C PRO A 501 -26.52 -8.41 -1.76
N GLU A 502 -26.97 -8.39 -0.52
CA GLU A 502 -27.68 -9.52 0.08
C GLU A 502 -29.19 -9.34 0.09
N ARG A 503 -29.71 -8.23 -0.44
CA ARG A 503 -31.15 -7.98 -0.48
C ARG A 503 -31.46 -7.23 -1.77
N LEU A 504 -31.88 -7.96 -2.80
CA LEU A 504 -32.20 -7.36 -4.08
C LEU A 504 -33.60 -6.77 -4.04
N GLY A 505 -34.10 -6.31 -5.19
CA GLY A 505 -35.40 -5.67 -5.22
C GLY A 505 -36.53 -6.65 -4.98
N LEU A 506 -37.69 -6.09 -4.61
CA LEU A 506 -38.85 -6.93 -4.36
C LEU A 506 -39.30 -7.66 -5.61
N CYS A 507 -39.27 -6.99 -6.75
CA CYS A 507 -39.65 -7.62 -8.00
C CYS A 507 -38.67 -8.71 -8.40
N GLY A 508 -37.45 -8.68 -7.88
CA GLY A 508 -36.45 -9.68 -8.20
C GLY A 508 -35.69 -9.42 -9.48
N ALA A 509 -36.02 -8.37 -10.22
CA ALA A 509 -35.36 -8.04 -11.47
C ALA A 509 -34.30 -6.97 -11.32
N VAL A 510 -34.08 -6.45 -10.11
CA VAL A 510 -33.07 -5.44 -9.85
C VAL A 510 -32.20 -5.93 -8.70
N SER A 511 -30.89 -5.93 -8.92
CA SER A 511 -29.91 -6.35 -7.92
C SER A 511 -28.91 -5.23 -7.69
N TRP A 512 -27.98 -5.46 -6.76
CA TRP A 512 -27.00 -4.43 -6.43
C TRP A 512 -26.13 -4.08 -7.64
N LEU A 513 -25.71 -5.08 -8.40
CA LEU A 513 -24.92 -4.81 -9.59
C LEU A 513 -25.74 -4.09 -10.66
N ASP A 514 -26.99 -4.52 -10.85
CA ASP A 514 -27.84 -3.88 -11.86
C ASP A 514 -28.10 -2.42 -11.51
N ALA A 515 -28.38 -2.14 -10.24
CA ALA A 515 -28.60 -0.74 -9.84
C ALA A 515 -27.32 0.07 -9.94
N LYS A 516 -26.16 -0.57 -9.74
CA LYS A 516 -24.89 0.14 -9.89
C LYS A 516 -24.68 0.60 -11.33
N ALA A 517 -25.03 -0.26 -12.29
CA ALA A 517 -24.89 0.12 -13.70
C ALA A 517 -25.99 1.07 -14.14
N THR A 518 -27.19 0.93 -13.60
CA THR A 518 -28.28 1.86 -13.94
C THR A 518 -27.92 3.28 -13.55
N LEU A 519 -27.31 3.45 -12.38
CA LEU A 519 -26.90 4.78 -11.96
C LEU A 519 -25.84 5.35 -12.90
N GLU A 520 -24.93 4.50 -13.38
CA GLU A 520 -23.87 4.99 -14.25
C GLU A 520 -24.40 5.36 -15.63
N LEU A 521 -25.23 4.50 -16.22
CA LEU A 521 -25.77 4.78 -17.54
C LEU A 521 -26.78 5.92 -17.50
N ASN A 522 -27.61 5.96 -16.46
CA ASN A 522 -28.69 6.94 -16.34
C ASN A 522 -28.55 7.63 -14.99
N PRO A 523 -27.70 8.67 -14.90
CA PRO A 523 -27.47 9.30 -13.60
C PRO A 523 -28.74 9.87 -12.97
N THR A 524 -29.69 10.33 -13.77
CA THR A 524 -30.94 10.87 -13.28
C THR A 524 -32.07 9.85 -13.31
N GLY A 525 -31.74 8.57 -13.34
CA GLY A 525 -32.73 7.51 -13.46
C GLY A 525 -33.30 7.08 -12.14
N PRO A 526 -33.93 5.89 -12.12
CA PRO A 526 -34.58 5.43 -10.88
C PRO A 526 -33.61 4.98 -9.80
N CYS A 527 -32.39 4.59 -10.14
CA CYS A 527 -31.44 4.06 -9.17
C CYS A 527 -30.42 5.12 -8.82
N GLN A 528 -30.28 5.39 -7.52
CA GLN A 528 -29.36 6.39 -7.01
C GLN A 528 -28.57 5.82 -5.85
N ALA A 529 -27.35 6.32 -5.68
CA ALA A 529 -26.47 5.82 -4.64
C ALA A 529 -26.97 6.21 -3.25
N VAL A 530 -26.84 5.28 -2.32
CA VAL A 530 -27.22 5.48 -0.92
C VAL A 530 -25.99 5.23 -0.07
N PRO A 531 -25.31 6.27 0.39
CA PRO A 531 -24.13 6.05 1.25
C PRO A 531 -24.52 5.31 2.53
N LYS A 532 -23.65 4.40 2.94
CA LYS A 532 -23.84 3.63 4.17
C LYS A 532 -23.06 4.25 5.32
N GLU A 533 -23.35 5.52 5.60
CA GLU A 533 -22.64 6.31 6.58
C GLU A 533 -23.55 6.63 7.76
N GLY A 534 -23.08 6.31 8.96
CA GLY A 534 -23.86 6.53 10.17
C GLY A 534 -24.62 5.28 10.54
N VAL A 535 -24.16 4.56 11.56
CA VAL A 535 -24.68 3.24 11.90
C VAL A 535 -25.34 3.34 13.26
N VAL A 536 -26.66 3.50 13.28
CA VAL A 536 -27.39 3.52 14.53
C VAL A 536 -27.42 2.14 15.16
N ASP A 537 -27.70 1.11 14.36
CA ASP A 537 -27.79 -0.25 14.86
C ASP A 537 -27.34 -1.20 13.76
N GLU A 538 -26.31 -2.00 14.03
CA GLU A 538 -25.78 -2.91 13.02
C GLU A 538 -26.66 -4.12 12.82
N ASN A 539 -27.24 -4.64 13.91
CA ASN A 539 -27.98 -5.90 13.80
C ASN A 539 -29.32 -5.72 13.09
N LEU A 540 -30.01 -4.61 13.35
CA LEU A 540 -31.30 -4.35 12.73
C LEU A 540 -31.19 -3.67 11.39
N GLY A 541 -30.00 -3.23 10.99
CA GLY A 541 -29.84 -2.56 9.72
C GLY A 541 -30.24 -1.10 9.72
N ILE A 542 -30.12 -0.40 10.84
CA ILE A 542 -30.47 1.00 10.92
C ILE A 542 -29.23 1.83 10.61
N TRP A 543 -29.37 2.76 9.67
CA TRP A 543 -28.31 3.68 9.30
C TRP A 543 -28.87 5.10 9.27
N GLU A 544 -28.04 6.06 9.69
CA GLU A 544 -28.46 7.46 9.69
C GLU A 544 -28.74 7.94 8.27
N LYS A 545 -27.87 7.59 7.32
CA LYS A 545 -28.04 8.07 5.95
C LYS A 545 -29.23 7.42 5.28
N VAL A 546 -29.47 6.13 5.56
CA VAL A 546 -30.59 5.45 4.92
C VAL A 546 -31.91 6.09 5.31
N ASN A 547 -32.07 6.42 6.59
CA ASN A 547 -33.30 7.10 7.01
C ASN A 547 -33.42 8.46 6.37
N GLU A 548 -32.30 9.18 6.22
CA GLU A 548 -32.34 10.47 5.54
C GLU A 548 -32.74 10.33 4.09
N THR A 549 -32.20 9.33 3.39
CA THR A 549 -32.47 9.17 1.96
C THR A 549 -33.77 8.47 1.68
N VAL A 550 -34.41 7.86 2.67
CA VAL A 550 -35.73 7.26 2.47
C VAL A 550 -36.81 8.33 2.61
N SER A 551 -36.68 9.21 3.60
CA SER A 551 -37.65 10.29 3.76
C SER A 551 -37.60 11.28 2.62
N LYS A 552 -36.48 11.35 1.89
CA LYS A 552 -36.38 12.28 0.77
C LYS A 552 -37.04 11.70 -0.48
N ILE A 553 -36.77 10.44 -0.79
CA ILE A 553 -37.31 9.83 -1.99
C ILE A 553 -38.82 9.60 -1.85
N SER A 554 -39.26 9.14 -0.69
CA SER A 554 -40.67 8.89 -0.44
C SER A 554 -41.46 10.18 -0.20
N GLN A 555 -40.81 11.35 -0.32
CA GLN A 555 -41.45 12.63 -0.09
C GLN A 555 -42.01 12.71 1.33
N GLY A 556 -41.25 12.20 2.30
CA GLY A 556 -41.58 12.31 3.70
C GLY A 556 -42.60 11.32 4.21
N ALA A 557 -43.10 10.42 3.36
CA ALA A 557 -44.08 9.45 3.83
C ALA A 557 -43.48 8.46 4.81
N VAL A 558 -42.29 7.97 4.52
CA VAL A 558 -41.59 7.01 5.38
C VAL A 558 -40.29 7.66 5.84
N THR A 559 -40.11 7.74 7.16
CA THR A 559 -38.95 8.41 7.74
C THR A 559 -37.93 7.46 8.35
N SER A 560 -38.37 6.46 9.10
CA SER A 560 -37.49 5.50 9.75
C SER A 560 -37.74 4.11 9.16
N VAL A 561 -36.66 3.42 8.79
CA VAL A 561 -36.75 2.10 8.17
C VAL A 561 -35.62 1.23 8.68
N THR A 562 -35.83 -0.09 8.59
CA THR A 562 -34.81 -1.08 8.90
C THR A 562 -34.70 -2.04 7.74
N LEU A 563 -33.50 -2.58 7.54
CA LEU A 563 -33.23 -3.45 6.41
C LEU A 563 -33.25 -4.92 6.76
N TYR A 564 -33.00 -5.29 8.02
CA TYR A 564 -32.86 -6.68 8.42
C TYR A 564 -33.88 -7.04 9.51
N SER A 565 -35.06 -6.45 9.46
CA SER A 565 -36.10 -6.76 10.44
C SER A 565 -37.46 -6.55 9.78
N ILE A 566 -38.46 -7.23 10.32
CA ILE A 566 -39.84 -7.12 9.83
C ILE A 566 -40.78 -6.59 10.89
N LEU A 567 -40.31 -6.36 12.11
CA LEU A 567 -41.16 -5.87 13.19
C LEU A 567 -40.93 -4.40 13.50
N GLN A 568 -39.68 -3.97 13.60
CA GLN A 568 -39.36 -2.59 13.93
C GLN A 568 -39.07 -1.83 12.65
N ASP A 569 -40.02 -0.96 12.25
CA ASP A 569 -39.89 -0.12 11.06
C ASP A 569 -39.45 -0.94 9.87
N PRO A 570 -40.29 -1.82 9.36
CA PRO A 570 -39.90 -2.63 8.20
C PRO A 570 -39.90 -1.81 6.92
N MET A 571 -39.34 -2.42 5.88
CA MET A 571 -39.39 -1.84 4.55
C MET A 571 -40.81 -1.89 4.01
N THR A 572 -41.11 -0.97 3.11
CA THR A 572 -42.40 -0.95 2.44
C THR A 572 -42.41 -1.93 1.27
N SER A 573 -43.61 -2.20 0.75
CA SER A 573 -43.79 -3.09 -0.38
C SER A 573 -44.72 -2.43 -1.40
N CYS A 574 -44.43 -2.66 -2.68
CA CYS A 574 -45.25 -2.07 -3.74
C CYS A 574 -46.37 -3.01 -4.17
N GLY A 575 -46.03 -4.18 -4.68
CA GLY A 575 -47.05 -5.06 -5.23
C GLY A 575 -46.54 -5.99 -6.31
N CYS A 576 -45.29 -5.80 -6.69
CA CYS A 576 -44.61 -6.68 -7.62
C CYS A 576 -44.01 -7.91 -6.97
N PHE A 577 -44.00 -7.97 -5.65
CA PHE A 577 -43.39 -9.10 -4.95
C PHE A 577 -44.09 -10.41 -5.30
N GLU A 578 -43.29 -11.46 -5.44
CA GLU A 578 -43.82 -12.79 -5.73
C GLU A 578 -44.05 -13.62 -4.48
N CYS A 579 -43.30 -13.35 -3.41
CA CYS A 579 -43.46 -14.04 -2.15
C CYS A 579 -43.63 -13.00 -1.05
N ILE A 580 -44.52 -13.30 -0.11
CA ILE A 580 -44.74 -12.45 1.06
C ILE A 580 -44.62 -13.33 2.29
N THR A 581 -43.85 -12.86 3.28
CA THR A 581 -43.66 -13.57 4.53
C THR A 581 -44.44 -12.88 5.63
N GLY A 582 -45.26 -13.64 6.34
CA GLY A 582 -46.09 -13.11 7.41
C GLY A 582 -45.77 -13.76 8.74
N ILE A 583 -45.85 -12.98 9.81
CA ILE A 583 -45.52 -13.49 11.13
C ILE A 583 -46.64 -14.41 11.63
N MET A 584 -46.24 -15.51 12.27
CA MET A 584 -47.18 -16.46 12.87
C MET A 584 -46.85 -16.52 14.37
N PRO A 585 -47.49 -15.70 15.20
CA PRO A 585 -47.07 -15.61 16.60
C PRO A 585 -47.15 -16.92 17.37
N GLU A 586 -48.15 -17.75 17.10
CA GLU A 586 -48.32 -18.97 17.89
C GLU A 586 -47.22 -20.00 17.61
N ALA A 587 -46.51 -19.86 16.49
CA ALA A 587 -45.42 -20.77 16.14
C ALA A 587 -44.05 -20.17 16.38
N ASN A 588 -43.98 -18.98 16.97
CA ASN A 588 -42.70 -18.30 17.23
C ASN A 588 -41.88 -18.18 15.95
N GLY A 589 -42.55 -17.89 14.84
CA GLY A 589 -41.89 -17.79 13.57
C GLY A 589 -42.73 -17.06 12.55
N VAL A 590 -42.40 -17.27 11.28
CA VAL A 590 -43.08 -16.60 10.18
C VAL A 590 -43.51 -17.64 9.15
N VAL A 591 -44.52 -17.28 8.37
CA VAL A 591 -45.05 -18.10 7.30
C VAL A 591 -44.79 -17.39 5.99
N MET A 592 -44.59 -18.18 4.93
CA MET A 592 -44.35 -17.65 3.59
C MET A 592 -45.36 -18.21 2.61
N VAL A 593 -45.62 -17.45 1.55
CA VAL A 593 -46.54 -17.86 0.51
C VAL A 593 -46.18 -17.11 -0.76
N ASN A 594 -46.20 -17.81 -1.88
CA ASN A 594 -45.87 -17.22 -3.17
C ASN A 594 -47.14 -16.76 -3.88
N ARG A 595 -46.95 -15.96 -4.94
CA ARG A 595 -48.10 -15.39 -5.64
C ARG A 595 -48.93 -16.46 -6.32
N GLU A 596 -48.29 -17.45 -6.95
CA GLU A 596 -49.04 -18.49 -7.66
C GLU A 596 -49.84 -19.37 -6.73
N PHE A 597 -49.50 -19.42 -5.44
CA PHE A 597 -50.20 -20.27 -4.49
C PHE A 597 -51.59 -19.70 -4.24
N GLY A 598 -52.62 -20.45 -4.64
CA GLY A 598 -53.99 -19.99 -4.55
C GLY A 598 -54.80 -20.54 -3.40
N ALA A 599 -54.19 -21.21 -2.44
CA ALA A 599 -54.89 -21.77 -1.30
C ALA A 599 -54.71 -20.86 -0.08
N THR A 600 -55.17 -21.32 1.07
CA THR A 600 -55.14 -20.53 2.30
C THR A 600 -53.92 -20.91 3.12
N THR A 601 -53.20 -19.89 3.59
CA THR A 601 -52.04 -20.08 4.44
C THR A 601 -52.50 -20.39 5.87
N PRO A 602 -51.60 -20.92 6.70
CA PRO A 602 -51.95 -21.12 8.11
C PRO A 602 -52.33 -19.85 8.83
N LEU A 603 -51.94 -18.69 8.31
CA LEU A 603 -52.36 -17.43 8.89
C LEU A 603 -53.85 -17.16 8.71
N GLY A 604 -54.54 -17.94 7.89
CA GLY A 604 -55.93 -17.71 7.61
C GLY A 604 -56.20 -16.77 6.45
N MET A 605 -55.16 -16.25 5.81
CA MET A 605 -55.31 -15.31 4.70
C MET A 605 -54.52 -15.83 3.51
N THR A 606 -55.09 -15.67 2.32
CA THR A 606 -54.43 -16.10 1.10
C THR A 606 -53.43 -15.04 0.65
N PHE A 607 -52.80 -15.27 -0.49
CA PHE A 607 -51.84 -14.29 -1.01
C PHE A 607 -52.54 -12.99 -1.37
N GLY A 608 -53.70 -13.07 -2.00
CA GLY A 608 -54.42 -11.86 -2.36
C GLY A 608 -54.83 -11.04 -1.14
N GLU A 609 -55.30 -11.72 -0.10
CA GLU A 609 -55.70 -11.02 1.11
C GLU A 609 -54.50 -10.37 1.78
N LEU A 610 -53.37 -11.08 1.83
CA LEU A 610 -52.17 -10.51 2.44
C LEU A 610 -51.60 -9.37 1.58
N ALA A 611 -51.68 -9.50 0.26
CA ALA A 611 -51.15 -8.46 -0.62
C ALA A 611 -51.96 -7.18 -0.54
N SER A 612 -53.21 -7.23 -0.06
CA SER A 612 -54.02 -6.03 0.03
C SER A 612 -53.58 -5.11 1.16
N MET A 613 -52.81 -5.61 2.12
CA MET A 613 -52.34 -4.83 3.25
C MET A 613 -50.83 -4.61 3.24
N THR A 614 -50.05 -5.60 2.80
CA THR A 614 -48.61 -5.43 2.72
C THR A 614 -48.23 -4.42 1.64
N GLY A 615 -48.88 -4.49 0.48
CA GLY A 615 -48.53 -3.64 -0.63
C GLY A 615 -49.01 -2.22 -0.47
N GLY A 616 -48.68 -1.40 -1.47
CA GLY A 616 -49.08 -0.02 -1.48
C GLY A 616 -48.09 0.95 -0.86
N GLY A 617 -46.91 0.49 -0.48
CA GLY A 617 -45.92 1.38 0.08
C GLY A 617 -46.19 1.78 1.51
N VAL A 618 -46.89 0.96 2.28
CA VAL A 618 -47.17 1.24 3.69
C VAL A 618 -46.29 0.33 4.54
N GLN A 619 -45.88 0.86 5.70
CA GLN A 619 -45.07 0.11 6.65
C GLN A 619 -45.99 -0.70 7.55
N THR A 620 -46.02 -2.01 7.34
CA THR A 620 -46.84 -2.92 8.13
C THR A 620 -45.93 -3.86 8.91
N PRO A 621 -45.72 -3.64 10.20
CA PRO A 621 -44.88 -4.56 10.97
C PRO A 621 -45.44 -5.97 10.95
N GLY A 622 -44.53 -6.94 10.87
CA GLY A 622 -44.89 -8.34 10.88
C GLY A 622 -45.10 -8.96 9.53
N PHE A 623 -45.27 -8.16 8.48
CA PHE A 623 -45.49 -8.67 7.12
C PHE A 623 -44.55 -7.96 6.18
N MET A 624 -43.96 -8.73 5.26
CA MET A 624 -42.97 -8.20 4.34
C MET A 624 -43.10 -8.91 3.01
N GLY A 625 -43.22 -8.14 1.93
CA GLY A 625 -43.18 -8.67 0.59
C GLY A 625 -41.77 -8.54 0.04
N HIS A 626 -41.27 -9.65 -0.50
CA HIS A 626 -39.89 -9.72 -0.94
C HIS A 626 -39.81 -10.60 -2.18
N GLY A 627 -38.59 -10.77 -2.70
CA GLY A 627 -38.38 -11.58 -3.88
C GLY A 627 -38.27 -13.05 -3.55
N ARG A 628 -38.05 -13.84 -4.60
CA ARG A 628 -37.88 -15.28 -4.43
C ARG A 628 -36.45 -15.66 -4.10
N GLN A 629 -35.48 -14.77 -4.32
CA GLN A 629 -34.08 -15.04 -4.01
C GLN A 629 -33.69 -14.61 -2.61
N PHE A 630 -34.39 -13.63 -2.04
CA PHE A 630 -34.09 -13.14 -0.71
C PHE A 630 -34.39 -14.18 0.37
N ILE A 631 -35.06 -15.27 0.02
CA ILE A 631 -35.46 -16.26 1.03
C ILE A 631 -34.22 -16.91 1.65
N ALA A 632 -33.25 -17.28 0.81
CA ALA A 632 -32.07 -18.02 1.24
C ALA A 632 -30.88 -17.11 1.51
N SER A 633 -31.13 -15.88 1.94
CA SER A 633 -30.07 -14.92 2.21
C SER A 633 -29.72 -14.92 3.68
N LYS A 634 -28.45 -14.59 3.98
CA LYS A 634 -28.01 -14.50 5.37
C LYS A 634 -28.56 -13.27 6.07
N LYS A 635 -29.12 -12.32 5.34
CA LYS A 635 -29.74 -11.14 5.92
C LYS A 635 -31.26 -11.23 5.94
N PHE A 636 -31.83 -12.40 5.65
CA PHE A 636 -33.27 -12.59 5.71
C PHE A 636 -33.71 -12.57 7.17
N MET A 637 -34.22 -11.43 7.62
CA MET A 637 -34.64 -11.27 9.01
C MET A 637 -33.48 -11.55 9.97
N LYS A 638 -32.36 -10.88 9.73
CA LYS A 638 -31.22 -11.02 10.63
C LYS A 638 -31.57 -10.52 12.02
N GLY A 639 -32.30 -9.41 12.10
CA GLY A 639 -32.67 -8.85 13.39
C GLY A 639 -33.80 -9.52 14.10
N GLU A 640 -34.46 -10.49 13.47
CA GLU A 640 -35.58 -11.21 14.05
C GLU A 640 -35.21 -12.65 14.41
N GLY A 641 -33.93 -12.93 14.57
CA GLY A 641 -33.49 -14.28 14.89
C GLY A 641 -32.70 -14.91 13.77
N GLY A 642 -33.16 -14.71 12.54
CA GLY A 642 -32.46 -15.24 11.39
C GLY A 642 -33.32 -16.02 10.42
N LEU A 643 -32.71 -16.96 9.70
CA LEU A 643 -33.43 -17.73 8.70
C LEU A 643 -34.32 -18.79 9.33
N GLY A 644 -33.95 -19.26 10.51
CA GLY A 644 -34.67 -20.35 11.13
C GLY A 644 -36.08 -19.99 11.50
N ARG A 645 -36.50 -18.69 11.48
CA ARG A 645 -37.92 -18.36 11.73
C ARG A 645 -38.88 -18.86 10.69
N ILE A 646 -38.47 -19.49 9.63
CA ILE A 646 -39.42 -19.95 8.64
C ILE A 646 -40.01 -21.26 9.13
N VAL A 647 -41.34 -21.38 9.13
CA VAL A 647 -41.98 -22.59 9.61
C VAL A 647 -42.93 -23.20 8.60
N TRP A 648 -43.38 -22.48 7.58
CA TRP A 648 -44.38 -23.00 6.65
C TRP A 648 -44.16 -22.35 5.29
N MET A 649 -43.98 -23.17 4.26
CA MET A 649 -43.81 -22.71 2.89
C MET A 649 -44.59 -23.61 1.95
N PRO A 650 -45.04 -23.09 0.81
CA PRO A 650 -45.68 -23.96 -0.18
C PRO A 650 -44.73 -25.03 -0.67
N LYS A 651 -45.30 -26.18 -1.05
CA LYS A 651 -44.50 -27.31 -1.50
C LYS A 651 -43.70 -26.95 -2.75
N GLU A 652 -44.33 -26.27 -3.71
CA GLU A 652 -43.62 -25.87 -4.92
C GLU A 652 -42.53 -24.86 -4.61
N LEU A 653 -42.80 -23.94 -3.67
CA LEU A 653 -41.80 -22.94 -3.31
C LEU A 653 -40.65 -23.56 -2.54
N LYS A 654 -40.95 -24.51 -1.65
CA LYS A 654 -39.91 -25.12 -0.84
C LYS A 654 -38.91 -25.88 -1.70
N ASP A 655 -39.39 -26.58 -2.72
CA ASP A 655 -38.49 -27.34 -3.59
C ASP A 655 -37.54 -26.42 -4.33
N PHE A 656 -38.01 -25.25 -4.76
CA PHE A 656 -37.18 -24.37 -5.57
C PHE A 656 -35.96 -23.87 -4.80
N VAL A 657 -36.15 -23.49 -3.54
CA VAL A 657 -35.06 -22.91 -2.74
C VAL A 657 -34.47 -23.94 -1.78
N ALA A 658 -34.83 -25.22 -1.92
CA ALA A 658 -34.38 -26.22 -0.95
C ALA A 658 -32.86 -26.30 -0.91
N GLU A 659 -32.22 -26.32 -2.08
CA GLU A 659 -30.77 -26.43 -2.10
C GLU A 659 -30.11 -25.22 -1.47
N LYS A 660 -30.59 -24.02 -1.79
CA LYS A 660 -30.00 -22.81 -1.24
C LYS A 660 -30.40 -22.59 0.21
N LEU A 661 -31.65 -22.89 0.56
CA LEU A 661 -32.10 -22.70 1.94
C LEU A 661 -31.35 -23.63 2.89
N ASN A 662 -31.15 -24.89 2.48
CA ASN A 662 -30.42 -25.82 3.33
C ASN A 662 -28.99 -25.38 3.56
N LYS A 663 -28.32 -24.87 2.51
CA LYS A 663 -26.96 -24.41 2.67
C LYS A 663 -26.88 -23.24 3.63
N THR A 664 -27.80 -22.29 3.51
CA THR A 664 -27.78 -21.13 4.39
C THR A 664 -28.04 -21.53 5.84
N ALA A 665 -28.98 -22.45 6.06
CA ALA A 665 -29.25 -22.90 7.42
C ALA A 665 -28.10 -23.72 7.98
N LYS A 666 -27.25 -24.28 7.12
CA LYS A 666 -26.07 -25.00 7.61
C LYS A 666 -25.14 -24.06 8.36
N GLU A 667 -25.08 -22.79 7.97
CA GLU A 667 -24.31 -21.81 8.74
C GLU A 667 -24.91 -21.60 10.12
N LEU A 668 -26.21 -21.83 10.28
CA LEU A 668 -26.84 -21.82 11.59
C LEU A 668 -26.54 -23.07 12.41
N TYR A 669 -25.77 -24.01 11.83
CA TYR A 669 -25.20 -25.20 12.43
C TYR A 669 -26.23 -26.32 12.60
N ASN A 670 -27.50 -26.10 12.35
CA ASN A 670 -28.46 -27.19 12.43
C ASN A 670 -28.20 -28.17 11.30
N ILE A 671 -28.88 -29.33 11.37
CA ILE A 671 -28.71 -30.34 10.34
C ILE A 671 -29.02 -29.72 8.98
N ASP A 672 -28.35 -30.23 7.95
CA ASP A 672 -28.39 -29.59 6.64
C ASP A 672 -29.81 -29.51 6.10
N ASN A 673 -30.58 -30.59 6.24
CA ASN A 673 -31.93 -30.64 5.70
C ASN A 673 -32.88 -29.80 6.56
N PHE A 674 -32.74 -28.48 6.42
CA PHE A 674 -33.67 -27.57 7.08
C PHE A 674 -35.02 -27.57 6.40
N ALA A 675 -35.04 -27.75 5.07
CA ALA A 675 -36.32 -27.81 4.36
C ALA A 675 -37.15 -29.00 4.81
N ASP A 676 -36.51 -30.08 5.26
CA ASP A 676 -37.26 -31.21 5.77
C ASP A 676 -38.03 -30.85 7.03
N MET A 677 -37.47 -29.96 7.86
CA MET A 677 -38.20 -29.52 9.05
C MET A 677 -39.31 -28.54 8.72
N ILE A 678 -39.19 -27.79 7.62
CA ILE A 678 -40.22 -26.81 7.27
C ILE A 678 -41.48 -27.53 6.84
N CYS A 679 -42.60 -27.15 7.45
CA CYS A 679 -43.89 -27.70 7.06
C CYS A 679 -44.31 -27.15 5.71
N ASP A 680 -45.15 -27.90 5.01
CA ASP A 680 -45.65 -27.52 3.69
C ASP A 680 -47.16 -27.69 3.65
N GLU A 681 -47.74 -27.36 2.51
CA GLU A 681 -49.19 -27.45 2.35
C GLU A 681 -49.66 -28.89 2.47
N THR A 682 -48.89 -29.84 1.93
CA THR A 682 -49.33 -31.22 1.93
C THR A 682 -49.47 -31.77 3.35
N ILE A 683 -48.50 -31.46 4.22
CA ILE A 683 -48.53 -31.99 5.57
C ILE A 683 -49.72 -31.44 6.34
N ALA A 684 -49.91 -30.12 6.30
CA ALA A 684 -50.98 -29.49 7.06
C ALA A 684 -51.24 -28.10 6.50
N THR A 685 -52.37 -27.53 6.90
CA THR A 685 -52.75 -26.18 6.51
C THR A 685 -53.27 -25.32 7.65
N GLU A 686 -53.61 -25.91 8.80
CA GLU A 686 -54.16 -25.18 9.92
C GLU A 686 -53.08 -24.89 10.97
N SER A 687 -53.30 -23.84 11.75
CA SER A 687 -52.28 -23.39 12.69
C SER A 687 -51.99 -24.44 13.76
N GLU A 688 -53.04 -25.06 14.31
CA GLU A 688 -52.80 -26.01 15.41
C GLU A 688 -52.12 -27.28 14.91
N GLU A 689 -52.34 -27.64 13.64
CA GLU A 689 -51.70 -28.84 13.11
C GLU A 689 -50.21 -28.61 12.87
N VAL A 690 -49.87 -27.45 12.29
CA VAL A 690 -48.47 -27.20 11.97
C VAL A 690 -47.64 -27.03 13.24
N VAL A 691 -48.22 -26.44 14.29
CA VAL A 691 -47.49 -26.30 15.55
C VAL A 691 -47.13 -27.67 16.10
N LYS A 692 -48.07 -28.62 16.05
CA LYS A 692 -47.77 -29.97 16.49
C LYS A 692 -46.65 -30.58 15.65
N PHE A 693 -46.66 -30.32 14.35
CA PHE A 693 -45.59 -30.83 13.48
C PHE A 693 -44.25 -30.23 13.88
N LEU A 694 -44.22 -28.94 14.23
CA LEU A 694 -42.97 -28.32 14.64
C LEU A 694 -42.50 -28.86 15.99
N GLU A 695 -43.44 -29.20 16.88
CA GLU A 695 -43.06 -29.71 18.20
C GLU A 695 -42.27 -30.99 18.05
N GLU A 696 -42.72 -31.89 17.16
CA GLU A 696 -42.13 -33.21 16.97
C GLU A 696 -40.86 -33.14 16.16
N LYS A 697 -40.74 -32.12 15.31
CA LYS A 697 -39.58 -31.98 14.46
C LYS A 697 -38.39 -31.33 15.15
N GLY A 698 -38.59 -30.76 16.33
CA GLY A 698 -37.52 -30.00 16.97
C GLY A 698 -37.12 -28.78 16.17
N HIS A 699 -38.11 -28.08 15.64
CA HIS A 699 -37.83 -26.92 14.78
C HIS A 699 -37.11 -25.85 15.59
N PRO A 700 -36.03 -25.26 15.08
CA PRO A 700 -35.28 -24.28 15.87
C PRO A 700 -36.09 -23.06 16.26
N ALA A 701 -37.09 -22.68 15.45
CA ALA A 701 -37.83 -21.46 15.72
C ALA A 701 -38.53 -21.51 17.08
N LEU A 702 -38.99 -22.69 17.49
CA LEU A 702 -39.69 -22.80 18.77
C LEU A 702 -38.76 -22.46 19.93
N LYS A 703 -37.51 -22.91 19.86
CA LYS A 703 -36.57 -22.72 20.95
C LYS A 703 -36.02 -21.30 21.04
N MET A 704 -36.08 -20.53 19.95
CA MET A 704 -35.54 -19.19 19.96
C MET A 704 -36.35 -18.29 20.88
N ASP A 705 -35.82 -17.09 21.13
CA ASP A 705 -36.51 -16.13 21.97
C ASP A 705 -37.83 -15.71 21.31
N PRO A 706 -38.80 -15.26 22.10
CA PRO A 706 -40.09 -14.87 21.50
C PRO A 706 -39.91 -13.74 20.49
N ILE A 707 -40.39 -13.98 19.27
CA ILE A 707 -40.27 -12.99 18.21
C ILE A 707 -41.12 -11.77 18.54
N MET A 708 -42.32 -11.99 19.06
CA MET A 708 -43.20 -10.89 19.49
C MET A 708 -43.39 -10.93 20.99
N PHE B 2 -62.64 24.26 18.81
CA PHE B 2 -61.65 23.41 18.10
C PHE B 2 -60.34 24.15 17.90
N LYS B 3 -59.42 23.54 17.16
CA LYS B 3 -58.15 24.14 16.79
C LYS B 3 -58.15 24.37 15.29
N LYS B 4 -57.93 25.61 14.88
CA LYS B 4 -57.88 25.92 13.46
C LYS B 4 -56.67 25.22 12.85
N PRO B 5 -56.82 24.54 11.70
CA PRO B 5 -55.67 23.84 11.12
C PRO B 5 -54.56 24.81 10.71
N THR B 6 -53.42 24.73 11.39
CA THR B 6 -52.25 25.57 11.10
C THR B 6 -51.32 24.74 10.22
N GLN B 7 -51.52 24.82 8.91
CA GLN B 7 -50.71 24.08 7.95
C GLN B 7 -49.62 25.01 7.42
N LYS B 8 -48.38 24.74 7.81
CA LYS B 8 -47.23 25.55 7.41
C LYS B 8 -46.41 24.78 6.40
N PHE B 9 -46.22 25.37 5.23
CA PHE B 9 -45.42 24.78 4.15
C PHE B 9 -44.12 25.56 4.02
N SER B 10 -43.00 24.83 3.99
CA SER B 10 -41.70 25.45 3.85
C SER B 10 -41.33 25.81 2.43
N GLY B 11 -42.07 25.31 1.44
CA GLY B 11 -41.76 25.59 0.05
C GLY B 11 -42.53 26.78 -0.49
N LYS B 12 -42.18 27.14 -1.72
CA LYS B 12 -42.83 28.26 -2.40
C LYS B 12 -42.58 28.13 -3.89
N ILE B 13 -43.66 28.13 -4.67
CA ILE B 13 -43.55 27.97 -6.12
C ILE B 13 -42.93 29.21 -6.74
N GLY B 14 -42.05 29.00 -7.70
CA GLY B 14 -41.41 30.11 -8.37
C GLY B 14 -42.33 30.79 -9.37
N GLU B 15 -41.94 32.00 -9.76
CA GLU B 15 -42.71 32.82 -10.68
C GLU B 15 -42.07 32.79 -12.07
N VAL B 16 -42.89 32.57 -13.09
CA VAL B 16 -42.47 32.64 -14.49
C VAL B 16 -43.34 33.67 -15.18
N GLU B 17 -42.70 34.60 -15.88
CA GLU B 17 -43.41 35.66 -16.59
C GLU B 17 -43.42 35.37 -18.08
N ILE B 18 -44.62 35.34 -18.67
CA ILE B 18 -44.81 35.07 -20.09
C ILE B 18 -45.33 36.35 -20.74
N GLY B 19 -44.72 36.73 -21.85
CA GLY B 19 -45.10 37.92 -22.57
C GLY B 19 -44.31 39.14 -22.14
N THR B 20 -44.61 40.25 -22.82
CA THR B 20 -43.95 41.51 -22.56
C THR B 20 -44.99 42.63 -22.59
N GLY B 21 -44.64 43.75 -21.99
CA GLY B 21 -45.53 44.88 -21.94
C GLY B 21 -46.42 44.86 -20.71
N GLU B 22 -47.56 45.56 -20.81
CA GLU B 22 -48.49 45.62 -19.71
C GLU B 22 -49.37 44.39 -19.61
N LYS B 23 -49.42 43.56 -20.64
CA LYS B 23 -50.26 42.37 -20.65
C LYS B 23 -49.52 41.12 -20.17
N ALA B 24 -48.25 41.24 -19.80
CA ALA B 24 -47.52 40.08 -19.32
C ALA B 24 -48.14 39.54 -18.05
N LEU B 25 -48.16 38.21 -17.93
CA LEU B 25 -48.79 37.54 -16.81
C LEU B 25 -47.75 36.78 -16.00
N LYS B 26 -48.05 36.62 -14.71
CA LYS B 26 -47.19 35.93 -13.78
C LYS B 26 -47.87 34.62 -13.36
N LEU B 27 -47.07 33.57 -13.24
CA LEU B 27 -47.56 32.25 -12.84
C LEU B 27 -46.87 31.83 -11.55
N GLY B 28 -47.57 31.03 -10.75
CA GLY B 28 -46.97 30.52 -9.54
C GLY B 28 -46.86 31.56 -8.44
N GLY B 29 -46.02 31.26 -7.45
CA GLY B 29 -45.81 32.13 -6.31
C GLY B 29 -46.53 31.69 -5.05
N GLU B 30 -47.42 30.70 -5.13
CA GLU B 30 -48.20 30.30 -3.97
C GLU B 30 -47.36 29.47 -3.00
N SER B 31 -47.64 29.65 -1.71
CA SER B 31 -47.04 28.83 -0.66
C SER B 31 -48.07 27.94 0.03
N VAL B 32 -49.32 27.91 -0.47
CA VAL B 32 -50.36 27.06 0.07
C VAL B 32 -51.03 26.34 -1.09
N LEU B 33 -51.94 25.43 -0.75
CA LEU B 33 -52.67 24.69 -1.76
C LEU B 33 -53.61 25.63 -2.52
N PRO B 34 -54.01 25.26 -3.73
CA PRO B 34 -54.82 26.18 -4.54
C PRO B 34 -56.11 26.57 -3.84
N PHE B 35 -56.45 27.86 -3.95
CA PHE B 35 -57.67 28.45 -3.41
C PHE B 35 -57.73 28.41 -1.90
N TYR B 36 -56.65 28.02 -1.22
CA TYR B 36 -56.60 28.04 0.24
C TYR B 36 -56.19 29.42 0.75
N THR B 37 -57.05 30.39 0.46
CA THR B 37 -56.83 31.74 0.95
C THR B 37 -56.83 31.79 2.47
N PHE B 38 -57.46 30.81 3.11
CA PHE B 38 -57.50 30.74 4.56
C PHE B 38 -56.22 30.17 5.17
N ASP B 39 -55.36 29.56 4.36
CA ASP B 39 -54.10 29.01 4.86
C ASP B 39 -52.95 29.99 4.74
N GLY B 40 -52.92 30.81 3.71
CA GLY B 40 -51.81 31.72 3.52
C GLY B 40 -51.86 32.48 2.21
N ASP B 41 -50.71 32.61 1.56
CA ASP B 41 -50.55 33.45 0.39
C ASP B 41 -50.64 32.61 -0.88
N THR B 42 -51.69 32.84 -1.65
CA THR B 42 -51.80 32.30 -3.00
C THR B 42 -51.20 33.33 -3.96
N GLY B 43 -50.02 33.01 -4.49
CA GLY B 43 -49.21 34.00 -5.17
C GLY B 43 -49.91 34.75 -6.27
N ASN B 44 -50.19 34.07 -7.37
CA ASN B 44 -50.79 34.69 -8.54
C ASN B 44 -52.06 33.92 -8.91
N THR B 45 -53.10 34.66 -9.27
CA THR B 45 -54.35 34.01 -9.64
C THR B 45 -54.11 33.18 -10.89
N PRO B 46 -54.66 31.97 -10.97
CA PRO B 46 -54.47 31.15 -12.18
C PRO B 46 -55.03 31.85 -13.41
N LYS B 47 -54.33 31.68 -14.53
CA LYS B 47 -54.69 32.34 -15.78
C LYS B 47 -55.48 31.40 -16.66
N VAL B 48 -56.30 31.98 -17.54
CA VAL B 48 -57.13 31.24 -18.48
C VAL B 48 -56.78 31.70 -19.88
N GLY B 49 -56.46 30.75 -20.75
CA GLY B 49 -56.07 31.07 -22.11
C GLY B 49 -57.00 30.43 -23.13
N MET B 50 -57.06 31.02 -24.32
CA MET B 50 -57.91 30.54 -25.39
C MET B 50 -57.06 29.98 -26.52
N GLU B 51 -57.55 28.92 -27.15
CA GLU B 51 -56.83 28.19 -28.17
C GLU B 51 -57.29 28.63 -29.55
N ILE B 52 -56.34 28.88 -30.44
CA ILE B 52 -56.60 29.10 -31.85
C ILE B 52 -55.74 28.13 -32.64
N LEU B 53 -55.99 28.07 -33.94
CA LEU B 53 -55.27 27.19 -34.85
C LEU B 53 -54.69 28.01 -36.00
N ASP B 54 -53.57 27.53 -36.54
CA ASP B 54 -52.99 28.18 -37.72
C ASP B 54 -53.67 27.77 -39.02
N VAL B 55 -54.56 26.78 -38.97
CA VAL B 55 -55.35 26.38 -40.13
C VAL B 55 -56.83 26.49 -39.75
N TYR B 56 -57.69 26.30 -40.74
CA TYR B 56 -59.12 26.36 -40.48
C TYR B 56 -59.54 25.15 -39.64
N PRO B 57 -60.28 25.36 -38.55
CA PRO B 57 -60.70 24.21 -37.72
C PRO B 57 -61.76 23.36 -38.41
N GLU B 58 -61.38 22.21 -38.92
CA GLU B 58 -62.30 21.31 -39.60
C GLU B 58 -63.01 20.36 -38.64
N ASP B 59 -62.31 19.93 -37.59
CA ASP B 59 -62.86 18.95 -36.65
C ASP B 59 -63.59 19.59 -35.47
N TRP B 60 -63.57 20.92 -35.36
CA TRP B 60 -64.27 21.56 -34.26
C TRP B 60 -65.78 21.43 -34.45
N ILE B 61 -66.51 21.57 -33.34
CA ILE B 61 -67.96 21.40 -33.39
C ILE B 61 -68.58 22.56 -34.17
N ASP B 62 -69.79 22.31 -34.66
CA ASP B 62 -70.48 23.31 -35.47
C ASP B 62 -70.70 24.61 -34.71
N PRO B 63 -71.14 24.61 -33.45
CA PRO B 63 -71.27 25.89 -32.74
C PRO B 63 -69.97 26.69 -32.69
N LEU B 64 -68.82 26.01 -32.56
CA LEU B 64 -67.55 26.71 -32.56
C LEU B 64 -67.23 27.28 -33.93
N LYS B 65 -67.55 26.53 -34.99
CA LYS B 65 -67.35 27.05 -36.34
C LYS B 65 -68.22 28.27 -36.60
N ASP B 66 -69.42 28.31 -36.01
CA ASP B 66 -70.31 29.45 -36.22
C ASP B 66 -69.77 30.71 -35.53
N ILE B 67 -69.07 30.56 -34.41
CA ILE B 67 -68.47 31.72 -33.75
C ILE B 67 -67.35 32.30 -34.60
N TYR B 68 -66.45 31.45 -35.07
CA TYR B 68 -65.31 31.87 -35.86
C TYR B 68 -65.59 31.67 -37.35
N LYS B 69 -66.52 32.49 -37.85
CA LYS B 69 -66.92 32.36 -39.25
C LYS B 69 -65.94 33.10 -40.17
N ASP B 70 -65.82 34.41 -40.02
CA ASP B 70 -65.06 35.24 -40.93
C ASP B 70 -63.63 35.49 -40.45
N VAL B 71 -63.20 34.86 -39.36
CA VAL B 71 -61.87 35.07 -38.82
C VAL B 71 -61.05 33.80 -38.73
N ALA B 72 -61.65 32.62 -38.86
CA ALA B 72 -60.91 31.39 -38.70
C ALA B 72 -59.93 31.14 -39.85
N LYS B 73 -60.23 31.67 -41.04
CA LYS B 73 -59.37 31.42 -42.20
C LYS B 73 -57.97 31.98 -41.99
N ASP B 74 -57.87 33.20 -41.46
CA ASP B 74 -56.59 33.87 -41.27
C ASP B 74 -56.22 33.83 -39.79
N PRO B 75 -55.14 33.17 -39.40
CA PRO B 75 -54.78 33.17 -37.96
C PRO B 75 -54.55 34.55 -37.40
N VAL B 76 -54.02 35.48 -38.20
CA VAL B 76 -53.79 36.83 -37.70
C VAL B 76 -55.12 37.50 -37.37
N LYS B 77 -56.12 37.35 -38.24
CA LYS B 77 -57.45 37.87 -37.93
C LYS B 77 -58.07 37.11 -36.76
N TRP B 78 -57.84 35.80 -36.68
CA TRP B 78 -58.40 35.01 -35.59
C TRP B 78 -57.85 35.46 -34.25
N ALA B 79 -56.54 35.69 -34.16
CA ALA B 79 -55.94 36.08 -32.90
C ALA B 79 -56.45 37.44 -32.44
N GLN B 80 -56.57 38.39 -33.37
CA GLN B 80 -57.07 39.72 -33.01
C GLN B 80 -58.54 39.68 -32.63
N PHE B 81 -59.33 38.80 -33.27
CA PHE B 81 -60.74 38.67 -32.91
C PHE B 81 -60.90 38.16 -31.49
N VAL B 82 -60.12 37.14 -31.11
CA VAL B 82 -60.22 36.58 -29.77
C VAL B 82 -59.78 37.59 -28.72
N GLU B 83 -58.71 38.32 -29.00
CA GLU B 83 -58.17 39.26 -28.02
C GLU B 83 -59.16 40.39 -27.73
N GLU B 84 -59.80 40.92 -28.77
CA GLU B 84 -60.67 42.08 -28.61
C GLU B 84 -62.07 41.71 -28.10
N LYS B 85 -62.53 40.47 -28.32
CA LYS B 85 -63.87 40.03 -27.95
C LYS B 85 -63.93 39.32 -26.61
N TYR B 86 -62.92 38.52 -26.26
CA TYR B 86 -62.93 37.74 -25.03
C TYR B 86 -61.79 38.10 -24.09
N SER B 87 -60.81 38.87 -24.54
CA SER B 87 -59.70 39.33 -23.71
C SER B 87 -59.12 38.21 -22.85
N PRO B 88 -58.55 37.18 -23.46
CA PRO B 88 -57.95 36.10 -22.68
C PRO B 88 -56.64 36.53 -22.04
N ASP B 89 -56.26 35.82 -20.98
CA ASP B 89 -54.97 36.09 -20.36
C ASP B 89 -53.83 35.81 -21.34
N PHE B 90 -53.95 34.72 -22.11
CA PHE B 90 -52.99 34.41 -23.16
C PHE B 90 -53.72 33.67 -24.27
N ILE B 91 -53.11 33.68 -25.45
CA ILE B 91 -53.65 32.99 -26.61
C ILE B 91 -52.68 31.86 -26.97
N CYS B 92 -53.22 30.67 -27.16
CA CYS B 92 -52.44 29.50 -27.53
C CYS B 92 -52.60 29.27 -29.03
N LEU B 93 -51.48 29.24 -29.75
CA LEU B 93 -51.47 29.01 -31.19
C LEU B 93 -50.93 27.60 -31.42
N ARG B 94 -51.83 26.68 -31.75
CA ARG B 94 -51.44 25.29 -32.00
C ARG B 94 -51.13 25.12 -33.48
N LEU B 95 -49.89 24.74 -33.78
CA LEU B 95 -49.43 24.59 -35.16
C LEU B 95 -49.86 23.21 -35.66
N ILE B 96 -51.13 23.13 -36.04
CA ILE B 96 -51.68 21.88 -36.56
C ILE B 96 -51.06 21.53 -37.90
N SER B 97 -50.75 22.53 -38.71
CA SER B 97 -50.22 22.27 -40.04
C SER B 97 -48.84 21.63 -40.02
N ALA B 98 -48.17 21.58 -38.86
CA ALA B 98 -46.81 21.05 -38.78
C ALA B 98 -46.75 19.57 -38.49
N ASP B 99 -47.84 18.93 -38.14
CA ASP B 99 -47.70 17.55 -37.69
C ASP B 99 -47.51 16.62 -38.89
N PRO B 100 -46.57 15.68 -38.80
CA PRO B 100 -46.36 14.75 -39.93
C PRO B 100 -47.54 13.85 -40.18
N ASN B 101 -48.46 13.73 -39.24
CA ASN B 101 -49.54 12.79 -39.36
C ASN B 101 -50.63 13.32 -40.28
N GLY B 102 -50.58 14.61 -40.63
CA GLY B 102 -51.59 15.22 -41.45
C GLY B 102 -51.02 16.06 -42.57
N THR B 103 -51.43 17.33 -42.64
CA THR B 103 -50.97 18.25 -43.69
C THR B 103 -49.57 18.76 -43.37
N ASP B 104 -48.63 17.83 -43.36
CA ASP B 104 -47.27 18.14 -42.95
C ASP B 104 -46.71 19.30 -43.76
N ALA B 105 -46.11 20.27 -43.07
CA ALA B 105 -45.55 21.46 -43.71
C ALA B 105 -44.19 21.75 -43.11
N ALA B 106 -43.37 22.46 -43.89
CA ALA B 106 -42.03 22.78 -43.45
C ALA B 106 -42.06 23.69 -42.22
N PRO B 107 -41.08 23.58 -41.32
CA PRO B 107 -41.06 24.48 -40.16
C PRO B 107 -40.95 25.95 -40.53
N GLU B 108 -40.38 26.27 -41.68
CA GLU B 108 -40.27 27.68 -42.07
C GLU B 108 -41.66 28.28 -42.33
N ASP B 109 -42.56 27.51 -42.94
CA ASP B 109 -43.90 28.02 -43.21
C ASP B 109 -44.64 28.35 -41.91
N CYS B 110 -44.54 27.46 -40.93
CA CYS B 110 -45.29 27.65 -39.68
C CYS B 110 -44.72 28.79 -38.85
N ALA B 111 -43.40 28.95 -38.85
CA ALA B 111 -42.80 30.06 -38.11
C ALA B 111 -43.20 31.40 -38.70
N LYS B 112 -43.39 31.46 -40.02
CA LYS B 112 -43.85 32.70 -40.64
C LYS B 112 -45.26 33.05 -40.17
N THR B 113 -46.13 32.05 -40.04
CA THR B 113 -47.46 32.30 -39.49
C THR B 113 -47.37 32.80 -38.06
N ALA B 114 -46.51 32.19 -37.24
CA ALA B 114 -46.39 32.60 -35.85
C ALA B 114 -45.82 34.01 -35.73
N LYS B 115 -44.95 34.40 -36.65
CA LYS B 115 -44.38 35.74 -36.59
C LYS B 115 -45.45 36.82 -36.75
N ALA B 116 -46.37 36.61 -37.69
CA ALA B 116 -47.43 37.61 -37.89
C ALA B 116 -48.35 37.68 -36.69
N VAL B 117 -48.68 36.54 -36.09
CA VAL B 117 -49.61 36.54 -34.95
C VAL B 117 -49.00 37.27 -33.77
N VAL B 118 -47.72 37.02 -33.46
CA VAL B 118 -47.13 37.58 -32.25
C VAL B 118 -46.98 39.09 -32.36
N GLU B 119 -46.85 39.61 -33.58
CA GLU B 119 -46.70 41.05 -33.79
C GLU B 119 -48.03 41.74 -34.00
N ALA B 120 -49.15 41.03 -33.96
CA ALA B 120 -50.46 41.61 -34.16
C ALA B 120 -51.32 41.61 -32.90
N ILE B 121 -50.80 41.10 -31.77
CA ILE B 121 -51.55 41.03 -30.53
C ILE B 121 -50.67 41.57 -29.41
N LYS B 122 -51.34 42.04 -28.35
CA LYS B 122 -50.65 42.46 -27.14
C LYS B 122 -50.56 41.34 -26.11
N THR B 123 -51.55 40.45 -26.09
CA THR B 123 -51.57 39.40 -25.07
C THR B 123 -50.39 38.44 -25.28
N PRO B 124 -49.89 37.85 -24.20
CA PRO B 124 -48.83 36.85 -24.34
C PRO B 124 -49.31 35.66 -25.17
N LEU B 125 -48.39 35.09 -25.95
CA LEU B 125 -48.69 34.00 -26.87
C LEU B 125 -47.99 32.73 -26.42
N VAL B 126 -48.71 31.61 -26.51
CA VAL B 126 -48.16 30.29 -26.22
C VAL B 126 -48.25 29.50 -27.52
N VAL B 127 -47.09 29.16 -28.09
CA VAL B 127 -47.05 28.43 -29.36
C VAL B 127 -46.99 26.94 -29.03
N ALA B 128 -48.07 26.23 -29.30
CA ALA B 128 -48.14 24.80 -29.05
C ALA B 128 -47.69 24.05 -30.30
N GLY B 129 -46.75 23.12 -30.12
CA GLY B 129 -46.22 22.34 -31.21
C GLY B 129 -47.06 21.11 -31.49
N THR B 130 -46.49 20.22 -32.29
CA THR B 130 -47.14 18.98 -32.67
C THR B 130 -46.81 17.89 -31.66
N GLY B 131 -47.38 16.70 -31.86
CA GLY B 131 -47.07 15.59 -30.99
C GLY B 131 -45.74 14.93 -31.26
N ASN B 132 -45.19 15.11 -32.45
CA ASN B 132 -43.95 14.44 -32.83
C ASN B 132 -42.77 15.10 -32.15
N HIS B 133 -41.93 14.29 -31.49
CA HIS B 133 -40.77 14.81 -30.81
C HIS B 133 -39.72 15.28 -31.81
N GLU B 134 -39.53 14.55 -32.90
CA GLU B 134 -38.51 14.91 -33.87
C GLU B 134 -38.84 16.21 -34.58
N LYS B 135 -40.11 16.39 -34.97
CA LYS B 135 -40.49 17.61 -35.69
C LYS B 135 -40.47 18.82 -34.77
N ASP B 136 -40.87 18.66 -33.51
CA ASP B 136 -40.90 19.80 -32.59
C ASP B 136 -39.51 20.39 -32.39
N ALA B 137 -38.47 19.57 -32.46
CA ALA B 137 -37.13 20.10 -32.31
C ALA B 137 -36.79 21.07 -33.43
N LYS B 138 -37.14 20.72 -34.68
CA LYS B 138 -36.91 21.62 -35.79
C LYS B 138 -37.95 22.74 -35.83
N LEU B 139 -39.19 22.44 -35.46
CA LEU B 139 -40.25 23.44 -35.53
C LEU B 139 -39.98 24.59 -34.58
N PHE B 140 -39.59 24.28 -33.34
CA PHE B 140 -39.39 25.33 -32.34
C PHE B 140 -38.09 26.09 -32.56
N GLU B 141 -37.10 25.47 -33.21
CA GLU B 141 -35.87 26.20 -33.52
C GLU B 141 -36.17 27.38 -34.46
N LYS B 142 -37.00 27.15 -35.47
CA LYS B 142 -37.34 28.21 -36.40
C LYS B 142 -38.36 29.18 -35.81
N VAL B 143 -39.32 28.67 -35.02
CA VAL B 143 -40.35 29.53 -34.46
C VAL B 143 -39.74 30.52 -33.48
N ALA B 144 -38.87 30.05 -32.59
CA ALA B 144 -38.27 30.94 -31.61
C ALA B 144 -37.37 31.97 -32.27
N GLN B 145 -36.80 31.66 -33.43
CA GLN B 145 -35.98 32.63 -34.15
C GLN B 145 -36.84 33.73 -34.75
N GLU B 146 -37.95 33.36 -35.41
CA GLU B 146 -38.80 34.36 -36.04
C GLU B 146 -39.45 35.29 -35.00
N THR B 147 -39.98 34.71 -33.93
CA THR B 147 -40.65 35.48 -32.88
C THR B 147 -39.68 35.75 -31.73
N GLU B 148 -38.75 36.66 -32.00
CA GLU B 148 -37.74 37.05 -31.03
C GLU B 148 -38.07 38.44 -30.49
N GLY B 149 -38.00 38.58 -29.17
CA GLY B 149 -38.26 39.84 -28.53
C GLY B 149 -39.65 40.00 -27.95
N HIS B 150 -40.46 38.93 -27.92
CA HIS B 150 -41.81 38.99 -27.38
C HIS B 150 -42.04 38.04 -26.22
N ASN B 151 -41.08 37.19 -25.88
CA ASN B 151 -41.16 36.30 -24.72
C ASN B 151 -42.39 35.39 -24.81
N ILE B 152 -42.39 34.55 -25.86
CA ILE B 152 -43.45 33.58 -26.07
C ILE B 152 -43.20 32.37 -25.19
N LEU B 153 -44.18 31.48 -25.09
CA LEU B 153 -44.04 30.23 -24.33
C LEU B 153 -44.05 29.08 -25.32
N LEU B 154 -42.94 28.36 -25.41
CA LEU B 154 -42.85 27.16 -26.23
C LEU B 154 -43.34 25.98 -25.43
N MET B 155 -44.25 25.20 -26.02
CA MET B 155 -44.94 24.13 -25.31
C MET B 155 -44.49 22.76 -25.81
N SER B 156 -44.63 21.77 -24.92
CA SER B 156 -44.34 20.37 -25.23
C SER B 156 -42.87 20.16 -25.62
N ALA B 157 -42.01 20.38 -24.63
CA ALA B 157 -40.58 20.06 -24.72
C ALA B 157 -40.32 18.84 -23.85
N VAL B 158 -40.42 17.66 -24.44
CA VAL B 158 -40.26 16.40 -23.73
C VAL B 158 -38.79 16.06 -23.58
N GLU B 159 -38.49 15.03 -22.80
CA GLU B 159 -37.10 14.64 -22.55
C GLU B 159 -36.32 14.41 -23.85
N ASP B 160 -36.99 13.94 -24.89
CA ASP B 160 -36.32 13.66 -26.16
C ASP B 160 -35.70 14.92 -26.75
N ASN B 161 -36.52 15.97 -26.91
CA ASN B 161 -36.11 17.19 -27.59
C ASN B 161 -35.86 18.35 -26.64
N TYR B 162 -35.71 18.09 -25.35
CA TYR B 162 -35.51 19.19 -24.41
C TYR B 162 -34.21 19.93 -24.70
N LYS B 163 -33.18 19.21 -25.13
CA LYS B 163 -31.92 19.86 -25.49
C LYS B 163 -32.12 20.80 -26.67
N SER B 164 -32.84 20.36 -27.69
CA SER B 164 -33.05 21.20 -28.86
C SER B 164 -34.03 22.32 -28.57
N VAL B 165 -35.16 22.01 -27.92
CA VAL B 165 -36.16 23.03 -27.65
C VAL B 165 -35.66 24.01 -26.58
N GLY B 166 -35.04 23.49 -25.53
CA GLY B 166 -34.54 24.37 -24.48
C GLY B 166 -33.46 25.31 -24.96
N ALA B 167 -32.52 24.81 -25.77
CA ALA B 167 -31.45 25.65 -26.28
C ALA B 167 -31.99 26.71 -27.23
N ALA B 168 -32.79 26.30 -28.21
CA ALA B 168 -33.39 27.26 -29.14
C ALA B 168 -34.46 28.11 -28.47
N GLY B 169 -34.87 27.77 -27.26
CA GLY B 169 -35.90 28.49 -26.55
C GLY B 169 -35.30 29.41 -25.51
N VAL B 170 -35.22 28.94 -24.27
CA VAL B 170 -34.83 29.80 -23.16
C VAL B 170 -33.48 30.46 -23.41
N MET B 171 -32.47 29.65 -23.75
CA MET B 171 -31.10 30.15 -23.71
C MET B 171 -30.80 31.08 -24.88
N ALA B 172 -31.25 30.73 -26.08
CA ALA B 172 -30.84 31.48 -27.27
C ALA B 172 -31.62 32.77 -27.42
N TYR B 173 -32.94 32.68 -27.59
CA TYR B 173 -33.76 33.82 -27.92
C TYR B 173 -34.55 34.35 -26.72
N ASN B 174 -34.22 33.90 -25.51
CA ASN B 174 -34.80 34.45 -24.29
C ASN B 174 -36.32 34.33 -24.28
N ASP B 175 -36.79 33.09 -24.43
CA ASP B 175 -38.19 32.75 -24.36
C ASP B 175 -38.42 31.86 -23.13
N LYS B 176 -39.63 31.34 -23.01
CA LYS B 176 -40.00 30.40 -21.97
C LYS B 176 -40.36 29.07 -22.61
N VAL B 177 -40.09 27.99 -21.88
CA VAL B 177 -40.28 26.63 -22.40
C VAL B 177 -41.10 25.84 -21.39
N VAL B 178 -41.99 24.99 -21.91
CA VAL B 178 -42.78 24.08 -21.09
C VAL B 178 -42.10 22.73 -21.08
N ALA B 179 -41.70 22.27 -19.89
CA ALA B 179 -41.11 20.95 -19.73
C ALA B 179 -42.22 19.95 -19.44
N GLU B 180 -42.48 19.07 -20.41
CA GLU B 180 -43.64 18.18 -20.33
C GLU B 180 -43.22 16.77 -19.93
N SER B 181 -43.94 16.21 -18.97
CA SER B 181 -43.78 14.82 -18.55
C SER B 181 -45.12 14.09 -18.74
N SER B 182 -45.12 12.79 -18.44
CA SER B 182 -46.30 11.94 -18.68
C SER B 182 -47.01 11.49 -17.40
N VAL B 183 -47.68 12.41 -16.70
CA VAL B 183 -48.52 12.05 -15.54
C VAL B 183 -47.73 11.24 -14.50
N ASP B 184 -46.50 11.66 -14.19
CA ASP B 184 -45.68 11.05 -13.13
C ASP B 184 -44.94 12.16 -12.39
N ILE B 185 -44.76 12.01 -11.06
CA ILE B 185 -43.96 12.98 -10.32
C ILE B 185 -42.47 12.75 -10.56
N ASN B 186 -42.04 11.50 -10.66
CA ASN B 186 -40.63 11.21 -10.90
C ASN B 186 -40.21 11.63 -12.29
N LEU B 187 -41.05 11.37 -13.30
CA LEU B 187 -40.75 11.85 -14.64
C LEU B 187 -40.78 13.37 -14.69
N ALA B 188 -41.72 14.00 -14.00
CA ALA B 188 -41.71 15.45 -13.90
C ALA B 188 -40.46 15.95 -13.18
N LYS B 189 -40.07 15.24 -12.12
CA LYS B 189 -38.86 15.60 -11.39
C LYS B 189 -37.62 15.39 -12.26
N GLN B 190 -37.62 14.35 -13.11
CA GLN B 190 -36.46 14.08 -13.94
C GLN B 190 -36.26 15.17 -14.99
N ILE B 191 -37.32 15.54 -15.70
CA ILE B 191 -37.18 16.49 -16.79
C ILE B 191 -36.76 17.85 -16.24
N ASN B 192 -37.25 18.21 -15.06
CA ASN B 192 -36.84 19.48 -14.45
C ASN B 192 -35.35 19.46 -14.12
N ILE B 193 -34.83 18.33 -13.64
CA ILE B 193 -33.41 18.22 -13.34
C ILE B 193 -32.59 18.40 -14.61
N LEU B 194 -33.02 17.79 -15.71
CA LEU B 194 -32.29 17.91 -16.96
C LEU B 194 -32.24 19.36 -17.43
N MET B 195 -33.35 20.09 -17.29
CA MET B 195 -33.35 21.51 -17.66
C MET B 195 -32.39 22.28 -16.77
N ASN B 196 -32.39 21.99 -15.47
CA ASN B 196 -31.50 22.71 -14.56
C ASN B 196 -30.03 22.42 -14.87
N GLN B 197 -29.70 21.16 -15.16
CA GLN B 197 -28.32 20.84 -15.50
C GLN B 197 -27.90 21.48 -16.82
N LEU B 198 -28.83 21.63 -17.76
CA LEU B 198 -28.51 22.26 -19.03
C LEU B 198 -28.21 23.75 -18.86
N GLY B 199 -28.59 24.35 -17.74
CA GLY B 199 -28.38 25.75 -17.50
C GLY B 199 -29.64 26.60 -17.43
N ILE B 200 -30.80 25.98 -17.27
CA ILE B 200 -32.09 26.69 -17.22
C ILE B 200 -32.65 26.53 -15.82
N ASP B 201 -32.72 27.64 -15.08
CA ASP B 201 -33.22 27.58 -13.72
C ASP B 201 -34.75 27.64 -13.73
N ASN B 202 -35.34 27.54 -12.54
CA ASN B 202 -36.79 27.36 -12.43
C ASN B 202 -37.57 28.58 -12.91
N THR B 203 -36.94 29.75 -13.03
CA THR B 203 -37.66 30.95 -13.41
C THR B 203 -37.89 31.06 -14.91
N LYS B 204 -37.33 30.15 -15.72
CA LYS B 204 -37.41 30.25 -17.16
C LYS B 204 -38.28 29.20 -17.82
N PHE B 205 -38.71 28.17 -17.09
CA PHE B 205 -39.56 27.14 -17.67
C PHE B 205 -40.70 26.81 -16.70
N VAL B 206 -41.83 26.40 -17.27
CA VAL B 206 -42.97 25.93 -16.51
C VAL B 206 -43.09 24.43 -16.73
N ASP B 207 -43.97 23.79 -15.99
CA ASP B 207 -44.12 22.35 -16.02
C ASP B 207 -45.46 21.96 -16.62
N ASN B 208 -45.48 20.83 -17.32
CA ASN B 208 -46.71 20.22 -17.80
C ASN B 208 -46.66 18.76 -17.37
N VAL B 209 -47.46 18.40 -16.37
CA VAL B 209 -47.44 17.07 -15.79
C VAL B 209 -48.46 16.19 -16.48
N GLY B 210 -48.92 16.63 -17.66
CA GLY B 210 -49.92 15.89 -18.41
C GLY B 210 -51.32 16.37 -18.12
N CYS B 211 -52.22 16.11 -19.07
CA CYS B 211 -53.61 16.48 -18.94
C CYS B 211 -54.48 15.41 -19.56
N ALA B 212 -55.73 15.35 -19.11
CA ALA B 212 -56.67 14.36 -19.60
C ALA B 212 -58.08 14.89 -19.41
N ALA B 213 -59.02 14.30 -20.15
CA ALA B 213 -60.42 14.68 -20.03
C ALA B 213 -61.06 13.96 -18.85
N GLY B 214 -62.10 14.57 -18.32
CA GLY B 214 -62.83 13.97 -17.21
C GLY B 214 -63.43 12.64 -17.60
N GLY B 215 -63.07 11.59 -16.88
CA GLY B 215 -63.52 10.25 -17.21
C GLY B 215 -62.58 9.46 -18.10
N TYR B 216 -61.48 10.06 -18.56
CA TYR B 216 -60.51 9.38 -19.42
C TYR B 216 -59.15 9.53 -18.75
N GLY B 217 -58.84 8.62 -17.83
CA GLY B 217 -57.58 8.70 -17.11
C GLY B 217 -57.41 9.99 -16.32
N TYR B 218 -58.50 10.52 -15.79
CA TYR B 218 -58.46 11.82 -15.13
C TYR B 218 -57.82 11.72 -13.75
N GLU B 219 -58.09 10.64 -13.00
CA GLU B 219 -57.54 10.54 -11.66
C GLU B 219 -56.03 10.44 -11.66
N TYR B 220 -55.44 9.98 -12.76
CA TYR B 220 -53.98 9.94 -12.84
C TYR B 220 -53.41 11.34 -12.88
N VAL B 221 -54.06 12.26 -13.60
CA VAL B 221 -53.62 13.65 -13.62
C VAL B 221 -53.86 14.31 -12.27
N ILE B 222 -54.97 13.97 -11.62
CA ILE B 222 -55.27 14.56 -10.32
C ILE B 222 -54.24 14.13 -9.29
N SER B 223 -53.89 12.84 -9.27
CA SER B 223 -52.89 12.37 -8.31
C SER B 223 -51.53 13.02 -8.56
N THR B 224 -51.14 13.13 -9.82
CA THR B 224 -49.85 13.74 -10.14
C THR B 224 -49.82 15.20 -9.69
N LEU B 225 -50.90 15.93 -9.94
CA LEU B 225 -50.95 17.33 -9.53
C LEU B 225 -50.89 17.46 -8.01
N ASP B 226 -51.61 16.59 -7.29
CA ASP B 226 -51.55 16.62 -5.84
C ASP B 226 -50.15 16.32 -5.33
N ARG B 227 -49.50 15.31 -5.92
CA ARG B 227 -48.19 14.89 -5.43
C ARG B 227 -47.13 15.96 -5.66
N VAL B 228 -47.12 16.59 -6.84
CA VAL B 228 -46.10 17.59 -7.12
C VAL B 228 -46.30 18.82 -6.25
N LYS B 229 -47.55 19.20 -6.00
CA LYS B 229 -47.82 20.35 -5.14
C LYS B 229 -47.39 20.08 -3.71
N LEU B 230 -47.69 18.89 -3.18
CA LEU B 230 -47.31 18.58 -1.81
C LEU B 230 -45.80 18.44 -1.67
N ALA B 231 -45.13 17.85 -2.67
CA ALA B 231 -43.68 17.72 -2.62
C ALA B 231 -43.01 19.09 -2.72
N ALA B 232 -43.53 19.96 -3.59
CA ALA B 232 -42.91 21.27 -3.78
C ALA B 232 -43.02 22.11 -2.52
N LEU B 233 -44.16 22.08 -1.85
CA LEU B 233 -44.41 22.91 -0.68
C LEU B 233 -44.12 22.19 0.63
N GLY B 234 -44.69 21.01 0.83
CA GLY B 234 -44.48 20.30 2.08
C GLY B 234 -43.05 19.84 2.28
N GLN B 235 -42.43 19.32 1.23
CA GLN B 235 -41.08 18.80 1.30
C GLN B 235 -40.04 19.80 0.81
N ASP B 236 -40.46 20.99 0.41
CA ASP B 236 -39.54 22.03 -0.05
C ASP B 236 -38.62 21.50 -1.14
N ASP B 237 -39.21 20.74 -2.07
CA ASP B 237 -38.45 20.18 -3.18
C ASP B 237 -38.16 21.26 -4.19
N LYS B 238 -36.89 21.65 -4.31
CA LYS B 238 -36.52 22.75 -5.21
C LYS B 238 -36.69 22.39 -6.68
N THR B 239 -36.70 21.10 -7.01
CA THR B 239 -36.83 20.67 -8.39
C THR B 239 -38.27 20.52 -8.86
N LEU B 240 -39.24 20.85 -8.00
CA LEU B 240 -40.64 20.84 -8.37
C LEU B 240 -41.34 22.18 -8.13
N GLN B 241 -40.61 23.18 -7.63
CA GLN B 241 -41.20 24.49 -7.35
C GLN B 241 -41.24 25.34 -8.63
N VAL B 242 -42.05 24.86 -9.57
CA VAL B 242 -42.22 25.50 -10.87
C VAL B 242 -43.71 25.53 -11.18
N PRO B 243 -44.23 26.58 -11.83
CA PRO B 243 -45.66 26.61 -12.13
C PRO B 243 -46.07 25.58 -13.17
N ILE B 244 -47.34 25.20 -13.12
CA ILE B 244 -47.89 24.12 -13.94
C ILE B 244 -48.95 24.69 -14.87
N ILE B 245 -48.85 24.34 -16.15
CA ILE B 245 -49.86 24.68 -17.15
C ILE B 245 -50.38 23.38 -17.75
N SER B 246 -51.70 23.24 -17.80
CA SER B 246 -52.34 22.04 -18.33
C SER B 246 -53.31 22.42 -19.44
N PRO B 247 -53.08 22.01 -20.69
CA PRO B 247 -54.03 22.34 -21.77
C PRO B 247 -55.29 21.49 -21.68
N VAL B 248 -56.39 22.09 -21.24
CA VAL B 248 -57.64 21.36 -21.09
C VAL B 248 -58.33 21.16 -22.43
N SER B 249 -58.39 22.20 -23.25
CA SER B 249 -59.12 22.10 -24.50
C SER B 249 -58.52 21.06 -25.45
N PHE B 250 -57.23 20.75 -25.30
CA PHE B 250 -56.62 19.78 -26.20
C PHE B 250 -57.26 18.41 -26.02
N GLU B 251 -57.52 18.01 -24.78
CA GLU B 251 -58.04 16.69 -24.46
C GLU B 251 -59.54 16.68 -24.18
N ALA B 252 -60.05 17.68 -23.47
CA ALA B 252 -61.44 17.64 -23.04
C ALA B 252 -62.41 17.77 -24.20
N CYS B 253 -62.00 18.41 -25.29
CA CYS B 253 -62.90 18.70 -26.39
C CYS B 253 -62.90 17.64 -27.49
N LYS B 254 -62.07 16.61 -27.37
CA LYS B 254 -61.98 15.56 -28.37
C LYS B 254 -62.75 14.30 -28.00
N VAL B 255 -63.45 14.29 -26.88
CA VAL B 255 -64.07 13.08 -26.38
C VAL B 255 -65.42 12.89 -27.03
N LYS B 256 -65.94 11.67 -26.95
CA LYS B 256 -67.24 11.36 -27.55
C LYS B 256 -68.35 12.15 -26.88
N GLU B 257 -68.26 12.31 -25.56
CA GLU B 257 -69.31 12.99 -24.81
C GLU B 257 -69.40 14.48 -25.10
N ALA B 258 -68.39 15.06 -25.75
CA ALA B 258 -68.39 16.48 -26.08
C ALA B 258 -68.50 16.77 -27.57
N MET B 259 -68.14 15.82 -28.43
CA MET B 259 -68.17 16.04 -29.87
C MET B 259 -69.44 15.51 -30.53
N ASP B 260 -70.07 14.48 -29.98
CA ASP B 260 -71.27 13.93 -30.60
C ASP B 260 -72.36 14.98 -30.64
N SER B 261 -73.00 15.10 -31.81
CA SER B 261 -74.10 16.04 -31.98
C SER B 261 -75.42 15.36 -31.63
N GLU B 262 -76.52 16.10 -31.76
CA GLU B 262 -77.82 15.54 -31.44
C GLU B 262 -78.21 14.42 -32.40
N GLU B 263 -77.76 14.50 -33.66
CA GLU B 263 -78.07 13.44 -34.60
C GLU B 263 -77.47 12.11 -34.16
N ASP B 264 -76.22 12.14 -33.69
CA ASP B 264 -75.56 10.91 -33.26
C ASP B 264 -76.16 10.38 -31.96
N SER B 265 -76.33 11.26 -30.96
CA SER B 265 -76.82 10.88 -29.65
C SER B 265 -77.98 11.79 -29.27
N PRO B 266 -79.20 11.47 -29.70
CA PRO B 266 -80.33 12.36 -29.37
C PRO B 266 -80.58 12.51 -27.88
N GLN B 267 -80.33 11.47 -27.09
CA GLN B 267 -80.66 11.53 -25.67
C GLN B 267 -79.71 12.45 -24.90
N TRP B 268 -78.48 12.65 -25.40
CA TRP B 268 -77.50 13.45 -24.68
C TRP B 268 -77.80 14.94 -24.69
N GLY B 269 -78.77 15.40 -25.50
CA GLY B 269 -79.13 16.79 -25.50
C GLY B 269 -78.24 17.63 -26.41
N SER B 270 -78.09 18.90 -26.04
CA SER B 270 -77.35 19.84 -26.87
C SER B 270 -75.88 19.45 -26.97
N GLN B 271 -75.25 19.88 -28.05
CA GLN B 271 -73.82 19.63 -28.25
C GLN B 271 -72.96 20.73 -27.65
N GLU B 272 -73.38 21.99 -27.80
CA GLU B 272 -72.61 23.09 -27.23
C GLU B 272 -72.59 23.03 -25.71
N ASP B 273 -73.71 22.67 -25.09
CA ASP B 273 -73.74 22.56 -23.63
C ASP B 273 -72.79 21.48 -23.15
N ARG B 274 -72.75 20.33 -23.84
CA ARG B 274 -71.88 19.27 -23.41
C ARG B 274 -70.41 19.60 -23.64
N THR B 275 -70.11 20.35 -24.70
CA THR B 275 -68.74 20.77 -24.94
C THR B 275 -68.26 21.75 -23.88
N VAL B 276 -69.09 22.74 -23.54
CA VAL B 276 -68.73 23.69 -22.48
C VAL B 276 -68.67 22.98 -21.14
N SER B 277 -69.66 22.13 -20.85
CA SER B 277 -69.67 21.44 -19.57
C SER B 277 -68.50 20.49 -19.41
N MET B 278 -67.96 19.98 -20.52
CA MET B 278 -66.82 19.06 -20.44
C MET B 278 -65.54 19.81 -20.10
N GLU B 279 -65.34 20.99 -20.69
CA GLU B 279 -64.14 21.76 -20.40
C GLU B 279 -64.19 22.40 -19.03
N VAL B 280 -65.37 22.89 -18.62
CA VAL B 280 -65.50 23.52 -17.31
C VAL B 280 -65.22 22.50 -16.21
N ALA B 281 -65.78 21.29 -16.34
CA ALA B 281 -65.53 20.26 -15.34
C ALA B 281 -64.05 19.87 -15.30
N THR B 282 -63.45 19.70 -16.48
CA THR B 282 -62.04 19.31 -16.52
C THR B 282 -61.15 20.41 -15.97
N ALA B 283 -61.41 21.66 -16.34
CA ALA B 283 -60.55 22.76 -15.92
C ALA B 283 -60.68 23.05 -14.43
N SER B 284 -61.91 22.99 -13.90
CA SER B 284 -62.11 23.29 -12.49
C SER B 284 -61.41 22.25 -11.61
N GLY B 285 -61.44 20.98 -12.02
CA GLY B 285 -60.79 19.95 -11.24
C GLY B 285 -59.28 20.06 -11.24
N VAL B 286 -58.69 20.42 -12.38
CA VAL B 286 -57.23 20.55 -12.41
C VAL B 286 -56.79 21.86 -11.74
N LEU B 287 -57.62 22.89 -11.77
CA LEU B 287 -57.30 24.12 -11.05
C LEU B 287 -57.23 23.87 -9.55
N ALA B 288 -58.18 23.09 -9.01
CA ALA B 288 -58.17 22.80 -7.59
C ALA B 288 -57.01 21.90 -7.18
N SER B 289 -56.37 21.21 -8.14
CA SER B 289 -55.30 20.28 -7.83
C SER B 289 -53.91 20.90 -7.93
N GLY B 290 -53.79 22.12 -8.47
CA GLY B 290 -52.49 22.77 -8.52
C GLY B 290 -52.01 23.22 -9.89
N THR B 291 -52.93 23.49 -10.81
CA THR B 291 -52.60 24.03 -12.12
C THR B 291 -52.70 25.55 -12.08
N ASP B 292 -51.66 26.22 -12.56
CA ASP B 292 -51.59 27.66 -12.54
C ASP B 292 -52.09 28.32 -13.82
N ALA B 293 -52.38 27.55 -14.86
CA ALA B 293 -52.88 28.11 -16.11
C ALA B 293 -53.50 26.99 -16.93
N VAL B 294 -54.67 27.27 -17.51
CA VAL B 294 -55.38 26.30 -18.32
C VAL B 294 -55.63 26.92 -19.69
N ILE B 295 -55.83 26.06 -20.68
CA ILE B 295 -56.12 26.47 -22.05
C ILE B 295 -57.51 25.95 -22.40
N LEU B 296 -58.39 26.86 -22.83
CA LEU B 296 -59.76 26.52 -23.16
C LEU B 296 -60.07 26.92 -24.59
N ARG B 297 -61.06 26.27 -25.18
CA ARG B 297 -61.43 26.49 -26.58
C ARG B 297 -62.71 27.29 -26.72
N HIS B 298 -63.80 26.85 -26.11
CA HIS B 298 -65.07 27.53 -26.25
C HIS B 298 -65.05 28.83 -25.46
N PRO B 299 -65.51 29.95 -26.04
CA PRO B 299 -65.52 31.20 -25.28
C PRO B 299 -66.35 31.14 -24.01
N LYS B 300 -67.43 30.37 -24.00
CA LYS B 300 -68.28 30.29 -22.82
C LYS B 300 -67.56 29.61 -21.66
N SER B 301 -66.69 28.66 -21.95
CA SER B 301 -65.93 28.00 -20.88
C SER B 301 -65.02 28.99 -20.16
N VAL B 302 -64.45 29.94 -20.90
CA VAL B 302 -63.55 30.92 -20.30
C VAL B 302 -64.31 31.79 -19.30
N GLU B 303 -65.51 32.23 -19.67
CA GLU B 303 -66.27 33.09 -18.77
C GLU B 303 -66.62 32.36 -17.48
N VAL B 304 -67.01 31.08 -17.58
CA VAL B 304 -67.37 30.33 -16.38
C VAL B 304 -66.15 30.10 -15.50
N ILE B 305 -65.02 29.73 -16.11
CA ILE B 305 -63.82 29.45 -15.32
C ILE B 305 -63.31 30.73 -14.67
N ARG B 306 -63.34 31.84 -15.39
CA ARG B 306 -62.90 33.11 -14.82
C ARG B 306 -63.78 33.51 -13.64
N ASN B 307 -65.10 33.31 -13.78
CA ASN B 307 -66.00 33.51 -12.64
C ASN B 307 -65.70 32.51 -11.53
N PHE B 308 -65.39 31.27 -11.91
CA PHE B 308 -65.06 30.25 -10.92
C PHE B 308 -63.80 30.62 -10.14
N ILE B 309 -62.78 31.12 -10.83
CA ILE B 309 -61.57 31.56 -10.15
C ILE B 309 -61.85 32.78 -9.28
N LYS B 310 -62.64 33.73 -9.80
CA LYS B 310 -62.89 34.96 -9.07
C LYS B 310 -63.69 34.71 -7.80
N GLU B 311 -64.66 33.80 -7.86
CA GLU B 311 -65.49 33.54 -6.68
C GLU B 311 -64.67 32.94 -5.54
N LEU B 312 -63.75 32.03 -5.85
CA LEU B 312 -63.00 31.36 -4.79
C LEU B 312 -61.93 32.24 -4.18
N LEU B 313 -61.36 33.15 -4.95
CA LEU B 313 -60.28 33.99 -4.46
C LEU B 313 -60.77 35.31 -3.88
N GLY B 314 -61.93 35.79 -4.32
CA GLY B 314 -62.48 37.03 -3.81
C GLY B 314 -63.84 36.86 -3.18
N GLY C 5 -52.72 -3.19 13.26
CA GLY C 5 -52.73 -4.65 12.93
C GLY C 5 -52.25 -5.51 14.08
N LEU C 6 -50.94 -5.69 14.19
CA LEU C 6 -50.37 -6.41 15.33
C LEU C 6 -50.56 -5.65 16.64
N ASN C 7 -50.92 -4.37 16.58
CA ASN C 7 -51.12 -3.60 17.81
C ASN C 7 -52.29 -4.17 18.61
N ILE C 8 -53.38 -4.50 17.94
CA ILE C 8 -54.54 -5.03 18.64
C ILE C 8 -54.44 -6.53 18.86
N PHE C 9 -53.54 -7.22 18.16
CA PHE C 9 -53.35 -8.64 18.40
C PHE C 9 -52.84 -8.89 19.80
N LYS C 10 -52.13 -7.93 20.38
CA LYS C 10 -51.71 -8.06 21.77
C LYS C 10 -52.92 -8.15 22.69
N LEU C 11 -53.94 -7.34 22.43
CA LEU C 11 -55.16 -7.39 23.23
C LEU C 11 -56.02 -8.59 22.91
N THR C 12 -55.83 -9.21 21.74
CA THR C 12 -56.65 -10.35 21.37
C THR C 12 -56.35 -11.54 22.28
N PRO C 13 -57.36 -12.31 22.68
CA PRO C 13 -57.09 -13.49 23.52
C PRO C 13 -56.23 -14.54 22.86
N LYS C 14 -56.11 -14.54 21.53
CA LYS C 14 -55.29 -15.49 20.79
C LYS C 14 -55.75 -16.93 21.06
N LYS C 15 -57.00 -17.20 20.68
CA LYS C 15 -57.59 -18.52 20.85
C LYS C 15 -57.87 -19.22 19.53
N ASN C 16 -57.90 -18.50 18.41
CA ASN C 16 -58.16 -19.08 17.10
C ASN C 16 -59.44 -19.93 17.12
N CYS C 17 -60.48 -19.40 17.77
CA CYS C 17 -61.73 -20.11 17.94
C CYS C 17 -62.73 -19.84 16.83
N LYS C 18 -62.42 -18.94 15.89
CA LYS C 18 -63.27 -18.67 14.74
C LYS C 18 -64.65 -18.12 15.13
N ASP C 19 -64.75 -17.50 16.32
CA ASP C 19 -66.04 -16.96 16.75
C ASP C 19 -66.38 -15.68 15.97
N CYS C 20 -65.37 -14.89 15.55
CA CYS C 20 -65.57 -13.64 14.79
C CYS C 20 -65.88 -13.92 13.34
N GLY C 21 -65.86 -15.18 12.93
CA GLY C 21 -66.08 -15.47 11.54
C GLY C 21 -64.82 -15.54 10.72
N PHE C 22 -63.66 -15.20 11.28
CA PHE C 22 -62.40 -15.33 10.59
C PHE C 22 -61.58 -16.48 11.19
N PRO C 23 -60.75 -17.15 10.37
CA PRO C 23 -60.06 -18.35 10.87
C PRO C 23 -59.19 -18.10 12.09
N THR C 24 -58.24 -17.16 12.01
CA THR C 24 -57.28 -16.93 13.08
C THR C 24 -57.51 -15.56 13.70
N CYS C 25 -57.01 -15.41 14.93
CA CYS C 25 -57.04 -14.11 15.59
C CYS C 25 -56.23 -13.09 14.80
N LEU C 26 -55.12 -13.53 14.20
CA LEU C 26 -54.34 -12.62 13.36
C LEU C 26 -55.15 -12.17 12.15
N ALA C 27 -55.89 -13.09 11.52
CA ALA C 27 -56.75 -12.69 10.41
C ALA C 27 -57.79 -11.67 10.87
N PHE C 28 -58.37 -11.88 12.04
CA PHE C 28 -59.24 -10.87 12.64
C PHE C 28 -58.47 -9.63 13.06
N SER C 29 -57.17 -9.76 13.33
CA SER C 29 -56.40 -8.63 13.82
C SER C 29 -56.12 -7.60 12.73
N MET C 30 -55.68 -8.06 11.56
CA MET C 30 -55.29 -7.14 10.51
C MET C 30 -56.49 -6.51 9.83
N LYS C 31 -57.60 -7.25 9.73
CA LYS C 31 -58.76 -6.73 9.01
C LYS C 31 -59.44 -5.61 9.79
N VAL C 32 -59.54 -5.74 11.11
CA VAL C 32 -60.20 -4.69 11.89
C VAL C 32 -59.38 -3.40 11.85
N ALA C 33 -58.06 -3.52 11.73
CA ALA C 33 -57.25 -2.32 11.55
C ALA C 33 -57.63 -1.60 10.25
N ALA C 34 -57.91 -2.36 9.20
CA ALA C 34 -58.45 -1.76 7.98
C ALA C 34 -59.84 -1.18 8.24
N GLY C 35 -60.65 -1.86 9.04
CA GLY C 35 -61.96 -1.38 9.43
C GLY C 35 -63.13 -2.15 8.84
N ALA C 36 -62.87 -3.20 8.06
CA ALA C 36 -63.96 -3.94 7.42
C ALA C 36 -64.85 -4.61 8.46
N VAL C 37 -64.29 -5.53 9.23
CA VAL C 37 -65.11 -6.33 10.15
C VAL C 37 -65.45 -5.55 11.41
N GLU C 38 -64.57 -4.65 11.85
CA GLU C 38 -64.74 -3.91 13.11
C GLU C 38 -64.61 -4.87 14.29
N ILE C 39 -64.96 -4.41 15.50
CA ILE C 39 -64.55 -5.09 16.71
C ILE C 39 -65.65 -5.99 17.29
N GLY C 40 -66.90 -5.80 16.90
CA GLY C 40 -68.00 -6.49 17.58
C GLY C 40 -67.99 -7.99 17.41
N LYS C 41 -67.39 -8.49 16.33
CA LYS C 41 -67.52 -9.90 16.01
C LYS C 41 -66.89 -10.80 17.06
N CYS C 42 -65.98 -10.29 17.88
CA CYS C 42 -65.28 -11.12 18.85
C CYS C 42 -65.95 -11.01 20.21
N PRO C 43 -66.61 -12.07 20.71
CA PRO C 43 -67.25 -11.97 22.03
C PRO C 43 -66.29 -12.27 23.17
N HIS C 44 -65.20 -12.99 22.88
CA HIS C 44 -64.28 -13.44 23.91
C HIS C 44 -63.31 -12.35 24.36
N MET C 45 -63.42 -11.14 23.84
CA MET C 45 -62.55 -10.06 24.27
C MET C 45 -62.77 -9.75 25.75
N SER C 46 -61.66 -9.59 26.47
CA SER C 46 -61.75 -9.13 27.86
C SER C 46 -62.22 -7.69 27.90
N ASP C 47 -63.09 -7.38 28.85
CA ASP C 47 -63.63 -6.03 28.93
C ASP C 47 -62.54 -5.01 29.21
N GLU C 48 -61.45 -5.42 29.87
CA GLU C 48 -60.34 -4.51 30.09
C GLU C 48 -59.74 -4.05 28.77
N ALA C 49 -59.56 -4.96 27.83
CA ALA C 49 -59.07 -4.62 26.50
C ALA C 49 -60.16 -4.18 25.55
N MET C 50 -61.40 -4.61 25.78
CA MET C 50 -62.50 -4.24 24.90
C MET C 50 -62.75 -2.75 24.93
N GLU C 51 -62.70 -2.15 26.13
CA GLU C 51 -62.93 -0.71 26.24
C GLU C 51 -61.84 0.08 25.52
N LYS C 52 -60.58 -0.31 25.72
CA LYS C 52 -59.49 0.39 25.07
C LYS C 52 -59.51 0.16 23.56
N LEU C 53 -59.83 -1.06 23.13
CA LEU C 53 -59.85 -1.35 21.71
C LEU C 53 -60.97 -0.60 21.00
N ALA C 54 -62.12 -0.44 21.66
CA ALA C 54 -63.26 0.23 21.03
C ALA C 54 -62.94 1.67 20.69
N GLU C 55 -62.13 2.34 21.50
CA GLU C 55 -61.80 3.75 21.26
C GLU C 55 -60.64 3.92 20.30
N ALA C 56 -59.60 3.09 20.41
CA ALA C 56 -58.44 3.22 19.54
C ALA C 56 -58.80 2.91 18.09
N THR C 57 -59.56 1.82 17.87
CA THR C 57 -59.90 1.39 16.52
C THR C 57 -61.09 2.14 15.94
N ALA C 58 -61.75 2.99 16.72
CA ALA C 58 -62.90 3.72 16.20
C ALA C 58 -62.47 4.62 15.05
N PRO C 59 -63.15 4.57 13.90
CA PRO C 59 -62.75 5.42 12.78
C PRO C 59 -62.91 6.90 13.10
N ILE C 60 -62.02 7.71 12.54
CA ILE C 60 -62.07 9.16 12.80
C ILE C 60 -63.26 9.81 12.14
N MET C 61 -63.83 9.19 11.10
CA MET C 61 -64.98 9.74 10.39
C MET C 61 -66.03 8.66 10.25
N LYS C 62 -67.23 8.93 10.75
CA LYS C 62 -68.29 7.93 10.71
C LYS C 62 -68.85 7.78 9.29
N THR C 63 -69.39 6.59 9.03
CA THR C 63 -70.06 6.30 7.77
C THR C 63 -71.57 6.32 8.01
N ILE C 64 -72.28 7.10 7.20
CA ILE C 64 -73.72 7.30 7.34
C ILE C 64 -74.42 6.58 6.19
N THR C 65 -75.38 5.74 6.52
CA THR C 65 -76.17 5.00 5.54
C THR C 65 -77.53 5.66 5.40
N ILE C 66 -77.87 6.10 4.19
CA ILE C 66 -79.14 6.75 3.91
C ILE C 66 -79.83 5.98 2.78
N GLY C 67 -81.08 5.61 2.98
CA GLY C 67 -81.87 4.95 1.97
C GLY C 67 -82.02 3.47 2.26
N LYS C 68 -82.89 2.84 1.47
CA LYS C 68 -83.18 1.42 1.61
C LYS C 68 -82.31 0.60 0.65
N GLY C 69 -82.63 -0.68 0.50
CA GLY C 69 -81.80 -1.64 -0.21
C GLY C 69 -81.20 -1.16 -1.52
N ASP C 70 -82.04 -0.92 -2.52
CA ASP C 70 -81.50 -0.50 -3.81
C ASP C 70 -80.90 0.89 -3.73
N ASN C 71 -81.58 1.81 -3.05
CA ASN C 71 -81.06 3.16 -2.85
C ASN C 71 -80.23 3.26 -1.58
N GLU C 72 -79.25 2.37 -1.46
CA GLU C 72 -78.37 2.29 -0.31
C GLU C 72 -77.10 3.04 -0.63
N TYR C 73 -76.88 4.18 0.04
CA TYR C 73 -75.69 4.99 -0.20
C TYR C 73 -75.02 5.30 1.12
N LYS C 74 -73.71 5.05 1.19
CA LYS C 74 -72.92 5.30 2.37
C LYS C 74 -72.11 6.58 2.17
N LEU C 75 -72.17 7.48 3.14
CA LEU C 75 -71.48 8.76 3.09
C LEU C 75 -70.45 8.81 4.21
N GLY C 76 -69.26 9.30 3.89
CA GLY C 76 -68.20 9.43 4.88
C GLY C 76 -67.26 8.25 4.89
N GLY C 77 -66.62 8.07 6.04
CA GLY C 77 -65.64 7.01 6.19
C GLY C 77 -64.26 7.31 5.65
N GLU C 78 -64.01 8.56 5.26
CA GLU C 78 -62.72 8.93 4.69
C GLU C 78 -61.63 8.94 5.75
N THR C 79 -60.42 8.55 5.34
CA THR C 79 -59.28 8.52 6.24
C THR C 79 -58.10 9.37 5.76
N VAL C 80 -58.10 9.81 4.49
CA VAL C 80 -57.02 10.62 3.95
C VAL C 80 -57.61 11.83 3.26
N LEU C 81 -56.78 12.85 3.08
CA LEU C 81 -57.19 14.06 2.38
C LEU C 81 -56.91 14.02 0.89
N PHE C 82 -56.02 13.14 0.43
CA PHE C 82 -55.67 13.01 -0.97
C PHE C 82 -55.75 11.54 -1.36
N ARG C 83 -56.19 11.27 -2.59
CA ARG C 83 -56.43 9.89 -3.01
C ARG C 83 -55.14 9.11 -3.18
N HIS C 84 -54.01 9.78 -3.42
CA HIS C 84 -52.75 9.06 -3.61
C HIS C 84 -52.23 8.51 -2.28
N GLU C 85 -52.51 9.20 -1.18
CA GLU C 85 -52.12 8.67 0.13
C GLU C 85 -52.83 7.36 0.43
N LYS C 86 -54.11 7.29 0.12
CA LYS C 86 -54.87 6.05 0.23
C LYS C 86 -56.19 6.28 -0.51
N THR C 87 -56.90 5.18 -0.76
CA THR C 87 -58.12 5.27 -1.54
C THR C 87 -59.16 6.16 -0.85
N PHE C 88 -59.92 6.88 -1.67
CA PHE C 88 -61.15 7.51 -1.20
C PHE C 88 -62.25 6.46 -1.13
N VAL C 89 -62.88 6.34 0.03
CA VAL C 89 -63.73 5.18 0.31
C VAL C 89 -65.08 5.32 -0.36
N ASN C 90 -65.85 6.34 0.03
CA ASN C 90 -67.23 6.49 -0.41
C ASN C 90 -67.36 7.70 -1.32
N ARG C 91 -67.98 7.48 -2.48
CA ARG C 91 -68.17 8.56 -3.44
C ARG C 91 -69.30 9.50 -3.03
N ASN C 92 -69.18 10.75 -3.46
CA ASN C 92 -70.21 11.73 -3.16
C ASN C 92 -71.46 11.47 -4.00
N ARG C 93 -72.58 11.97 -3.52
CA ARG C 93 -73.87 11.77 -4.15
C ARG C 93 -74.46 13.10 -4.59
N PHE C 94 -75.27 13.06 -5.63
CA PHE C 94 -75.89 14.24 -6.20
C PHE C 94 -77.39 14.22 -5.96
N ALA C 95 -77.95 15.37 -5.62
CA ALA C 95 -79.37 15.51 -5.34
C ALA C 95 -79.95 16.61 -6.20
N VAL C 96 -81.25 16.51 -6.47
CA VAL C 96 -81.99 17.52 -7.20
C VAL C 96 -82.94 18.19 -6.21
N ALA C 97 -82.83 19.51 -6.09
CA ALA C 97 -83.62 20.25 -5.10
C ALA C 97 -85.06 20.38 -5.57
N PHE C 98 -85.99 20.10 -4.66
CA PHE C 98 -87.41 20.29 -4.87
C PHE C 98 -87.94 21.22 -3.79
N SER C 99 -88.68 22.25 -4.20
CA SER C 99 -89.27 23.20 -3.28
C SER C 99 -90.78 23.20 -3.47
N ASP C 100 -91.52 23.33 -2.37
CA ASP C 100 -92.98 23.35 -2.46
C ASP C 100 -93.49 24.59 -3.17
N SER C 101 -92.67 25.62 -3.29
CA SER C 101 -93.03 26.82 -4.06
C SER C 101 -92.57 26.70 -5.50
N MET C 102 -92.95 25.60 -6.15
CA MET C 102 -92.60 25.35 -7.54
C MET C 102 -93.86 24.98 -8.32
N ASP C 103 -93.90 25.39 -9.58
CA ASP C 103 -95.04 25.10 -10.43
C ASP C 103 -95.13 23.62 -10.74
N ASP C 104 -96.36 23.17 -11.01
CA ASP C 104 -96.55 21.75 -11.33
C ASP C 104 -95.79 21.36 -12.60
N ALA C 105 -95.80 22.23 -13.60
CA ALA C 105 -95.03 21.95 -14.81
C ALA C 105 -93.54 21.88 -14.52
N GLU C 106 -93.05 22.78 -13.66
CA GLU C 106 -91.62 22.76 -13.32
C GLU C 106 -91.24 21.49 -12.60
N VAL C 107 -92.08 21.04 -11.66
CA VAL C 107 -91.78 19.81 -10.92
C VAL C 107 -91.83 18.61 -11.86
N ASP C 108 -92.76 18.62 -12.83
CA ASP C 108 -92.82 17.52 -13.78
C ASP C 108 -91.55 17.45 -14.61
N ALA C 109 -91.01 18.60 -15.02
CA ALA C 109 -89.76 18.62 -15.76
C ALA C 109 -88.62 18.04 -14.93
N LYS C 110 -88.56 18.40 -13.64
CA LYS C 110 -87.51 17.86 -12.78
C LYS C 110 -87.63 16.35 -12.64
N ILE C 111 -88.85 15.85 -12.45
CA ILE C 111 -89.06 14.42 -12.27
C ILE C 111 -88.65 13.66 -13.53
N GLN C 112 -89.04 14.18 -14.70
CA GLN C 112 -88.67 13.51 -15.94
C GLN C 112 -87.16 13.51 -16.12
N HIS C 113 -86.49 14.61 -15.78
CA HIS C 113 -85.04 14.68 -15.93
C HIS C 113 -84.34 13.64 -15.05
N ILE C 114 -84.82 13.48 -13.81
CA ILE C 114 -84.24 12.45 -12.94
C ILE C 114 -84.43 11.08 -13.56
N LYS C 115 -85.62 10.82 -14.11
CA LYS C 115 -85.89 9.52 -14.74
C LYS C 115 -85.19 9.40 -16.08
N ASP C 116 -85.06 10.50 -16.81
CA ASP C 116 -84.45 10.46 -18.14
C ASP C 116 -82.95 10.17 -18.05
N VAL C 117 -82.24 10.85 -17.16
CA VAL C 117 -80.79 10.72 -17.04
C VAL C 117 -80.52 9.41 -16.27
N ASP C 118 -80.21 8.35 -17.00
CA ASP C 118 -79.92 7.05 -16.39
C ASP C 118 -79.16 6.21 -17.39
N TYR C 119 -77.91 5.88 -17.07
CA TYR C 119 -77.06 5.12 -17.97
C TYR C 119 -76.02 4.36 -17.16
N VAL C 120 -75.35 3.42 -17.82
CA VAL C 120 -74.33 2.58 -17.20
C VAL C 120 -73.01 2.85 -17.90
N ARG C 121 -71.98 3.16 -17.12
CA ARG C 121 -70.64 3.41 -17.65
C ARG C 121 -69.66 2.54 -16.89
N ILE C 122 -68.98 1.65 -17.61
CA ILE C 122 -68.01 0.72 -17.03
C ILE C 122 -68.67 -0.04 -15.88
N GLY C 123 -69.93 -0.42 -16.07
CA GLY C 123 -70.62 -1.29 -15.14
C GLY C 123 -71.24 -0.62 -13.94
N GLU C 124 -71.15 0.71 -13.82
CA GLU C 124 -71.72 1.43 -12.69
C GLU C 124 -72.94 2.20 -13.13
N GLN C 125 -74.03 2.08 -12.36
CA GLN C 125 -75.29 2.74 -12.67
C GLN C 125 -75.17 4.21 -12.30
N MET C 126 -75.15 5.09 -13.29
CA MET C 126 -75.02 6.53 -13.09
C MET C 126 -76.40 7.14 -13.14
N LYS C 127 -76.89 7.60 -12.00
CA LYS C 127 -78.20 8.25 -11.94
C LYS C 127 -78.26 9.14 -10.72
N THR C 128 -79.23 10.05 -10.71
CA THR C 128 -79.47 10.88 -9.54
C THR C 128 -79.87 10.00 -8.37
N GLU C 129 -79.22 10.22 -7.23
CA GLU C 129 -79.42 9.34 -6.08
C GLU C 129 -80.46 9.88 -5.09
N PHE C 130 -80.49 11.19 -4.86
CA PHE C 130 -81.35 11.79 -3.86
C PHE C 130 -82.32 12.76 -4.51
N ALA C 131 -83.30 13.19 -3.72
CA ALA C 131 -84.28 14.19 -4.13
C ALA C 131 -84.55 15.07 -2.92
N ALA C 132 -83.84 16.19 -2.82
CA ALA C 132 -83.95 17.06 -1.65
C ALA C 132 -85.27 17.83 -1.71
N ILE C 133 -86.18 17.51 -0.80
CA ILE C 133 -87.48 18.18 -0.71
C ILE C 133 -87.33 19.32 0.29
N LYS C 134 -87.64 20.54 -0.14
CA LYS C 134 -87.44 21.73 0.67
C LYS C 134 -88.78 22.34 1.05
N TYR C 135 -88.84 22.89 2.26
CA TYR C 135 -90.03 23.56 2.77
C TYR C 135 -89.88 25.06 2.56
N ALA C 136 -90.81 25.65 1.82
CA ALA C 136 -90.75 27.06 1.45
C ALA C 136 -91.74 27.93 2.21
N GLY C 137 -92.67 27.34 2.95
CA GLY C 137 -93.61 28.13 3.74
C GLY C 137 -95.03 27.59 3.73
N ASN C 138 -95.44 26.93 2.65
CA ASN C 138 -96.79 26.40 2.52
C ASN C 138 -96.75 24.91 2.86
N LYS C 139 -97.27 24.56 4.03
CA LYS C 139 -97.26 23.15 4.45
C LYS C 139 -98.16 22.31 3.57
N ASP C 140 -99.30 22.85 3.15
CA ASP C 140 -100.28 22.05 2.41
C ASP C 140 -99.68 21.51 1.12
N LYS C 141 -98.96 22.35 0.38
CA LYS C 141 -98.32 21.88 -0.85
C LYS C 141 -97.05 21.09 -0.58
N TYR C 142 -96.51 21.16 0.64
CA TYR C 142 -95.29 20.41 0.94
C TYR C 142 -95.57 18.92 1.01
N LEU C 143 -96.65 18.53 1.69
CA LEU C 143 -97.00 17.11 1.76
C LEU C 143 -97.43 16.57 0.40
N ALA C 144 -98.11 17.40 -0.40
CA ALA C 144 -98.48 16.96 -1.75
C ALA C 144 -97.25 16.73 -2.61
N LEU C 145 -96.24 17.60 -2.49
CA LEU C 145 -95.02 17.43 -3.27
C LEU C 145 -94.31 16.14 -2.91
N ILE C 146 -94.25 15.80 -1.62
CA ILE C 146 -93.62 14.55 -1.21
C ILE C 146 -94.37 13.37 -1.79
N ASN C 147 -95.70 13.40 -1.74
CA ASN C 147 -96.48 12.25 -2.22
C ASN C 147 -96.37 12.11 -3.73
N LYS C 148 -96.31 13.22 -4.47
CA LYS C 148 -96.21 13.12 -5.92
C LYS C 148 -94.93 12.41 -6.35
N ILE C 149 -93.81 12.75 -5.72
CA ILE C 149 -92.53 12.16 -6.10
C ILE C 149 -92.52 10.67 -5.79
N LYS C 150 -93.16 10.27 -4.70
CA LYS C 150 -93.28 8.83 -4.40
C LYS C 150 -94.07 8.13 -5.49
N ALA C 151 -95.18 8.72 -5.93
CA ALA C 151 -96.00 8.13 -6.98
C ALA C 151 -95.36 8.27 -8.35
N SER C 152 -94.35 9.12 -8.50
CA SER C 152 -93.69 9.29 -9.80
C SER C 152 -92.96 8.03 -10.22
N GLY C 153 -92.42 7.27 -9.26
CA GLY C 153 -91.65 6.09 -9.57
C GLY C 153 -90.15 6.34 -9.71
N VAL C 154 -89.68 7.55 -9.42
CA VAL C 154 -88.25 7.82 -9.47
C VAL C 154 -87.55 7.06 -8.36
N LYS C 155 -86.55 6.27 -8.73
CA LYS C 155 -85.81 5.44 -7.78
C LYS C 155 -84.70 6.27 -7.17
N VAL C 156 -85.07 7.09 -6.20
CA VAL C 156 -84.14 7.99 -5.54
C VAL C 156 -84.36 7.92 -4.03
N ALA C 157 -83.33 8.32 -3.29
CA ALA C 157 -83.45 8.49 -1.85
C ALA C 157 -84.06 9.85 -1.53
N TYR C 158 -84.49 10.02 -0.29
CA TYR C 158 -85.20 11.22 0.13
C TYR C 158 -84.40 11.97 1.19
N ALA C 159 -84.38 13.29 1.07
CA ALA C 159 -83.71 14.16 2.03
C ALA C 159 -84.61 15.36 2.27
N LEU C 160 -85.36 15.33 3.37
CA LEU C 160 -86.30 16.41 3.68
C LEU C 160 -85.54 17.58 4.30
N VAL C 161 -85.63 18.74 3.67
CA VAL C 161 -84.99 19.96 4.16
C VAL C 161 -86.09 20.83 4.74
N CYS C 162 -86.21 20.82 6.07
CA CYS C 162 -87.26 21.57 6.75
C CYS C 162 -86.78 21.91 8.16
N GLU C 163 -86.71 23.21 8.46
CA GLU C 163 -86.28 23.67 9.77
C GLU C 163 -87.41 23.72 10.78
N ASP C 164 -88.66 23.53 10.36
CA ASP C 164 -89.81 23.62 11.24
C ASP C 164 -90.10 22.24 11.82
N VAL C 165 -90.04 22.14 13.15
CA VAL C 165 -90.28 20.84 13.79
C VAL C 165 -91.73 20.42 13.61
N ALA C 166 -92.66 21.37 13.66
CA ALA C 166 -94.07 21.02 13.48
C ALA C 166 -94.33 20.46 12.09
N VAL C 167 -93.77 21.09 11.06
CA VAL C 167 -93.96 20.59 9.70
C VAL C 167 -93.23 19.27 9.51
N MET C 168 -92.02 19.15 10.08
CA MET C 168 -91.25 17.92 9.95
C MET C 168 -91.96 16.75 10.61
N LYS C 169 -92.65 17.01 11.71
CA LYS C 169 -93.33 15.93 12.43
C LYS C 169 -94.38 15.26 11.56
N GLU C 170 -95.00 16.00 10.65
CA GLU C 170 -95.98 15.45 9.74
C GLU C 170 -95.38 14.98 8.43
N ALA C 171 -94.29 15.60 8.00
CA ALA C 171 -93.67 15.20 6.74
C ALA C 171 -92.86 13.91 6.86
N LEU C 172 -92.26 13.67 8.03
CA LEU C 172 -91.39 12.50 8.17
C LEU C 172 -92.13 11.18 7.96
N PRO C 173 -93.30 10.96 8.55
CA PRO C 173 -93.93 9.62 8.43
C PRO C 173 -94.21 9.20 7.01
N LEU C 174 -94.29 10.13 6.05
CA LEU C 174 -94.58 9.73 4.67
C LEU C 174 -93.44 8.92 4.08
N VAL C 175 -92.19 9.35 4.29
CA VAL C 175 -91.02 8.65 3.77
C VAL C 175 -90.13 8.22 4.94
N LYS C 176 -90.73 8.01 6.10
CA LYS C 176 -89.97 7.55 7.25
C LYS C 176 -89.41 6.16 7.01
N ASP C 177 -90.16 5.31 6.32
CA ASP C 177 -89.73 3.94 6.05
C ASP C 177 -88.68 3.86 4.95
N GLU C 178 -88.33 4.97 4.31
CA GLU C 178 -87.32 4.99 3.28
C GLU C 178 -85.93 5.33 3.81
N ASN C 179 -85.78 5.39 5.13
CA ASN C 179 -84.53 5.80 5.76
C ASN C 179 -84.07 7.14 5.17
N PRO C 180 -84.84 8.20 5.35
CA PRO C 180 -84.53 9.47 4.70
C PRO C 180 -83.45 10.23 5.47
N LEU C 181 -83.14 11.43 4.97
CA LEU C 181 -82.24 12.37 5.63
C LEU C 181 -83.08 13.48 6.22
N VAL C 182 -83.04 13.63 7.53
CA VAL C 182 -83.79 14.65 8.24
C VAL C 182 -82.84 15.83 8.44
N TYR C 183 -83.00 16.87 7.63
CA TYR C 183 -82.18 18.06 7.70
C TYR C 183 -82.99 19.19 8.32
N GLY C 184 -82.35 19.94 9.21
CA GLY C 184 -83.02 21.07 9.82
C GLY C 184 -82.69 21.34 11.28
N ALA C 185 -81.84 20.51 11.89
CA ALA C 185 -81.44 20.75 13.26
C ALA C 185 -80.58 22.00 13.34
N ASN C 186 -80.98 22.95 14.19
CA ASN C 186 -80.24 24.20 14.34
C ASN C 186 -80.15 24.52 15.83
N LYS C 187 -79.75 25.76 16.13
CA LYS C 187 -79.41 26.11 17.50
C LYS C 187 -80.60 25.94 18.44
N ASP C 188 -81.80 26.26 17.99
CA ASP C 188 -82.97 26.32 18.88
C ASP C 188 -84.03 25.28 18.54
N ASN C 189 -83.67 24.20 17.83
CA ASN C 189 -84.62 23.12 17.63
C ASN C 189 -83.96 21.74 17.68
N PHE C 190 -82.66 21.65 18.02
CA PHE C 190 -81.97 20.37 17.96
C PHE C 190 -82.51 19.39 19.01
N LYS C 191 -82.89 19.89 20.18
CA LYS C 191 -83.36 18.99 21.23
C LYS C 191 -84.65 18.29 20.81
N GLU C 192 -85.54 19.00 20.13
CA GLU C 192 -86.76 18.40 19.60
C GLU C 192 -86.56 17.67 18.28
N MET C 193 -85.42 17.86 17.62
CA MET C 193 -85.12 17.15 16.39
C MET C 193 -84.44 15.81 16.66
N VAL C 194 -83.57 15.75 17.68
CA VAL C 194 -82.90 14.49 17.99
C VAL C 194 -83.92 13.45 18.43
N GLU C 195 -84.86 13.84 19.31
CA GLU C 195 -85.88 12.90 19.76
C GLU C 195 -86.77 12.44 18.63
N LEU C 196 -86.89 13.23 17.56
CA LEU C 196 -87.71 12.83 16.43
C LEU C 196 -87.02 11.77 15.57
N VAL C 197 -85.69 11.77 15.54
CA VAL C 197 -84.93 10.82 14.73
C VAL C 197 -84.25 9.74 15.55
N LYS C 198 -84.22 9.86 16.87
CA LYS C 198 -83.52 8.89 17.69
C LYS C 198 -84.16 7.51 17.59
N GLY C 199 -85.49 7.46 17.51
CA GLY C 199 -86.17 6.17 17.53
C GLY C 199 -85.82 5.31 16.34
N ASP C 200 -85.83 5.89 15.14
CA ASP C 200 -85.60 5.14 13.91
C ASP C 200 -84.17 5.21 13.40
N LYS C 201 -83.28 5.92 14.10
CA LYS C 201 -81.88 6.01 13.71
C LYS C 201 -81.76 6.56 12.29
N LEU C 202 -82.27 7.77 12.10
CA LEU C 202 -82.21 8.47 10.83
C LEU C 202 -81.15 9.55 10.88
N ALA C 203 -80.48 9.76 9.76
CA ALA C 203 -79.42 10.77 9.70
C ALA C 203 -80.01 12.15 9.96
N LEU C 204 -79.31 12.95 10.76
CA LEU C 204 -79.76 14.28 11.15
C LEU C 204 -78.80 15.32 10.59
N GLY C 205 -79.36 16.36 9.95
CA GLY C 205 -78.56 17.43 9.40
C GLY C 205 -78.44 18.57 10.39
N VAL C 206 -77.21 19.05 10.57
CA VAL C 206 -76.88 20.07 11.56
C VAL C 206 -76.55 21.37 10.82
N LYS C 207 -77.15 22.47 11.27
CA LYS C 207 -77.01 23.76 10.62
C LYS C 207 -76.65 24.82 11.66
N ALA C 208 -75.68 25.66 11.33
CA ALA C 208 -75.27 26.75 12.21
C ALA C 208 -74.54 27.80 11.40
N ASP C 209 -74.36 28.98 11.99
CA ASP C 209 -73.67 30.10 11.36
C ASP C 209 -72.20 30.05 11.76
N GLY C 210 -71.36 29.58 10.84
CA GLY C 210 -69.92 29.52 11.07
C GLY C 210 -69.49 28.18 11.64
N LEU C 211 -68.16 27.99 11.66
CA LEU C 211 -67.60 26.74 12.15
C LEU C 211 -67.67 26.66 13.67
N GLU C 212 -67.40 27.76 14.37
CA GLU C 212 -67.46 27.74 15.82
C GLU C 212 -68.87 27.41 16.30
N ALA C 213 -69.88 28.03 15.70
CA ALA C 213 -71.26 27.70 16.06
C ALA C 213 -71.60 26.28 15.68
N LEU C 214 -71.16 25.82 14.51
CA LEU C 214 -71.40 24.44 14.11
C LEU C 214 -70.69 23.47 15.03
N TYR C 215 -69.44 23.76 15.40
CA TYR C 215 -68.71 22.87 16.28
C TYR C 215 -69.38 22.74 17.63
N GLY C 216 -69.84 23.86 18.19
CA GLY C 216 -70.54 23.81 19.46
C GLY C 216 -71.86 23.08 19.37
N LEU C 217 -72.58 23.25 18.26
CA LEU C 217 -73.88 22.63 18.12
C LEU C 217 -73.78 21.11 17.99
N VAL C 218 -72.75 20.63 17.31
CA VAL C 218 -72.58 19.18 17.17
C VAL C 218 -72.29 18.56 18.53
N GLU C 219 -71.58 19.28 19.40
CA GLU C 219 -71.31 18.76 20.73
C GLU C 219 -72.59 18.58 21.53
N GLU C 220 -73.53 19.51 21.40
CA GLU C 220 -74.80 19.40 22.12
C GLU C 220 -75.57 18.15 21.66
N ILE C 221 -75.61 17.90 20.37
CA ILE C 221 -76.28 16.71 19.86
C ILE C 221 -75.54 15.45 20.28
N GLN C 222 -74.21 15.47 20.22
CA GLN C 222 -73.43 14.35 20.71
C GLN C 222 -73.63 14.14 22.21
N LYS C 223 -73.80 15.23 22.98
CA LYS C 223 -74.02 15.07 24.42
C LYS C 223 -75.38 14.43 24.71
N LEU C 224 -76.35 14.59 23.81
CA LEU C 224 -77.61 13.87 23.97
C LEU C 224 -77.45 12.37 23.76
N GLY C 225 -76.40 11.94 23.07
CA GLY C 225 -76.17 10.54 22.78
C GLY C 225 -76.42 10.13 21.36
N TYR C 226 -76.67 11.07 20.46
CA TYR C 226 -76.95 10.77 19.06
C TYR C 226 -75.76 11.19 18.21
N LYS C 227 -75.23 10.25 17.42
CA LYS C 227 -74.03 10.51 16.64
C LYS C 227 -74.21 10.13 15.17
N ASN C 228 -75.45 9.99 14.70
CA ASN C 228 -75.75 9.70 13.30
C ASN C 228 -76.11 11.03 12.64
N LEU C 229 -75.08 11.78 12.23
CA LEU C 229 -75.23 13.16 11.79
C LEU C 229 -74.65 13.34 10.39
N VAL C 230 -75.22 14.31 9.66
CA VAL C 230 -74.72 14.74 8.36
C VAL C 230 -74.52 16.25 8.48
N LEU C 231 -73.29 16.69 8.71
CA LEU C 231 -73.02 18.10 8.94
C LEU C 231 -73.22 18.91 7.67
N ASP C 232 -73.60 20.17 7.85
CA ASP C 232 -73.72 21.12 6.76
C ASP C 232 -72.67 22.20 6.91
N PRO C 233 -71.70 22.33 6.00
CA PRO C 233 -70.69 23.37 6.15
C PRO C 233 -71.30 24.76 6.26
N GLY C 234 -72.09 25.15 5.27
CA GLY C 234 -72.79 26.42 5.32
C GLY C 234 -71.91 27.59 4.99
N GLY C 235 -72.46 28.58 4.28
CA GLY C 235 -71.71 29.78 3.95
C GLY C 235 -72.54 30.78 3.17
N LYS C 236 -72.25 32.07 3.37
CA LYS C 236 -72.96 33.11 2.64
C LYS C 236 -72.40 33.36 1.25
N SER C 237 -71.26 32.75 0.92
CA SER C 237 -70.65 32.91 -0.40
C SER C 237 -69.94 31.62 -0.75
N ILE C 238 -69.58 31.49 -2.03
CA ILE C 238 -68.83 30.32 -2.47
C ILE C 238 -67.48 30.25 -1.77
N LYS C 239 -66.85 31.41 -1.56
CA LYS C 239 -65.55 31.43 -0.91
C LYS C 239 -65.64 30.91 0.53
N GLU C 240 -66.70 31.31 1.25
CA GLU C 240 -66.85 30.84 2.63
C GLU C 240 -67.30 29.39 2.69
N ALA C 241 -68.17 28.98 1.77
CA ALA C 241 -68.62 27.59 1.75
C ALA C 241 -67.47 26.65 1.43
N PHE C 242 -66.58 27.05 0.52
CA PHE C 242 -65.41 26.23 0.23
C PHE C 242 -64.49 26.13 1.43
N GLU C 243 -64.32 27.24 2.16
CA GLU C 243 -63.46 27.22 3.34
C GLU C 243 -64.02 26.29 4.41
N ASN C 244 -65.32 26.41 4.69
CA ASN C 244 -65.93 25.59 5.73
C ASN C 244 -65.87 24.11 5.38
N THR C 245 -66.10 23.77 4.11
CA THR C 245 -66.06 22.37 3.70
C THR C 245 -64.66 21.79 3.91
N VAL C 246 -63.63 22.54 3.54
CA VAL C 246 -62.25 22.06 3.69
C VAL C 246 -61.86 22.03 5.16
N GLN C 247 -62.23 23.06 5.91
CA GLN C 247 -61.82 23.12 7.31
C GLN C 247 -62.42 21.99 8.12
N ILE C 248 -63.67 21.63 7.84
CA ILE C 248 -64.30 20.53 8.58
C ILE C 248 -63.50 19.24 8.38
N ARG C 249 -63.08 18.97 7.13
CA ARG C 249 -62.37 17.72 6.88
C ARG C 249 -60.96 17.76 7.45
N ARG C 250 -60.27 18.89 7.35
CA ARG C 250 -58.91 18.97 7.87
C ARG C 250 -58.90 18.90 9.39
N ILE C 251 -59.86 19.54 10.05
CA ILE C 251 -59.94 19.43 11.50
C ILE C 251 -60.17 17.98 11.91
N ASN C 252 -61.06 17.29 11.20
CA ASN C 252 -61.38 15.91 11.56
C ASN C 252 -60.20 14.98 11.33
N ILE C 253 -59.48 15.13 10.23
CA ILE C 253 -58.46 14.17 9.85
C ILE C 253 -57.09 14.59 10.39
N GLU C 254 -56.62 15.77 9.99
CA GLU C 254 -55.32 16.22 10.48
C GLU C 254 -55.34 16.45 11.99
N GLY C 255 -56.40 17.06 12.49
CA GLY C 255 -56.49 17.32 13.92
C GLY C 255 -56.99 16.16 14.75
N GLN C 256 -57.41 15.08 14.11
CA GLN C 256 -57.90 13.90 14.81
C GLN C 256 -59.04 14.26 15.76
N ASP C 257 -59.95 15.11 15.30
CA ASP C 257 -61.12 15.51 16.07
C ASP C 257 -62.33 14.76 15.54
N ARG C 258 -63.01 14.03 16.42
CA ARG C 258 -64.16 13.24 16.02
C ARG C 258 -65.47 14.00 16.10
N THR C 259 -65.44 15.24 16.60
CA THR C 259 -66.65 16.06 16.57
C THR C 259 -67.03 16.44 15.15
N PHE C 260 -66.04 16.67 14.29
CA PHE C 260 -66.27 17.00 12.90
C PHE C 260 -66.15 15.79 11.98
N GLY C 261 -66.09 14.59 12.53
CA GLY C 261 -65.98 13.39 11.71
C GLY C 261 -67.32 12.95 11.16
N TYR C 262 -67.97 13.80 10.36
CA TYR C 262 -69.25 13.48 9.76
C TYR C 262 -69.27 13.99 8.33
N PRO C 263 -70.06 13.35 7.45
CA PRO C 263 -70.13 13.81 6.07
C PRO C 263 -70.78 15.18 5.95
N SER C 264 -70.43 15.87 4.86
CA SER C 264 -70.91 17.23 4.61
C SER C 264 -71.94 17.23 3.49
N ILE C 265 -73.01 18.00 3.68
CA ILE C 265 -74.04 18.23 2.67
C ILE C 265 -73.92 19.67 2.20
N ILE C 266 -73.81 19.86 0.88
CA ILE C 266 -73.56 21.16 0.30
C ILE C 266 -74.69 21.48 -0.67
N PHE C 267 -75.31 22.65 -0.50
CA PHE C 267 -76.37 23.11 -1.38
C PHE C 267 -75.77 23.98 -2.47
N LEU C 268 -75.45 23.36 -3.60
CA LEU C 268 -74.89 24.09 -4.74
C LEU C 268 -75.95 24.83 -5.54
N ASP C 269 -77.23 24.51 -5.34
CA ASP C 269 -78.28 25.24 -6.07
C ASP C 269 -78.41 26.67 -5.57
N GLU C 270 -78.13 26.91 -4.29
CA GLU C 270 -78.28 28.24 -3.73
C GLU C 270 -77.04 29.09 -3.95
N LEU C 271 -75.85 28.52 -3.80
CA LEU C 271 -74.63 29.29 -4.02
C LEU C 271 -74.50 29.71 -5.47
N THR C 272 -74.71 28.77 -6.39
CA THR C 272 -74.69 29.10 -7.81
C THR C 272 -75.89 29.91 -8.25
N LYS C 273 -76.94 29.99 -7.43
CA LYS C 273 -78.17 30.68 -7.79
C LYS C 273 -78.72 30.17 -9.12
N ALA C 274 -78.81 28.84 -9.23
CA ALA C 274 -79.35 28.18 -10.42
C ALA C 274 -78.55 28.55 -11.67
N ASP C 275 -77.29 28.10 -11.67
CA ASP C 275 -76.37 28.35 -12.77
C ASP C 275 -75.75 27.02 -13.18
N LYS C 276 -76.12 26.52 -14.36
CA LYS C 276 -75.74 25.17 -14.75
C LYS C 276 -74.23 25.02 -14.90
N PHE C 277 -73.60 25.90 -15.67
CA PHE C 277 -72.17 25.80 -15.91
C PHE C 277 -71.36 26.12 -14.66
N MET C 278 -71.94 26.83 -13.70
CA MET C 278 -71.29 27.02 -12.41
C MET C 278 -71.53 25.84 -11.50
N GLU C 279 -72.71 25.20 -11.61
CA GLU C 279 -72.98 24.01 -10.82
C GLU C 279 -72.01 22.89 -11.18
N VAL C 280 -71.72 22.71 -12.46
CA VAL C 280 -70.79 21.64 -12.84
C VAL C 280 -69.40 21.93 -12.28
N ALA C 281 -68.95 23.19 -12.37
CA ALA C 281 -67.62 23.53 -11.85
C ALA C 281 -67.53 23.29 -10.35
N LEU C 282 -68.51 23.79 -9.60
CA LEU C 282 -68.48 23.61 -8.15
C LEU C 282 -68.67 22.15 -7.77
N SER C 283 -69.43 21.38 -8.55
CA SER C 283 -69.58 19.98 -8.28
C SER C 283 -68.25 19.24 -8.42
N THR C 284 -67.49 19.56 -9.46
CA THR C 284 -66.15 18.98 -9.58
C THR C 284 -65.28 19.40 -8.41
N LEU C 285 -65.31 20.68 -8.07
CA LEU C 285 -64.48 21.19 -6.98
C LEU C 285 -64.75 20.43 -5.68
N PHE C 286 -66.03 20.27 -5.33
CA PHE C 286 -66.38 19.61 -4.08
C PHE C 286 -66.36 18.09 -4.17
N THR C 287 -66.34 17.54 -5.38
CA THR C 287 -65.99 16.12 -5.51
C THR C 287 -64.55 15.90 -5.11
N LEU C 288 -63.66 16.81 -5.48
CA LEU C 288 -62.26 16.69 -5.08
C LEU C 288 -61.95 17.30 -3.72
N LYS C 289 -62.90 18.01 -3.10
CA LYS C 289 -62.63 18.76 -1.89
C LYS C 289 -63.69 18.50 -0.84
N TYR C 290 -63.96 17.22 -0.57
CA TYR C 290 -64.62 16.78 0.66
C TYR C 290 -66.09 17.17 0.73
N GLY C 291 -66.77 17.18 -0.40
CA GLY C 291 -68.21 17.35 -0.41
C GLY C 291 -68.91 16.01 -0.55
N SER C 292 -69.62 15.57 0.49
CA SER C 292 -70.18 14.23 0.50
C SER C 292 -71.55 14.13 -0.12
N LEU C 293 -72.34 15.20 -0.07
CA LEU C 293 -73.69 15.20 -0.64
C LEU C 293 -73.92 16.56 -1.28
N LEU C 294 -73.91 16.62 -2.60
CA LEU C 294 -74.06 17.87 -3.34
C LEU C 294 -75.49 17.98 -3.85
N VAL C 295 -76.15 19.09 -3.52
CA VAL C 295 -77.53 19.33 -3.92
C VAL C 295 -77.52 20.32 -5.07
N LEU C 296 -77.98 19.86 -6.24
CA LEU C 296 -78.03 20.69 -7.43
C LEU C 296 -79.45 21.19 -7.66
N SER C 297 -79.62 22.04 -8.67
CA SER C 297 -80.92 22.57 -9.01
C SER C 297 -81.67 21.72 -10.02
N ASP C 298 -80.96 21.10 -10.95
CA ASP C 298 -81.57 20.24 -11.95
C ASP C 298 -80.53 19.27 -12.47
N MET C 299 -80.99 18.22 -13.12
CA MET C 299 -80.12 17.19 -13.68
C MET C 299 -80.35 17.07 -15.18
N ASP C 300 -79.26 16.99 -15.93
CA ASP C 300 -79.33 16.77 -17.37
C ASP C 300 -78.00 16.17 -17.80
N TYR C 301 -77.98 15.66 -19.03
CA TYR C 301 -76.78 14.99 -19.53
C TYR C 301 -75.60 15.95 -19.66
N SER C 302 -75.86 17.25 -19.75
CA SER C 302 -74.74 18.20 -19.75
C SER C 302 -74.00 18.17 -18.43
N ARG C 303 -74.73 18.08 -17.32
CA ARG C 303 -74.10 17.94 -16.01
C ARG C 303 -73.66 16.51 -15.76
N ALA C 304 -74.49 15.53 -16.13
CA ALA C 304 -74.25 14.16 -15.71
C ALA C 304 -72.98 13.59 -16.34
N LEU C 305 -72.77 13.83 -17.63
CA LEU C 305 -71.65 13.17 -18.31
C LEU C 305 -70.30 13.52 -17.72
N PRO C 306 -69.96 14.79 -17.46
CA PRO C 306 -68.66 15.05 -16.82
C PRO C 306 -68.64 14.67 -15.34
N LEU C 307 -69.68 15.01 -14.59
CA LEU C 307 -69.64 14.85 -13.14
C LEU C 307 -69.59 13.38 -12.75
N TYR C 308 -70.38 12.53 -13.40
CA TYR C 308 -70.36 11.11 -13.05
C TYR C 308 -69.13 10.41 -13.58
N SER C 309 -68.60 10.84 -14.73
CA SER C 309 -67.35 10.27 -15.23
C SER C 309 -66.18 10.63 -14.33
N ILE C 310 -66.11 11.90 -13.91
CA ILE C 310 -65.03 12.32 -13.03
C ILE C 310 -65.12 11.61 -11.69
N ARG C 311 -66.32 11.49 -11.15
CA ARG C 311 -66.49 10.85 -9.84
C ARG C 311 -66.02 9.41 -9.89
N GLN C 312 -66.24 8.73 -11.02
CA GLN C 312 -65.80 7.34 -11.14
C GLN C 312 -64.29 7.23 -11.06
N ASN C 313 -63.58 8.17 -11.69
CA ASN C 313 -62.12 8.13 -11.66
C ASN C 313 -61.57 8.44 -10.27
N VAL C 314 -62.13 9.47 -9.62
CA VAL C 314 -61.57 9.93 -8.35
C VAL C 314 -61.70 8.86 -7.27
N PHE C 315 -62.86 8.20 -7.21
CA PHE C 315 -63.17 7.26 -6.14
C PHE C 315 -62.87 5.81 -6.52
N THR C 316 -61.86 5.60 -7.35
CA THR C 316 -61.33 4.26 -7.59
C THR C 316 -60.05 4.08 -6.79
N ASP C 317 -59.93 2.92 -6.15
CA ASP C 317 -58.78 2.65 -5.31
C ASP C 317 -57.51 2.69 -6.14
N PRO C 318 -56.52 3.52 -5.79
CA PRO C 318 -55.26 3.51 -6.56
C PRO C 318 -54.56 2.18 -6.55
N GLN C 319 -54.73 1.38 -5.50
CA GLN C 319 -54.01 0.11 -5.42
C GLN C 319 -54.51 -0.87 -6.46
N LYS C 320 -55.83 -0.92 -6.67
CA LYS C 320 -56.47 -1.75 -7.68
C LYS C 320 -56.52 -1.01 -9.01
N PRO C 321 -55.69 -1.31 -10.01
CA PRO C 321 -55.78 -0.51 -11.24
C PRO C 321 -57.19 -0.49 -11.79
N MET C 322 -57.60 0.66 -12.31
CA MET C 322 -58.89 0.75 -12.98
C MET C 322 -58.86 -0.05 -14.28
N THR C 323 -59.96 -0.72 -14.58
CA THR C 323 -60.03 -1.67 -15.68
C THR C 323 -61.18 -1.32 -16.61
N VAL C 324 -60.99 -1.62 -17.88
CA VAL C 324 -62.02 -1.40 -18.89
C VAL C 324 -62.69 -2.75 -19.17
N ASP C 325 -63.84 -2.71 -19.84
CA ASP C 325 -64.57 -3.92 -20.12
C ASP C 325 -63.76 -4.85 -21.03
N LEU C 326 -64.22 -6.09 -21.14
CA LEU C 326 -63.59 -7.09 -21.99
C LEU C 326 -64.26 -7.09 -23.36
N GLY C 327 -63.94 -8.09 -24.18
CA GLY C 327 -64.57 -8.25 -25.47
C GLY C 327 -63.99 -7.31 -26.52
N ILE C 328 -64.72 -7.20 -27.62
CA ILE C 328 -64.33 -6.37 -28.75
C ILE C 328 -64.86 -4.96 -28.53
N HIS C 329 -64.02 -3.97 -28.82
CA HIS C 329 -64.37 -2.56 -28.67
C HIS C 329 -64.17 -1.91 -30.04
N GLY C 330 -65.22 -1.92 -30.86
CA GLY C 330 -65.14 -1.33 -32.18
C GLY C 330 -65.23 0.19 -32.13
N ILE C 331 -64.29 0.86 -32.79
CA ILE C 331 -64.24 2.31 -32.82
C ILE C 331 -64.82 2.82 -34.13
N ASN C 332 -65.74 3.78 -34.03
CA ASN C 332 -66.18 4.58 -35.18
C ASN C 332 -66.79 3.72 -36.31
N ASN C 333 -68.01 3.24 -36.06
CA ASN C 333 -68.74 2.53 -37.10
C ASN C 333 -68.16 1.15 -37.40
N PRO C 334 -68.23 0.22 -36.46
CA PRO C 334 -67.81 -1.16 -36.74
C PRO C 334 -68.51 -1.73 -37.96
N ASP C 335 -67.76 -2.48 -38.77
CA ASP C 335 -68.21 -2.88 -40.10
C ASP C 335 -67.69 -4.29 -40.37
N GLU C 336 -67.81 -4.72 -41.63
CA GLU C 336 -67.54 -6.10 -42.01
C GLU C 336 -66.11 -6.34 -42.48
N ASN C 337 -65.28 -5.30 -42.58
CA ASN C 337 -63.90 -5.49 -43.05
C ASN C 337 -63.04 -4.34 -42.52
N SER C 338 -62.10 -4.66 -41.65
CA SER C 338 -61.15 -3.70 -41.09
C SER C 338 -60.13 -4.41 -40.21
N PRO C 339 -58.92 -3.86 -40.06
CA PRO C 339 -57.95 -4.49 -39.14
C PRO C 339 -58.43 -4.43 -37.70
N VAL C 340 -57.68 -5.10 -36.83
CA VAL C 340 -58.01 -5.19 -35.41
C VAL C 340 -56.76 -4.85 -34.60
N LEU C 341 -57.00 -4.45 -33.35
CA LEU C 341 -55.93 -4.02 -32.46
C LEU C 341 -56.09 -4.67 -31.09
N CYS C 342 -54.96 -4.90 -30.42
CA CYS C 342 -54.92 -5.60 -29.14
C CYS C 342 -54.39 -4.67 -28.05
N THR C 343 -54.96 -4.80 -26.85
CA THR C 343 -54.51 -4.08 -25.67
C THR C 343 -54.64 -5.03 -24.48
N VAL C 344 -54.41 -4.50 -23.27
CA VAL C 344 -54.33 -5.31 -22.07
C VAL C 344 -55.32 -4.86 -21.01
N ASP C 345 -56.35 -4.13 -21.39
CA ASP C 345 -57.39 -3.65 -20.48
C ASP C 345 -56.80 -3.13 -19.17
N PHE C 346 -55.79 -2.27 -19.28
CA PHE C 346 -55.32 -1.47 -18.17
C PHE C 346 -56.10 -0.18 -18.00
N ALA C 347 -56.90 0.20 -19.01
CA ALA C 347 -57.80 1.34 -18.98
C ALA C 347 -57.05 2.66 -19.04
N LEU C 348 -55.73 2.62 -18.95
CA LEU C 348 -54.88 3.75 -19.29
C LEU C 348 -54.26 3.55 -20.66
N THR C 349 -53.68 2.38 -20.91
CA THR C 349 -53.24 2.03 -22.25
C THR C 349 -54.39 2.12 -23.24
N TYR C 350 -55.57 1.64 -22.85
CA TYR C 350 -56.73 1.74 -23.72
C TYR C 350 -57.06 3.19 -24.03
N PHE C 351 -57.11 4.03 -23.00
CA PHE C 351 -57.44 5.45 -23.22
C PHE C 351 -56.30 6.16 -23.94
N LEU C 352 -55.05 5.80 -23.65
CA LEU C 352 -53.94 6.39 -24.38
C LEU C 352 -53.95 5.96 -25.85
N VAL C 353 -54.23 4.69 -26.11
CA VAL C 353 -54.33 4.22 -27.49
C VAL C 353 -55.59 4.76 -28.15
N SER C 354 -56.73 4.64 -27.47
CA SER C 354 -57.96 5.17 -28.04
C SER C 354 -57.91 6.69 -28.14
N GLY C 355 -57.18 7.34 -27.24
CA GLY C 355 -56.95 8.77 -27.35
C GLY C 355 -56.08 9.17 -28.52
N GLU C 356 -55.46 8.21 -29.19
CA GLU C 356 -54.71 8.46 -30.42
C GLU C 356 -55.48 8.03 -31.66
N VAL C 357 -56.31 7.00 -31.57
CA VAL C 357 -57.14 6.55 -32.68
C VAL C 357 -58.51 7.23 -32.69
N GLU C 358 -58.81 8.07 -31.71
CA GLU C 358 -60.12 8.72 -31.64
C GLU C 358 -60.46 9.50 -32.90
N ARG C 359 -59.48 9.78 -33.76
CA ARG C 359 -59.74 10.49 -35.00
C ARG C 359 -60.72 9.75 -35.89
N SER C 360 -60.85 8.43 -35.73
CA SER C 360 -61.76 7.60 -36.51
C SER C 360 -61.41 7.56 -37.98
N LYS C 361 -60.24 8.06 -38.36
CA LYS C 361 -59.89 8.17 -39.78
C LYS C 361 -59.84 6.80 -40.42
N VAL C 362 -59.10 5.87 -39.82
CA VAL C 362 -59.03 4.49 -40.29
C VAL C 362 -59.80 3.62 -39.32
N PRO C 363 -60.99 3.13 -39.67
CA PRO C 363 -61.78 2.36 -38.71
C PRO C 363 -61.08 1.07 -38.32
N VAL C 364 -60.94 0.86 -37.01
CA VAL C 364 -60.31 -0.33 -36.46
C VAL C 364 -61.11 -0.78 -35.24
N TRP C 365 -61.31 -2.10 -35.13
CA TRP C 365 -62.02 -2.68 -33.99
C TRP C 365 -61.00 -3.30 -33.05
N MET C 366 -60.78 -2.67 -31.91
CA MET C 366 -59.75 -3.10 -30.97
C MET C 366 -60.25 -4.29 -30.16
N VAL C 367 -59.65 -5.44 -30.38
CA VAL C 367 -59.93 -6.62 -29.55
C VAL C 367 -59.11 -6.53 -28.28
N ILE C 368 -59.74 -6.75 -27.13
CA ILE C 368 -59.06 -6.59 -25.85
C ILE C 368 -58.98 -7.96 -25.17
N PRO C 369 -57.92 -8.72 -25.36
CA PRO C 369 -57.77 -9.97 -24.62
C PRO C 369 -57.56 -9.71 -23.14
N ASP C 370 -58.06 -10.63 -22.32
CA ASP C 370 -57.96 -10.52 -20.87
C ASP C 370 -56.51 -10.73 -20.46
N ALA C 371 -55.80 -9.63 -20.16
CA ALA C 371 -54.42 -9.68 -19.71
C ALA C 371 -54.30 -9.52 -18.21
N GLY C 372 -55.40 -9.59 -17.47
CA GLY C 372 -55.37 -9.52 -16.03
C GLY C 372 -55.46 -8.14 -15.44
N GLY C 373 -55.92 -7.15 -16.21
CA GLY C 373 -56.02 -5.80 -15.70
C GLY C 373 -54.69 -5.12 -15.45
N TYR C 374 -53.61 -5.61 -16.07
CA TYR C 374 -52.28 -5.07 -15.91
C TYR C 374 -51.86 -4.36 -17.20
N SER C 375 -50.66 -3.77 -17.17
CA SER C 375 -50.12 -3.13 -18.35
C SER C 375 -49.55 -4.20 -19.29
N VAL C 376 -49.02 -3.75 -20.43
CA VAL C 376 -48.60 -4.67 -21.47
C VAL C 376 -47.41 -5.51 -21.01
N LEU C 377 -46.39 -4.86 -20.45
CA LEU C 377 -45.18 -5.59 -20.13
C LEU C 377 -45.37 -6.48 -18.91
N THR C 378 -46.04 -5.95 -17.88
CA THR C 378 -46.27 -6.76 -16.68
C THR C 378 -47.21 -7.92 -16.96
N SER C 379 -48.18 -7.74 -17.86
CA SER C 379 -49.03 -8.87 -18.24
C SER C 379 -48.23 -9.96 -18.92
N TRP C 380 -47.32 -9.58 -19.83
CA TRP C 380 -46.48 -10.56 -20.48
C TRP C 380 -45.51 -11.21 -19.49
N ALA C 381 -44.99 -10.42 -18.54
CA ALA C 381 -44.17 -10.98 -17.48
C ALA C 381 -44.96 -11.96 -16.65
N ALA C 382 -46.20 -11.61 -16.31
CA ALA C 382 -47.06 -12.50 -15.56
C ALA C 382 -47.48 -13.71 -16.38
N GLY C 383 -47.41 -13.63 -17.70
CA GLY C 383 -47.85 -14.71 -18.54
C GLY C 383 -49.30 -14.62 -18.95
N LYS C 384 -49.94 -13.47 -18.74
CA LYS C 384 -51.35 -13.26 -19.06
C LYS C 384 -51.52 -12.85 -20.51
N PHE C 385 -50.67 -11.92 -20.97
CA PHE C 385 -50.72 -11.41 -22.34
C PHE C 385 -49.71 -12.18 -23.20
N THR C 386 -50.04 -13.45 -23.44
CA THR C 386 -49.19 -14.37 -24.17
C THR C 386 -49.86 -14.77 -25.48
N GLY C 387 -49.13 -15.53 -26.29
CA GLY C 387 -49.65 -15.92 -27.59
C GLY C 387 -50.93 -16.74 -27.48
N ALA C 388 -50.97 -17.69 -26.55
CA ALA C 388 -52.18 -18.48 -26.37
C ALA C 388 -53.34 -17.60 -25.94
N ALA C 389 -53.09 -16.66 -25.03
CA ALA C 389 -54.16 -15.77 -24.58
C ALA C 389 -54.68 -14.90 -25.71
N ILE C 390 -53.79 -14.36 -26.54
CA ILE C 390 -54.24 -13.56 -27.67
C ILE C 390 -54.93 -14.43 -28.70
N ALA C 391 -54.41 -15.64 -28.94
CA ALA C 391 -55.00 -16.51 -29.95
C ALA C 391 -56.39 -16.96 -29.55
N ASP C 392 -56.54 -17.48 -28.32
CA ASP C 392 -57.84 -18.00 -27.90
C ASP C 392 -58.85 -16.88 -27.69
N GLU C 393 -58.41 -15.65 -27.43
CA GLU C 393 -59.34 -14.53 -27.38
C GLU C 393 -60.02 -14.34 -28.72
N ILE C 394 -59.27 -14.50 -29.81
CA ILE C 394 -59.85 -14.43 -31.14
C ILE C 394 -60.98 -15.46 -31.27
N LYS C 395 -60.76 -16.66 -30.73
CA LYS C 395 -61.81 -17.66 -30.72
C LYS C 395 -62.99 -17.22 -29.86
N LYS C 396 -62.71 -16.64 -28.70
CA LYS C 396 -63.78 -16.26 -27.78
C LYS C 396 -64.66 -15.17 -28.37
N CYS C 397 -64.05 -14.09 -28.85
CA CYS C 397 -64.83 -12.97 -29.36
C CYS C 397 -65.32 -13.20 -30.79
N GLY C 398 -64.76 -14.17 -31.50
CA GLY C 398 -65.20 -14.41 -32.87
C GLY C 398 -65.00 -13.23 -33.79
N ILE C 399 -63.84 -12.57 -33.71
CA ILE C 399 -63.60 -11.38 -34.51
C ILE C 399 -63.45 -11.72 -35.99
N ALA C 400 -63.27 -13.00 -36.32
CA ALA C 400 -63.19 -13.39 -37.72
C ALA C 400 -64.49 -13.05 -38.45
N GLU C 401 -65.64 -13.33 -37.82
CA GLU C 401 -66.92 -13.02 -38.46
C GLU C 401 -67.10 -11.51 -38.64
N LYS C 402 -66.79 -10.73 -37.60
CA LYS C 402 -67.13 -9.31 -37.64
C LYS C 402 -66.38 -8.58 -38.75
N THR C 403 -65.08 -8.88 -38.91
CA THR C 403 -64.27 -8.20 -39.91
C THR C 403 -63.56 -9.23 -40.79
N LYS C 404 -63.54 -8.97 -42.09
CA LYS C 404 -62.90 -9.87 -43.05
C LYS C 404 -61.50 -9.41 -43.46
N ASN C 405 -60.81 -8.67 -42.59
CA ASN C 405 -59.46 -8.14 -42.86
C ASN C 405 -58.49 -8.85 -41.90
N ARG C 406 -57.64 -9.72 -42.44
CA ARG C 406 -56.73 -10.52 -41.62
C ARG C 406 -55.60 -9.71 -41.00
N THR C 407 -55.50 -8.42 -41.33
CA THR C 407 -54.48 -7.56 -40.76
C THR C 407 -54.70 -7.41 -39.26
N LEU C 408 -53.78 -7.96 -38.46
CA LEU C 408 -53.86 -7.91 -37.00
C LEU C 408 -52.70 -7.08 -36.49
N LEU C 409 -53.00 -6.05 -35.70
CA LEU C 409 -51.99 -5.20 -35.10
C LEU C 409 -51.93 -5.48 -33.59
N ILE C 410 -50.71 -5.56 -33.07
CA ILE C 410 -50.50 -5.90 -31.66
C ILE C 410 -49.70 -4.77 -31.03
N PRO C 411 -49.66 -4.70 -29.70
CA PRO C 411 -48.82 -3.69 -29.04
C PRO C 411 -47.35 -3.83 -29.48
N GLY C 412 -46.69 -2.68 -29.60
CA GLY C 412 -45.32 -2.69 -30.11
C GLY C 412 -44.33 -3.37 -29.19
N LYS C 413 -44.43 -3.10 -27.88
CA LYS C 413 -43.44 -3.61 -26.93
C LYS C 413 -43.50 -5.13 -26.80
N VAL C 414 -44.62 -5.74 -27.19
CA VAL C 414 -44.72 -7.19 -27.27
C VAL C 414 -43.98 -7.63 -28.52
N ALA C 415 -42.81 -8.26 -28.34
CA ALA C 415 -41.90 -8.53 -29.43
C ALA C 415 -41.86 -10.01 -29.82
N VAL C 416 -41.55 -10.89 -28.88
CA VAL C 416 -41.38 -12.30 -29.19
C VAL C 416 -42.69 -12.96 -29.59
N LEU C 417 -43.83 -12.42 -29.16
CA LEU C 417 -45.11 -13.03 -29.50
C LEU C 417 -45.44 -12.93 -30.98
N LYS C 418 -44.77 -12.05 -31.72
CA LYS C 418 -45.10 -11.88 -33.14
C LYS C 418 -44.90 -13.17 -33.90
N GLY C 419 -43.78 -13.86 -33.66
CA GLY C 419 -43.60 -15.18 -34.25
C GLY C 419 -44.53 -16.21 -33.66
N GLU C 420 -44.76 -16.15 -32.34
CA GLU C 420 -45.66 -17.09 -31.70
C GLU C 420 -47.10 -16.87 -32.14
N LEU C 421 -47.53 -15.62 -32.28
CA LEU C 421 -48.88 -15.35 -32.76
C LEU C 421 -49.07 -15.88 -34.16
N GLU C 422 -48.08 -15.70 -35.04
CA GLU C 422 -48.20 -16.19 -36.41
C GLU C 422 -48.41 -17.70 -36.44
N GLU C 423 -47.81 -18.43 -35.50
CA GLU C 423 -47.97 -19.88 -35.48
C GLU C 423 -49.41 -20.27 -35.15
N LEU C 424 -49.99 -19.65 -34.12
CA LEU C 424 -51.34 -19.99 -33.69
C LEU C 424 -52.42 -19.41 -34.62
N LEU C 425 -52.11 -18.33 -35.33
CA LEU C 425 -53.05 -17.70 -36.26
C LEU C 425 -52.37 -17.59 -37.61
N PRO C 426 -52.34 -18.67 -38.39
CA PRO C 426 -51.58 -18.65 -39.65
C PRO C 426 -52.16 -17.69 -40.69
N ASP C 427 -53.48 -17.72 -40.90
CA ASP C 427 -54.06 -16.86 -41.92
C ASP C 427 -53.95 -15.38 -41.54
N TRP C 428 -54.02 -15.07 -40.25
CA TRP C 428 -53.95 -13.68 -39.81
C TRP C 428 -52.57 -13.09 -40.09
N ASN C 429 -52.56 -11.84 -40.55
CA ASN C 429 -51.33 -11.10 -40.80
C ASN C 429 -51.04 -10.23 -39.57
N ILE C 430 -49.89 -10.46 -38.95
CA ILE C 430 -49.52 -9.76 -37.72
C ILE C 430 -48.63 -8.58 -38.08
N VAL C 431 -48.91 -7.44 -37.48
CA VAL C 431 -48.10 -6.23 -37.62
C VAL C 431 -47.61 -5.85 -36.23
N ILE C 432 -46.30 -5.69 -36.08
CA ILE C 432 -45.68 -5.37 -34.80
C ILE C 432 -45.17 -3.94 -34.86
N SER C 433 -45.60 -3.12 -33.91
CA SER C 433 -45.34 -1.70 -33.89
C SER C 433 -44.18 -1.37 -32.94
N SER C 434 -43.96 -0.08 -32.72
CA SER C 434 -43.05 0.39 -31.68
C SER C 434 -43.82 0.62 -30.39
N THR C 435 -43.08 0.68 -29.28
CA THR C 435 -43.70 0.83 -27.98
C THR C 435 -44.10 2.28 -27.66
N GLU C 436 -43.65 3.25 -28.44
CA GLU C 436 -44.11 4.62 -28.23
C GLU C 436 -45.57 4.75 -28.67
N ALA C 437 -46.29 5.62 -27.97
CA ALA C 437 -47.69 5.89 -28.31
C ALA C 437 -47.83 6.76 -29.54
N MET C 438 -46.72 7.31 -30.05
CA MET C 438 -46.77 8.18 -31.23
C MET C 438 -46.83 7.38 -32.53
N PHE C 439 -46.49 6.10 -32.51
CA PHE C 439 -46.52 5.27 -33.72
C PHE C 439 -47.85 4.58 -33.92
N ILE C 440 -48.85 4.85 -33.08
CA ILE C 440 -50.17 4.25 -33.27
C ILE C 440 -50.77 4.65 -34.62
N PRO C 441 -50.75 5.92 -35.03
CA PRO C 441 -51.41 6.28 -36.29
C PRO C 441 -50.60 5.96 -37.53
N LYS C 442 -49.28 5.81 -37.42
CA LYS C 442 -48.47 5.53 -38.61
C LYS C 442 -48.86 4.19 -39.23
N LEU C 443 -48.90 3.13 -38.43
CA LEU C 443 -49.33 1.83 -38.94
C LEU C 443 -50.84 1.74 -39.08
N LEU C 444 -51.59 2.60 -38.41
CA LEU C 444 -53.02 2.64 -38.62
C LEU C 444 -53.36 3.10 -40.03
N LYS C 445 -52.50 3.92 -40.63
CA LYS C 445 -52.70 4.30 -42.02
C LYS C 445 -52.59 3.09 -42.94
N GLU C 446 -51.83 2.07 -42.53
CA GLU C 446 -51.64 0.88 -43.34
C GLU C 446 -51.12 1.25 -44.73
N MET D 1 49.18 -39.00 37.83
CA MET D 1 50.51 -38.64 38.37
C MET D 1 51.46 -38.37 37.21
N ASN D 2 51.95 -37.13 37.12
CA ASN D 2 52.81 -36.72 36.04
C ASN D 2 54.25 -37.17 36.34
N LEU D 3 55.18 -36.83 35.44
CA LEU D 3 56.56 -37.26 35.56
C LEU D 3 57.22 -36.74 36.84
N PHE D 4 57.03 -35.45 37.12
CA PHE D 4 57.64 -34.86 38.30
C PHE D 4 57.12 -35.52 39.57
N GLN D 5 55.82 -35.73 39.64
CA GLN D 5 55.23 -36.35 40.82
C GLN D 5 55.67 -37.81 40.95
N THR D 6 55.80 -38.51 39.83
CA THR D 6 56.30 -39.88 39.89
C THR D 6 57.72 -39.92 40.44
N VAL D 7 58.59 -39.02 39.97
CA VAL D 7 59.97 -38.99 40.44
C VAL D 7 60.04 -38.62 41.92
N PHE D 8 59.25 -37.63 42.34
CA PHE D 8 59.23 -37.25 43.76
C PHE D 8 58.74 -38.39 44.64
N THR D 9 57.69 -39.09 44.20
CA THR D 9 57.20 -40.23 44.97
C THR D 9 58.24 -41.34 45.07
N GLY D 10 58.92 -41.61 43.97
CA GLY D 10 59.99 -42.60 44.00
C GLY D 10 61.12 -42.22 44.93
N SER D 11 61.52 -40.94 44.92
CA SER D 11 62.59 -40.49 45.80
C SER D 11 62.17 -40.59 47.26
N LYS D 12 60.92 -40.27 47.57
CA LYS D 12 60.45 -40.39 48.94
C LYS D 12 60.42 -41.85 49.39
N GLN D 13 60.01 -42.76 48.50
CA GLN D 13 60.04 -44.19 48.83
C GLN D 13 61.47 -44.67 49.06
N ALA D 14 62.40 -44.21 48.23
CA ALA D 14 63.81 -44.56 48.43
C ALA D 14 64.32 -44.04 49.77
N LEU D 15 63.93 -42.81 50.11
CA LEU D 15 64.33 -42.25 51.39
C LEU D 15 63.74 -43.05 52.56
N ALA D 16 62.48 -43.48 52.43
CA ALA D 16 61.87 -44.27 53.49
C ALA D 16 62.59 -45.61 53.66
N ALA D 17 62.92 -46.27 52.55
CA ALA D 17 63.64 -47.54 52.64
C ALA D 17 65.02 -47.35 53.26
N ALA D 18 65.72 -46.27 52.87
CA ALA D 18 67.02 -45.99 53.45
C ALA D 18 66.93 -45.72 54.94
N GLU D 19 65.92 -44.95 55.37
CA GLU D 19 65.73 -44.69 56.79
C GLU D 19 65.46 -45.97 57.56
N GLY D 20 64.62 -46.85 57.02
CA GLY D 20 64.34 -48.10 57.71
C GLY D 20 65.57 -48.98 57.84
N ILE D 21 66.33 -49.14 56.76
CA ILE D 21 67.50 -50.01 56.82
C ILE D 21 68.59 -49.40 57.69
N VAL D 22 68.72 -48.07 57.71
CA VAL D 22 69.69 -47.43 58.58
C VAL D 22 69.28 -47.59 60.04
N LYS D 23 67.99 -47.50 60.33
CA LYS D 23 67.53 -47.76 61.69
C LYS D 23 67.84 -49.18 62.11
N GLN D 24 67.63 -50.14 61.21
CA GLN D 24 67.97 -51.52 61.53
C GLN D 24 69.45 -51.69 61.79
N ALA D 25 70.29 -51.06 60.97
CA ALA D 25 71.74 -51.13 61.18
C ALA D 25 72.15 -50.50 62.50
N VAL D 26 71.54 -49.36 62.85
CA VAL D 26 71.83 -48.71 64.13
C VAL D 26 71.43 -49.60 65.29
N ASP D 27 70.29 -50.28 65.17
CA ASP D 27 69.83 -51.15 66.25
C ASP D 27 70.77 -52.34 66.42
N GLU D 28 71.06 -53.04 65.32
CA GLU D 28 71.89 -54.24 65.42
C GLU D 28 73.36 -53.92 65.72
N LYS D 29 73.98 -53.02 64.97
CA LYS D 29 75.43 -52.90 65.05
C LYS D 29 76.01 -51.68 65.79
N GLY D 30 75.25 -50.62 66.02
CA GLY D 30 75.91 -49.54 66.72
C GLY D 30 76.47 -48.46 65.81
N ARG D 31 76.51 -47.23 66.33
CA ARG D 31 76.89 -46.07 65.53
C ARG D 31 78.39 -45.95 65.33
N ASP D 32 79.19 -46.64 66.16
CA ASP D 32 80.64 -46.71 66.00
C ASP D 32 81.07 -47.83 65.05
N TYR D 33 80.15 -48.70 64.67
CA TYR D 33 80.47 -49.80 63.78
C TYR D 33 80.86 -49.27 62.41
N LYS D 34 81.87 -49.91 61.81
CA LYS D 34 82.46 -49.43 60.57
C LYS D 34 81.51 -49.61 59.40
N VAL D 35 81.52 -48.65 58.48
CA VAL D 35 80.75 -48.69 57.25
C VAL D 35 81.73 -48.57 56.08
N ALA D 36 81.71 -49.54 55.19
CA ALA D 36 82.62 -49.54 54.05
C ALA D 36 82.09 -50.45 52.97
N PHE D 37 82.61 -50.25 51.73
CA PHE D 37 82.44 -51.07 50.55
C PHE D 37 83.71 -51.87 50.27
N PRO D 38 83.60 -53.10 49.76
CA PRO D 38 84.80 -53.94 49.62
C PRO D 38 85.75 -53.38 48.57
N ASP D 39 86.98 -53.06 49.02
CA ASP D 39 88.07 -52.66 48.16
C ASP D 39 87.73 -51.42 47.31
N THR D 40 87.50 -50.31 48.01
CA THR D 40 87.33 -49.01 47.39
C THR D 40 88.12 -47.97 48.17
N ALA D 41 88.53 -46.92 47.46
CA ALA D 41 89.28 -45.81 48.04
C ALA D 41 88.48 -44.52 48.13
N TYR D 42 87.18 -44.57 47.83
CA TYR D 42 86.32 -43.39 47.83
C TYR D 42 85.13 -43.55 48.76
N SER D 43 85.28 -44.40 49.78
CA SER D 43 84.22 -44.63 50.75
C SER D 43 82.90 -44.98 50.08
N LEU D 44 81.88 -44.13 50.22
CA LEU D 44 80.65 -44.26 49.46
C LEU D 44 80.75 -43.32 48.27
N PRO D 45 80.93 -43.83 47.05
CA PRO D 45 81.29 -42.93 45.93
C PRO D 45 80.29 -41.81 45.65
N VAL D 46 78.99 -42.07 45.74
CA VAL D 46 78.01 -41.04 45.40
C VAL D 46 78.05 -39.90 46.41
N ILE D 47 78.07 -40.25 47.70
CA ILE D 47 78.14 -39.22 48.73
C ILE D 47 79.47 -38.48 48.64
N PHE D 48 80.56 -39.21 48.39
CA PHE D 48 81.86 -38.56 48.27
C PHE D 48 81.89 -37.58 47.09
N ALA D 49 81.30 -37.96 45.97
CA ALA D 49 81.25 -37.05 44.83
C ALA D 49 80.34 -35.85 45.11
N ALA D 50 79.21 -36.09 45.77
CA ALA D 50 78.25 -35.01 45.98
C ALA D 50 78.74 -34.00 47.01
N THR D 51 79.39 -34.46 48.07
CA THR D 51 79.76 -33.59 49.19
C THR D 51 81.23 -33.62 49.57
N GLY D 52 81.99 -34.65 49.20
CA GLY D 52 83.36 -34.80 49.62
C GLY D 52 83.55 -35.53 50.93
N LYS D 53 82.46 -35.80 51.65
CA LYS D 53 82.54 -36.49 52.92
C LYS D 53 82.68 -38.00 52.72
N LYS D 54 83.50 -38.62 53.55
CA LYS D 54 83.68 -40.06 53.54
C LYS D 54 82.90 -40.65 54.72
N ILE D 55 82.01 -41.59 54.43
CA ILE D 55 81.20 -42.25 55.45
C ILE D 55 82.00 -43.44 55.96
N THR D 56 82.33 -43.43 57.25
CA THR D 56 83.17 -44.48 57.83
C THR D 56 82.48 -45.31 58.90
N ASN D 57 81.51 -44.75 59.62
CA ASN D 57 80.80 -45.46 60.68
C ASN D 57 79.30 -45.35 60.43
N VAL D 58 78.55 -46.13 61.22
CA VAL D 58 77.09 -46.19 61.06
C VAL D 58 76.45 -44.85 61.42
N GLY D 59 76.99 -44.15 62.41
CA GLY D 59 76.43 -42.84 62.76
C GLY D 59 76.51 -41.86 61.60
N GLU D 60 77.63 -41.86 60.88
CA GLU D 60 77.76 -41.00 59.70
C GLU D 60 76.81 -41.46 58.60
N LEU D 61 76.58 -42.77 58.49
CA LEU D 61 75.60 -43.25 57.51
C LEU D 61 74.21 -42.74 57.84
N GLU D 62 73.85 -42.73 59.12
CA GLU D 62 72.57 -42.16 59.55
C GLU D 62 72.52 -40.65 59.29
N GLY D 63 73.65 -39.96 59.46
CA GLY D 63 73.70 -38.55 59.14
C GLY D 63 73.71 -38.24 57.66
N ALA D 64 73.93 -39.24 56.81
CA ALA D 64 73.91 -39.07 55.36
C ALA D 64 72.50 -39.01 54.80
N LEU D 65 71.49 -39.38 55.59
CA LEU D 65 70.11 -39.26 55.14
C LEU D 65 69.72 -37.80 54.94
N ASP D 66 70.39 -36.87 55.64
CA ASP D 66 70.11 -35.46 55.45
C ASP D 66 70.43 -34.99 54.03
N ILE D 67 71.43 -35.59 53.39
CA ILE D 67 71.72 -35.29 51.99
C ILE D 67 70.53 -35.68 51.12
N VAL D 68 69.99 -36.87 51.33
CA VAL D 68 68.81 -37.31 50.58
C VAL D 68 67.64 -36.37 50.83
N ARG D 69 67.43 -35.98 52.09
CA ARG D 69 66.33 -35.08 52.42
C ARG D 69 66.48 -33.72 51.74
N SER D 70 67.69 -33.17 51.74
CA SER D 70 67.92 -31.86 51.15
C SER D 70 67.91 -31.91 49.62
N LEU D 71 68.10 -33.08 49.02
CA LEU D 71 68.07 -33.18 47.57
C LEU D 71 66.66 -33.35 47.01
N ILE D 72 65.62 -33.44 47.85
CA ILE D 72 64.25 -33.62 47.39
C ILE D 72 63.52 -32.30 47.67
N VAL D 73 63.33 -31.49 46.63
CA VAL D 73 62.53 -30.27 46.70
C VAL D 73 61.40 -30.44 45.68
N GLU D 74 60.17 -30.49 46.18
CA GLU D 74 59.01 -30.84 45.35
C GLU D 74 58.45 -29.61 44.65
N GLU D 75 59.21 -29.13 43.67
CA GLU D 75 58.79 -28.06 42.78
C GLU D 75 59.00 -28.51 41.35
N GLU D 76 57.98 -28.34 40.50
CA GLU D 76 57.98 -28.93 39.16
C GLU D 76 58.83 -28.07 38.21
N MET D 77 60.15 -28.15 38.41
CA MET D 77 61.13 -27.59 37.50
C MET D 77 62.22 -28.64 37.29
N LEU D 78 62.86 -28.55 36.12
CA LEU D 78 63.75 -29.63 35.69
C LEU D 78 64.91 -29.84 36.66
N ASP D 79 65.47 -28.76 37.19
CA ASP D 79 66.60 -28.89 38.12
C ASP D 79 66.18 -29.68 39.38
N LYS D 80 64.97 -29.42 39.90
CA LYS D 80 64.50 -30.17 41.06
C LYS D 80 64.30 -31.64 40.73
N LEU D 81 63.84 -31.92 39.51
CA LEU D 81 63.69 -33.32 39.10
C LEU D 81 65.04 -34.03 39.05
N LEU D 82 66.05 -33.37 38.50
CA LEU D 82 67.39 -33.97 38.47
C LEU D 82 67.96 -34.15 39.88
N ASN D 83 67.74 -33.17 40.76
CA ASN D 83 68.19 -33.29 42.15
C ASN D 83 67.47 -34.43 42.86
N SER D 84 66.19 -34.65 42.54
CA SER D 84 65.44 -35.75 43.14
C SER D 84 65.94 -37.10 42.63
N GLY D 85 66.29 -37.18 41.36
CA GLY D 85 66.95 -38.39 40.87
C GLY D 85 68.25 -38.66 41.61
N LEU D 86 69.04 -37.61 41.85
CA LEU D 86 70.28 -37.75 42.62
C LEU D 86 69.98 -38.15 44.07
N ALA D 87 68.88 -37.67 44.64
CA ALA D 87 68.50 -38.11 45.97
C ALA D 87 68.19 -39.60 45.99
N THR D 88 67.50 -40.09 44.96
CA THR D 88 67.28 -41.53 44.85
C THR D 88 68.59 -42.29 44.75
N ALA D 89 69.55 -41.77 43.98
CA ALA D 89 70.83 -42.44 43.87
C ALA D 89 71.57 -42.49 45.21
N VAL D 90 71.55 -41.38 45.96
CA VAL D 90 72.21 -41.36 47.27
C VAL D 90 71.50 -42.33 48.21
N ALA D 91 70.17 -42.36 48.20
CA ALA D 91 69.44 -43.29 49.05
C ALA D 91 69.74 -44.74 48.70
N ALA D 92 69.86 -45.05 47.41
CA ALA D 92 70.21 -46.41 47.00
C ALA D 92 71.60 -46.78 47.48
N GLU D 93 72.54 -45.85 47.40
CA GLU D 93 73.88 -46.10 47.91
C GLU D 93 73.87 -46.36 49.41
N ILE D 94 73.08 -45.59 50.16
CA ILE D 94 72.97 -45.80 51.60
C ILE D 94 72.38 -47.18 51.89
N ILE D 95 71.38 -47.59 51.12
CA ILE D 95 70.79 -48.91 51.31
C ILE D 95 71.83 -49.99 51.05
N GLU D 96 72.61 -49.85 49.99
CA GLU D 96 73.64 -50.86 49.70
C GLU D 96 74.72 -50.90 50.78
N ALA D 97 75.13 -49.74 51.28
CA ALA D 97 76.10 -49.70 52.37
C ALA D 97 75.55 -50.38 53.62
N ALA D 98 74.29 -50.13 53.94
CA ALA D 98 73.66 -50.78 55.09
C ALA D 98 73.58 -52.30 54.89
N LYS D 99 73.30 -52.73 53.66
CA LYS D 99 73.33 -54.16 53.36
C LYS D 99 74.70 -54.76 53.64
N TYR D 100 75.75 -54.06 53.22
CA TYR D 100 77.10 -54.59 53.45
C TYR D 100 77.48 -54.60 54.91
N VAL D 101 77.03 -53.62 55.69
CA VAL D 101 77.39 -53.64 57.11
C VAL D 101 76.50 -54.58 57.91
N LEU D 102 75.33 -54.96 57.39
CA LEU D 102 74.46 -55.89 58.10
C LEU D 102 74.83 -57.34 57.85
N SER D 103 75.16 -57.69 56.61
CA SER D 103 75.47 -59.07 56.23
C SER D 103 76.91 -59.15 55.75
N ASP D 104 77.57 -60.25 56.11
CA ASP D 104 78.95 -60.46 55.69
C ASP D 104 79.07 -60.61 54.18
N ALA D 105 78.13 -61.32 53.57
CA ALA D 105 78.08 -61.54 52.12
C ALA D 105 76.69 -61.21 51.61
N PRO D 106 76.40 -59.92 51.40
CA PRO D 106 75.04 -59.53 50.95
C PRO D 106 74.65 -60.15 49.62
N TYR D 107 75.59 -60.34 48.70
CA TYR D 107 75.30 -60.81 47.36
C TYR D 107 75.92 -62.20 47.14
N ALA D 108 75.12 -63.11 46.60
CA ALA D 108 75.59 -64.43 46.21
C ALA D 108 75.65 -64.53 44.70
N GLU D 109 76.39 -65.51 44.20
CA GLU D 109 76.51 -65.69 42.75
C GLU D 109 75.14 -66.02 42.15
N PRO D 110 74.86 -65.54 40.92
CA PRO D 110 75.76 -64.81 40.01
C PRO D 110 75.83 -63.32 40.30
N CYS D 111 75.10 -62.78 41.28
CA CYS D 111 75.17 -61.35 41.56
C CYS D 111 76.52 -60.99 42.15
N VAL D 112 77.06 -59.85 41.72
CA VAL D 112 78.38 -59.42 42.18
C VAL D 112 78.30 -58.24 43.13
N GLY D 113 77.20 -57.51 43.16
CA GLY D 113 77.09 -56.39 44.07
C GLY D 113 78.05 -55.28 43.71
N PHE D 114 78.80 -54.82 44.72
CA PHE D 114 79.69 -53.70 44.53
C PHE D 114 80.86 -54.10 43.64
N ILE D 115 81.33 -53.14 42.84
CA ILE D 115 82.46 -53.33 41.93
C ILE D 115 83.65 -52.59 42.52
N SER D 116 84.75 -53.29 42.73
CA SER D 116 85.91 -52.71 43.41
C SER D 116 86.67 -51.77 42.46
N ASP D 117 87.53 -50.95 43.07
CA ASP D 117 88.36 -50.04 42.29
C ASP D 117 89.27 -50.74 41.29
N PRO D 118 89.96 -51.84 41.61
CA PRO D 118 90.80 -52.48 40.59
C PRO D 118 90.04 -52.90 39.35
N ILE D 119 88.79 -53.35 39.49
CA ILE D 119 87.97 -53.67 38.33
C ILE D 119 87.69 -52.41 37.51
N ILE D 120 87.44 -51.29 38.20
CA ILE D 120 87.23 -50.03 37.47
C ILE D 120 88.48 -49.67 36.66
N ARG D 121 89.65 -49.78 37.27
CA ARG D 121 90.90 -49.47 36.58
C ARG D 121 91.16 -50.43 35.43
N SER D 122 90.82 -51.70 35.61
CA SER D 122 90.98 -52.67 34.53
C SER D 122 90.07 -52.31 33.34
N LEU D 123 88.84 -51.91 33.62
CA LEU D 123 87.91 -51.54 32.56
C LEU D 123 88.19 -50.18 31.96
N GLY D 124 88.96 -49.33 32.65
CA GLY D 124 89.25 -48.01 32.10
C GLY D 124 90.03 -48.04 30.80
N VAL D 125 90.99 -48.97 30.68
CA VAL D 125 91.78 -49.03 29.46
C VAL D 125 90.92 -49.35 28.23
N PRO D 126 90.08 -50.39 28.24
CA PRO D 126 89.20 -50.60 27.09
C PRO D 126 88.07 -49.59 27.00
N LEU D 127 87.80 -48.84 28.06
CA LEU D 127 86.72 -47.86 28.00
C LEU D 127 87.11 -46.71 27.08
N VAL D 128 88.23 -46.06 27.39
CA VAL D 128 88.69 -44.93 26.58
C VAL D 128 89.19 -45.41 25.23
N THR D 129 89.74 -46.64 25.15
CA THR D 129 90.27 -47.10 23.88
C THR D 129 89.18 -47.22 22.82
N GLY D 130 88.00 -47.72 23.20
CA GLY D 130 86.92 -47.95 22.27
C GLY D 130 86.52 -49.40 22.13
N ASP D 131 87.28 -50.33 22.72
CA ASP D 131 86.86 -51.72 22.77
C ASP D 131 85.57 -51.86 23.57
N ILE D 132 85.34 -50.97 24.52
CA ILE D 132 84.05 -50.87 25.18
C ILE D 132 83.40 -49.56 24.70
N PRO D 133 82.55 -49.62 23.67
CA PRO D 133 81.94 -48.39 23.16
C PRO D 133 80.75 -47.88 23.96
N GLY D 134 80.32 -48.61 25.00
CA GLY D 134 79.21 -48.14 25.81
C GLY D 134 78.95 -49.08 26.96
N VAL D 135 78.07 -48.63 27.86
CA VAL D 135 77.65 -49.42 29.01
C VAL D 135 76.13 -49.52 28.96
N ALA D 136 75.63 -50.74 28.81
CA ALA D 136 74.19 -51.01 28.71
C ALA D 136 73.71 -51.43 30.10
N VAL D 137 72.92 -50.58 30.74
CA VAL D 137 72.35 -50.86 32.05
C VAL D 137 70.95 -51.38 31.81
N ILE D 138 70.77 -52.69 31.96
CA ILE D 138 69.49 -53.35 31.69
C ILE D 138 68.82 -53.63 33.03
N LEU D 139 67.62 -53.08 33.21
CA LEU D 139 66.91 -53.18 34.47
C LEU D 139 65.50 -53.66 34.20
N GLY D 140 65.00 -54.53 35.08
CA GLY D 140 63.62 -54.97 35.02
C GLY D 140 63.47 -56.39 34.51
N GLU D 141 62.39 -56.64 33.77
CA GLU D 141 62.10 -57.95 33.20
C GLU D 141 61.53 -57.78 31.80
N CYS D 142 62.05 -58.55 30.85
CA CYS D 142 61.50 -58.59 29.50
C CYS D 142 60.29 -59.53 29.44
N PRO D 143 59.42 -59.36 28.44
CA PRO D 143 58.26 -60.28 28.34
C PRO D 143 58.67 -61.74 28.25
N ASP D 144 59.82 -62.05 27.66
CA ASP D 144 60.31 -63.41 27.54
C ASP D 144 61.79 -63.48 27.92
N SER D 145 62.21 -64.71 28.25
CA SER D 145 63.64 -64.94 28.43
C SER D 145 64.37 -64.86 27.10
N GLU D 146 63.70 -65.26 26.01
CA GLU D 146 64.35 -65.27 24.71
C GLU D 146 64.71 -63.86 24.27
N THR D 147 63.77 -62.92 24.42
CA THR D 147 64.04 -61.54 24.01
C THR D 147 65.09 -60.89 24.88
N ALA D 148 65.06 -61.18 26.19
CA ALA D 148 66.11 -60.65 27.06
C ALA D 148 67.49 -61.17 26.66
N ALA D 149 67.58 -62.47 26.38
CA ALA D 149 68.84 -63.05 25.94
C ALA D 149 69.27 -62.47 24.61
N LYS D 150 68.34 -62.28 23.69
CA LYS D 150 68.67 -61.72 22.38
C LYS D 150 69.25 -60.32 22.53
N ILE D 151 68.61 -59.46 23.32
CA ILE D 151 69.10 -58.09 23.48
C ILE D 151 70.46 -58.10 24.17
N ILE D 152 70.60 -58.89 25.23
CA ILE D 152 71.85 -58.92 25.97
C ILE D 152 72.99 -59.42 25.10
N LYS D 153 72.75 -60.47 24.32
CA LYS D 153 73.80 -61.00 23.47
C LYS D 153 74.09 -60.09 22.28
N ASP D 154 73.10 -59.33 21.81
CA ASP D 154 73.38 -58.32 20.79
C ASP D 154 74.31 -57.24 21.34
N TYR D 155 74.06 -56.78 22.57
CA TYR D 155 74.97 -55.82 23.18
C TYR D 155 76.35 -56.43 23.38
N GLN D 156 76.39 -57.69 23.82
CA GLN D 156 77.66 -58.33 24.09
C GLN D 156 78.48 -58.50 22.81
N SER D 157 77.83 -58.89 21.71
CA SER D 157 78.53 -59.10 20.45
C SER D 157 79.04 -57.79 19.88
N LYS D 158 78.51 -56.66 20.36
CA LYS D 158 78.97 -55.35 19.91
C LYS D 158 80.07 -54.77 20.81
N GLY D 159 80.48 -55.50 21.85
CA GLY D 159 81.57 -55.09 22.71
C GLY D 159 81.16 -54.28 23.92
N LEU D 160 79.88 -53.94 24.03
CA LEU D 160 79.38 -53.13 25.15
C LEU D 160 79.47 -53.90 26.47
N LEU D 161 79.76 -53.19 27.54
CA LEU D 161 79.76 -53.78 28.88
C LEU D 161 78.33 -53.66 29.43
N THR D 162 77.60 -54.77 29.48
CA THR D 162 76.20 -54.77 29.93
C THR D 162 76.11 -55.17 31.40
N CYS D 163 75.35 -54.41 32.18
CA CYS D 163 75.06 -54.71 33.58
C CYS D 163 73.58 -55.04 33.73
N LEU D 164 73.27 -56.00 34.59
CA LEU D 164 71.91 -56.52 34.73
C LEU D 164 71.39 -56.29 36.15
N VAL D 165 70.18 -55.72 36.24
CA VAL D 165 69.52 -55.49 37.52
C VAL D 165 68.11 -56.09 37.41
N GLY D 166 67.74 -56.89 38.41
CA GLY D 166 66.38 -57.41 38.48
C GLY D 166 66.22 -58.79 37.86
N LYS D 167 64.97 -59.10 37.52
CA LYS D 167 64.61 -60.43 37.01
C LYS D 167 65.21 -60.72 35.65
N VAL D 168 65.76 -59.71 34.98
CA VAL D 168 66.44 -59.94 33.71
C VAL D 168 67.65 -60.83 33.92
N ILE D 169 68.20 -60.89 35.13
CA ILE D 169 69.31 -61.81 35.41
C ILE D 169 68.84 -63.25 35.25
N ASP D 170 67.68 -63.58 35.83
CA ASP D 170 67.15 -64.94 35.71
C ASP D 170 66.75 -65.25 34.28
N GLN D 171 66.17 -64.27 33.58
CA GLN D 171 65.82 -64.47 32.18
C GLN D 171 67.05 -64.72 31.33
N ALA D 172 68.14 -63.99 31.59
CA ALA D 172 69.38 -64.21 30.85
C ALA D 172 69.98 -65.56 31.17
N ILE D 173 69.90 -66.00 32.43
CA ILE D 173 70.37 -67.34 32.79
C ILE D 173 69.58 -68.41 32.05
N GLU D 174 68.26 -68.25 31.99
CA GLU D 174 67.44 -69.18 31.21
C GLU D 174 67.77 -69.10 29.72
N GLY D 175 68.24 -67.95 29.26
CA GLY D 175 68.62 -67.74 27.88
C GLY D 175 70.05 -68.13 27.55
N LYS D 176 70.76 -68.76 28.49
CA LYS D 176 72.11 -69.26 28.24
C LYS D 176 73.09 -68.14 27.89
N VAL D 177 72.94 -66.99 28.56
CA VAL D 177 73.88 -65.89 28.40
C VAL D 177 75.07 -66.14 29.31
N LYS D 178 76.27 -66.15 28.73
CA LYS D 178 77.49 -66.40 29.51
C LYS D 178 77.93 -65.10 30.18
N MET D 179 78.05 -65.13 31.50
CA MET D 179 78.24 -63.93 32.29
C MET D 179 79.64 -63.90 32.92
N GLY D 180 80.08 -62.70 33.24
CA GLY D 180 81.37 -62.49 33.87
C GLY D 180 81.94 -61.16 33.46
N LEU D 181 83.05 -60.79 34.12
CA LEU D 181 83.72 -59.54 33.81
C LEU D 181 84.41 -59.61 32.45
N ASP D 182 85.02 -60.75 32.12
CA ASP D 182 85.66 -60.90 30.82
C ASP D 182 84.63 -61.06 29.71
N LEU D 183 83.47 -61.62 30.02
CA LEU D 183 82.37 -61.75 29.06
C LEU D 183 81.51 -60.50 29.00
N ARG D 184 81.78 -59.50 29.84
CA ARG D 184 81.10 -58.20 29.80
C ARG D 184 79.60 -58.30 30.05
N VAL D 185 79.17 -59.26 30.87
CA VAL D 185 77.79 -59.37 31.31
C VAL D 185 77.84 -59.47 32.84
N ILE D 186 77.55 -58.38 33.53
CA ILE D 186 77.75 -58.29 34.98
C ILE D 186 76.38 -58.25 35.65
N PRO D 187 76.00 -59.27 36.42
CA PRO D 187 74.76 -59.18 37.21
C PRO D 187 75.03 -58.47 38.54
N LEU D 188 74.37 -57.33 38.75
CA LEU D 188 74.61 -56.55 39.95
C LEU D 188 73.77 -57.02 41.13
N GLY D 189 72.48 -57.25 40.92
CA GLY D 189 71.62 -57.67 41.99
C GLY D 189 70.16 -57.64 41.59
N TYR D 190 69.31 -58.35 42.32
CA TYR D 190 67.89 -58.42 41.97
C TYR D 190 67.10 -57.21 42.43
N ASP D 191 67.63 -56.42 43.35
CA ASP D 191 66.95 -55.23 43.84
C ASP D 191 67.31 -54.02 42.99
N VAL D 192 66.37 -53.07 42.93
CA VAL D 192 66.55 -51.89 42.09
C VAL D 192 67.77 -51.10 42.56
N THR D 193 67.98 -51.02 43.88
CA THR D 193 69.10 -50.26 44.43
C THR D 193 70.44 -50.77 43.91
N SER D 194 70.52 -52.03 43.47
CA SER D 194 71.78 -52.55 42.93
C SER D 194 72.25 -51.79 41.70
N VAL D 195 71.36 -51.05 41.04
CA VAL D 195 71.76 -50.23 39.89
C VAL D 195 72.81 -49.20 40.33
N ILE D 196 72.79 -48.80 41.60
CA ILE D 196 73.80 -47.85 42.08
C ILE D 196 75.19 -48.41 41.87
N HIS D 197 75.33 -49.73 41.87
CA HIS D 197 76.65 -50.34 41.70
C HIS D 197 77.25 -50.09 40.32
N VAL D 198 76.45 -49.75 39.31
CA VAL D 198 77.03 -49.29 38.05
C VAL D 198 77.14 -47.76 38.05
N VAL D 199 76.26 -47.10 38.80
CA VAL D 199 76.38 -45.64 38.89
C VAL D 199 77.73 -45.25 39.49
N THR D 200 78.12 -45.92 40.57
CA THR D 200 79.43 -45.66 41.16
C THR D 200 80.58 -46.00 40.21
N ILE D 201 80.34 -46.87 39.21
CA ILE D 201 81.35 -47.09 38.18
C ILE D 201 81.60 -45.80 37.42
N ALA D 202 80.52 -45.12 37.05
CA ALA D 202 80.68 -43.85 36.34
C ALA D 202 81.27 -42.79 37.27
N ILE D 203 80.76 -42.69 38.49
CA ILE D 203 81.22 -41.64 39.41
C ILE D 203 82.72 -41.80 39.65
N ARG D 204 83.16 -43.00 40.01
CA ARG D 204 84.58 -43.23 40.22
C ARG D 204 85.37 -43.05 38.93
N ALA D 205 84.76 -43.28 37.77
CA ALA D 205 85.45 -42.98 36.52
C ALA D 205 85.81 -41.50 36.44
N ALA D 206 84.93 -40.65 36.96
CA ALA D 206 85.27 -39.23 37.06
C ALA D 206 86.30 -38.99 38.16
N LEU D 207 86.27 -39.78 39.22
CA LEU D 207 87.22 -39.57 40.32
C LEU D 207 88.63 -40.05 39.95
N ILE D 208 88.74 -41.14 39.20
CA ILE D 208 90.02 -41.75 38.87
C ILE D 208 90.53 -41.19 37.55
N PHE D 209 89.78 -41.40 36.46
CA PHE D 209 90.26 -41.00 35.14
C PHE D 209 90.19 -39.50 34.95
N GLY D 210 89.09 -38.88 35.38
CA GLY D 210 88.92 -37.45 35.19
C GLY D 210 89.72 -36.59 36.14
N GLY D 211 90.10 -37.12 37.30
CA GLY D 211 90.85 -36.34 38.25
C GLY D 211 90.04 -35.30 39.01
N ILE D 212 88.72 -35.31 38.88
CA ILE D 212 87.88 -34.36 39.59
C ILE D 212 87.88 -34.70 41.08
N LYS D 213 88.16 -33.71 41.91
CA LYS D 213 88.18 -33.94 43.35
C LYS D 213 86.76 -34.12 43.88
N GLY D 214 86.67 -34.78 45.03
CA GLY D 214 85.38 -35.01 45.64
C GLY D 214 84.72 -33.71 46.05
N GLY D 215 83.39 -33.69 45.94
CA GLY D 215 82.62 -32.51 46.24
C GLY D 215 82.32 -31.61 45.06
N GLN D 216 83.03 -31.80 43.94
CA GLN D 216 82.76 -31.03 42.72
C GLN D 216 81.68 -31.74 41.90
N LEU D 217 80.46 -31.66 42.44
CA LEU D 217 79.37 -32.46 41.89
C LEU D 217 79.07 -32.10 40.45
N ASN D 218 79.06 -30.81 40.12
CA ASN D 218 78.76 -30.40 38.74
C ASN D 218 79.83 -30.90 37.78
N ASP D 219 81.09 -30.85 38.20
CA ASP D 219 82.15 -31.39 37.35
C ASP D 219 81.99 -32.89 37.15
N ILE D 220 81.60 -33.60 38.21
CA ILE D 220 81.38 -35.04 38.09
C ILE D 220 80.24 -35.34 37.11
N LEU D 221 79.14 -34.59 37.23
CA LEU D 221 78.00 -34.81 36.34
C LEU D 221 78.35 -34.49 34.90
N LYS D 222 79.09 -33.39 34.68
CA LYS D 222 79.54 -33.07 33.34
C LYS D 222 80.44 -34.15 32.78
N TYR D 223 81.35 -34.68 33.61
CA TYR D 223 82.24 -35.74 33.14
C TYR D 223 81.48 -37.00 32.77
N THR D 224 80.51 -37.42 33.61
CA THR D 224 79.74 -38.62 33.29
C THR D 224 78.91 -38.40 32.03
N ALA D 225 78.39 -37.19 31.85
CA ALA D 225 77.57 -36.91 30.66
C ALA D 225 78.41 -36.93 29.39
N GLU D 226 79.63 -36.38 29.44
CA GLU D 226 80.41 -36.23 28.22
C GLU D 226 81.45 -37.31 27.98
N ARG D 227 81.67 -38.20 28.94
CA ARG D 227 82.76 -39.18 28.83
C ARG D 227 82.31 -40.61 29.02
N VAL D 228 81.34 -40.87 29.88
CA VAL D 228 80.88 -42.22 30.18
C VAL D 228 79.72 -42.54 29.23
N PRO D 229 79.88 -43.49 28.30
CA PRO D 229 78.80 -43.80 27.33
C PRO D 229 77.80 -44.83 27.86
N ALA D 230 77.14 -44.49 28.97
CA ALA D 230 76.18 -45.37 29.61
C ALA D 230 74.75 -44.98 29.22
N PHE D 231 73.86 -45.98 29.21
CA PHE D 231 72.45 -45.78 28.93
C PHE D 231 71.68 -46.87 29.67
N VAL D 232 70.38 -46.64 29.88
CA VAL D 232 69.53 -47.52 30.67
C VAL D 232 68.43 -48.08 29.76
N ASN D 233 68.27 -49.40 29.79
CA ASN D 233 67.13 -50.06 29.16
C ASN D 233 66.27 -50.67 30.27
N ALA D 234 65.16 -50.01 30.56
CA ALA D 234 64.23 -50.42 31.63
C ALA D 234 63.10 -51.19 30.98
N PHE D 235 63.04 -52.49 31.26
CA PHE D 235 62.02 -53.37 30.71
C PHE D 235 61.01 -53.75 31.78
N GLY D 236 59.77 -53.99 31.36
CA GLY D 236 58.72 -54.35 32.28
C GLY D 236 58.09 -53.17 32.97
N PRO D 237 57.03 -53.42 33.74
CA PRO D 237 56.35 -52.31 34.42
C PRO D 237 57.30 -51.59 35.35
N LEU D 238 57.18 -50.26 35.40
CA LEU D 238 58.11 -49.41 36.13
C LEU D 238 57.39 -48.79 37.33
N SER D 239 57.90 -49.04 38.52
CA SER D 239 57.36 -48.39 39.71
C SER D 239 57.89 -46.97 39.80
N GLU D 240 57.38 -46.24 40.79
CA GLU D 240 57.83 -44.87 41.01
C GLU D 240 59.30 -44.85 41.39
N LEU D 241 59.75 -45.83 42.17
CA LEU D 241 61.16 -45.90 42.53
C LEU D 241 62.04 -46.11 41.31
N VAL D 242 61.60 -46.97 40.38
CA VAL D 242 62.36 -47.19 39.15
C VAL D 242 62.44 -45.91 38.34
N VAL D 243 61.33 -45.15 38.27
CA VAL D 243 61.33 -43.90 37.53
C VAL D 243 62.25 -42.87 38.20
N SER D 244 62.27 -42.86 39.52
CA SER D 244 63.15 -41.96 40.25
C SER D 244 64.62 -42.32 40.04
N ALA D 245 64.94 -43.61 40.02
CA ALA D 245 66.31 -44.05 39.72
C ALA D 245 66.69 -43.68 38.28
N GLY D 246 65.75 -43.78 37.35
CA GLY D 246 65.98 -43.32 36.00
C GLY D 246 66.21 -41.82 35.92
N ALA D 247 65.52 -41.07 36.77
CA ALA D 247 65.78 -39.64 36.87
C ALA D 247 67.21 -39.40 37.34
N GLY D 248 67.70 -40.24 38.26
CA GLY D 248 69.11 -40.15 38.64
C GLY D 248 70.04 -40.44 37.47
N ALA D 249 69.73 -41.47 36.68
CA ALA D 249 70.55 -41.77 35.50
C ALA D 249 70.55 -40.60 34.51
N ILE D 250 69.39 -39.96 34.33
CA ILE D 250 69.31 -38.78 33.50
C ILE D 250 70.14 -37.65 34.08
N ALA D 251 70.11 -37.49 35.41
CA ALA D 251 70.94 -36.48 36.03
C ALA D 251 72.42 -36.72 35.75
N LEU D 252 72.83 -37.98 35.67
CA LEU D 252 74.19 -38.29 35.24
C LEU D 252 74.38 -38.19 33.72
N GLY D 253 73.38 -37.69 33.00
CA GLY D 253 73.52 -37.60 31.56
C GLY D 253 73.31 -38.88 30.80
N PHE D 254 72.79 -39.91 31.45
CA PHE D 254 72.58 -41.20 30.80
C PHE D 254 71.13 -41.30 30.32
N PRO D 255 70.87 -41.43 29.02
CA PRO D 255 69.47 -41.54 28.57
C PRO D 255 68.83 -42.86 29.02
N VAL D 256 67.53 -42.80 29.27
CA VAL D 256 66.77 -43.93 29.76
C VAL D 256 65.79 -44.33 28.67
N LEU D 257 65.86 -45.59 28.23
CA LEU D 257 64.97 -46.14 27.22
C LEU D 257 64.17 -47.26 27.86
N THR D 258 62.89 -47.35 27.49
CA THR D 258 61.99 -48.32 28.10
C THR D 258 61.01 -48.80 27.06
N ASP D 259 60.40 -49.95 27.32
CA ASP D 259 59.32 -50.48 26.51
C ASP D 259 57.95 -50.07 27.05
N GLN D 260 57.91 -49.27 28.12
CA GLN D 260 56.68 -48.84 28.74
C GLN D 260 56.30 -47.44 28.26
N VAL D 261 55.00 -47.15 28.37
CA VAL D 261 54.47 -45.83 28.07
C VAL D 261 54.84 -44.89 29.22
N VAL D 262 55.68 -43.91 28.93
CA VAL D 262 56.12 -42.93 29.93
C VAL D 262 56.02 -41.54 29.31
N PRO D 263 56.00 -40.48 30.13
CA PRO D 263 56.06 -39.13 29.55
C PRO D 263 57.44 -38.88 28.96
N GLU D 264 57.54 -38.92 27.64
CA GLU D 264 58.82 -38.90 26.97
C GLU D 264 59.49 -37.52 27.06
N VAL D 265 60.81 -37.53 27.18
CA VAL D 265 61.64 -36.34 27.11
C VAL D 265 62.66 -36.57 26.00
N PRO D 266 62.69 -35.74 24.96
CA PRO D 266 63.60 -36.00 23.82
C PRO D 266 65.05 -36.13 24.28
N THR D 267 65.71 -37.15 23.73
CA THR D 267 67.12 -37.48 23.97
C THR D 267 67.38 -37.98 25.40
N LEU D 268 66.39 -37.96 26.28
CA LEU D 268 66.60 -38.35 27.68
C LEU D 268 65.73 -39.51 28.11
N LEU D 269 64.43 -39.48 27.86
CA LEU D 269 63.51 -40.53 28.27
C LEU D 269 62.72 -40.91 27.03
N LEU D 270 62.91 -42.15 26.56
CA LEU D 270 62.38 -42.59 25.28
C LEU D 270 61.67 -43.93 25.43
N THR D 271 60.56 -44.08 24.72
CA THR D 271 59.81 -45.32 24.70
C THR D 271 60.06 -46.03 23.38
N GLN D 272 60.46 -47.30 23.45
CA GLN D 272 60.68 -48.12 22.26
C GLN D 272 60.06 -49.49 22.58
N LYS D 273 58.88 -49.73 22.02
CA LYS D 273 58.22 -51.03 22.24
C LYS D 273 58.91 -52.15 21.47
N ASP D 274 59.40 -51.86 20.28
CA ASP D 274 59.98 -52.88 19.40
C ASP D 274 61.30 -53.38 19.95
N TYR D 275 61.30 -54.60 20.50
CA TYR D 275 62.51 -55.18 21.07
C TYR D 275 63.56 -55.47 20.00
N ASP D 276 63.15 -55.60 18.74
CA ASP D 276 64.09 -55.81 17.66
C ASP D 276 64.88 -54.57 17.30
N LYS D 277 64.45 -53.39 17.75
CA LYS D 277 65.15 -52.14 17.46
C LYS D 277 65.66 -51.45 18.72
N MET D 278 65.55 -52.09 19.88
CA MET D 278 65.98 -51.44 21.12
C MET D 278 67.49 -51.18 21.14
N VAL D 279 68.28 -52.13 20.63
CA VAL D 279 69.73 -51.95 20.63
C VAL D 279 70.15 -50.77 19.76
N LYS D 280 69.62 -50.70 18.54
CA LYS D 280 69.93 -49.58 17.64
C LYS D 280 69.42 -48.26 18.21
N THR D 281 68.22 -48.28 18.81
CA THR D 281 67.67 -47.07 19.42
C THR D 281 68.58 -46.57 20.53
N SER D 282 69.09 -47.48 21.37
CA SER D 282 69.99 -47.07 22.45
C SER D 282 71.32 -46.58 21.92
N LEU D 283 71.87 -47.24 20.91
CA LEU D 283 73.14 -46.79 20.34
C LEU D 283 73.00 -45.41 19.73
N GLU D 284 71.89 -45.15 19.06
CA GLU D 284 71.65 -43.79 18.54
C GLU D 284 71.45 -42.79 19.67
N ALA D 285 70.70 -43.16 20.71
CA ALA D 285 70.39 -42.23 21.78
C ALA D 285 71.63 -41.87 22.58
N ARG D 286 72.56 -42.80 22.73
CA ARG D 286 73.81 -42.54 23.41
C ARG D 286 74.93 -42.16 22.47
N ASN D 287 74.65 -42.04 21.17
CA ASN D 287 75.63 -41.61 20.17
C ASN D 287 76.84 -42.56 20.14
N ILE D 288 76.57 -43.86 20.16
CA ILE D 288 77.60 -44.90 20.22
C ILE D 288 77.88 -45.41 18.81
N LYS D 289 79.15 -45.46 18.44
CA LYS D 289 79.59 -46.00 17.15
C LYS D 289 80.24 -47.35 17.38
N ILE D 290 79.82 -48.35 16.61
CA ILE D 290 80.39 -49.69 16.71
C ILE D 290 81.47 -49.83 15.65
N LYS E 3 58.13 10.26 34.10
CA LYS E 3 58.29 8.87 33.63
C LYS E 3 59.21 8.81 32.43
N ALA E 4 60.03 7.77 32.39
CA ALA E 4 60.90 7.52 31.25
C ALA E 4 60.05 7.22 30.02
N LYS E 5 60.55 7.65 28.86
CA LYS E 5 59.81 7.45 27.62
C LYS E 5 60.07 6.07 27.02
N SER E 6 61.24 5.49 27.28
CA SER E 6 61.57 4.20 26.72
C SER E 6 62.68 3.58 27.55
N ILE E 7 62.84 2.26 27.41
CA ILE E 7 63.99 1.56 27.98
C ILE E 7 65.14 1.44 26.98
N ASP E 8 64.91 1.80 25.72
CA ASP E 8 65.90 1.66 24.66
C ASP E 8 66.80 2.90 24.59
N GLN E 9 68.11 2.66 24.68
CA GLN E 9 69.05 3.77 24.73
C GLN E 9 69.09 4.54 23.41
N ALA E 10 69.02 3.86 22.27
CA ALA E 10 68.99 4.56 20.99
C ALA E 10 67.76 5.44 20.88
N THR E 11 66.62 4.94 21.36
CA THR E 11 65.40 5.75 21.43
C THR E 11 65.61 7.01 22.26
N LEU E 12 66.27 6.87 23.41
CA LEU E 12 66.51 8.04 24.27
C LEU E 12 67.45 9.06 23.62
N GLN E 13 68.49 8.59 22.95
CA GLN E 13 69.41 9.51 22.26
C GLN E 13 68.67 10.28 21.17
N LEU E 14 67.83 9.59 20.40
CA LEU E 14 67.08 10.27 19.35
C LEU E 14 66.00 11.19 19.91
N LEU E 15 65.45 10.89 21.08
CA LEU E 15 64.51 11.81 21.71
C LEU E 15 65.22 13.10 22.15
N ASP E 16 66.43 12.98 22.67
CA ASP E 16 67.22 14.18 22.95
C ASP E 16 67.49 14.97 21.68
N LYS E 17 67.83 14.27 20.59
CA LYS E 17 68.05 14.97 19.33
C LYS E 17 66.78 15.67 18.83
N ALA E 18 65.63 15.02 18.96
CA ALA E 18 64.36 15.61 18.52
C ALA E 18 64.03 16.85 19.36
N LYS E 19 64.31 16.79 20.65
CA LYS E 19 64.15 17.98 21.47
C LYS E 19 65.07 19.10 20.99
N GLN E 20 66.33 18.77 20.67
CA GLN E 20 67.26 19.80 20.19
C GLN E 20 66.84 20.37 18.83
N ASP E 21 66.20 19.56 18.00
CA ASP E 21 65.78 19.99 16.67
C ASP E 21 64.43 20.70 16.68
N GLY E 22 63.76 20.75 17.82
CA GLY E 22 62.47 21.40 17.89
C GLY E 22 61.37 20.71 17.11
N VAL E 23 61.33 19.38 17.13
CA VAL E 23 60.28 18.64 16.45
C VAL E 23 59.49 17.87 17.50
N GLU E 24 58.21 17.65 17.22
CA GLU E 24 57.34 16.97 18.16
C GLU E 24 57.31 15.47 17.86
N THR E 25 57.15 14.68 18.91
CA THR E 25 57.05 13.24 18.80
C THR E 25 55.68 12.80 19.30
N VAL E 26 55.46 11.49 19.23
CA VAL E 26 54.24 10.90 19.78
C VAL E 26 54.19 11.13 21.29
N TRP E 27 55.35 11.09 21.96
CA TRP E 27 55.38 11.37 23.40
C TRP E 27 54.92 12.80 23.69
N ASP E 28 55.39 13.77 22.88
CA ASP E 28 54.99 15.17 23.06
C ASP E 28 53.49 15.35 22.84
N ARG E 29 52.94 14.70 21.82
CA ARG E 29 51.50 14.82 21.58
C ARG E 29 50.69 14.15 22.70
N LYS E 30 51.18 13.03 23.23
CA LYS E 30 50.51 12.40 24.38
C LYS E 30 50.51 13.35 25.58
N ALA E 31 51.63 14.02 25.82
CA ALA E 31 51.67 15.00 26.89
C ALA E 31 50.69 16.13 26.63
N ASP E 32 50.62 16.61 25.39
CA ASP E 32 49.69 17.70 25.06
C ASP E 32 48.25 17.28 25.27
N MET E 33 47.94 16.01 25.04
CA MET E 33 46.57 15.55 25.26
C MET E 33 46.19 15.60 26.73
N LYS E 34 47.18 15.60 27.63
CA LYS E 34 46.88 15.68 29.08
C LYS E 34 45.89 14.61 29.57
N VAL E 35 45.02 14.97 30.52
CA VAL E 35 44.07 13.99 31.05
C VAL E 35 43.05 13.67 29.97
N GLN E 36 43.03 12.42 29.52
CA GLN E 36 42.13 12.01 28.47
C GLN E 36 40.71 11.84 29.02
N CYS E 37 39.72 11.97 28.12
CA CYS E 37 38.33 11.99 28.55
C CYS E 37 37.96 10.70 29.29
N GLY E 38 37.41 10.87 30.49
CA GLY E 38 37.03 9.72 31.30
C GLY E 38 35.94 8.88 30.67
N PHE E 39 34.95 9.53 30.03
CA PHE E 39 33.85 8.80 29.41
C PHE E 39 34.36 7.91 28.28
N GLY E 40 35.20 8.48 27.40
CA GLY E 40 35.77 7.69 26.32
C GLY E 40 36.71 6.61 26.82
N SER E 41 37.47 6.91 27.88
CA SER E 41 38.38 5.92 28.44
C SER E 41 37.62 4.73 29.02
N ALA E 42 36.46 4.97 29.63
CA ALA E 42 35.65 3.88 30.16
C ALA E 42 34.74 3.24 29.12
N GLY E 43 34.61 3.84 27.93
CA GLY E 43 33.76 3.29 26.89
C GLY E 43 32.27 3.58 27.05
N VAL E 44 31.90 4.53 27.91
CA VAL E 44 30.50 4.87 28.18
C VAL E 44 30.03 6.06 27.34
N CYS E 45 30.80 6.49 26.35
CA CYS E 45 30.37 7.51 25.41
C CYS E 45 29.90 6.85 24.13
N CYS E 46 28.81 7.36 23.57
CA CYS E 46 28.27 6.82 22.34
C CYS E 46 28.04 7.94 21.34
N ARG E 47 28.38 7.66 20.07
CA ARG E 47 28.12 8.62 18.99
C ARG E 47 27.52 7.92 17.77
N ASN E 48 26.82 6.81 18.00
CA ASN E 48 26.34 6.00 16.89
C ASN E 48 25.18 6.62 16.12
N CYS E 49 24.57 7.69 16.64
CA CYS E 49 23.52 8.38 15.89
C CYS E 49 23.57 9.85 16.23
N SER E 50 22.91 10.67 15.41
CA SER E 50 22.97 12.12 15.60
C SER E 50 21.97 12.62 16.64
N MET E 51 21.18 11.73 17.26
CA MET E 51 20.54 12.13 18.51
C MET E 51 21.58 12.43 19.57
N GLY E 52 22.68 11.67 19.59
CA GLY E 52 23.79 11.92 20.49
C GLY E 52 24.60 13.16 20.12
N PRO E 53 25.83 13.29 20.67
CA PRO E 53 26.56 12.31 21.52
C PRO E 53 25.93 12.07 22.90
N CYS E 54 25.97 10.81 23.37
CA CYS E 54 25.46 10.43 24.68
C CYS E 54 26.60 9.90 25.53
N ARG E 55 26.65 10.35 26.77
CA ARG E 55 27.57 9.81 27.76
C ARG E 55 26.76 9.44 28.99
N VAL E 56 26.97 8.23 29.45
CA VAL E 56 26.34 7.70 30.64
C VAL E 56 27.42 7.50 31.69
N SER E 57 27.00 7.38 32.93
CA SER E 57 27.93 7.29 34.03
C SER E 57 28.73 5.99 33.97
N PRO E 58 30.06 6.05 34.10
CA PRO E 58 30.84 4.81 34.25
C PRO E 58 30.61 4.12 35.59
N VAL E 59 29.99 4.82 36.54
CA VAL E 59 29.69 4.28 37.87
C VAL E 59 28.19 3.94 37.91
N PRO E 60 27.81 2.66 38.01
CA PRO E 60 26.37 2.35 38.05
C PRO E 60 25.70 2.92 39.29
N GLY E 61 24.44 3.31 39.13
CA GLY E 61 23.65 3.85 40.22
C GLY E 61 23.82 5.33 40.46
N LYS E 62 24.66 6.01 39.68
CA LYS E 62 24.92 7.43 39.84
C LYS E 62 24.82 8.09 38.47
N GLY E 63 24.36 9.34 38.46
CA GLY E 63 24.35 10.14 37.24
C GLY E 63 23.39 9.62 36.17
N VAL E 64 23.66 10.02 34.93
CA VAL E 64 22.85 9.61 33.79
C VAL E 64 23.07 8.14 33.51
N GLU E 65 21.98 7.38 33.39
CA GLU E 65 22.05 5.94 33.23
C GLU E 65 21.95 5.49 31.78
N ARG E 66 21.13 6.16 30.97
CA ARG E 66 20.87 5.68 29.62
C ARG E 66 21.11 6.80 28.60
N GLY E 67 21.50 6.40 27.40
CA GLY E 67 21.54 7.31 26.29
C GLY E 67 20.11 7.71 25.91
N ILE E 68 20.03 8.58 24.91
CA ILE E 68 18.74 9.15 24.51
C ILE E 68 17.80 8.07 23.99
N CYS E 69 18.32 7.13 23.22
CA CYS E 69 17.54 5.99 22.74
C CYS E 69 17.19 4.99 23.83
N GLY E 70 17.77 5.13 25.03
CA GLY E 70 17.58 4.20 26.12
C GLY E 70 18.67 3.17 26.32
N ALA E 71 19.76 3.23 25.56
CA ALA E 71 20.84 2.25 25.68
C ALA E 71 21.60 2.40 27.00
N THR E 72 21.84 1.28 27.68
CA THR E 72 22.54 1.27 28.96
C THR E 72 24.05 1.40 28.75
N ALA E 73 24.76 1.54 29.87
CA ALA E 73 26.21 1.57 29.80
C ALA E 73 26.76 0.27 29.23
N ASP E 74 26.18 -0.87 29.62
CA ASP E 74 26.63 -2.15 29.07
C ASP E 74 26.43 -2.21 27.57
N VAL E 75 25.28 -1.71 27.07
CA VAL E 75 25.04 -1.71 25.63
C VAL E 75 26.06 -0.83 24.91
N ILE E 76 26.31 0.37 25.44
CA ILE E 76 27.24 1.30 24.80
C ILE E 76 28.64 0.71 24.77
N VAL E 77 29.07 0.14 25.90
CA VAL E 77 30.39 -0.47 25.99
C VAL E 77 30.50 -1.64 25.02
N SER E 78 29.50 -2.52 24.99
CA SER E 78 29.57 -3.71 24.13
C SER E 78 29.61 -3.31 22.66
N ARG E 79 28.82 -2.32 22.25
CA ARG E 79 28.85 -1.87 20.86
C ARG E 79 30.19 -1.25 20.50
N ASN E 80 30.76 -0.42 21.38
CA ASN E 80 32.08 0.16 21.12
C ASN E 80 33.13 -0.94 20.97
N PHE E 81 33.11 -1.93 21.85
CA PHE E 81 34.05 -3.03 21.76
C PHE E 81 33.88 -3.80 20.44
N ALA E 82 32.64 -4.06 20.06
CA ALA E 82 32.37 -4.79 18.82
C ALA E 82 32.88 -4.04 17.60
N ARG E 83 32.73 -2.71 17.59
CA ARG E 83 33.22 -1.94 16.47
C ARG E 83 34.74 -1.94 16.40
N MET E 84 35.41 -1.94 17.57
CA MET E 84 36.87 -2.10 17.53
C MET E 84 37.26 -3.44 16.90
N VAL E 85 36.57 -4.52 17.30
CA VAL E 85 36.85 -5.83 16.72
C VAL E 85 36.60 -5.81 15.21
N ALA E 86 35.51 -5.20 14.78
CA ALA E 86 35.19 -5.15 13.35
C ALA E 86 36.25 -4.38 12.57
N ALA E 87 36.74 -3.28 13.13
CA ALA E 87 37.78 -2.52 12.45
C ALA E 87 39.08 -3.32 12.33
N GLY E 88 39.49 -3.99 13.41
CA GLY E 88 40.68 -4.82 13.35
C GLY E 88 40.55 -5.96 12.35
N THR E 89 39.39 -6.61 12.34
CA THR E 89 39.12 -7.67 11.38
C THR E 89 39.18 -7.12 9.97
N ALA E 90 38.65 -5.91 9.74
CA ALA E 90 38.70 -5.32 8.41
C ALA E 90 40.13 -5.08 7.95
N ALA E 91 40.98 -4.55 8.83
CA ALA E 91 42.36 -4.32 8.44
C ALA E 91 43.05 -5.62 8.05
N HIS E 92 42.94 -6.65 8.91
CA HIS E 92 43.61 -7.91 8.59
C HIS E 92 43.03 -8.57 7.34
N SER E 93 41.70 -8.51 7.16
CA SER E 93 41.05 -9.14 6.02
C SER E 93 41.39 -8.43 4.73
N ASP E 94 41.52 -7.11 4.76
CA ASP E 94 41.94 -6.40 3.55
C ASP E 94 43.37 -6.79 3.16
N HIS E 95 44.25 -6.93 4.16
CA HIS E 95 45.60 -7.42 3.88
C HIS E 95 45.55 -8.79 3.20
N GLY E 96 44.81 -9.73 3.79
CA GLY E 96 44.72 -11.06 3.21
C GLY E 96 44.07 -11.08 1.84
N ARG E 97 43.09 -10.21 1.61
CA ARG E 97 42.45 -10.11 0.30
C ARG E 97 43.43 -9.64 -0.77
N SER E 98 44.26 -8.65 -0.45
CA SER E 98 45.30 -8.23 -1.39
C SER E 98 46.25 -9.38 -1.70
N ILE E 99 46.64 -10.14 -0.67
CA ILE E 99 47.54 -11.28 -0.91
C ILE E 99 46.88 -12.30 -1.82
N ALA E 100 45.60 -12.61 -1.58
CA ALA E 100 44.92 -13.59 -2.43
C ALA E 100 44.82 -13.10 -3.86
N LEU E 101 44.52 -11.82 -4.07
CA LEU E 101 44.48 -11.28 -5.43
C LEU E 101 45.84 -11.37 -6.11
N SER E 102 46.92 -11.10 -5.35
CA SER E 102 48.26 -11.28 -5.92
C SER E 102 48.49 -12.73 -6.30
N LEU E 103 48.05 -13.66 -5.45
CA LEU E 103 48.19 -15.08 -5.81
C LEU E 103 47.44 -15.39 -7.10
N TYR E 104 46.25 -14.82 -7.25
CA TYR E 104 45.45 -15.06 -8.44
C TYR E 104 46.14 -14.60 -9.71
N HIS E 105 47.05 -13.62 -9.61
CA HIS E 105 47.72 -13.07 -10.79
C HIS E 105 49.13 -13.62 -11.00
N THR E 106 49.52 -14.68 -10.29
CA THR E 106 50.85 -15.24 -10.47
C THR E 106 51.00 -15.91 -11.84
N SER E 107 52.21 -15.85 -12.38
CA SER E 107 52.51 -16.49 -13.65
C SER E 107 53.97 -16.91 -13.64
N LYS E 108 54.29 -17.84 -14.53
CA LYS E 108 55.65 -18.35 -14.62
C LYS E 108 56.63 -17.26 -15.00
N ASP E 109 56.29 -16.41 -15.97
CA ASP E 109 57.18 -15.38 -16.47
C ASP E 109 56.85 -13.98 -15.95
N GLY E 110 56.00 -13.88 -14.93
CA GLY E 110 55.63 -12.60 -14.37
C GLY E 110 56.50 -12.18 -13.20
N ASP E 111 56.18 -11.00 -12.67
CA ASP E 111 56.90 -10.48 -11.51
C ASP E 111 56.60 -11.29 -10.25
N ILE E 112 55.40 -11.83 -10.12
CA ILE E 112 54.98 -12.60 -8.96
C ILE E 112 54.88 -14.06 -9.38
N LYS E 113 55.68 -14.91 -8.77
CA LYS E 113 55.74 -16.33 -9.09
C LYS E 113 55.35 -17.15 -7.87
N VAL E 114 55.42 -18.47 -8.02
CA VAL E 114 55.25 -19.41 -6.92
C VAL E 114 56.64 -19.89 -6.53
N LYS E 115 57.05 -19.60 -5.30
CA LYS E 115 58.39 -19.96 -4.86
C LYS E 115 58.42 -21.19 -3.96
N ASP E 116 57.29 -21.59 -3.39
CA ASP E 116 57.20 -22.77 -2.53
C ASP E 116 56.06 -23.64 -3.05
N GLU E 117 56.41 -24.56 -3.95
CA GLU E 117 55.40 -25.42 -4.57
C GLU E 117 54.85 -26.44 -3.61
N ASN E 118 55.69 -26.96 -2.70
CA ASN E 118 55.20 -27.92 -1.71
C ASN E 118 54.17 -27.29 -0.79
N LYS E 119 54.45 -26.06 -0.35
CA LYS E 119 53.49 -25.33 0.47
C LYS E 119 52.19 -25.10 -0.29
N LEU E 120 52.28 -24.74 -1.57
CA LEU E 120 51.09 -24.54 -2.38
C LEU E 120 50.29 -25.83 -2.49
N LYS E 121 50.96 -26.96 -2.69
CA LYS E 121 50.23 -28.23 -2.80
C LYS E 121 49.55 -28.60 -1.50
N GLU E 122 50.19 -28.37 -0.36
CA GLU E 122 49.53 -28.64 0.92
C GLU E 122 48.33 -27.72 1.14
N VAL E 123 48.48 -26.44 0.80
CA VAL E 123 47.36 -25.50 0.90
C VAL E 123 46.21 -25.92 -0.02
N ALA E 124 46.55 -26.37 -1.22
CA ALA E 124 45.54 -26.83 -2.17
C ALA E 124 44.80 -28.04 -1.64
N LYS E 125 45.54 -28.93 -0.96
CA LYS E 125 44.89 -30.04 -0.26
C LYS E 125 43.93 -29.52 0.80
N SER E 126 44.31 -28.48 1.53
CA SER E 126 43.42 -27.91 2.54
C SER E 126 42.19 -27.26 1.91
N PHE E 127 42.27 -26.80 0.66
CA PHE E 127 41.15 -26.16 -0.01
C PHE E 127 40.44 -27.09 -0.99
N ASN E 128 40.71 -28.39 -0.94
CA ASN E 128 40.09 -29.35 -1.83
C ASN E 128 40.36 -29.01 -3.30
N VAL E 129 41.59 -28.62 -3.61
CA VAL E 129 42.02 -28.31 -4.98
C VAL E 129 42.92 -29.44 -5.43
N GLU E 130 42.60 -30.04 -6.58
CA GLU E 130 43.40 -31.13 -7.11
C GLU E 130 44.77 -30.62 -7.57
N THR E 131 45.80 -31.45 -7.40
CA THR E 131 47.17 -31.05 -7.68
C THR E 131 47.88 -32.02 -8.62
N GLU E 132 47.50 -33.30 -8.56
CA GLU E 132 48.23 -34.33 -9.28
C GLU E 132 48.14 -34.13 -10.79
N GLY E 133 49.29 -34.13 -11.45
CA GLY E 133 49.34 -33.96 -12.89
C GLY E 133 48.76 -32.65 -13.36
N ARG E 134 49.02 -31.56 -12.63
CA ARG E 134 48.48 -30.26 -12.98
C ARG E 134 49.60 -29.23 -13.01
N ASP E 135 49.40 -28.21 -13.84
CA ASP E 135 50.31 -27.08 -13.88
C ASP E 135 50.27 -26.32 -12.55
N ILE E 136 51.44 -25.86 -12.11
CA ILE E 136 51.55 -25.27 -10.79
C ILE E 136 50.74 -23.97 -10.72
N TYR E 137 50.72 -23.19 -11.81
CA TYR E 137 50.00 -21.92 -11.78
C TYR E 137 48.50 -22.10 -11.93
N ASP E 138 48.05 -23.16 -12.60
CA ASP E 138 46.62 -23.50 -12.56
C ASP E 138 46.18 -23.82 -11.15
N ILE E 139 46.99 -24.60 -10.43
CA ILE E 139 46.72 -24.88 -9.03
C ILE E 139 46.69 -23.59 -8.21
N ALA E 140 47.67 -22.71 -8.44
CA ALA E 140 47.72 -21.46 -7.68
C ALA E 140 46.47 -20.63 -7.91
N HIS E 141 46.01 -20.55 -9.15
CA HIS E 141 44.80 -19.78 -9.44
C HIS E 141 43.58 -20.39 -8.79
N ASP E 142 43.45 -21.71 -8.83
CA ASP E 142 42.32 -22.35 -8.15
C ASP E 142 42.35 -22.09 -6.64
N VAL E 143 43.53 -22.19 -6.04
CA VAL E 143 43.67 -21.92 -4.62
C VAL E 143 43.29 -20.48 -4.30
N ALA E 144 43.74 -19.54 -5.14
CA ALA E 144 43.37 -18.13 -4.94
C ALA E 144 41.87 -17.92 -5.05
N LYS E 145 41.23 -18.61 -5.99
CA LYS E 145 39.76 -18.50 -6.13
C LYS E 145 39.06 -18.99 -4.87
N GLU E 146 39.49 -20.12 -4.32
CA GLU E 146 38.88 -20.63 -3.08
C GLU E 146 39.09 -19.65 -1.92
N GLY E 147 40.31 -19.12 -1.81
CA GLY E 147 40.58 -18.15 -0.75
C GLY E 147 39.73 -16.90 -0.87
N LEU E 148 39.57 -16.39 -2.09
CA LEU E 148 38.73 -15.21 -2.32
C LEU E 148 37.28 -15.53 -1.99
N SER E 149 36.81 -16.72 -2.31
CA SER E 149 35.43 -17.07 -1.97
C SER E 149 35.25 -17.07 -0.45
N ASN E 150 36.29 -17.39 0.32
CA ASN E 150 36.18 -17.31 1.78
C ASN E 150 35.79 -15.89 2.23
N TYR E 151 36.14 -14.86 1.47
CA TYR E 151 35.85 -13.50 1.91
C TYR E 151 34.39 -13.10 1.70
N GLY E 152 33.74 -13.57 0.64
CA GLY E 152 32.44 -13.03 0.30
C GLY E 152 31.37 -14.01 -0.12
N LYS E 153 31.55 -15.30 0.16
CA LYS E 153 30.52 -16.28 -0.17
C LYS E 153 29.27 -16.05 0.68
N GLN E 154 28.09 -16.13 0.04
CA GLN E 154 26.82 -15.94 0.73
C GLN E 154 26.06 -17.25 0.96
N LEU E 155 26.43 -18.31 0.25
CA LEU E 155 25.85 -19.63 0.43
C LEU E 155 26.96 -20.61 0.79
N GLY E 156 26.66 -21.54 1.69
CA GLY E 156 27.62 -22.56 2.07
C GLY E 156 28.49 -22.16 3.24
N GLU E 157 29.40 -23.09 3.57
CA GLU E 157 30.32 -22.93 4.69
C GLU E 157 31.70 -22.53 4.17
N VAL E 158 32.41 -21.77 5.00
CA VAL E 158 33.76 -21.32 4.69
C VAL E 158 34.76 -22.46 4.89
N THR E 159 35.99 -22.27 4.40
CA THR E 159 37.03 -23.28 4.50
C THR E 159 38.01 -22.88 5.61
N LEU E 160 38.29 -23.81 6.52
CA LEU E 160 39.15 -23.54 7.67
C LEU E 160 40.35 -24.48 7.65
N PRO E 161 41.49 -24.06 8.22
CA PRO E 161 42.71 -24.88 8.12
C PRO E 161 42.56 -26.20 8.84
N PRO E 162 43.26 -27.26 8.38
CA PRO E 162 43.14 -28.56 9.06
C PRO E 162 43.71 -28.59 10.47
N SER E 163 44.55 -27.63 10.85
CA SER E 163 45.11 -27.64 12.19
C SER E 163 44.08 -27.29 13.26
N LEU E 164 42.94 -26.71 12.88
CA LEU E 164 41.90 -26.35 13.83
C LEU E 164 41.18 -27.58 14.36
N PRO E 165 41.18 -27.84 15.67
CA PRO E 165 40.57 -29.09 16.17
C PRO E 165 39.07 -29.18 15.91
N GLU E 166 38.63 -30.42 15.69
CA GLU E 166 37.21 -30.67 15.46
C GLU E 166 36.39 -30.25 16.67
N LYS E 167 36.93 -30.48 17.87
CA LYS E 167 36.21 -30.11 19.08
C LYS E 167 35.98 -28.61 19.16
N ARG E 168 36.99 -27.82 18.78
CA ARG E 168 36.84 -26.36 18.78
C ARG E 168 35.77 -25.92 17.79
N LYS E 169 35.75 -26.54 16.61
CA LYS E 169 34.69 -26.20 15.64
C LYS E 169 33.30 -26.55 16.16
N GLU E 170 33.17 -27.72 16.79
CA GLU E 170 31.87 -28.11 17.33
C GLU E 170 31.45 -27.18 18.46
N LEU E 171 32.39 -26.78 19.31
CA LEU E 171 32.07 -25.82 20.36
C LEU E 171 31.60 -24.49 19.78
N TRP E 172 32.27 -24.01 18.72
CA TRP E 172 31.85 -22.77 18.05
C TRP E 172 30.43 -22.90 17.50
N ARG E 173 30.14 -24.02 16.84
CA ARG E 173 28.81 -24.23 16.27
C ARG E 173 27.74 -24.24 17.36
N LYS E 174 28.01 -24.92 18.47
CA LYS E 174 27.04 -24.94 19.57
C LYS E 174 26.85 -23.55 20.16
N LEU E 175 27.94 -22.78 20.27
CA LEU E 175 27.84 -21.46 20.86
C LEU E 175 27.19 -20.44 19.92
N GLY E 176 27.18 -20.70 18.63
CA GLY E 176 26.66 -19.75 17.66
C GLY E 176 27.64 -18.75 17.12
N VAL E 177 28.94 -19.03 17.22
CA VAL E 177 29.98 -18.12 16.74
C VAL E 177 30.76 -18.73 15.58
N TYR E 178 30.24 -19.80 14.98
CA TYR E 178 30.96 -20.42 13.88
C TYR E 178 31.06 -19.43 12.71
N PRO E 179 32.27 -19.17 12.19
CA PRO E 179 32.44 -18.05 11.24
C PRO E 179 31.75 -18.26 9.90
N ARG E 180 31.34 -17.14 9.31
CA ARG E 180 30.89 -17.01 7.92
C ARG E 180 31.96 -16.23 7.15
N ALA E 181 31.64 -15.84 5.92
CA ALA E 181 32.56 -15.05 5.10
C ALA E 181 32.98 -13.78 5.82
N VAL E 182 34.25 -13.39 5.64
CA VAL E 182 34.86 -12.36 6.48
C VAL E 182 34.12 -11.03 6.36
N ASP E 183 33.93 -10.56 5.13
CA ASP E 183 33.25 -9.28 4.92
C ASP E 183 31.81 -9.34 5.42
N ARG E 184 31.17 -10.50 5.28
CA ARG E 184 29.82 -10.67 5.81
C ARG E 184 29.79 -10.48 7.33
N GLU E 185 30.79 -11.01 8.04
CA GLU E 185 30.80 -10.87 9.50
C GLU E 185 31.09 -9.43 9.92
N ILE E 186 31.99 -8.75 9.21
CA ILE E 186 32.23 -7.33 9.48
C ILE E 186 30.94 -6.53 9.28
N ALA E 187 30.23 -6.80 8.18
CA ALA E 187 28.97 -6.10 7.92
C ALA E 187 27.94 -6.41 8.99
N ALA E 188 27.89 -7.66 9.46
CA ALA E 188 26.94 -8.03 10.51
C ALA E 188 27.21 -7.26 11.80
N VAL E 189 28.47 -7.14 12.19
CA VAL E 189 28.79 -6.38 13.40
C VAL E 189 28.39 -4.92 13.22
N MET E 190 28.73 -4.33 12.08
CA MET E 190 28.38 -2.93 11.84
C MET E 190 26.87 -2.74 11.83
N HIS E 191 26.13 -3.69 11.28
CA HIS E 191 24.67 -3.60 11.29
C HIS E 191 24.11 -3.69 12.71
N SER E 192 24.61 -4.63 13.52
CA SER E 192 24.03 -4.81 14.85
C SER E 192 24.40 -3.68 15.82
N THR E 193 25.47 -2.94 15.57
CA THR E 193 25.74 -1.77 16.42
C THR E 193 24.95 -0.52 16.02
N HIS E 194 24.21 -0.54 14.92
CA HIS E 194 23.40 0.62 14.50
C HIS E 194 22.34 0.94 15.55
N ILE E 195 21.96 2.23 15.63
CA ILE E 195 21.00 2.65 16.65
C ILE E 195 19.77 1.77 16.57
N GLY E 196 19.32 1.29 17.72
CA GLY E 196 18.08 0.55 17.79
C GLY E 196 18.17 -0.86 17.21
N CYS E 197 19.35 -1.48 17.20
CA CYS E 197 19.45 -2.89 16.82
C CYS E 197 19.72 -3.73 18.05
N ASN E 198 20.97 -3.99 18.40
CA ASN E 198 21.29 -4.99 19.40
C ASN E 198 21.60 -4.22 20.67
N ALA E 199 20.89 -4.57 21.74
CA ALA E 199 21.00 -3.93 23.04
C ALA E 199 21.08 -5.00 24.13
N ASP E 200 21.94 -5.99 23.88
CA ASP E 200 22.19 -7.08 24.81
C ASP E 200 23.67 -7.39 24.77
N ALA E 201 24.36 -7.22 25.90
CA ALA E 201 25.82 -7.28 25.91
C ALA E 201 26.34 -8.66 25.51
N GLU E 202 25.72 -9.73 26.00
CA GLU E 202 26.23 -11.08 25.72
C GLU E 202 26.17 -11.38 24.23
N ALA E 203 25.04 -11.07 23.60
CA ALA E 203 24.89 -11.30 22.16
C ALA E 203 25.87 -10.44 21.37
N MET E 204 26.09 -9.20 21.83
CA MET E 204 27.04 -8.32 21.14
C MET E 204 28.46 -8.88 21.19
N ILE E 205 28.88 -9.36 22.35
CA ILE E 205 30.21 -9.95 22.51
C ILE E 205 30.34 -11.20 21.64
N LYS E 206 29.29 -12.02 21.60
CA LYS E 206 29.33 -13.22 20.76
C LYS E 206 29.45 -12.87 19.28
N MET E 207 28.75 -11.84 18.83
CA MET E 207 28.91 -11.39 17.44
C MET E 207 30.34 -10.94 17.17
N SER E 208 30.94 -10.21 18.13
CA SER E 208 32.33 -9.76 17.94
C SER E 208 33.31 -10.94 17.90
N MET E 209 33.09 -11.96 18.74
CA MET E 209 33.92 -13.16 18.68
C MET E 209 33.78 -13.85 17.33
N ARG E 210 32.54 -13.96 16.84
CA ARG E 210 32.31 -14.58 15.53
C ARG E 210 33.05 -13.82 14.45
N CYS E 211 33.00 -12.49 14.49
CA CYS E 211 33.73 -11.68 13.52
C CYS E 211 35.23 -11.89 13.62
N SER E 212 35.78 -11.93 14.84
CA SER E 212 37.23 -12.07 15.03
C SER E 212 37.74 -13.41 14.53
N LEU E 213 36.90 -14.45 14.58
CA LEU E 213 37.32 -15.76 14.07
C LEU E 213 37.66 -15.70 12.57
N THR E 214 36.89 -14.94 11.80
CA THR E 214 37.19 -14.76 10.37
C THR E 214 38.52 -14.04 10.16
N ASP E 215 39.01 -13.30 11.15
CA ASP E 215 40.35 -12.74 11.07
C ASP E 215 41.39 -13.81 11.37
N GLY E 216 41.27 -14.43 12.55
CA GLY E 216 42.33 -15.34 13.01
C GLY E 216 42.51 -16.54 12.11
N TRP E 217 41.42 -17.20 11.73
CA TRP E 217 41.52 -18.47 11.04
C TRP E 217 41.34 -18.37 9.53
N MET E 218 40.84 -17.24 9.00
CA MET E 218 40.65 -17.11 7.56
C MET E 218 41.51 -16.01 6.96
N GLY E 219 41.36 -14.76 7.42
CA GLY E 219 42.06 -13.64 6.82
C GLY E 219 43.56 -13.69 7.06
N SER E 220 43.97 -13.65 8.32
CA SER E 220 45.39 -13.70 8.65
C SER E 220 46.01 -15.01 8.22
N PHE E 221 45.28 -16.11 8.37
CA PHE E 221 45.81 -17.42 7.99
C PHE E 221 46.09 -17.50 6.50
N MET E 222 45.12 -17.10 5.69
CA MET E 222 45.28 -17.14 4.23
C MET E 222 46.35 -16.15 3.78
N GLY E 223 46.38 -14.96 4.39
CA GLY E 223 47.42 -14.01 4.05
C GLY E 223 48.80 -14.59 4.29
N THR E 224 49.00 -15.20 5.46
CA THR E 224 50.29 -15.79 5.79
C THR E 224 50.66 -16.93 4.84
N GLU E 225 49.73 -17.85 4.60
CA GLU E 225 50.06 -19.03 3.79
C GLU E 225 50.30 -18.65 2.32
N PHE E 226 49.51 -17.72 1.79
CA PHE E 226 49.71 -17.27 0.42
C PHE E 226 51.00 -16.46 0.29
N SER E 227 51.35 -15.68 1.33
CA SER E 227 52.62 -15.00 1.33
C SER E 227 53.77 -15.99 1.33
N ASP E 228 53.63 -17.07 2.10
CA ASP E 228 54.65 -18.13 2.03
C ASP E 228 54.73 -18.72 0.63
N ILE E 229 53.59 -18.98 -0.01
CA ILE E 229 53.59 -19.58 -1.33
C ILE E 229 54.30 -18.68 -2.33
N MET E 230 54.02 -17.38 -2.30
CA MET E 230 54.55 -16.47 -3.32
C MET E 230 55.97 -16.02 -3.01
N PHE E 231 56.32 -15.78 -1.75
CA PHE E 231 57.60 -15.18 -1.39
C PHE E 231 58.52 -16.13 -0.64
N GLY E 232 58.10 -17.36 -0.37
CA GLY E 232 58.96 -18.31 0.31
C GLY E 232 58.62 -18.50 1.77
N THR E 233 58.66 -19.75 2.23
CA THR E 233 58.44 -20.03 3.64
C THR E 233 59.65 -19.57 4.44
N PRO E 234 59.47 -18.81 5.53
CA PRO E 234 60.63 -18.36 6.31
C PRO E 234 61.39 -19.52 6.93
N HIS E 235 62.70 -19.37 7.00
CA HIS E 235 63.56 -20.31 7.73
C HIS E 235 64.49 -19.49 8.62
N SER E 236 65.18 -20.18 9.52
CA SER E 236 66.05 -19.50 10.47
C SER E 236 67.07 -18.66 9.71
N ILE E 237 67.17 -17.38 10.09
CA ILE E 237 67.98 -16.41 9.37
C ILE E 237 68.45 -15.35 10.35
N ASP E 238 69.65 -14.83 10.12
CA ASP E 238 70.24 -13.77 10.95
C ASP E 238 69.88 -12.40 10.41
N THR E 239 69.81 -11.42 11.31
CA THR E 239 69.57 -10.04 10.92
C THR E 239 70.09 -9.14 12.04
N GLU E 240 69.99 -7.84 11.83
CA GLU E 240 70.32 -6.83 12.81
C GLU E 240 69.11 -5.94 13.07
N ALA E 241 69.02 -5.43 14.29
CA ALA E 241 67.85 -4.68 14.73
C ALA E 241 68.29 -3.39 15.41
N ASN E 242 67.34 -2.44 15.47
CA ASN E 242 67.43 -1.12 16.08
C ASN E 242 68.03 -0.07 15.14
N LEU E 243 67.91 1.21 15.54
CA LEU E 243 68.18 2.31 14.61
C LEU E 243 69.62 2.40 14.15
N GLY E 244 70.54 1.70 14.82
CA GLY E 244 71.93 1.71 14.43
C GLY E 244 72.17 1.10 13.06
N VAL E 245 71.20 0.37 12.52
CA VAL E 245 71.37 -0.26 11.22
C VAL E 245 71.43 0.75 10.07
N LEU E 246 71.03 2.01 10.32
CA LEU E 246 71.13 3.04 9.29
C LEU E 246 72.60 3.35 8.99
N GLU E 247 72.91 3.62 7.73
CA GLU E 247 74.27 3.91 7.29
C GLU E 247 74.37 5.38 6.93
N LYS E 248 75.40 6.04 7.47
CA LYS E 248 75.60 7.45 7.12
C LYS E 248 76.02 7.60 5.67
N ASN E 249 76.87 6.72 5.18
CA ASN E 249 77.47 6.85 3.84
C ASN E 249 76.69 6.13 2.75
N SER E 250 75.53 5.56 3.06
CA SER E 250 74.72 4.86 2.07
C SER E 250 73.34 5.50 1.97
N VAL E 251 72.69 5.27 0.83
CA VAL E 251 71.28 5.61 0.72
C VAL E 251 70.52 4.78 1.73
N ASN E 252 69.62 5.41 2.50
CA ASN E 252 68.82 4.72 3.50
C ASN E 252 67.36 4.73 3.04
N VAL E 253 66.82 3.55 2.81
CA VAL E 253 65.44 3.37 2.37
C VAL E 253 64.72 2.56 3.44
N VAL E 254 63.72 3.16 4.06
CA VAL E 254 63.00 2.55 5.17
C VAL E 254 61.62 2.18 4.68
N LEU E 255 61.28 0.89 4.80
CA LEU E 255 59.99 0.35 4.39
C LEU E 255 59.12 0.21 5.64
N HIS E 256 58.00 0.92 5.67
CA HIS E 256 57.11 0.97 6.82
C HIS E 256 55.71 0.57 6.36
N GLY E 257 54.98 -0.18 7.19
CA GLY E 257 53.65 -0.63 6.81
C GLY E 257 53.43 -2.12 6.99
N HIS E 258 52.50 -2.70 6.21
CA HIS E 258 52.10 -4.08 6.44
C HIS E 258 52.06 -4.97 5.20
N GLU E 259 51.78 -4.42 4.03
CA GLU E 259 51.53 -5.26 2.84
C GLU E 259 52.86 -5.72 2.22
N PRO E 260 53.10 -7.02 2.08
CA PRO E 260 54.45 -7.49 1.75
C PRO E 260 54.82 -7.39 0.28
N LEU E 261 53.87 -7.31 -0.65
CA LEU E 261 54.24 -7.33 -2.07
C LEU E 261 55.14 -6.15 -2.43
N LEU E 262 54.80 -4.95 -1.95
CA LEU E 262 55.61 -3.78 -2.24
C LEU E 262 57.02 -3.93 -1.69
N SER E 263 57.17 -4.38 -0.45
CA SER E 263 58.49 -4.50 0.16
C SER E 263 59.29 -5.60 -0.53
N GLU E 264 58.65 -6.69 -0.92
CA GLU E 264 59.34 -7.73 -1.69
C GLU E 264 59.86 -7.16 -3.01
N MET E 265 59.03 -6.39 -3.72
CA MET E 265 59.48 -5.80 -4.98
C MET E 265 60.59 -4.77 -4.77
N VAL E 266 60.54 -4.01 -3.67
CA VAL E 266 61.61 -3.06 -3.36
C VAL E 266 62.91 -3.80 -3.08
N VAL E 267 62.85 -4.92 -2.33
CA VAL E 267 64.05 -5.70 -2.08
C VAL E 267 64.63 -6.20 -3.39
N GLU E 268 63.77 -6.71 -4.28
CA GLU E 268 64.25 -7.17 -5.58
C GLU E 268 64.84 -6.02 -6.40
N ALA E 269 64.19 -4.86 -6.37
CA ALA E 269 64.70 -3.72 -7.14
C ALA E 269 66.04 -3.23 -6.60
N ALA E 270 66.30 -3.38 -5.31
CA ALA E 270 67.56 -2.89 -4.75
C ALA E 270 68.78 -3.60 -5.33
N SER E 271 68.63 -4.80 -5.88
CA SER E 271 69.72 -5.51 -6.53
C SER E 271 69.80 -5.21 -8.03
N ASP E 272 68.94 -4.33 -8.54
CA ASP E 272 69.00 -3.98 -9.96
C ASP E 272 70.32 -3.25 -10.26
N PRO E 273 71.06 -3.68 -11.29
CA PRO E 273 72.36 -3.03 -11.56
C PRO E 273 72.26 -1.55 -11.84
N GLU E 274 71.21 -1.11 -12.53
CA GLU E 274 71.10 0.31 -12.82
C GLU E 274 70.90 1.12 -11.55
N LEU E 275 70.08 0.62 -10.61
CA LEU E 275 69.85 1.35 -9.36
C LEU E 275 71.09 1.35 -8.47
N VAL E 276 71.83 0.24 -8.45
CA VAL E 276 73.07 0.22 -7.67
C VAL E 276 74.07 1.22 -8.26
N GLU E 277 74.18 1.25 -9.59
CA GLU E 277 75.05 2.23 -10.24
C GLU E 277 74.59 3.65 -9.94
N LEU E 278 73.28 3.90 -9.95
CA LEU E 278 72.77 5.23 -9.64
C LEU E 278 73.09 5.63 -8.20
N ALA E 279 72.96 4.69 -7.26
CA ALA E 279 73.32 4.99 -5.88
C ALA E 279 74.80 5.34 -5.77
N LYS E 280 75.66 4.62 -6.49
CA LYS E 280 77.08 4.98 -6.52
C LYS E 280 77.29 6.37 -7.13
N SER E 281 76.53 6.71 -8.17
CA SER E 281 76.75 7.97 -8.86
C SER E 281 76.25 9.16 -8.05
N VAL E 282 75.28 8.97 -7.16
CA VAL E 282 74.82 10.08 -6.33
C VAL E 282 75.74 10.25 -5.13
N GLY E 283 76.82 9.47 -5.07
CA GLY E 283 77.80 9.65 -4.03
C GLY E 283 77.64 8.75 -2.82
N ALA E 284 76.80 7.73 -2.90
CA ALA E 284 76.61 6.81 -1.79
C ALA E 284 77.38 5.51 -2.03
N ASP E 285 77.73 4.83 -0.94
CA ASP E 285 78.40 3.54 -1.03
C ASP E 285 77.49 2.47 -1.61
N GLY E 286 76.20 2.53 -1.29
CA GLY E 286 75.27 1.55 -1.81
C GLY E 286 73.88 1.86 -1.31
N ILE E 287 73.00 0.87 -1.40
CA ILE E 287 71.62 0.98 -0.96
C ILE E 287 71.47 0.17 0.32
N ASN E 288 70.92 0.80 1.35
CA ASN E 288 70.70 0.16 2.64
C ASN E 288 69.20 0.17 2.88
N LEU E 289 68.57 -0.99 2.66
CA LEU E 289 67.15 -1.19 2.95
C LEU E 289 66.99 -1.58 4.41
N CYS E 290 66.09 -0.91 5.10
CA CYS E 290 65.75 -1.20 6.48
C CYS E 290 64.23 -1.25 6.58
N GLY E 291 63.73 -2.12 7.45
CA GLY E 291 62.30 -2.28 7.59
C GLY E 291 61.81 -1.85 8.95
N MET E 292 60.53 -1.49 9.05
CA MET E 292 59.91 -1.13 10.31
C MET E 292 58.54 -1.81 10.40
N CYS E 293 58.17 -2.16 11.63
CA CYS E 293 56.84 -2.75 11.92
C CYS E 293 56.70 -4.04 11.10
N CYS E 294 55.50 -4.33 10.60
CA CYS E 294 55.19 -5.66 10.06
C CYS E 294 55.81 -5.88 8.69
N THR E 295 55.88 -4.86 7.85
CA THR E 295 56.55 -5.06 6.56
C THR E 295 58.02 -5.33 6.79
N GLY E 296 58.63 -4.63 7.76
CA GLY E 296 59.97 -4.97 8.16
C GLY E 296 60.07 -6.40 8.67
N ASN E 297 59.07 -6.84 9.45
CA ASN E 297 59.07 -8.23 9.91
C ASN E 297 59.03 -9.21 8.75
N GLU E 298 58.19 -8.95 7.74
CA GLU E 298 58.09 -9.87 6.60
C GLU E 298 59.40 -9.96 5.83
N VAL E 299 59.96 -8.81 5.44
CA VAL E 299 61.18 -8.86 4.63
C VAL E 299 62.34 -9.38 5.47
N SER E 300 62.31 -9.19 6.79
CA SER E 300 63.35 -9.72 7.66
C SER E 300 63.22 -11.23 7.84
N MET E 301 62.00 -11.73 7.99
CA MET E 301 61.78 -13.17 8.10
C MET E 301 62.23 -13.89 6.83
N ARG E 302 61.99 -13.28 5.67
CA ARG E 302 62.25 -13.98 4.41
C ARG E 302 63.60 -13.66 3.77
N HIS E 303 64.24 -12.55 4.12
CA HIS E 303 65.49 -12.17 3.48
C HIS E 303 66.54 -11.64 4.44
N GLY E 304 66.25 -11.51 5.73
CA GLY E 304 67.22 -10.96 6.64
C GLY E 304 67.40 -9.46 6.55
N ILE E 305 66.42 -8.75 5.99
CA ILE E 305 66.50 -7.29 5.93
C ILE E 305 66.57 -6.74 7.34
N LYS E 306 67.47 -5.80 7.58
CA LYS E 306 67.65 -5.23 8.92
C LYS E 306 66.38 -4.50 9.36
N ILE E 307 66.06 -4.61 10.65
CA ILE E 307 64.87 -3.99 11.21
C ILE E 307 65.28 -2.69 11.90
N ALA E 308 64.76 -1.57 11.41
CA ALA E 308 65.14 -0.28 11.97
C ALA E 308 64.44 -0.04 13.31
N GLY E 309 63.19 -0.45 13.48
CA GLY E 309 62.48 -0.26 14.73
C GLY E 309 61.00 -0.56 14.60
N ASN E 310 60.32 -0.59 15.77
CA ASN E 310 58.89 -0.87 15.86
C ASN E 310 58.08 0.43 15.86
N PHE E 311 56.79 0.33 16.22
CA PHE E 311 55.80 1.39 16.01
C PHE E 311 56.29 2.74 16.54
N MET E 312 56.48 2.86 17.85
CA MET E 312 56.76 4.18 18.41
C MET E 312 58.17 4.69 18.09
N GLN E 313 58.96 3.97 17.29
CA GLN E 313 60.24 4.48 16.82
C GLN E 313 60.20 5.08 15.43
N GLN E 314 59.08 4.96 14.72
CA GLN E 314 59.07 5.38 13.31
C GLN E 314 59.52 6.83 13.18
N GLU E 315 58.93 7.74 13.96
CA GLU E 315 59.34 9.14 13.89
C GLU E 315 60.85 9.31 14.13
N LEU E 316 61.38 8.61 15.14
CA LEU E 316 62.79 8.76 15.47
C LEU E 316 63.70 8.31 14.32
N ALA E 317 63.20 7.38 13.50
CA ALA E 317 64.00 7.01 12.34
C ALA E 317 64.27 8.24 11.47
N VAL E 318 63.25 9.09 11.27
CA VAL E 318 63.46 10.33 10.51
C VAL E 318 64.33 11.31 11.30
N VAL E 319 64.26 11.26 12.63
CA VAL E 319 64.99 12.25 13.45
C VAL E 319 66.50 12.09 13.26
N THR E 320 66.95 10.88 12.90
CA THR E 320 68.38 10.67 12.63
C THR E 320 68.89 11.60 11.52
N GLY E 321 68.02 12.02 10.61
CA GLY E 321 68.44 12.80 9.46
C GLY E 321 69.11 12.00 8.36
N ALA E 322 69.05 10.68 8.42
CA ALA E 322 69.73 9.83 7.45
C ALA E 322 68.78 9.05 6.53
N VAL E 323 67.47 9.11 6.76
CA VAL E 323 66.49 8.39 5.94
C VAL E 323 66.28 9.17 4.65
N ASP E 324 66.83 8.65 3.54
CA ASP E 324 66.62 9.27 2.24
C ASP E 324 65.24 9.00 1.67
N GLY E 325 64.70 7.82 1.93
CA GLY E 325 63.35 7.52 1.50
C GLY E 325 62.60 6.73 2.56
N LEU E 326 61.34 7.09 2.78
CA LEU E 326 60.47 6.39 3.71
C LEU E 326 59.22 6.00 2.92
N ILE E 327 59.14 4.72 2.56
CA ILE E 327 58.10 4.19 1.69
C ILE E 327 57.10 3.46 2.57
N VAL E 328 55.85 3.89 2.55
CA VAL E 328 54.81 3.34 3.41
C VAL E 328 53.64 2.85 2.59
N ASP E 329 53.02 1.73 3.01
CA ASP E 329 51.81 1.27 2.31
C ASP E 329 50.51 1.56 3.10
N VAL E 330 50.26 0.90 4.24
CA VAL E 330 48.99 1.03 4.97
C VAL E 330 49.24 0.61 6.42
N GLN E 331 48.43 1.15 7.33
CA GLN E 331 48.27 0.68 8.72
C GLN E 331 49.47 1.08 9.60
N CYS E 332 49.18 1.65 10.77
CA CYS E 332 50.21 1.98 11.78
C CYS E 332 51.27 2.95 11.24
N ILE E 333 50.89 3.78 10.29
CA ILE E 333 51.76 4.81 9.73
C ILE E 333 51.28 6.11 10.36
N MET E 334 52.03 6.61 11.33
CA MET E 334 51.64 7.85 12.01
C MET E 334 51.55 8.97 10.98
N PRO E 335 50.39 9.63 10.83
CA PRO E 335 50.30 10.73 9.86
C PRO E 335 51.24 11.88 10.19
N ALA E 336 51.64 12.02 11.44
CA ALA E 336 52.57 13.08 11.81
C ALA E 336 53.88 12.99 11.03
N LEU E 337 54.22 11.81 10.52
CA LEU E 337 55.42 11.69 9.68
C LEU E 337 55.42 12.71 8.55
N ALA E 338 54.26 12.95 7.93
CA ALA E 338 54.20 13.93 6.85
C ALA E 338 54.71 15.29 7.31
N LYS E 339 54.26 15.75 8.47
CA LYS E 339 54.79 16.99 9.02
C LYS E 339 56.28 16.86 9.34
N LEU E 340 56.66 15.76 9.97
CA LEU E 340 58.02 15.62 10.49
C LEU E 340 59.05 15.64 9.36
N SER E 341 58.76 14.98 8.24
CA SER E 341 59.68 14.91 7.11
C SER E 341 59.95 16.28 6.49
N LYS E 342 59.12 17.29 6.78
CA LYS E 342 59.39 18.64 6.31
C LYS E 342 60.64 19.22 6.97
N SER E 343 60.95 18.80 8.19
CA SER E 343 62.11 19.29 8.92
C SER E 343 63.41 18.62 8.47
N TYR E 344 63.34 17.65 7.57
CA TYR E 344 64.52 16.97 7.05
C TYR E 344 64.36 16.87 5.54
N HIS E 345 65.33 16.24 4.89
CA HIS E 345 65.30 16.04 3.44
C HIS E 345 64.44 14.84 3.05
N THR E 346 63.94 14.08 4.02
CA THR E 346 63.31 12.80 3.74
C THR E 346 62.12 12.90 2.80
N LYS E 347 62.09 12.01 1.81
CA LYS E 347 60.92 11.82 0.95
C LYS E 347 60.00 10.81 1.64
N PHE E 348 58.84 11.29 2.05
CA PHE E 348 57.81 10.46 2.65
C PHE E 348 56.85 10.04 1.54
N ILE E 349 56.91 8.78 1.13
CA ILE E 349 56.24 8.31 -0.08
C ILE E 349 55.11 7.37 0.31
N THR E 350 53.87 7.77 0.04
CA THR E 350 52.72 6.87 0.14
C THR E 350 52.54 6.17 -1.20
N THR E 351 52.11 4.91 -1.15
CA THR E 351 52.01 4.08 -2.34
C THR E 351 50.67 3.38 -2.52
N SER E 352 49.77 3.44 -1.55
CA SER E 352 48.54 2.69 -1.60
C SER E 352 47.34 3.61 -1.69
N PRO E 353 46.38 3.33 -2.59
CA PRO E 353 45.14 4.14 -2.60
C PRO E 353 44.34 3.99 -1.32
N LYS E 354 44.55 2.93 -0.53
CA LYS E 354 43.85 2.81 0.73
C LYS E 354 44.34 3.80 1.79
N ALA E 355 45.59 4.28 1.69
CA ALA E 355 46.22 5.12 2.71
C ALA E 355 46.82 6.33 2.02
N HIS E 356 46.00 7.35 1.78
CA HIS E 356 46.50 8.66 1.37
C HIS E 356 46.81 9.47 2.62
N ILE E 357 47.95 10.15 2.61
CA ILE E 357 48.34 11.03 3.71
C ILE E 357 48.64 12.40 3.12
N THR E 358 47.97 13.42 3.66
CA THR E 358 48.11 14.77 3.12
C THR E 358 49.55 15.25 3.29
N ASP E 359 50.04 15.95 2.27
CA ASP E 359 51.38 16.53 2.19
C ASP E 359 52.50 15.50 2.08
N SER E 360 52.18 14.24 1.80
CA SER E 360 53.17 13.23 1.45
C SER E 360 53.22 13.13 -0.06
N ILE E 361 54.32 12.56 -0.58
CA ILE E 361 54.50 12.33 -2.00
C ILE E 361 53.83 11.01 -2.36
N TYR E 362 52.84 11.06 -3.24
CA TYR E 362 52.06 9.88 -3.58
C TYR E 362 52.57 9.29 -4.89
N MET E 363 53.06 8.06 -4.83
CA MET E 363 53.50 7.28 -5.99
C MET E 363 52.79 5.94 -5.92
N GLU E 364 51.66 5.84 -6.62
CA GLU E 364 50.82 4.66 -6.49
C GLU E 364 51.58 3.40 -6.92
N PHE E 365 51.63 2.42 -6.03
CA PHE E 365 52.28 1.16 -6.36
C PHE E 365 51.39 0.36 -7.32
N ASP E 366 51.88 0.11 -8.52
CA ASP E 366 51.13 -0.55 -9.59
C ASP E 366 51.29 -2.06 -9.44
N GLU E 367 50.22 -2.73 -9.02
CA GLU E 367 50.24 -4.19 -8.87
C GLU E 367 50.34 -4.90 -10.21
N GLU E 368 49.94 -4.26 -11.30
CA GLU E 368 50.04 -4.88 -12.62
C GLU E 368 51.49 -5.01 -13.06
N ASN E 369 52.33 -4.03 -12.74
CA ASN E 369 53.77 -4.09 -13.03
C ASN E 369 54.52 -3.81 -11.74
N PRO E 370 54.47 -4.77 -10.79
CA PRO E 370 55.03 -4.46 -9.45
C PRO E 370 56.50 -4.11 -9.47
N LEU E 371 57.31 -4.81 -10.26
CA LEU E 371 58.76 -4.60 -10.22
C LEU E 371 59.13 -3.23 -10.78
N ASP E 372 58.53 -2.85 -11.91
CA ASP E 372 58.83 -1.55 -12.51
C ASP E 372 58.36 -0.42 -11.61
N SER E 373 57.18 -0.57 -11.02
CA SER E 373 56.68 0.44 -10.10
C SER E 373 57.60 0.59 -8.87
N ALA E 374 58.03 -0.54 -8.30
CA ALA E 374 58.96 -0.50 -7.17
C ALA E 374 60.28 0.14 -7.57
N LYS E 375 60.77 -0.13 -8.78
CA LYS E 375 62.01 0.48 -9.25
C LYS E 375 61.88 1.99 -9.36
N LYS E 376 60.74 2.48 -9.86
CA LYS E 376 60.54 3.93 -9.94
C LYS E 376 60.54 4.57 -8.54
N ILE E 377 59.83 3.97 -7.60
CA ILE E 377 59.77 4.50 -6.23
C ILE E 377 61.16 4.50 -5.60
N LEU E 378 61.90 3.41 -5.76
CA LEU E 378 63.25 3.29 -5.21
C LEU E 378 64.20 4.29 -5.85
N LYS E 379 64.03 4.55 -7.13
CA LYS E 379 64.85 5.55 -7.81
C LYS E 379 64.60 6.94 -7.22
N GLU E 380 63.35 7.26 -6.91
CA GLU E 380 63.10 8.54 -6.23
C GLU E 380 63.84 8.60 -4.89
N ALA E 381 63.76 7.52 -4.11
CA ALA E 381 64.47 7.50 -2.83
C ALA E 381 65.99 7.67 -3.00
N ILE E 382 66.57 6.99 -4.00
CA ILE E 382 68.02 7.05 -4.23
C ILE E 382 68.43 8.46 -4.66
N LEU E 383 67.67 9.07 -5.57
CA LEU E 383 68.00 10.41 -6.02
C LEU E 383 67.90 11.42 -4.88
N ASN E 384 67.06 11.15 -3.88
CA ASN E 384 67.00 12.07 -2.74
C ASN E 384 68.29 12.10 -1.90
N PHE E 385 69.22 11.16 -2.09
CA PHE E 385 70.45 11.13 -1.31
C PHE E 385 71.28 12.40 -1.52
N LYS E 386 71.13 13.04 -2.68
CA LYS E 386 71.86 14.27 -2.94
C LYS E 386 71.42 15.42 -2.03
N ASN E 387 70.21 15.34 -1.48
CA ASN E 387 69.67 16.35 -0.59
C ASN E 387 70.02 16.07 0.87
N ARG E 388 70.80 15.03 1.14
CA ARG E 388 71.21 14.73 2.51
C ARG E 388 72.04 15.88 3.06
N ASP E 389 71.76 16.24 4.31
CA ASP E 389 72.56 17.22 5.03
C ASP E 389 73.32 16.41 6.08
N GLN E 390 74.60 16.12 5.82
CA GLN E 390 75.37 15.26 6.72
C GLN E 390 75.66 15.93 8.06
N SER E 391 75.55 17.26 8.15
CA SER E 391 75.73 17.94 9.43
C SER E 391 74.57 17.72 10.37
N LYS E 392 73.39 17.36 9.86
CA LYS E 392 72.23 17.06 10.68
C LYS E 392 72.08 15.56 10.99
N VAL E 393 73.04 14.74 10.59
CA VAL E 393 72.92 13.30 10.71
C VAL E 393 73.48 12.87 12.06
N MET E 394 72.70 12.06 12.77
CA MET E 394 73.16 11.43 13.99
C MET E 394 72.51 10.04 14.05
N ILE E 395 73.30 9.01 13.83
CA ILE E 395 72.87 7.62 13.90
C ILE E 395 73.45 7.00 15.16
N PRO E 396 72.64 6.58 16.13
CA PRO E 396 73.22 5.91 17.32
C PRO E 396 73.98 4.66 16.94
N GLU E 397 75.12 4.44 17.60
CA GLU E 397 75.89 3.22 17.38
C GLU E 397 75.32 2.09 18.23
N LEU E 398 74.02 1.83 18.09
CA LEU E 398 73.31 0.83 18.88
C LEU E 398 72.46 -0.04 17.96
N LYS E 399 72.93 -1.26 17.73
CA LYS E 399 72.19 -2.26 16.97
C LYS E 399 72.49 -3.62 17.58
N CYS E 400 71.59 -4.57 17.37
CA CYS E 400 71.69 -5.86 18.03
C CYS E 400 71.44 -7.00 17.04
N LYS E 401 72.21 -8.08 17.19
CA LYS E 401 72.02 -9.26 16.36
C LYS E 401 70.77 -10.01 16.77
N ALA E 402 70.03 -10.50 15.78
CA ALA E 402 68.81 -11.23 16.02
C ALA E 402 68.72 -12.41 15.08
N ILE E 403 68.01 -13.45 15.51
CA ILE E 403 67.73 -14.62 14.71
C ILE E 403 66.22 -14.76 14.65
N LEU E 404 65.69 -15.01 13.45
CA LEU E 404 64.25 -15.06 13.25
C LEU E 404 63.97 -16.07 12.15
N GLY E 405 62.76 -16.03 11.58
CA GLY E 405 62.39 -16.97 10.55
C GLY E 405 61.74 -18.24 11.04
N TYR E 406 61.19 -18.25 12.24
CA TYR E 406 60.63 -19.47 12.84
C TYR E 406 59.17 -19.64 12.45
N SER E 407 58.96 -20.04 11.19
CA SER E 407 57.66 -20.54 10.78
C SER E 407 57.42 -21.90 11.42
N VAL E 408 56.18 -22.38 11.34
CA VAL E 408 55.85 -23.71 11.85
C VAL E 408 56.70 -24.76 11.16
N GLU E 409 56.91 -24.62 9.85
CA GLU E 409 57.75 -25.56 9.12
C GLU E 409 59.18 -25.53 9.64
N GLU E 410 59.72 -24.33 9.88
CA GLU E 410 61.08 -24.22 10.41
C GLU E 410 61.18 -24.81 11.81
N ILE E 411 60.18 -24.58 12.65
CA ILE E 411 60.16 -25.13 14.00
C ILE E 411 60.14 -26.66 13.95
N ILE E 412 59.33 -27.22 13.05
CA ILE E 412 59.27 -28.68 12.90
C ILE E 412 60.62 -29.21 12.43
N ASN E 413 61.25 -28.53 11.47
CA ASN E 413 62.57 -28.94 11.01
C ASN E 413 63.58 -28.94 12.16
N LYS E 414 63.55 -27.91 13.01
CA LYS E 414 64.44 -27.85 14.17
C LYS E 414 64.14 -28.99 15.15
N LEU E 415 62.86 -29.27 15.39
CA LEU E 415 62.47 -30.32 16.31
C LEU E 415 62.89 -31.70 15.81
N ASP E 416 63.05 -31.87 14.50
CA ASP E 416 63.52 -33.16 13.98
C ASP E 416 64.89 -33.55 14.52
N LYS E 417 65.68 -32.57 15.00
CA LYS E 417 67.01 -32.87 15.51
C LYS E 417 66.95 -33.78 16.72
N VAL E 418 65.96 -33.60 17.59
CA VAL E 418 65.87 -34.33 18.85
C VAL E 418 64.97 -35.58 18.71
N VAL E 419 64.70 -36.03 17.49
CA VAL E 419 63.89 -37.22 17.25
C VAL E 419 64.84 -38.40 17.04
N ASN E 420 64.68 -39.44 17.85
CA ASN E 420 65.45 -40.67 17.64
C ASN E 420 64.99 -41.30 16.33
N THR E 421 65.94 -41.57 15.43
CA THR E 421 65.59 -42.08 14.10
C THR E 421 64.91 -43.43 14.19
N GLN E 422 65.32 -44.28 15.14
CA GLN E 422 64.72 -45.60 15.30
C GLN E 422 63.32 -45.55 15.88
N ILE E 423 62.87 -44.40 16.39
CA ILE E 423 61.54 -44.26 16.97
C ILE E 423 60.62 -43.46 16.05
N GLY E 424 60.97 -42.21 15.78
CA GLY E 424 60.14 -41.34 14.97
C GLY E 424 58.87 -40.93 15.69
N PRO E 425 57.91 -40.37 14.95
CA PRO E 425 57.95 -40.03 13.52
C PRO E 425 58.71 -38.72 13.30
N MET E 426 59.08 -38.43 12.05
CA MET E 426 59.71 -37.18 11.71
C MET E 426 58.67 -36.18 11.22
N GLN E 427 59.06 -34.91 11.19
CA GLN E 427 58.26 -33.83 10.63
C GLN E 427 56.90 -33.69 11.34
N THR E 428 56.92 -33.71 12.66
CA THR E 428 55.74 -33.47 13.48
C THR E 428 56.11 -32.50 14.60
N VAL E 429 55.10 -32.08 15.37
CA VAL E 429 55.31 -31.22 16.52
C VAL E 429 55.47 -32.11 17.76
N LYS E 430 55.64 -33.41 17.53
CA LYS E 430 55.67 -34.35 18.65
C LYS E 430 56.76 -34.05 19.67
N PRO E 431 58.00 -33.69 19.31
CA PRO E 431 58.97 -33.34 20.37
C PRO E 431 58.50 -32.18 21.26
N LEU E 432 57.86 -31.17 20.68
CA LEU E 432 57.32 -30.05 21.46
C LEU E 432 56.19 -30.52 22.37
N ALA E 433 55.31 -31.36 21.84
CA ALA E 433 54.24 -31.93 22.67
C ALA E 433 54.84 -32.74 23.81
N ASP E 434 55.91 -33.48 23.55
CA ASP E 434 56.55 -34.29 24.59
C ASP E 434 57.15 -33.43 25.69
N VAL E 435 57.86 -32.37 25.33
CA VAL E 435 58.48 -31.53 26.37
C VAL E 435 57.40 -30.81 27.18
N LEU E 436 56.29 -30.42 26.53
CA LEU E 436 55.19 -29.80 27.25
C LEU E 436 54.51 -30.79 28.19
N VAL E 437 54.26 -32.01 27.71
CA VAL E 437 53.55 -32.99 28.55
C VAL E 437 54.42 -33.42 29.72
N SER E 438 55.71 -33.66 29.48
CA SER E 438 56.57 -34.11 30.55
C SER E 438 56.77 -33.04 31.63
N GLY E 439 56.53 -31.77 31.30
CA GLY E 439 56.77 -30.72 32.28
C GLY E 439 58.15 -30.10 32.23
N VAL E 440 59.01 -30.54 31.33
CA VAL E 440 60.31 -29.89 31.15
C VAL E 440 60.07 -28.45 30.74
N LEU E 441 59.11 -28.22 29.86
CA LEU E 441 58.58 -26.90 29.58
C LEU E 441 57.21 -26.77 30.27
N ARG E 442 57.04 -25.69 31.03
CA ARG E 442 55.78 -25.47 31.73
C ARG E 442 54.67 -25.07 30.77
N GLY E 443 55.01 -24.39 29.68
CA GLY E 443 54.02 -23.99 28.70
C GLY E 443 54.64 -23.16 27.60
N ALA E 444 53.77 -22.64 26.74
CA ALA E 444 54.16 -21.76 25.64
C ALA E 444 53.30 -20.50 25.69
N ALA E 445 53.93 -19.35 25.48
CA ALA E 445 53.24 -18.07 25.55
C ALA E 445 53.57 -17.24 24.33
N ALA E 446 52.55 -16.62 23.75
CA ALA E 446 52.72 -15.75 22.60
C ALA E 446 52.71 -14.31 23.10
N VAL E 447 53.75 -13.55 22.79
CA VAL E 447 53.86 -12.14 23.13
C VAL E 447 53.75 -11.36 21.82
N VAL E 448 52.69 -10.55 21.72
CA VAL E 448 52.30 -9.85 20.50
C VAL E 448 51.89 -8.43 20.89
N GLY E 449 51.72 -7.58 19.89
CA GLY E 449 51.12 -6.28 20.14
C GLY E 449 52.07 -5.14 19.81
N CYS E 450 51.55 -3.93 20.01
CA CYS E 450 52.21 -2.70 19.63
C CYS E 450 52.94 -2.07 20.81
N ASN E 451 53.34 -0.82 20.66
CA ASN E 451 53.73 0.05 21.74
C ASN E 451 52.53 0.95 22.06
N ASN E 452 52.61 1.67 23.15
CA ASN E 452 51.55 2.58 23.56
C ASN E 452 52.19 3.62 24.47
N PRO E 453 52.00 4.92 24.22
CA PRO E 453 52.63 5.94 25.11
C PRO E 453 52.19 5.80 26.56
N LYS E 454 51.07 5.14 26.83
CA LYS E 454 50.66 4.89 28.21
C LYS E 454 51.63 3.98 28.97
N VAL E 455 52.47 3.20 28.28
CA VAL E 455 53.46 2.32 28.91
C VAL E 455 54.84 2.77 28.44
N VAL E 456 55.82 2.71 29.35
CA VAL E 456 57.22 2.98 29.02
C VAL E 456 57.57 2.05 27.86
N GLN E 457 57.99 2.64 26.75
CA GLN E 457 58.08 1.89 25.49
C GLN E 457 59.04 0.71 25.60
N ASP E 458 58.53 -0.48 25.24
CA ASP E 458 59.24 -1.76 25.25
C ASP E 458 59.47 -2.35 26.64
N SER E 459 59.15 -1.59 27.69
CA SER E 459 59.40 -2.07 29.05
C SER E 459 58.55 -3.30 29.34
N ALA E 460 57.25 -3.22 29.09
CA ALA E 460 56.35 -4.33 29.40
C ALA E 460 56.67 -5.55 28.55
N HIS E 461 56.95 -5.36 27.25
CA HIS E 461 57.34 -6.49 26.40
C HIS E 461 58.54 -7.22 26.99
N ILE E 462 59.62 -6.48 27.29
CA ILE E 462 60.85 -7.12 27.75
C ILE E 462 60.64 -7.79 29.10
N GLU E 463 59.99 -7.11 30.04
CA GLU E 463 59.79 -7.69 31.38
C GLU E 463 58.91 -8.94 31.30
N THR E 464 57.84 -8.90 30.51
CA THR E 464 56.98 -10.07 30.37
C THR E 464 57.75 -11.25 29.77
N ILE E 465 58.52 -10.99 28.71
CA ILE E 465 59.26 -12.07 28.04
C ILE E 465 60.31 -12.67 28.96
N LYS E 466 61.07 -11.83 29.66
CA LYS E 466 62.10 -12.34 30.56
C LYS E 466 61.50 -13.15 31.70
N GLY E 467 60.39 -12.67 32.29
CA GLY E 467 59.74 -13.44 33.33
C GLY E 467 59.26 -14.79 32.82
N LEU E 468 58.63 -14.81 31.65
CA LEU E 468 58.11 -16.07 31.12
C LEU E 468 59.23 -17.07 30.85
N ILE E 469 60.31 -16.64 30.20
CA ILE E 469 61.37 -17.60 29.88
C ILE E 469 62.12 -18.01 31.15
N LYS E 470 62.22 -17.13 32.14
CA LYS E 470 62.80 -17.52 33.41
C LYS E 470 61.97 -18.61 34.08
N ASN E 471 60.65 -18.61 33.87
CA ASN E 471 59.76 -19.63 34.43
C ASN E 471 59.59 -20.86 33.51
N ASP E 472 60.55 -21.12 32.63
CA ASP E 472 60.51 -22.27 31.71
C ASP E 472 59.23 -22.25 30.87
N VAL E 473 58.83 -21.07 30.43
CA VAL E 473 57.77 -20.94 29.44
C VAL E 473 58.43 -20.48 28.15
N ILE E 474 58.32 -21.29 27.11
CA ILE E 474 58.89 -20.91 25.83
C ILE E 474 58.00 -19.83 25.22
N VAL E 475 58.62 -18.81 24.62
CA VAL E 475 57.92 -17.62 24.15
C VAL E 475 58.05 -17.54 22.63
N VAL E 476 56.92 -17.35 21.96
CA VAL E 476 56.89 -17.00 20.54
C VAL E 476 56.42 -15.55 20.43
N VAL E 477 57.07 -14.77 19.56
CA VAL E 477 56.82 -13.33 19.49
C VAL E 477 56.46 -12.94 18.07
N THR E 478 55.58 -11.93 17.95
CA THR E 478 55.23 -11.37 16.65
C THR E 478 55.20 -9.84 16.74
N GLY E 479 55.35 -9.21 15.59
CA GLY E 479 55.10 -7.78 15.48
C GLY E 479 56.07 -6.91 16.25
N CYS E 480 55.52 -5.83 16.80
CA CYS E 480 56.36 -4.85 17.50
C CYS E 480 56.95 -5.43 18.78
N ALA E 481 56.26 -6.37 19.43
CA ALA E 481 56.85 -7.10 20.55
C ALA E 481 58.06 -7.90 20.11
N ALA E 482 57.95 -8.57 18.95
CA ALA E 482 59.10 -9.31 18.42
C ALA E 482 60.26 -8.36 18.14
N GLN E 483 59.95 -7.18 17.61
CA GLN E 483 61.01 -6.22 17.32
C GLN E 483 61.61 -5.65 18.62
N ALA E 484 60.82 -5.48 19.66
CA ALA E 484 61.38 -5.08 20.96
C ALA E 484 62.33 -6.16 21.49
N ALA E 485 61.95 -7.42 21.36
CA ALA E 485 62.84 -8.51 21.73
C ALA E 485 64.12 -8.51 20.90
N ALA E 486 63.99 -8.24 19.59
CA ALA E 486 65.15 -8.17 18.73
C ALA E 486 66.11 -7.07 19.15
N LYS E 487 65.57 -5.88 19.41
CA LYS E 487 66.42 -4.76 19.82
C LYS E 487 67.10 -5.06 21.15
N TYR E 488 66.38 -5.69 22.06
CA TYR E 488 66.96 -5.95 23.37
C TYR E 488 68.05 -7.01 23.34
N GLY E 489 67.96 -7.99 22.43
CA GLY E 489 68.93 -9.06 22.37
C GLY E 489 68.42 -10.41 22.81
N LEU E 490 67.12 -10.59 22.94
CA LEU E 490 66.55 -11.87 23.34
C LEU E 490 66.53 -12.89 22.21
N LEU E 491 66.54 -12.44 20.96
CA LEU E 491 66.50 -13.31 19.78
C LEU E 491 67.91 -13.82 19.48
N GLN E 492 68.55 -14.43 20.47
CA GLN E 492 69.91 -14.94 20.35
C GLN E 492 69.99 -16.28 21.08
N LYS E 493 70.81 -17.18 20.53
CA LYS E 493 71.01 -18.48 21.18
C LYS E 493 71.64 -18.29 22.54
N GLU E 494 72.59 -17.36 22.66
CA GLU E 494 73.21 -17.06 23.95
C GLU E 494 72.16 -16.68 25.00
N ALA E 495 71.09 -16.02 24.57
CA ALA E 495 70.05 -15.63 25.51
C ALA E 495 69.52 -16.82 26.31
N ALA E 496 69.56 -18.03 25.74
CA ALA E 496 69.10 -19.20 26.48
C ALA E 496 69.82 -19.35 27.82
N GLU E 497 71.15 -19.24 27.80
CA GLU E 497 71.91 -19.38 29.04
C GLU E 497 71.93 -18.10 29.86
N LYS E 498 71.41 -17.01 29.32
CA LYS E 498 71.46 -15.76 30.08
C LYS E 498 70.15 -15.46 30.81
N TYR E 499 69.02 -15.92 30.27
CA TYR E 499 67.72 -15.53 30.82
C TYR E 499 66.81 -16.72 31.14
N ALA E 500 66.94 -17.82 30.41
CA ALA E 500 65.99 -18.91 30.54
C ALA E 500 66.20 -19.71 31.82
N GLY E 501 65.12 -20.36 32.28
CA GLY E 501 65.22 -21.28 33.40
C GLY E 501 65.84 -22.58 32.96
N PRO E 502 65.98 -23.52 33.91
CA PRO E 502 66.72 -24.77 33.59
C PRO E 502 66.09 -25.61 32.49
N GLY E 503 64.78 -25.85 32.54
CA GLY E 503 64.15 -26.67 31.52
C GLY E 503 64.20 -26.04 30.15
N LEU E 504 63.90 -24.75 30.06
CA LEU E 504 63.94 -24.07 28.77
C LEU E 504 65.38 -23.96 28.25
N ALA E 505 66.37 -23.76 29.14
CA ALA E 505 67.76 -23.74 28.71
C ALA E 505 68.17 -25.09 28.14
N THR E 506 67.77 -26.18 28.80
CA THR E 506 68.05 -27.50 28.26
C THR E 506 67.39 -27.70 26.90
N VAL E 507 66.13 -27.30 26.77
CA VAL E 507 65.43 -27.45 25.49
C VAL E 507 66.13 -26.65 24.40
N CYS E 508 66.52 -25.42 24.71
CA CYS E 508 67.19 -24.58 23.73
C CYS E 508 68.53 -25.17 23.32
N LYS E 509 69.28 -25.72 24.27
CA LYS E 509 70.54 -26.35 23.93
C LYS E 509 70.33 -27.58 23.04
N LEU E 510 69.33 -28.40 23.37
CA LEU E 510 69.09 -29.62 22.60
C LEU E 510 68.61 -29.32 21.18
N VAL E 511 67.70 -28.36 21.02
CA VAL E 511 67.13 -28.04 19.71
C VAL E 511 67.94 -26.99 18.97
N ASP E 512 68.87 -26.30 19.65
CA ASP E 512 69.68 -25.25 19.06
C ASP E 512 68.81 -24.09 18.54
N ILE E 513 68.00 -23.54 19.43
CA ILE E 513 67.13 -22.42 19.14
C ILE E 513 67.27 -21.38 20.25
N PRO E 514 66.96 -20.12 19.95
CA PRO E 514 66.85 -19.13 21.03
C PRO E 514 65.64 -19.41 21.89
N PRO E 515 65.62 -18.95 23.15
CA PRO E 515 64.43 -19.14 23.98
C PRO E 515 63.21 -18.36 23.48
N VAL E 516 63.39 -17.37 22.61
CA VAL E 516 62.30 -16.56 22.08
C VAL E 516 62.29 -16.74 20.57
N LEU E 517 61.16 -17.18 20.03
CA LEU E 517 61.07 -17.52 18.62
C LEU E 517 60.26 -16.46 17.89
N HIS E 518 60.88 -15.76 16.95
CA HIS E 518 60.21 -14.73 16.17
C HIS E 518 59.42 -15.39 15.05
N MET E 519 58.10 -15.40 15.15
CA MET E 519 57.27 -16.08 14.16
C MET E 519 56.72 -15.15 13.09
N GLY E 520 57.09 -13.87 13.09
CA GLY E 520 56.79 -13.00 11.96
C GLY E 520 55.95 -11.79 12.35
N SER E 521 55.09 -11.39 11.41
CA SER E 521 54.29 -10.17 11.55
C SER E 521 53.01 -10.47 12.32
N CYS E 522 52.11 -9.47 12.37
CA CYS E 522 50.85 -9.63 13.10
C CYS E 522 49.96 -10.67 12.45
N VAL E 523 49.87 -10.67 11.11
CA VAL E 523 49.10 -11.71 10.44
C VAL E 523 49.72 -13.08 10.72
N ASP E 524 51.04 -13.15 10.91
CA ASP E 524 51.71 -14.41 11.24
C ASP E 524 51.34 -14.95 12.62
N ILE E 525 50.55 -14.21 13.41
CA ILE E 525 49.96 -14.81 14.60
C ILE E 525 49.14 -16.04 14.20
N SER E 526 48.63 -16.06 12.97
CA SER E 526 47.95 -17.26 12.49
C SER E 526 48.86 -18.47 12.63
N ARG E 527 50.16 -18.32 12.31
CA ARG E 527 51.12 -19.41 12.51
C ARG E 527 51.03 -19.95 13.94
N ILE E 528 51.01 -19.05 14.92
CA ILE E 528 50.89 -19.47 16.32
C ILE E 528 49.67 -20.35 16.50
N LEU E 529 48.52 -19.85 16.01
CA LEU E 529 47.31 -20.67 16.05
C LEU E 529 47.58 -22.03 15.44
N ASP E 530 48.15 -22.05 14.24
CA ASP E 530 48.48 -23.30 13.56
C ASP E 530 49.27 -24.21 14.48
N LEU E 531 50.37 -23.69 15.05
CA LEU E 531 51.21 -24.48 15.93
C LEU E 531 50.40 -25.07 17.08
N VAL E 532 49.65 -24.21 17.79
CA VAL E 532 48.89 -24.69 18.92
C VAL E 532 47.91 -25.76 18.47
N GLY E 533 47.23 -25.51 17.35
CA GLY E 533 46.28 -26.48 16.85
C GLY E 533 46.93 -27.83 16.64
N ARG E 534 48.10 -27.83 16.00
CA ARG E 534 48.80 -29.08 15.74
C ARG E 534 49.07 -29.80 17.05
N VAL E 535 49.58 -29.07 18.04
CA VAL E 535 49.84 -29.69 19.34
C VAL E 535 48.57 -30.31 19.89
N ALA E 536 47.48 -29.56 19.83
CA ALA E 536 46.20 -30.08 20.33
C ALA E 536 45.80 -31.32 19.57
N ASN E 537 45.90 -31.28 18.24
CA ASN E 537 45.51 -32.43 17.43
C ASN E 537 46.42 -33.62 17.70
N LEU E 538 47.66 -33.37 18.12
CA LEU E 538 48.53 -34.49 18.44
C LEU E 538 48.16 -35.11 19.77
N LEU E 539 47.62 -34.31 20.69
CA LEU E 539 47.27 -34.79 22.02
C LEU E 539 45.81 -35.18 22.14
N GLY E 540 45.01 -35.00 21.08
CA GLY E 540 43.61 -35.36 21.15
C GLY E 540 42.80 -34.53 22.13
N VAL E 541 43.12 -33.25 22.28
CA VAL E 541 42.43 -32.36 23.20
C VAL E 541 42.10 -31.06 22.47
N ASP E 542 41.24 -30.26 23.07
CA ASP E 542 40.94 -28.92 22.56
C ASP E 542 42.06 -27.96 22.96
N MET E 543 42.16 -26.85 22.24
CA MET E 543 43.21 -25.88 22.51
C MET E 543 43.08 -25.22 23.88
N SER E 544 41.88 -25.24 24.48
CA SER E 544 41.67 -24.70 25.82
C SER E 544 42.17 -25.61 26.93
N ASP E 545 42.56 -26.86 26.61
CA ASP E 545 43.11 -27.77 27.61
C ASP E 545 44.63 -27.64 27.75
N LEU E 546 45.30 -26.88 26.85
CA LEU E 546 46.75 -26.79 26.85
C LEU E 546 47.25 -25.67 27.75
N PRO E 547 48.46 -25.82 28.31
CA PRO E 547 49.08 -24.71 29.09
C PRO E 547 49.72 -23.67 28.17
N VAL E 548 48.87 -22.92 27.48
CA VAL E 548 49.30 -21.90 26.53
C VAL E 548 48.61 -20.60 26.92
N ALA E 549 49.19 -19.49 26.49
CA ALA E 549 48.62 -18.17 26.78
C ALA E 549 49.11 -17.19 25.74
N GLY E 550 48.40 -16.07 25.63
CA GLY E 550 48.83 -14.97 24.80
C GLY E 550 48.88 -13.71 25.64
N VAL E 551 49.84 -12.85 25.31
CA VAL E 551 50.05 -11.60 26.02
C VAL E 551 50.18 -10.45 25.02
N ALA E 552 49.53 -9.34 25.31
CA ALA E 552 49.64 -8.09 24.54
C ALA E 552 50.02 -7.01 25.53
N PRO E 553 51.31 -6.95 25.92
CA PRO E 553 51.69 -6.04 27.02
C PRO E 553 51.44 -4.57 26.72
N GLU E 554 51.58 -4.12 25.47
CA GLU E 554 51.57 -2.69 25.15
C GLU E 554 50.73 -2.39 23.90
N TRP E 555 49.60 -3.07 23.74
CA TRP E 555 48.81 -2.95 22.52
C TRP E 555 48.14 -1.58 22.39
N MET E 556 47.92 -1.14 21.15
CA MET E 556 47.22 0.11 20.88
C MET E 556 46.13 -0.01 19.81
N SER E 557 46.26 -0.91 18.85
CA SER E 557 45.46 -0.90 17.63
C SER E 557 44.16 -1.70 17.77
N GLU E 558 43.22 -1.37 16.90
CA GLU E 558 42.02 -2.17 16.79
C GLU E 558 42.36 -3.58 16.33
N LYS E 559 43.40 -3.73 15.51
CA LYS E 559 43.87 -5.06 15.14
C LYS E 559 44.24 -5.90 16.37
N ALA E 560 44.87 -5.27 17.36
CA ALA E 560 45.21 -5.98 18.59
C ALA E 560 43.96 -6.44 19.31
N VAL E 561 42.92 -5.62 19.31
CA VAL E 561 41.66 -6.03 19.95
C VAL E 561 41.09 -7.26 19.25
N ALA E 562 41.03 -7.22 17.92
CA ALA E 562 40.51 -8.37 17.17
C ALA E 562 41.36 -9.62 17.42
N ILE E 563 42.69 -9.46 17.49
CA ILE E 563 43.60 -10.59 17.71
C ILE E 563 43.33 -11.22 19.07
N GLY E 564 43.28 -10.40 20.12
CA GLY E 564 43.00 -10.95 21.44
C GLY E 564 41.65 -11.63 21.50
N THR E 565 40.65 -11.06 20.82
CA THR E 565 39.33 -11.66 20.83
C THR E 565 39.36 -13.03 20.17
N TYR E 566 40.00 -13.16 19.00
CA TYR E 566 39.97 -14.49 18.35
C TYR E 566 40.90 -15.47 19.06
N VAL E 567 41.97 -15.00 19.72
CA VAL E 567 42.82 -15.90 20.50
C VAL E 567 42.03 -16.47 21.68
N VAL E 568 41.28 -15.61 22.38
CA VAL E 568 40.43 -16.10 23.47
C VAL E 568 39.35 -17.03 22.93
N THR E 569 38.72 -16.66 21.80
CA THR E 569 37.65 -17.48 21.23
C THR E 569 38.18 -18.84 20.78
N SER E 570 39.44 -18.92 20.33
CA SER E 570 40.05 -20.19 19.99
C SER E 570 40.37 -21.05 21.21
N GLY E 571 40.30 -20.49 22.41
CA GLY E 571 40.52 -21.25 23.63
C GLY E 571 41.88 -20.98 24.29
N ILE E 572 42.43 -19.76 24.13
CA ILE E 572 43.73 -19.41 24.68
C ILE E 572 43.55 -18.16 25.54
N ASP E 573 43.86 -18.29 26.83
CA ASP E 573 43.78 -17.16 27.75
C ASP E 573 44.69 -16.02 27.29
N THR E 574 44.19 -14.79 27.38
CA THR E 574 44.92 -13.63 26.89
C THR E 574 45.03 -12.58 27.99
N TRP E 575 46.26 -12.11 28.21
CA TRP E 575 46.56 -11.02 29.14
C TRP E 575 46.74 -9.73 28.33
N LEU E 576 46.09 -8.66 28.78
CA LEU E 576 46.20 -7.35 28.14
C LEU E 576 46.93 -6.41 29.09
N GLY E 577 48.05 -5.87 28.63
CA GLY E 577 48.83 -4.93 29.42
C GLY E 577 48.31 -3.50 29.40
N VAL E 578 47.35 -3.20 28.53
CA VAL E 578 46.68 -1.91 28.44
C VAL E 578 45.18 -2.16 28.56
N ALA E 579 44.53 -1.48 29.50
CA ALA E 579 43.11 -1.69 29.71
C ALA E 579 42.31 -1.26 28.49
N PRO E 580 41.43 -2.11 27.95
CA PRO E 580 40.53 -1.66 26.86
C PRO E 580 39.38 -0.83 27.43
N PRO E 581 38.77 0.07 26.63
CA PRO E 581 37.70 0.93 27.18
C PRO E 581 36.40 0.18 27.47
N VAL E 582 36.43 -0.64 28.52
CA VAL E 582 35.26 -1.43 28.92
C VAL E 582 34.94 -1.30 30.41
N THR E 583 35.75 -0.58 31.19
CA THR E 583 35.52 -0.52 32.64
C THR E 583 34.20 0.15 32.98
N GLY E 584 33.64 0.95 32.07
CA GLY E 584 32.36 1.57 32.32
C GLY E 584 31.18 0.61 32.29
N GLY E 585 31.31 -0.54 31.62
CA GLY E 585 30.25 -1.53 31.58
C GLY E 585 30.56 -2.75 32.42
N PRO E 586 29.94 -2.84 33.61
CA PRO E 586 30.24 -3.99 34.50
C PRO E 586 29.91 -5.33 33.86
N GLU E 587 28.81 -5.40 33.10
CA GLU E 587 28.44 -6.65 32.45
C GLU E 587 29.48 -7.06 31.41
N VAL E 588 30.01 -6.10 30.63
CA VAL E 588 31.03 -6.41 29.63
C VAL E 588 32.32 -6.88 30.28
N VAL E 589 32.72 -6.23 31.39
CA VAL E 589 33.90 -6.68 32.13
C VAL E 589 33.69 -8.11 32.62
N ASP E 590 32.51 -8.39 33.17
CA ASP E 590 32.21 -9.73 33.66
C ASP E 590 32.21 -10.78 32.54
N ILE E 591 31.69 -10.42 31.37
CA ILE E 591 31.70 -11.34 30.22
C ILE E 591 33.12 -11.65 29.79
N LEU E 592 33.93 -10.60 29.59
CA LEU E 592 35.26 -10.76 29.03
C LEU E 592 36.21 -11.47 29.98
N THR E 593 36.10 -11.21 31.28
CA THR E 593 37.06 -11.72 32.23
C THR E 593 36.55 -12.89 33.04
N ASN E 594 35.22 -13.11 33.10
CA ASN E 594 34.69 -14.25 33.85
C ASN E 594 33.86 -15.21 32.99
N LYS E 595 32.82 -14.74 32.30
CA LYS E 595 31.86 -15.66 31.66
C LYS E 595 32.40 -16.29 30.38
N MET E 596 33.43 -15.68 29.80
CA MET E 596 34.00 -16.22 28.58
C MET E 596 34.55 -17.61 28.83
N GLU E 597 35.03 -17.89 30.04
CA GLU E 597 35.59 -19.21 30.29
C GLU E 597 34.53 -20.28 30.17
N ASP E 598 33.30 -19.97 30.58
CA ASP E 598 32.19 -20.92 30.39
C ASP E 598 31.89 -21.12 28.92
N TRP E 599 32.07 -20.08 28.13
CA TRP E 599 31.72 -20.21 26.70
C TRP E 599 32.79 -20.98 25.91
N VAL E 600 34.03 -20.52 25.94
CA VAL E 600 35.08 -21.01 25.06
C VAL E 600 36.26 -21.58 25.83
N GLY E 601 36.18 -21.67 27.15
CA GLY E 601 37.24 -22.24 27.95
C GLY E 601 38.43 -21.35 28.19
N ALA E 602 38.40 -20.10 27.71
CA ALA E 602 39.46 -19.13 27.95
C ALA E 602 38.80 -17.80 28.27
N LYS E 603 39.59 -16.83 28.70
CA LYS E 603 39.07 -15.52 29.08
C LYS E 603 40.18 -14.49 29.05
N PHE E 604 39.80 -13.22 29.10
CA PHE E 604 40.74 -12.11 29.15
C PHE E 604 41.22 -11.89 30.58
N PHE E 605 42.49 -11.47 30.70
CA PHE E 605 43.08 -11.02 31.95
C PHE E 605 43.62 -9.62 31.70
N ILE E 606 43.19 -8.66 32.52
CA ILE E 606 43.68 -7.29 32.42
C ILE E 606 44.68 -7.06 33.54
N GLU E 607 45.95 -6.83 33.18
CA GLU E 607 47.01 -6.68 34.17
C GLU E 607 48.06 -5.75 33.58
N THR E 608 48.21 -4.57 34.20
CA THR E 608 49.16 -3.55 33.75
C THR E 608 50.53 -3.68 34.38
N ASP E 609 50.71 -4.57 35.35
CA ASP E 609 52.00 -4.83 35.96
C ASP E 609 52.59 -6.07 35.33
N PRO E 610 53.70 -5.97 34.58
CA PRO E 610 54.21 -7.17 33.88
C PRO E 610 54.62 -8.31 34.81
N HIS E 611 55.22 -8.02 35.97
CA HIS E 611 55.61 -9.09 36.89
C HIS E 611 54.39 -9.84 37.41
N LYS E 612 53.34 -9.11 37.77
CA LYS E 612 52.10 -9.75 38.19
C LYS E 612 51.48 -10.55 37.04
N ALA E 613 51.57 -10.04 35.82
CA ALA E 613 51.07 -10.79 34.66
C ALA E 613 51.81 -12.10 34.48
N VAL E 614 53.13 -12.09 34.64
CA VAL E 614 53.90 -13.33 34.53
C VAL E 614 53.48 -14.32 35.61
N GLU E 615 53.32 -13.83 36.85
CA GLU E 615 52.86 -14.72 37.93
C GLU E 615 51.49 -15.32 37.63
N GLN E 616 50.55 -14.50 37.16
CA GLN E 616 49.21 -14.99 36.84
C GLN E 616 49.26 -16.01 35.69
N ILE E 617 50.09 -15.75 34.69
CA ILE E 617 50.21 -16.67 33.56
C ILE E 617 50.74 -18.02 34.05
N VAL E 618 51.76 -18.01 34.90
CA VAL E 618 52.32 -19.26 35.43
C VAL E 618 51.27 -20.02 36.24
N ASN E 619 50.52 -19.31 37.10
CA ASN E 619 49.50 -19.98 37.91
C ASN E 619 48.40 -20.58 37.03
N ARG E 620 47.95 -19.84 36.03
CA ARG E 620 46.91 -20.34 35.13
C ARG E 620 47.39 -21.55 34.33
N MET E 621 48.63 -21.51 33.84
CA MET E 621 49.20 -22.65 33.13
C MET E 621 49.30 -23.86 34.05
N ASN E 622 49.69 -23.66 35.30
CA ASN E 622 49.81 -24.79 36.22
C ASN E 622 48.44 -25.40 36.51
N GLU E 623 47.41 -24.56 36.69
CA GLU E 623 46.10 -25.13 36.96
C GLU E 623 45.54 -25.84 35.73
N LYS E 624 45.83 -25.35 34.53
CA LYS E 624 45.41 -26.09 33.33
C LYS E 624 46.19 -27.41 33.19
N ARG E 625 47.47 -27.41 33.57
CA ARG E 625 48.22 -28.65 33.58
C ARG E 625 47.62 -29.66 34.56
N LYS E 626 47.26 -29.21 35.76
CA LYS E 626 46.66 -30.12 36.73
C LYS E 626 45.31 -30.63 36.25
N LYS E 627 44.56 -29.79 35.54
CA LYS E 627 43.34 -30.27 34.92
C LYS E 627 43.63 -31.35 33.88
N LEU E 628 44.66 -31.16 33.08
CA LEU E 628 45.03 -32.10 32.04
C LEU E 628 45.75 -33.34 32.56
N GLY E 629 46.22 -33.32 33.81
CA GLY E 629 46.92 -34.45 34.38
C GLY E 629 48.42 -34.47 34.13
N ILE E 630 48.98 -33.46 33.48
CA ILE E 630 50.41 -33.42 33.21
C ILE E 630 51.15 -32.60 34.27
N LYS F 3 10.67 24.43 24.71
CA LYS F 3 10.04 24.29 23.37
C LYS F 3 9.02 23.14 23.37
N ALA F 4 8.14 23.14 22.38
CA ALA F 4 7.17 22.07 22.22
C ALA F 4 7.86 20.77 21.84
N LYS F 5 7.32 19.66 22.32
CA LYS F 5 7.89 18.36 22.01
C LYS F 5 7.47 17.85 20.64
N SER F 6 6.28 18.23 20.16
CA SER F 6 5.79 17.75 18.88
C SER F 6 4.70 18.71 18.39
N ILE F 7 4.43 18.63 17.08
CA ILE F 7 3.28 19.32 16.51
C ILE F 7 2.05 18.44 16.45
N ASP F 8 2.19 17.14 16.74
CA ASP F 8 1.09 16.20 16.66
C ASP F 8 0.29 16.16 17.96
N GLN F 9 -1.02 16.38 17.86
CA GLN F 9 -1.84 16.48 19.06
C GLN F 9 -1.94 15.15 19.79
N ALA F 10 -2.06 14.03 19.06
CA ALA F 10 -2.09 12.72 19.71
C ALA F 10 -0.80 12.45 20.48
N THR F 11 0.33 12.85 19.88
CA THR F 11 1.61 12.75 20.57
C THR F 11 1.61 13.55 21.86
N LEU F 12 1.05 14.76 21.83
CA LEU F 12 1.01 15.58 23.04
C LEU F 12 0.11 14.98 24.13
N GLN F 13 -1.04 14.44 23.74
CA GLN F 13 -1.91 13.81 24.73
C GLN F 13 -1.21 12.61 25.38
N LEU F 14 -0.53 11.79 24.59
CA LEU F 14 0.17 10.65 25.17
C LEU F 14 1.38 11.06 25.99
N LEU F 15 2.04 12.19 25.67
CA LEU F 15 3.11 12.70 26.53
C LEU F 15 2.57 13.14 27.88
N ASP F 16 1.40 13.78 27.89
CA ASP F 16 0.76 14.09 29.17
C ASP F 16 0.45 12.81 29.95
N LYS F 17 -0.06 11.79 29.25
CA LYS F 17 -0.32 10.52 29.94
C LYS F 17 0.96 9.90 30.49
N ALA F 18 2.04 9.94 29.73
CA ALA F 18 3.30 9.36 30.19
C ALA F 18 3.84 10.11 31.42
N LYS F 19 3.66 11.43 31.43
CA LYS F 19 3.99 12.18 32.63
C LYS F 19 3.14 11.75 33.81
N GLN F 20 1.83 11.54 33.60
CA GLN F 20 0.97 11.09 34.70
C GLN F 20 1.32 9.68 35.16
N ASP F 21 1.78 8.84 34.25
CA ASP F 21 2.11 7.45 34.58
C ASP F 21 3.50 7.31 35.17
N GLY F 22 4.29 8.37 35.20
CA GLY F 22 5.61 8.26 35.79
C GLY F 22 6.62 7.52 34.95
N VAL F 23 6.43 7.45 33.62
CA VAL F 23 7.38 6.79 32.75
C VAL F 23 8.14 7.86 31.97
N GLU F 24 9.36 7.54 31.57
CA GLU F 24 10.20 8.48 30.85
C GLU F 24 10.23 8.15 29.37
N THR F 25 10.31 9.20 28.56
CA THR F 25 10.31 9.06 27.12
C THR F 25 11.68 9.45 26.58
N VAL F 26 11.79 9.43 25.25
CA VAL F 26 12.98 9.88 24.57
C VAL F 26 13.21 11.37 24.84
N TRP F 27 12.13 12.15 24.93
CA TRP F 27 12.26 13.56 25.27
C TRP F 27 12.86 13.75 26.66
N ASP F 28 12.41 12.94 27.63
CA ASP F 28 12.96 13.02 28.99
C ASP F 28 14.44 12.68 29.02
N ARG F 29 14.83 11.63 28.28
CA ARG F 29 16.26 11.26 28.26
C ARG F 29 17.09 12.33 27.55
N LYS F 30 16.56 12.94 26.50
CA LYS F 30 17.26 14.06 25.86
C LYS F 30 17.46 15.22 26.84
N ALA F 31 16.43 15.52 27.62
CA ALA F 31 16.59 16.56 28.64
C ALA F 31 17.64 16.16 29.66
N ASP F 32 17.64 14.90 30.08
CA ASP F 32 18.63 14.45 31.06
C ASP F 32 20.04 14.53 30.51
N MET F 33 20.21 14.34 29.21
CA MET F 33 21.55 14.45 28.63
C MET F 33 22.07 15.88 28.70
N LYS F 34 21.18 16.87 28.82
CA LYS F 34 21.61 18.28 28.92
C LYS F 34 22.55 18.72 27.79
N VAL F 35 23.55 19.56 28.09
CA VAL F 35 24.45 20.04 27.05
C VAL F 35 25.33 18.88 26.59
N GLN F 36 25.19 18.49 25.34
CA GLN F 36 25.95 17.36 24.82
C GLN F 36 27.40 17.78 24.53
N CYS F 37 28.29 16.80 24.54
CA CYS F 37 29.71 17.10 24.44
C CYS F 37 30.03 17.85 23.16
N GLY F 38 30.71 18.98 23.30
CA GLY F 38 31.05 19.79 22.15
C GLY F 38 32.00 19.11 21.18
N PHE F 39 32.99 18.36 21.71
CA PHE F 39 33.94 17.68 20.85
C PHE F 39 33.24 16.64 19.98
N GLY F 40 32.39 15.81 20.59
CA GLY F 40 31.65 14.83 19.82
C GLY F 40 30.65 15.46 18.87
N SER F 41 30.05 16.57 19.27
CA SER F 41 29.09 17.25 18.38
C SER F 41 29.79 17.80 17.15
N ALA F 42 31.02 18.29 17.30
CA ALA F 42 31.78 18.80 16.15
C ALA F 42 32.52 17.71 15.40
N GLY F 43 32.60 16.49 15.94
CA GLY F 43 33.30 15.40 15.28
C GLY F 43 34.80 15.41 15.43
N VAL F 44 35.34 16.17 16.38
CA VAL F 44 36.78 16.31 16.59
C VAL F 44 37.29 15.38 17.70
N CYS F 45 36.46 14.45 18.16
CA CYS F 45 36.88 13.43 19.11
C CYS F 45 37.17 12.14 18.37
N CYS F 46 38.25 11.46 18.74
CA CYS F 46 38.62 10.20 18.12
C CYS F 46 38.83 9.13 19.18
N ARG F 47 38.37 7.93 18.89
CA ARG F 47 38.60 6.79 19.79
C ARG F 47 39.02 5.55 18.99
N ASN F 48 39.63 5.75 17.83
CA ASN F 48 39.93 4.64 16.94
C ASN F 48 41.07 3.75 17.43
N CYS F 49 41.83 4.16 18.44
CA CYS F 49 42.85 3.29 19.01
C CYS F 49 42.98 3.58 20.50
N SER F 50 43.62 2.66 21.22
CA SER F 50 43.73 2.79 22.67
C SER F 50 44.86 3.72 23.11
N MET F 51 45.62 4.31 22.17
CA MET F 51 46.41 5.47 22.54
C MET F 51 45.50 6.61 22.98
N GLY F 52 44.35 6.77 22.31
CA GLY F 52 43.35 7.75 22.70
C GLY F 52 42.63 7.40 23.99
N PRO F 53 41.48 8.06 24.26
CA PRO F 53 40.74 9.00 23.39
C PRO F 53 41.46 10.32 23.13
N CYS F 54 41.36 10.84 21.90
CA CYS F 54 41.95 12.12 21.52
C CYS F 54 40.86 13.09 21.13
N ARG F 55 40.96 14.31 21.63
CA ARG F 55 40.09 15.40 21.22
C ARG F 55 40.98 16.57 20.82
N VAL F 56 40.71 17.10 19.64
CA VAL F 56 41.40 18.25 19.11
C VAL F 56 40.41 19.39 19.04
N SER F 57 40.94 20.60 18.92
CA SER F 57 40.11 21.79 18.96
C SER F 57 39.20 21.85 17.75
N PRO F 58 37.89 22.10 17.93
CA PRO F 58 37.03 22.39 16.77
C PRO F 58 37.33 23.74 16.12
N VAL F 59 38.10 24.60 16.78
CA VAL F 59 38.47 25.91 16.25
C VAL F 59 39.92 25.83 15.77
N PRO F 60 40.19 25.94 14.46
CA PRO F 60 41.59 25.87 14.01
C PRO F 60 42.42 27.01 14.56
N GLY F 61 43.69 26.71 14.84
CA GLY F 61 44.63 27.69 15.35
C GLY F 61 44.61 27.88 16.85
N LYS F 62 43.76 27.17 17.57
CA LYS F 62 43.61 27.27 19.01
C LYS F 62 43.68 25.88 19.62
N GLY F 63 44.28 25.78 20.80
CA GLY F 63 44.25 24.54 21.56
C GLY F 63 45.05 23.41 20.91
N VAL F 64 44.69 22.18 21.30
CA VAL F 64 45.34 20.99 20.77
C VAL F 64 44.95 20.80 19.31
N GLU F 65 45.93 20.61 18.45
CA GLU F 65 45.70 20.52 17.01
C GLU F 65 45.64 19.09 16.51
N ARG F 66 46.44 18.17 17.06
CA ARG F 66 46.54 16.83 16.52
C ARG F 66 46.30 15.80 17.62
N GLY F 67 45.77 14.66 17.21
CA GLY F 67 45.70 13.51 18.08
C GLY F 67 47.11 12.98 18.34
N ILE F 68 47.18 11.92 19.16
CA ILE F 68 48.46 11.39 19.58
C ILE F 68 49.26 10.84 18.39
N CYS F 69 48.58 10.14 17.49
CA CYS F 69 49.21 9.63 16.26
C CYS F 69 49.58 10.73 15.27
N GLY F 70 49.13 11.96 15.50
CA GLY F 70 49.35 13.06 14.59
C GLY F 70 48.17 13.43 13.69
N ALA F 71 47.03 12.77 13.84
CA ALA F 71 45.87 13.04 12.99
C ALA F 71 45.27 14.42 13.25
N THR F 72 45.00 15.17 12.17
CA THR F 72 44.40 16.49 12.29
C THR F 72 42.90 16.42 12.54
N ALA F 73 42.31 17.60 12.78
CA ALA F 73 40.87 17.66 12.95
C ALA F 73 40.17 17.19 11.68
N ASP F 74 40.67 17.59 10.51
CA ASP F 74 40.05 17.14 9.27
C ASP F 74 40.10 15.62 9.14
N VAL F 75 41.23 15.00 9.51
CA VAL F 75 41.34 13.55 9.43
C VAL F 75 40.34 12.88 10.38
N ILE F 76 40.26 13.39 11.62
CA ILE F 76 39.36 12.79 12.61
C ILE F 76 37.91 12.92 12.16
N VAL F 77 37.55 14.11 11.67
CA VAL F 77 36.20 14.33 11.19
C VAL F 77 35.87 13.43 10.00
N SER F 78 36.80 13.35 9.03
CA SER F 78 36.53 12.55 7.83
C SER F 78 36.39 11.07 8.17
N ARG F 79 37.22 10.55 9.08
CA ARG F 79 37.11 9.16 9.48
C ARG F 79 35.80 8.89 10.21
N ASN F 80 35.40 9.79 11.12
CA ASN F 80 34.12 9.63 11.82
C ASN F 80 32.96 9.62 10.82
N PHE F 81 32.97 10.54 9.87
CA PHE F 81 31.92 10.58 8.85
C PHE F 81 31.89 9.29 8.03
N ALA F 82 33.06 8.80 7.63
CA ALA F 82 33.15 7.58 6.84
C ALA F 82 32.61 6.38 7.60
N ARG F 83 32.87 6.30 8.89
CA ARG F 83 32.35 5.19 9.69
C ARG F 83 30.83 5.28 9.82
N MET F 84 30.28 6.49 9.92
CA MET F 84 28.81 6.61 9.90
C MET F 84 28.25 6.07 8.58
N VAL F 85 28.87 6.43 7.46
CA VAL F 85 28.42 5.93 6.17
C VAL F 85 28.53 4.41 6.11
N ALA F 86 29.62 3.85 6.61
CA ALA F 86 29.81 2.40 6.59
C ALA F 86 28.75 1.69 7.42
N ALA F 87 28.41 2.25 8.59
CA ALA F 87 27.39 1.64 9.42
C ALA F 87 26.02 1.67 8.73
N GLY F 88 25.65 2.82 8.14
CA GLY F 88 24.39 2.90 7.43
C GLY F 88 24.31 1.94 6.25
N THR F 89 25.41 1.86 5.49
CA THR F 89 25.49 0.91 4.38
C THR F 89 25.34 -0.51 4.89
N ALA F 90 25.95 -0.84 6.04
CA ALA F 90 25.83 -2.18 6.58
C ALA F 90 24.39 -2.52 6.93
N ALA F 91 23.69 -1.60 7.57
CA ALA F 91 22.30 -1.85 7.92
C ALA F 91 21.46 -2.13 6.67
N HIS F 92 21.55 -1.25 5.67
CA HIS F 92 20.75 -1.45 4.46
C HIS F 92 21.15 -2.73 3.71
N SER F 93 22.45 -3.02 3.65
CA SER F 93 22.93 -4.18 2.91
C SER F 93 22.52 -5.48 3.60
N ASP F 94 22.53 -5.50 4.94
CA ASP F 94 22.07 -6.69 5.64
C ASP F 94 20.58 -6.92 5.38
N HIS F 95 19.79 -5.85 5.36
CA HIS F 95 18.37 -5.98 5.00
C HIS F 95 18.21 -6.59 3.60
N GLY F 96 18.92 -6.04 2.61
CA GLY F 96 18.84 -6.56 1.25
C GLY F 96 19.33 -7.99 1.14
N ARG F 97 20.36 -8.35 1.92
CA ARG F 97 20.89 -9.71 1.90
C ARG F 97 19.85 -10.70 2.42
N SER F 98 19.15 -10.34 3.50
CA SER F 98 18.07 -11.21 3.98
C SER F 98 17.00 -11.38 2.91
N ILE F 99 16.63 -10.30 2.23
CA ILE F 99 15.63 -10.40 1.17
C ILE F 99 16.11 -11.32 0.05
N ALA F 100 17.38 -11.19 -0.34
CA ALA F 100 17.91 -12.03 -1.42
C ALA F 100 17.91 -13.51 -1.01
N LEU F 101 18.27 -13.80 0.23
CA LEU F 101 18.22 -15.19 0.71
C LEU F 101 16.79 -15.71 0.70
N SER F 102 15.83 -14.89 1.13
CA SER F 102 14.43 -15.30 1.07
C SER F 102 14.00 -15.59 -0.36
N LEU F 103 14.44 -14.76 -1.31
CA LEU F 103 14.15 -15.03 -2.72
C LEU F 103 14.76 -16.36 -3.15
N TYR F 104 15.99 -16.64 -2.72
CA TYR F 104 16.63 -17.90 -3.07
C TYR F 104 15.85 -19.10 -2.54
N HIS F 105 15.14 -18.94 -1.42
CA HIS F 105 14.38 -20.04 -0.83
C HIS F 105 12.90 -20.02 -1.21
N THR F 106 12.54 -19.46 -2.36
CA THR F 106 11.13 -19.46 -2.78
C THR F 106 10.78 -20.77 -3.47
N SER F 107 9.52 -21.18 -3.32
CA SER F 107 9.02 -22.37 -3.97
C SER F 107 7.54 -22.21 -4.24
N LYS F 108 7.05 -23.04 -5.15
CA LYS F 108 5.65 -22.98 -5.53
C LYS F 108 4.74 -23.32 -4.36
N ASP F 109 5.09 -24.35 -3.59
CA ASP F 109 4.24 -24.83 -2.50
C ASP F 109 4.74 -24.38 -1.12
N GLY F 110 5.69 -23.45 -1.06
CA GLY F 110 6.22 -23.00 0.20
C GLY F 110 5.50 -21.76 0.74
N ASP F 111 5.98 -21.30 1.89
CA ASP F 111 5.42 -20.11 2.51
C ASP F 111 5.75 -18.85 1.72
N ILE F 112 6.91 -18.82 1.07
CA ILE F 112 7.37 -17.66 0.30
C ILE F 112 7.31 -18.03 -1.17
N LYS F 113 6.48 -17.32 -1.92
CA LYS F 113 6.27 -17.58 -3.34
C LYS F 113 6.68 -16.35 -4.15
N VAL F 114 6.49 -16.45 -5.46
CA VAL F 114 6.67 -15.33 -6.38
C VAL F 114 5.28 -14.80 -6.72
N LYS F 115 5.02 -13.55 -6.33
CA LYS F 115 3.70 -12.97 -6.56
C LYS F 115 3.65 -12.04 -7.75
N ASP F 116 4.80 -11.54 -8.22
CA ASP F 116 4.86 -10.65 -9.36
C ASP F 116 5.85 -11.22 -10.38
N GLU F 117 5.34 -12.07 -11.26
CA GLU F 117 6.20 -12.73 -12.24
C GLU F 117 6.73 -11.76 -13.28
N ASN F 118 5.93 -10.76 -13.66
CA ASN F 118 6.41 -9.78 -14.64
C ASN F 118 7.59 -9.00 -14.09
N LYS F 119 7.49 -8.57 -12.82
CA LYS F 119 8.59 -7.86 -12.18
C LYS F 119 9.81 -8.76 -12.10
N LEU F 120 9.62 -10.04 -11.76
CA LEU F 120 10.76 -10.96 -11.71
C LEU F 120 11.42 -11.10 -13.07
N LYS F 121 10.64 -11.18 -14.14
CA LYS F 121 11.23 -11.31 -15.48
C LYS F 121 11.99 -10.06 -15.88
N GLU F 122 11.47 -8.87 -15.54
CA GLU F 122 12.22 -7.65 -15.82
C GLU F 122 13.53 -7.59 -15.03
N VAL F 123 13.49 -7.96 -13.76
CA VAL F 123 14.69 -8.00 -12.94
C VAL F 123 15.70 -9.01 -13.49
N ALA F 124 15.20 -10.16 -13.95
CA ALA F 124 16.07 -11.16 -14.55
C ALA F 124 16.73 -10.64 -15.81
N LYS F 125 15.99 -9.88 -16.60
CA LYS F 125 16.58 -9.18 -17.73
C LYS F 125 17.70 -8.25 -17.27
N SER F 126 17.48 -7.52 -16.17
CA SER F 126 18.51 -6.62 -15.65
C SER F 126 19.74 -7.40 -15.13
N PHE F 127 19.57 -8.65 -14.72
CA PHE F 127 20.67 -9.46 -14.21
C PHE F 127 21.21 -10.45 -15.24
N ASN F 128 20.82 -10.32 -16.49
CA ASN F 128 21.26 -11.23 -17.55
C ASN F 128 20.89 -12.68 -17.24
N VAL F 129 19.66 -12.89 -16.75
CA VAL F 129 19.13 -14.22 -16.47
C VAL F 129 18.08 -14.54 -17.53
N GLU F 130 18.24 -15.66 -18.22
CA GLU F 130 17.28 -16.06 -19.24
C GLU F 130 15.95 -16.43 -18.60
N THR F 131 14.86 -16.08 -19.27
CA THR F 131 13.51 -16.34 -18.76
C THR F 131 12.61 -17.13 -19.72
N GLU F 132 12.89 -17.12 -21.03
CA GLU F 132 11.98 -17.73 -21.99
C GLU F 132 11.96 -19.24 -21.84
N GLY F 133 10.76 -19.79 -21.73
CA GLY F 133 10.59 -21.23 -21.61
C GLY F 133 11.26 -21.79 -20.37
N ARG F 134 11.19 -21.07 -19.25
CA ARG F 134 11.81 -21.52 -18.02
C ARG F 134 10.80 -21.49 -16.88
N ASP F 135 10.99 -22.38 -15.91
CA ASP F 135 10.20 -22.38 -14.70
C ASP F 135 10.43 -21.08 -13.91
N ILE F 136 9.36 -20.55 -13.34
CA ILE F 136 9.45 -19.24 -12.70
C ILE F 136 10.36 -19.30 -11.49
N TYR F 137 10.35 -20.42 -10.74
CA TYR F 137 11.18 -20.52 -9.54
C TYR F 137 12.64 -20.79 -9.86
N ASP F 138 12.93 -21.46 -10.99
CA ASP F 138 14.32 -21.53 -11.46
C ASP F 138 14.86 -20.15 -11.77
N ILE F 139 14.03 -19.33 -12.44
CA ILE F 139 14.41 -17.94 -12.70
C ILE F 139 14.64 -17.19 -11.39
N ALA F 140 13.73 -17.37 -10.43
CA ALA F 140 13.88 -16.66 -9.15
C ALA F 140 15.17 -17.04 -8.46
N HIS F 141 15.51 -18.33 -8.46
CA HIS F 141 16.74 -18.76 -7.81
C HIS F 141 17.97 -18.20 -8.52
N ASP F 142 17.97 -18.19 -9.86
CA ASP F 142 19.10 -17.59 -10.57
C ASP F 142 19.23 -16.10 -10.25
N VAL F 143 18.10 -15.39 -10.23
CA VAL F 143 18.13 -13.97 -9.90
C VAL F 143 18.67 -13.75 -8.49
N ALA F 144 18.23 -14.58 -7.54
CA ALA F 144 18.74 -14.46 -6.17
C ALA F 144 20.24 -14.72 -6.11
N LYS F 145 20.73 -15.70 -6.87
CA LYS F 145 22.17 -15.97 -6.92
C LYS F 145 22.95 -14.76 -7.44
N GLU F 146 22.47 -14.12 -8.51
CA GLU F 146 23.15 -12.94 -9.03
C GLU F 146 23.14 -11.81 -8.00
N GLY F 147 22.00 -11.60 -7.34
CA GLY F 147 21.91 -10.57 -6.32
C GLY F 147 22.86 -10.81 -5.17
N LEU F 148 22.94 -12.06 -4.70
CA LEU F 148 23.87 -12.42 -3.62
C LEU F 148 25.32 -12.21 -4.06
N SER F 149 25.64 -12.53 -5.32
CA SER F 149 27.00 -12.29 -5.78
C SER F 149 27.33 -10.80 -5.75
N ASN F 150 26.33 -9.93 -5.94
CA ASN F 150 26.59 -8.49 -5.82
C ASN F 150 27.15 -8.14 -4.43
N TYR F 151 26.83 -8.92 -3.40
CA TYR F 151 27.28 -8.56 -2.05
C TYR F 151 28.74 -8.91 -1.81
N GLY F 152 29.25 -10.00 -2.37
CA GLY F 152 30.56 -10.49 -1.97
C GLY F 152 31.49 -10.96 -3.07
N LYS F 153 31.22 -10.60 -4.33
CA LYS F 153 32.13 -10.99 -5.41
C LYS F 153 33.46 -10.27 -5.28
N GLN F 154 34.56 -11.01 -5.47
CA GLN F 154 35.90 -10.46 -5.39
C GLN F 154 36.54 -10.22 -6.75
N LEU F 155 36.02 -10.86 -7.80
CA LEU F 155 36.48 -10.67 -9.16
C LEU F 155 35.32 -10.19 -10.01
N GLY F 156 35.62 -9.29 -10.95
CA GLY F 156 34.62 -8.78 -11.86
C GLY F 156 33.89 -7.56 -11.34
N GLU F 157 32.95 -7.10 -12.16
CA GLU F 157 32.16 -5.91 -11.88
C GLU F 157 30.79 -6.31 -11.36
N VAL F 158 30.22 -5.45 -10.50
CA VAL F 158 28.90 -5.66 -9.93
C VAL F 158 27.82 -5.33 -10.96
N THR F 159 26.58 -5.70 -10.68
CA THR F 159 25.46 -5.45 -11.58
C THR F 159 24.63 -4.28 -11.06
N LEU F 160 24.36 -3.31 -11.93
CA LEU F 160 23.63 -2.11 -11.54
C LEU F 160 22.34 -1.97 -12.35
N PRO F 161 21.31 -1.32 -11.81
CA PRO F 161 20.02 -1.27 -12.51
C PRO F 161 20.11 -0.50 -13.81
N PRO F 162 19.30 -0.86 -14.81
CA PRO F 162 19.35 -0.14 -16.10
C PRO F 162 18.94 1.32 -16.02
N SER F 163 18.21 1.73 -14.97
CA SER F 163 17.79 3.12 -14.88
C SER F 163 18.95 4.07 -14.60
N LEU F 164 20.09 3.58 -14.16
CA LEU F 164 21.25 4.42 -13.86
C LEU F 164 21.89 4.93 -15.15
N PRO F 165 21.99 6.24 -15.37
CA PRO F 165 22.53 6.75 -16.64
C PRO F 165 23.98 6.36 -16.88
N GLU F 166 24.29 6.14 -18.17
CA GLU F 166 25.66 5.79 -18.54
C GLU F 166 26.62 6.91 -18.18
N LYS F 167 26.17 8.16 -18.29
CA LYS F 167 27.03 9.29 -17.96
C LYS F 167 27.41 9.26 -16.48
N ARG F 168 26.45 8.93 -15.61
CA ARG F 168 26.75 8.83 -14.18
C ARG F 168 27.74 7.72 -13.89
N LYS F 169 27.60 6.59 -14.58
CA LYS F 169 28.57 5.50 -14.41
C LYS F 169 29.97 5.95 -14.82
N GLU F 170 30.07 6.62 -15.96
CA GLU F 170 31.38 7.06 -16.44
C GLU F 170 31.98 8.12 -15.52
N LEU F 171 31.15 9.02 -15.00
CA LEU F 171 31.64 9.99 -14.03
C LEU F 171 32.18 9.31 -12.78
N TRP F 172 31.47 8.30 -12.28
CA TRP F 172 31.93 7.54 -11.12
C TRP F 172 33.27 6.86 -11.40
N ARG F 173 33.40 6.24 -12.56
CA ARG F 173 34.64 5.56 -12.93
C ARG F 173 35.81 6.54 -13.00
N LYS F 174 35.59 7.70 -13.60
CA LYS F 174 36.65 8.69 -13.68
C LYS F 174 37.01 9.22 -12.29
N LEU F 175 36.02 9.38 -11.42
CA LEU F 175 36.29 9.91 -10.09
C LEU F 175 36.94 8.88 -9.18
N GLY F 176 36.81 7.59 -9.48
CA GLY F 176 37.33 6.55 -8.62
C GLY F 176 36.38 6.06 -7.56
N VAL F 177 35.07 6.28 -7.70
CA VAL F 177 34.08 5.86 -6.71
C VAL F 177 33.15 4.81 -7.28
N TYR F 178 33.50 4.22 -8.41
CA TYR F 178 32.63 3.21 -9.01
C TYR F 178 32.51 2.01 -8.05
N PRO F 179 31.29 1.59 -7.70
CA PRO F 179 31.14 0.61 -6.61
C PRO F 179 31.67 -0.78 -6.93
N ARG F 180 32.14 -1.46 -5.86
CA ARG F 180 32.46 -2.88 -5.83
C ARG F 180 31.39 -3.58 -4.98
N ALA F 181 31.62 -4.86 -4.67
CA ALA F 181 30.71 -5.63 -3.83
C ALA F 181 30.47 -4.91 -2.49
N VAL F 182 29.22 -5.01 -1.99
CA VAL F 182 28.80 -4.15 -0.88
C VAL F 182 29.64 -4.40 0.37
N ASP F 183 29.75 -5.67 0.78
CA ASP F 183 30.52 -5.98 1.98
C ASP F 183 31.99 -5.61 1.81
N ARG F 184 32.51 -5.76 0.60
CA ARG F 184 33.89 -5.36 0.31
C ARG F 184 34.08 -3.86 0.53
N GLU F 185 33.11 -3.05 0.12
CA GLU F 185 33.25 -1.60 0.31
C GLU F 185 33.13 -1.21 1.78
N ILE F 186 32.23 -1.87 2.52
CA ILE F 186 32.14 -1.64 3.96
C ILE F 186 33.47 -1.98 4.63
N ALA F 187 34.05 -3.13 4.27
CA ALA F 187 35.33 -3.54 4.84
C ALA F 187 36.44 -2.56 4.47
N ALA F 188 36.44 -2.06 3.24
CA ALA F 188 37.45 -1.09 2.83
C ALA F 188 37.37 0.19 3.66
N VAL F 189 36.15 0.71 3.87
CA VAL F 189 36.01 1.91 4.69
C VAL F 189 36.50 1.64 6.12
N MET F 190 36.11 0.50 6.69
CA MET F 190 36.58 0.19 8.04
C MET F 190 38.10 0.04 8.08
N HIS F 191 38.70 -0.50 7.02
CA HIS F 191 40.15 -0.64 6.99
C HIS F 191 40.83 0.72 6.94
N SER F 192 40.36 1.63 6.08
CA SER F 192 41.06 2.90 5.87
C SER F 192 40.91 3.85 7.05
N THR F 193 39.92 3.65 7.92
CA THR F 193 39.81 4.47 9.13
C THR F 193 40.66 3.95 10.31
N HIS F 194 41.24 2.76 10.19
CA HIS F 194 42.12 2.22 11.24
C HIS F 194 43.32 3.15 11.47
N ILE F 195 43.81 3.15 12.72
CA ILE F 195 44.90 4.06 13.09
C ILE F 195 46.03 3.90 12.10
N GLY F 196 46.56 5.02 11.62
CA GLY F 196 47.72 4.96 10.76
C GLY F 196 47.45 4.51 9.34
N CYS F 197 46.21 4.66 8.85
CA CYS F 197 45.93 4.42 7.44
C CYS F 197 45.66 5.71 6.69
N ASN F 198 44.41 5.95 6.29
CA ASN F 198 44.05 7.13 5.50
C ASN F 198 44.02 8.36 6.40
N ALA F 199 44.90 9.32 6.12
CA ALA F 199 44.95 10.63 6.78
C ALA F 199 44.84 11.76 5.75
N ASP F 200 43.87 11.64 4.84
CA ASP F 200 43.60 12.66 3.82
C ASP F 200 42.09 12.75 3.64
N ALA F 201 41.51 13.92 3.97
CA ALA F 201 40.06 14.05 4.04
C ALA F 201 39.40 13.81 2.69
N GLU F 202 39.99 14.32 1.60
CA GLU F 202 39.36 14.18 0.29
C GLU F 202 39.23 12.72 -0.10
N ALA F 203 40.31 11.95 0.06
CA ALA F 203 40.28 10.53 -0.25
C ALA F 203 39.33 9.79 0.67
N MET F 204 39.26 10.18 1.93
CA MET F 204 38.34 9.54 2.88
C MET F 204 36.89 9.74 2.48
N ILE F 205 36.53 10.97 2.10
CA ILE F 205 35.18 11.27 1.64
C ILE F 205 34.85 10.49 0.38
N LYS F 206 35.80 10.38 -0.55
CA LYS F 206 35.57 9.60 -1.77
C LYS F 206 35.34 8.13 -1.46
N MET F 207 36.09 7.57 -0.51
CA MET F 207 35.85 6.18 -0.12
C MET F 207 34.45 6.03 0.47
N SER F 208 34.00 6.99 1.28
CA SER F 208 32.65 6.92 1.86
C SER F 208 31.58 7.01 0.78
N MET F 209 31.78 7.87 -0.22
CA MET F 209 30.84 7.94 -1.35
C MET F 209 30.78 6.61 -2.09
N ARG F 210 31.94 6.02 -2.34
CA ARG F 210 32.00 4.73 -3.01
C ARG F 210 31.23 3.68 -2.23
N CYS F 211 31.40 3.66 -0.91
CA CYS F 211 30.65 2.73 -0.07
C CYS F 211 29.15 2.98 -0.13
N SER F 212 28.73 4.25 -0.07
CA SER F 212 27.30 4.57 -0.06
C SER F 212 26.62 4.18 -1.37
N LEU F 213 27.36 4.19 -2.48
CA LEU F 213 26.77 3.78 -3.75
C LEU F 213 26.31 2.32 -3.72
N THR F 214 27.06 1.44 -3.05
CA THR F 214 26.64 0.05 -2.89
C THR F 214 25.37 -0.07 -2.06
N ASP F 215 25.06 0.93 -1.24
CA ASP F 215 23.77 0.94 -0.56
C ASP F 215 22.67 1.38 -1.52
N GLY F 216 22.82 2.56 -2.11
CA GLY F 216 21.74 3.16 -2.89
C GLY F 216 21.36 2.33 -4.10
N TRP F 217 22.35 1.89 -4.87
CA TRP F 217 22.06 1.25 -6.15
C TRP F 217 22.12 -0.26 -6.12
N MET F 218 22.66 -0.88 -5.07
CA MET F 218 22.72 -2.33 -5.00
C MET F 218 21.92 -2.90 -3.83
N GLY F 219 22.24 -2.52 -2.60
CA GLY F 219 21.58 -3.10 -1.44
C GLY F 219 20.12 -2.73 -1.34
N SER F 220 19.84 -1.43 -1.22
CA SER F 220 18.47 -0.96 -1.12
C SER F 220 17.68 -1.29 -2.39
N PHE F 221 18.33 -1.16 -3.55
CA PHE F 221 17.64 -1.42 -4.81
C PHE F 221 17.21 -2.88 -4.91
N MET F 222 18.14 -3.79 -4.63
CA MET F 222 17.83 -5.22 -4.68
C MET F 222 16.83 -5.61 -3.62
N GLY F 223 16.96 -5.05 -2.42
CA GLY F 223 15.97 -5.34 -1.40
C GLY F 223 14.58 -4.94 -1.83
N THR F 224 14.44 -3.73 -2.38
CA THR F 224 13.14 -3.26 -2.84
C THR F 224 12.58 -4.13 -3.96
N GLU F 225 13.40 -4.41 -4.98
CA GLU F 225 12.88 -5.14 -6.14
C GLU F 225 12.54 -6.59 -5.80
N PHE F 226 13.36 -7.24 -4.96
CA PHE F 226 13.06 -8.61 -4.55
C PHE F 226 11.85 -8.64 -3.62
N SER F 227 11.68 -7.62 -2.78
CA SER F 227 10.47 -7.52 -1.97
C SER F 227 9.25 -7.38 -2.85
N ASP F 228 9.35 -6.58 -3.91
CA ASP F 228 8.24 -6.50 -4.87
C ASP F 228 7.96 -7.85 -5.51
N ILE F 229 9.01 -8.58 -5.89
CA ILE F 229 8.83 -9.88 -6.53
C ILE F 229 8.11 -10.85 -5.60
N MET F 230 8.53 -10.90 -4.34
CA MET F 230 7.98 -11.90 -3.43
C MET F 230 6.64 -11.48 -2.84
N PHE F 231 6.44 -10.21 -2.51
CA PHE F 231 5.25 -9.77 -1.78
C PHE F 231 4.32 -8.89 -2.60
N GLY F 232 4.65 -8.61 -3.85
CA GLY F 232 3.78 -7.82 -4.70
C GLY F 232 4.24 -6.39 -4.87
N THR F 233 4.14 -5.88 -6.09
CA THR F 233 4.46 -4.48 -6.34
C THR F 233 3.38 -3.58 -5.73
N PRO F 234 3.74 -2.55 -4.96
CA PRO F 234 2.71 -1.68 -4.38
C PRO F 234 1.92 -0.95 -5.44
N HIS F 235 0.63 -0.75 -5.16
CA HIS F 235 -0.25 0.07 -5.98
C HIS F 235 -1.03 1.00 -5.06
N SER F 236 -1.76 1.93 -5.67
CA SER F 236 -2.53 2.91 -4.90
C SER F 236 -3.45 2.19 -3.94
N ILE F 237 -3.38 2.58 -2.66
CA ILE F 237 -4.12 1.90 -1.61
C ILE F 237 -4.39 2.90 -0.49
N ASP F 238 -5.54 2.75 0.15
CA ASP F 238 -5.95 3.60 1.26
C ASP F 238 -5.53 2.96 2.59
N THR F 239 -5.28 3.82 3.58
CA THR F 239 -4.94 3.35 4.92
C THR F 239 -5.28 4.47 5.90
N GLU F 240 -5.08 4.19 7.18
CA GLU F 240 -5.24 5.15 8.26
C GLU F 240 -3.92 5.28 9.02
N ALA F 241 -3.67 6.46 9.57
CA ALA F 241 -2.40 6.76 10.22
C ALA F 241 -2.66 7.44 11.55
N ASN F 242 -1.63 7.37 12.41
CA ASN F 242 -1.52 7.93 13.75
C ASN F 242 -2.09 7.00 14.83
N LEU F 243 -1.82 7.32 16.11
CA LEU F 243 -2.05 6.37 17.20
C LEU F 243 -3.52 6.03 17.40
N GLY F 244 -4.43 6.82 16.83
CA GLY F 244 -5.85 6.55 16.97
C GLY F 244 -6.29 5.25 16.33
N VAL F 245 -5.45 4.65 15.48
CA VAL F 245 -5.81 3.39 14.83
C VAL F 245 -5.89 2.22 15.80
N LEU F 246 -5.35 2.37 17.01
CA LEU F 246 -5.46 1.31 18.02
C LEU F 246 -6.91 1.15 18.45
N GLU F 247 -7.31 -0.09 18.71
CA GLU F 247 -8.67 -0.43 19.11
C GLU F 247 -8.67 -0.84 20.57
N LYS F 248 -9.58 -0.25 21.34
CA LYS F 248 -9.70 -0.63 22.75
C LYS F 248 -10.23 -2.05 22.90
N ASN F 249 -11.22 -2.42 22.08
CA ASN F 249 -11.93 -3.69 22.21
C ASN F 249 -11.34 -4.81 21.38
N SER F 250 -10.19 -4.60 20.74
CA SER F 250 -9.54 -5.63 19.94
C SER F 250 -8.12 -5.87 20.44
N VAL F 251 -7.59 -7.06 20.13
CA VAL F 251 -6.17 -7.30 20.30
C VAL F 251 -5.41 -6.33 19.41
N ASN F 252 -4.41 -5.65 19.97
CA ASN F 252 -3.60 -4.71 19.19
C ASN F 252 -2.18 -5.27 19.07
N VAL F 253 -1.79 -5.58 17.84
CA VAL F 253 -0.46 -6.13 17.55
C VAL F 253 0.29 -5.08 16.73
N VAL F 254 1.38 -4.57 17.27
CA VAL F 254 2.14 -3.49 16.65
C VAL F 254 3.43 -4.10 16.10
N LEU F 255 3.65 -3.92 14.80
CA LEU F 255 4.85 -4.43 14.12
C LEU F 255 5.83 -3.27 13.93
N HIS F 256 7.00 -3.39 14.52
CA HIS F 256 8.01 -2.34 14.53
C HIS F 256 9.31 -2.90 13.99
N GLY F 257 10.06 -2.11 13.20
CA GLY F 257 11.30 -2.59 12.63
C GLY F 257 11.42 -2.37 11.12
N HIS F 258 12.19 -3.22 10.44
CA HIS F 258 12.48 -2.99 9.02
C HIS F 258 12.34 -4.22 8.13
N GLU F 259 12.51 -5.43 8.68
CA GLU F 259 12.50 -6.63 7.83
C GLU F 259 11.08 -6.99 7.43
N PRO F 260 10.78 -7.09 6.13
CA PRO F 260 9.37 -7.25 5.72
C PRO F 260 8.86 -8.69 5.77
N LEU F 261 9.73 -9.71 5.74
CA LEU F 261 9.23 -11.07 5.71
C LEU F 261 8.42 -11.39 6.97
N LEU F 262 8.92 -11.01 8.13
CA LEU F 262 8.19 -11.28 9.37
C LEU F 262 6.83 -10.59 9.38
N SER F 263 6.76 -9.33 8.97
CA SER F 263 5.50 -8.60 9.00
C SER F 263 4.54 -9.16 7.97
N GLU F 264 5.04 -9.57 6.80
CA GLU F 264 4.19 -10.23 5.82
C GLU F 264 3.59 -11.51 6.39
N MET F 265 4.42 -12.33 7.06
CA MET F 265 3.90 -13.57 7.63
C MET F 265 2.92 -13.30 8.77
N VAL F 266 3.15 -12.25 9.56
CA VAL F 266 2.21 -11.89 10.62
C VAL F 266 0.87 -11.45 10.03
N VAL F 267 0.91 -10.66 8.93
CA VAL F 267 -0.34 -10.28 8.27
C VAL F 267 -1.08 -11.50 7.78
N GLU F 268 -0.36 -12.44 7.16
CA GLU F 268 -0.99 -13.66 6.70
C GLU F 268 -1.55 -14.48 7.86
N ALA F 269 -0.82 -14.56 8.97
CA ALA F 269 -1.29 -15.33 10.11
C ALA F 269 -2.52 -14.70 10.76
N ALA F 270 -2.65 -13.38 10.68
CA ALA F 270 -3.81 -12.72 11.29
C ALA F 270 -5.14 -13.15 10.69
N SER F 271 -5.15 -13.65 9.46
CA SER F 271 -6.36 -14.16 8.83
C SER F 271 -6.55 -15.66 9.08
N ASP F 272 -5.68 -16.30 9.86
CA ASP F 272 -5.84 -17.72 10.17
C ASP F 272 -7.11 -17.93 11.00
N PRO F 273 -7.99 -18.86 10.61
CA PRO F 273 -9.24 -19.04 11.36
C PRO F 273 -9.03 -19.40 12.82
N GLU F 274 -7.99 -20.16 13.13
CA GLU F 274 -7.78 -20.55 14.52
C GLU F 274 -7.39 -19.34 15.35
N LEU F 275 -6.54 -18.46 14.82
CA LEU F 275 -6.11 -17.28 15.57
C LEU F 275 -7.25 -16.28 15.72
N VAL F 276 -8.09 -16.14 14.70
CA VAL F 276 -9.25 -15.25 14.83
C VAL F 276 -10.21 -15.79 15.88
N GLU F 277 -10.44 -17.10 15.89
CA GLU F 277 -11.27 -17.71 16.92
C GLU F 277 -10.66 -17.52 18.30
N LEU F 278 -9.33 -17.66 18.42
CA LEU F 278 -8.66 -17.45 19.70
C LEU F 278 -8.81 -16.01 20.19
N ALA F 279 -8.68 -15.04 19.28
CA ALA F 279 -8.89 -13.65 19.66
C ALA F 279 -10.32 -13.44 20.16
N LYS F 280 -11.30 -14.06 19.50
CA LYS F 280 -12.66 -13.99 20.01
C LYS F 280 -12.80 -14.63 21.39
N SER F 281 -12.07 -15.72 21.62
CA SER F 281 -12.24 -16.47 22.87
C SER F 281 -11.61 -15.76 24.06
N VAL F 282 -10.68 -14.82 23.82
CA VAL F 282 -10.06 -14.10 24.94
C VAL F 282 -10.85 -12.81 25.20
N GLY F 283 -11.99 -12.66 24.54
CA GLY F 283 -12.85 -11.52 24.79
C GLY F 283 -12.59 -10.30 23.94
N ALA F 284 -11.87 -10.45 22.83
CA ALA F 284 -11.58 -9.33 21.94
C ALA F 284 -12.47 -9.40 20.70
N ASP F 285 -12.74 -8.23 20.12
CA ASP F 285 -13.53 -8.16 18.90
C ASP F 285 -12.81 -8.77 17.72
N GLY F 286 -11.48 -8.73 17.72
CA GLY F 286 -10.72 -9.29 16.63
C GLY F 286 -9.26 -8.93 16.79
N ILE F 287 -8.52 -9.05 15.70
CA ILE F 287 -7.10 -8.75 15.66
C ILE F 287 -6.91 -7.46 14.89
N ASN F 288 -6.20 -6.50 15.48
CA ASN F 288 -5.93 -5.21 14.85
C ASN F 288 -4.42 -5.11 14.73
N LEU F 289 -3.92 -5.35 13.51
CA LEU F 289 -2.50 -5.17 13.21
C LEU F 289 -2.25 -3.71 12.86
N CYS F 290 -1.22 -3.13 13.47
CA CYS F 290 -0.78 -1.78 13.19
C CYS F 290 0.74 -1.83 13.00
N GLY F 291 1.25 -0.97 12.13
CA GLY F 291 2.66 -0.96 11.81
C GLY F 291 3.29 0.36 12.24
N MET F 292 4.59 0.30 12.49
CA MET F 292 5.37 1.48 12.83
C MET F 292 6.67 1.48 12.03
N CYS F 293 7.14 2.68 11.69
CA CYS F 293 8.43 2.87 10.98
C CYS F 293 8.38 2.11 9.66
N CYS F 294 9.49 1.50 9.24
CA CYS F 294 9.62 1.00 7.88
C CYS F 294 8.87 -0.30 7.65
N THR F 295 8.81 -1.18 8.64
CA THR F 295 8.00 -2.39 8.48
C THR F 295 6.54 -2.02 8.35
N GLY F 296 6.09 -1.04 9.14
CA GLY F 296 4.76 -0.48 8.93
C GLY F 296 4.60 0.09 7.55
N ASN F 297 5.61 0.79 7.03
CA ASN F 297 5.52 1.31 5.66
C ASN F 297 5.37 0.18 4.65
N GLU F 298 6.13 -0.91 4.80
CA GLU F 298 6.03 -2.01 3.83
C GLU F 298 4.64 -2.66 3.84
N VAL F 299 4.16 -3.04 5.03
CA VAL F 299 2.87 -3.72 5.07
C VAL F 299 1.74 -2.75 4.69
N SER F 300 1.93 -1.45 4.93
CA SER F 300 0.92 -0.48 4.52
C SER F 300 0.93 -0.24 3.02
N MET F 301 2.11 -0.18 2.40
CA MET F 301 2.20 -0.03 0.95
C MET F 301 1.57 -1.22 0.24
N ARG F 302 1.75 -2.42 0.78
CA ARG F 302 1.31 -3.62 0.07
C ARG F 302 -0.06 -4.16 0.49
N HIS F 303 -0.56 -3.80 1.67
CA HIS F 303 -1.82 -4.33 2.14
C HIS F 303 -2.73 -3.31 2.81
N GLY F 304 -2.30 -2.06 2.95
CA GLY F 304 -3.13 -1.08 3.61
C GLY F 304 -3.19 -1.22 5.12
N ILE F 305 -2.20 -1.88 5.73
CA ILE F 305 -2.15 -1.99 7.19
C ILE F 305 -2.04 -0.60 7.78
N LYS F 306 -2.82 -0.33 8.82
CA LYS F 306 -2.80 0.99 9.43
C LYS F 306 -1.44 1.30 10.06
N ILE F 307 -1.01 2.55 9.96
CA ILE F 307 0.28 2.97 10.48
C ILE F 307 0.05 3.64 11.83
N ALA F 308 0.61 3.04 12.88
CA ALA F 308 0.43 3.58 14.22
C ALA F 308 1.26 4.84 14.44
N GLY F 309 2.49 4.90 13.90
CA GLY F 309 3.34 6.08 14.07
C GLY F 309 4.75 5.83 13.61
N ASN F 310 5.55 6.91 13.60
CA ASN F 310 6.94 6.89 13.17
C ASN F 310 7.88 6.78 14.38
N PHE F 311 9.17 7.01 14.18
CA PHE F 311 10.23 6.68 15.13
C PHE F 311 9.91 7.20 16.53
N MET F 312 9.86 8.51 16.73
CA MET F 312 9.75 9.03 18.09
C MET F 312 8.37 8.83 18.71
N GLN F 313 7.45 8.13 18.05
CA GLN F 313 6.17 7.75 18.65
C GLN F 313 6.15 6.34 19.21
N GLN F 314 7.18 5.53 18.96
CA GLN F 314 7.09 4.12 19.32
C GLN F 314 6.77 3.96 20.81
N GLU F 315 7.50 4.66 21.68
CA GLU F 315 7.22 4.57 23.12
C GLU F 315 5.77 4.95 23.44
N LEU F 316 5.27 6.03 22.82
CA LEU F 316 3.91 6.48 23.11
C LEU F 316 2.88 5.44 22.72
N ALA F 317 3.20 4.60 21.71
CA ALA F 317 2.26 3.53 21.39
C ALA F 317 2.04 2.64 22.61
N VAL F 318 3.10 2.32 23.36
CA VAL F 318 2.95 1.53 24.58
C VAL F 318 2.23 2.35 25.67
N VAL F 319 2.42 3.67 25.65
CA VAL F 319 1.87 4.51 26.74
C VAL F 319 0.33 4.47 26.71
N THR F 320 -0.25 4.20 25.53
CA THR F 320 -1.72 4.07 25.46
C THR F 320 -2.24 2.98 26.41
N GLY F 321 -1.44 1.95 26.68
CA GLY F 321 -1.89 0.82 27.46
C GLY F 321 -2.73 -0.18 26.71
N ALA F 322 -2.79 -0.08 25.37
CA ALA F 322 -3.62 -0.92 24.54
C ALA F 322 -2.83 -1.88 23.65
N VAL F 323 -1.50 -1.81 23.66
CA VAL F 323 -0.66 -2.68 22.83
C VAL F 323 -0.47 -4.01 23.57
N ASP F 324 -1.13 -5.06 23.08
CA ASP F 324 -0.97 -6.40 23.65
C ASP F 324 0.36 -7.03 23.26
N GLY F 325 0.77 -6.87 22.01
CA GLY F 325 2.04 -7.42 21.57
C GLY F 325 2.78 -6.46 20.67
N LEU F 326 4.04 -6.18 20.98
CA LEU F 326 4.88 -5.32 20.16
C LEU F 326 6.00 -6.21 19.60
N ILE F 327 5.92 -6.52 18.31
CA ILE F 327 6.83 -7.46 17.67
C ILE F 327 7.85 -6.64 16.90
N VAL F 328 9.14 -6.83 17.19
CA VAL F 328 10.20 -6.03 16.58
C VAL F 328 11.23 -6.93 15.91
N ASP F 329 11.71 -6.53 14.71
CA ASP F 329 12.81 -7.29 14.11
C ASP F 329 14.20 -6.66 14.32
N VAL F 330 14.51 -5.53 13.67
CA VAL F 330 15.85 -4.92 13.70
C VAL F 330 15.72 -3.44 13.38
N GLN F 331 16.67 -2.64 13.89
CA GLN F 331 16.91 -1.25 13.47
C GLN F 331 15.85 -0.28 14.01
N CYS F 332 16.30 0.84 14.61
CA CYS F 332 15.42 1.91 15.06
C CYS F 332 14.40 1.44 16.09
N ILE F 333 14.77 0.41 16.87
CA ILE F 333 13.95 -0.11 17.95
C ILE F 333 14.60 0.43 19.22
N MET F 334 13.99 1.43 19.83
CA MET F 334 14.55 2.02 21.05
C MET F 334 14.65 0.95 22.13
N PRO F 335 15.85 0.66 22.66
CA PRO F 335 15.94 -0.35 23.72
C PRO F 335 15.14 0.01 24.95
N ALA F 336 14.90 1.30 25.19
CA ALA F 336 14.11 1.68 26.35
C ALA F 336 12.73 1.04 26.33
N LEU F 337 12.24 0.64 25.16
CA LEU F 337 10.95 -0.06 25.11
C LEU F 337 10.88 -1.19 26.11
N ALA F 338 11.95 -1.99 26.23
CA ALA F 338 11.92 -3.10 27.19
C ALA F 338 11.56 -2.61 28.59
N LYS F 339 12.29 -1.61 29.09
CA LYS F 339 11.97 -1.04 30.38
C LYS F 339 10.53 -0.53 30.42
N LEU F 340 10.12 0.20 29.38
CA LEU F 340 8.78 0.77 29.34
C LEU F 340 7.71 -0.32 29.40
N SER F 341 7.96 -1.47 28.77
CA SER F 341 6.99 -2.57 28.72
C SER F 341 6.69 -3.14 30.09
N LYS F 342 7.57 -2.92 31.06
CA LYS F 342 7.32 -3.40 32.42
C LYS F 342 6.20 -2.61 33.09
N SER F 343 5.99 -1.36 32.68
CA SER F 343 4.97 -0.52 33.29
C SER F 343 3.58 -0.82 32.74
N TYR F 344 3.46 -1.71 31.75
CA TYR F 344 2.17 -2.08 31.17
C TYR F 344 2.17 -3.59 30.98
N HIS F 345 1.06 -4.11 30.48
CA HIS F 345 0.94 -5.54 30.21
C HIS F 345 1.64 -5.96 28.92
N THR F 346 2.14 -5.01 28.14
CA THR F 346 2.63 -5.28 26.79
C THR F 346 3.71 -6.34 26.74
N LYS F 347 3.56 -7.30 25.83
CA LYS F 347 4.61 -8.27 25.54
C LYS F 347 5.52 -7.69 24.45
N PHE F 348 6.76 -7.40 24.82
CA PHE F 348 7.75 -6.86 23.91
C PHE F 348 8.58 -8.03 23.36
N ILE F 349 8.38 -8.37 22.08
CA ILE F 349 8.90 -9.60 21.50
C ILE F 349 9.97 -9.25 20.48
N THR F 350 11.20 -9.65 20.76
CA THR F 350 12.26 -9.62 19.76
C THR F 350 12.26 -10.94 18.99
N THR F 351 12.57 -10.87 17.71
CA THR F 351 12.48 -12.02 16.83
C THR F 351 13.73 -12.31 16.01
N SER F 352 14.72 -11.42 16.01
CA SER F 352 15.87 -11.58 15.14
C SER F 352 17.14 -11.83 15.94
N PRO F 353 17.99 -12.78 15.53
CA PRO F 353 19.27 -12.97 16.22
C PRO F 353 20.19 -11.76 16.11
N LYS F 354 19.96 -10.87 15.16
CA LYS F 354 20.77 -9.67 15.03
C LYS F 354 20.41 -8.58 16.03
N ALA F 355 19.26 -8.67 16.69
CA ALA F 355 18.71 -7.57 17.49
C ALA F 355 18.18 -8.08 18.83
N HIS F 356 18.99 -8.85 19.55
CA HIS F 356 18.63 -9.18 20.93
C HIS F 356 18.53 -7.92 21.77
N ILE F 357 17.51 -7.84 22.62
CA ILE F 357 17.32 -6.74 23.55
C ILE F 357 17.11 -7.31 24.95
N THR F 358 17.91 -6.85 25.91
CA THR F 358 17.85 -7.40 27.26
C THR F 358 16.48 -7.12 27.88
N ASP F 359 15.96 -8.13 28.58
CA ASP F 359 14.68 -8.12 29.29
C ASP F 359 13.47 -8.10 28.37
N SER F 360 13.63 -8.37 27.08
CA SER F 360 12.52 -8.57 26.17
C SER F 360 12.31 -10.08 26.01
N ILE F 361 11.12 -10.45 25.57
CA ILE F 361 10.77 -11.84 25.29
C ILE F 361 11.30 -12.19 23.91
N TYR F 362 12.20 -13.16 23.84
CA TYR F 362 12.83 -13.53 22.58
C TYR F 362 12.15 -14.76 22.01
N MET F 363 11.58 -14.60 20.80
CA MET F 363 10.92 -15.67 20.05
C MET F 363 11.52 -15.61 18.65
N GLU F 364 12.56 -16.40 18.42
CA GLU F 364 13.29 -16.30 17.17
C GLU F 364 12.39 -16.61 15.98
N PHE F 365 12.34 -15.68 15.03
CA PHE F 365 11.55 -15.89 13.82
C PHE F 365 12.28 -16.89 12.92
N ASP F 366 11.66 -18.05 12.68
CA ASP F 366 12.23 -19.14 11.91
C ASP F 366 11.90 -18.94 10.45
N GLU F 367 12.92 -18.65 9.64
CA GLU F 367 12.73 -18.45 8.20
C GLU F 367 12.51 -19.75 7.46
N GLU F 368 12.88 -20.89 8.06
CA GLU F 368 12.61 -22.18 7.44
C GLU F 368 11.10 -22.45 7.39
N ASN F 369 10.37 -22.08 8.43
CA ASN F 369 8.91 -22.21 8.49
C ASN F 369 8.33 -20.86 8.88
N PRO F 370 8.41 -19.87 7.98
CA PRO F 370 8.02 -18.50 8.38
C PRO F 370 6.59 -18.38 8.87
N LEU F 371 5.64 -19.08 8.22
CA LEU F 371 4.24 -18.91 8.58
C LEU F 371 3.92 -19.47 9.97
N ASP F 372 4.44 -20.67 10.27
CA ASP F 372 4.21 -21.27 11.58
C ASP F 372 4.88 -20.46 12.68
N SER F 373 6.08 -19.96 12.41
CA SER F 373 6.77 -19.11 13.38
C SER F 373 5.98 -17.83 13.65
N ALA F 374 5.49 -17.18 12.60
CA ALA F 374 4.66 -15.99 12.76
C ALA F 374 3.39 -16.30 13.53
N LYS F 375 2.80 -17.46 13.27
CA LYS F 375 1.57 -17.86 13.97
C LYS F 375 1.80 -18.02 15.46
N LYS F 376 2.91 -18.64 15.86
CA LYS F 376 3.15 -18.81 17.30
C LYS F 376 3.45 -17.47 17.98
N ILE F 377 4.20 -16.59 17.31
CA ILE F 377 4.45 -15.26 17.85
C ILE F 377 3.14 -14.48 18.02
N LEU F 378 2.29 -14.53 17.00
CA LEU F 378 1.01 -13.84 17.03
C LEU F 378 0.08 -14.43 18.09
N LYS F 379 0.16 -15.74 18.31
CA LYS F 379 -0.64 -16.37 19.35
C LYS F 379 -0.22 -15.87 20.72
N GLU F 380 1.08 -15.68 20.94
CA GLU F 380 1.51 -15.08 22.21
C GLU F 380 0.93 -13.68 22.38
N ALA F 381 0.97 -12.87 21.32
CA ALA F 381 0.40 -11.53 21.40
C ALA F 381 -1.10 -11.58 21.71
N ILE F 382 -1.84 -12.49 21.06
CA ILE F 382 -3.29 -12.60 21.27
C ILE F 382 -3.61 -13.04 22.68
N LEU F 383 -2.89 -14.03 23.19
CA LEU F 383 -3.15 -14.49 24.56
C LEU F 383 -2.84 -13.41 25.58
N ASN F 384 -1.93 -12.48 25.26
CA ASN F 384 -1.69 -11.39 26.20
C ASN F 384 -2.87 -10.44 26.37
N PHE F 385 -3.90 -10.52 25.52
CA PHE F 385 -5.06 -9.63 25.64
C PHE F 385 -5.77 -9.83 26.97
N LYS F 386 -5.68 -11.02 27.54
CA LYS F 386 -6.33 -11.27 28.83
C LYS F 386 -5.70 -10.47 29.96
N ASN F 387 -4.46 -10.02 29.79
CA ASN F 387 -3.75 -9.23 30.78
C ASN F 387 -3.97 -7.73 30.58
N ARG F 388 -4.82 -7.34 29.64
CA ARG F 388 -5.12 -5.93 29.42
C ARG F 388 -5.79 -5.34 30.65
N ASP F 389 -5.34 -4.15 31.05
CA ASP F 389 -5.99 -3.38 32.11
C ASP F 389 -6.71 -2.23 31.42
N GLN F 390 -8.03 -2.37 31.24
CA GLN F 390 -8.78 -1.37 30.50
C GLN F 390 -8.87 -0.03 31.22
N SER F 391 -8.65 0.01 32.54
CA SER F 391 -8.64 1.26 33.28
C SER F 391 -7.41 2.12 32.98
N LYS F 392 -6.33 1.51 32.50
CA LYS F 392 -5.12 2.22 32.11
C LYS F 392 -5.09 2.58 30.62
N VAL F 393 -6.15 2.30 29.88
CA VAL F 393 -6.16 2.47 28.44
C VAL F 393 -6.60 3.89 28.10
N MET F 394 -5.85 4.55 27.25
CA MET F 394 -6.24 5.84 26.69
C MET F 394 -5.72 5.88 25.25
N ILE F 395 -6.64 5.78 24.31
CA ILE F 395 -6.33 5.86 22.88
C ILE F 395 -6.87 7.21 22.37
N PRO F 396 -6.02 8.17 22.00
CA PRO F 396 -6.57 9.43 21.47
C PRO F 396 -7.38 9.20 20.20
N GLU F 397 -8.51 9.90 20.09
CA GLU F 397 -9.37 9.77 18.91
C GLU F 397 -8.85 10.65 17.78
N LEU F 398 -7.61 10.38 17.37
CA LEU F 398 -6.92 11.15 16.33
C LEU F 398 -6.30 10.19 15.33
N LYS F 399 -6.96 10.02 14.19
CA LYS F 399 -6.50 9.20 13.09
C LYS F 399 -6.69 9.99 11.80
N CYS F 400 -5.91 9.67 10.78
CA CYS F 400 -5.97 10.42 9.53
C CYS F 400 -5.94 9.48 8.34
N LYS F 401 -6.78 9.76 7.35
CA LYS F 401 -6.80 8.96 6.12
C LYS F 401 -5.60 9.29 5.26
N ALA F 402 -5.01 8.25 4.67
CA ALA F 402 -3.83 8.41 3.82
C ALA F 402 -3.95 7.50 2.61
N ILE F 403 -3.29 7.91 1.53
CA ILE F 403 -3.20 7.15 0.29
C ILE F 403 -1.72 6.94 0.02
N LEU F 404 -1.34 5.72 -0.33
CA LEU F 404 0.07 5.39 -0.53
C LEU F 404 0.14 4.30 -1.60
N GLY F 405 1.29 3.64 -1.70
CA GLY F 405 1.48 2.62 -2.71
C GLY F 405 2.05 3.11 -4.02
N TYR F 406 2.72 4.26 -4.03
CA TYR F 406 3.22 4.86 -5.29
C TYR F 406 4.62 4.33 -5.59
N SER F 407 4.67 3.09 -6.06
CA SER F 407 5.88 2.58 -6.68
C SER F 407 6.05 3.25 -8.05
N VAL F 408 7.23 3.07 -8.63
CA VAL F 408 7.50 3.61 -9.96
C VAL F 408 6.49 3.05 -10.96
N GLU F 409 6.17 1.76 -10.84
CA GLU F 409 5.17 1.14 -11.71
C GLU F 409 3.80 1.80 -11.52
N GLU F 410 3.40 2.03 -10.27
CA GLU F 410 2.12 2.67 -10.02
C GLU F 410 2.09 4.10 -10.56
N ILE F 411 3.19 4.82 -10.39
CA ILE F 411 3.29 6.20 -10.90
C ILE F 411 3.16 6.20 -12.42
N ILE F 412 3.83 5.26 -13.09
CA ILE F 412 3.73 5.17 -14.55
C ILE F 412 2.31 4.85 -14.97
N ASN F 413 1.65 3.92 -14.26
CA ASN F 413 0.26 3.61 -14.55
C ASN F 413 -0.63 4.85 -14.41
N LYS F 414 -0.42 5.64 -13.36
CA LYS F 414 -1.20 6.87 -13.19
C LYS F 414 -0.92 7.87 -14.30
N LEU F 415 0.35 8.01 -14.69
CA LEU F 415 0.71 8.94 -15.75
C LEU F 415 0.13 8.54 -17.10
N ASP F 416 -0.17 7.25 -17.29
CA ASP F 416 -0.78 6.82 -18.55
C ASP F 416 -2.12 7.49 -18.83
N LYS F 417 -2.79 8.02 -17.81
CA LYS F 417 -4.09 8.63 -18.04
C LYS F 417 -3.96 9.90 -18.88
N VAL F 418 -2.89 10.68 -18.69
CA VAL F 418 -2.76 11.97 -19.36
C VAL F 418 -1.99 11.81 -20.68
N VAL F 419 -1.87 10.58 -21.17
CA VAL F 419 -1.21 10.29 -22.45
C VAL F 419 -2.28 10.23 -23.54
N ASN F 420 -2.13 11.05 -24.57
CA ASN F 420 -3.02 10.95 -25.73
C ASN F 420 -2.75 9.64 -26.45
N THR F 421 -3.80 8.85 -26.68
CA THR F 421 -3.64 7.52 -27.26
C THR F 421 -3.06 7.62 -28.67
N GLN F 422 -3.47 8.62 -29.44
CA GLN F 422 -2.98 8.79 -30.80
C GLN F 422 -1.52 9.23 -30.86
N ILE F 423 -0.93 9.65 -29.75
CA ILE F 423 0.46 10.10 -29.71
C ILE F 423 1.35 9.06 -29.03
N GLY F 424 1.10 8.77 -27.76
CA GLY F 424 1.90 7.87 -26.98
C GLY F 424 3.27 8.45 -26.69
N PRO F 425 4.21 7.60 -26.26
CA PRO F 425 4.07 6.16 -25.96
C PRO F 425 3.42 5.95 -24.59
N MET F 426 3.01 4.72 -24.31
CA MET F 426 2.44 4.37 -23.01
C MET F 426 3.52 3.74 -22.13
N GLN F 427 3.23 3.69 -20.83
CA GLN F 427 4.08 3.03 -19.84
C GLN F 427 5.50 3.60 -19.81
N THR F 428 5.60 4.93 -19.81
CA THR F 428 6.87 5.62 -19.65
C THR F 428 6.69 6.73 -18.63
N VAL F 429 7.80 7.39 -18.28
CA VAL F 429 7.76 8.52 -17.36
C VAL F 429 7.65 9.82 -18.18
N LYS F 430 7.33 9.67 -19.46
CA LYS F 430 7.32 10.82 -20.35
C LYS F 430 6.37 11.93 -19.91
N PRO F 431 5.14 11.66 -19.46
CA PRO F 431 4.31 12.78 -18.97
C PRO F 431 4.96 13.58 -17.84
N LEU F 432 5.64 12.89 -16.90
CA LEU F 432 6.34 13.57 -15.82
C LEU F 432 7.50 14.39 -16.35
N ALA F 433 8.25 13.83 -17.29
CA ALA F 433 9.33 14.58 -17.92
C ALA F 433 8.78 15.81 -18.64
N ASP F 434 7.61 15.68 -19.28
CA ASP F 434 7.01 16.80 -20.00
C ASP F 434 6.61 17.91 -19.04
N VAL F 435 5.95 17.57 -17.93
CA VAL F 435 5.52 18.64 -17.01
C VAL F 435 6.74 19.31 -16.37
N LEU F 436 7.81 18.54 -16.11
CA LEU F 436 9.02 19.13 -15.57
C LEU F 436 9.71 20.03 -16.60
N VAL F 437 9.80 19.59 -17.85
CA VAL F 437 10.50 20.39 -18.86
C VAL F 437 9.71 21.66 -19.16
N SER F 438 8.38 21.54 -19.29
CA SER F 438 7.59 22.72 -19.63
C SER F 438 7.60 23.75 -18.51
N GLY F 439 7.92 23.35 -17.27
CA GLY F 439 7.88 24.30 -16.18
C GLY F 439 6.57 24.36 -15.43
N VAL F 440 5.58 23.57 -15.83
CA VAL F 440 4.34 23.48 -15.06
C VAL F 440 4.66 23.00 -13.65
N LEU F 441 5.55 22.01 -13.55
CA LEU F 441 6.17 21.63 -12.28
C LEU F 441 7.59 22.18 -12.27
N ARG F 442 7.95 22.88 -11.19
CA ARG F 442 9.28 23.44 -11.06
C ARG F 442 10.32 22.36 -10.80
N GLY F 443 9.94 21.29 -10.12
CA GLY F 443 10.86 20.20 -9.87
C GLY F 443 10.21 19.13 -9.00
N ALA F 444 11.03 18.17 -8.60
CA ALA F 444 10.63 17.08 -7.72
C ALA F 444 11.60 16.99 -6.55
N ALA F 445 11.07 16.79 -5.35
CA ALA F 445 11.88 16.75 -4.14
C ALA F 445 11.51 15.52 -3.33
N ALA F 446 12.52 14.83 -2.82
CA ALA F 446 12.33 13.67 -1.98
C ALA F 446 12.53 14.11 -0.53
N VAL F 447 11.53 13.86 0.31
CA VAL F 447 11.58 14.15 1.74
C VAL F 447 11.64 12.81 2.45
N VAL F 448 12.75 12.58 3.16
CA VAL F 448 13.09 11.29 3.78
C VAL F 448 13.66 11.58 5.17
N GLY F 449 13.82 10.53 5.96
CA GLY F 449 14.56 10.67 7.21
C GLY F 449 13.70 10.39 8.41
N CYS F 450 14.34 10.48 9.57
CA CYS F 450 13.77 10.11 10.85
C CYS F 450 13.20 11.33 11.58
N ASN F 451 12.91 11.15 12.87
CA ASN F 451 12.70 12.24 13.80
C ASN F 451 14.00 12.41 14.59
N ASN F 452 14.08 13.49 15.35
CA ASN F 452 15.26 13.75 16.18
C ASN F 452 14.83 14.67 17.30
N PRO F 453 15.09 14.35 18.57
CA PRO F 453 14.65 15.24 19.66
C PRO F 453 15.21 16.65 19.53
N LYS F 454 16.28 16.84 18.78
CA LYS F 454 16.81 18.18 18.53
C LYS F 454 15.83 19.07 17.75
N VAL F 455 14.86 18.49 17.03
CA VAL F 455 13.87 19.24 16.27
C VAL F 455 12.50 18.90 16.84
N VAL F 456 11.60 19.91 16.90
CA VAL F 456 10.21 19.68 17.30
C VAL F 456 9.67 18.61 16.36
N GLN F 457 9.19 17.51 16.94
CA GLN F 457 8.91 16.31 16.16
C GLN F 457 7.87 16.56 15.07
N ASP F 458 8.24 16.20 13.83
CA ASP F 458 7.41 16.31 12.62
C ASP F 458 7.25 17.75 12.12
N SER F 459 7.74 18.73 12.88
CA SER F 459 7.58 20.13 12.46
C SER F 459 8.34 20.38 11.17
N ALA F 460 9.62 20.01 11.12
CA ALA F 460 10.44 20.28 9.94
C ALA F 460 9.92 19.51 8.72
N HIS F 461 9.53 18.25 8.91
CA HIS F 461 8.96 17.48 7.80
C HIS F 461 7.76 18.21 7.20
N ILE F 462 6.80 18.58 8.05
CA ILE F 462 5.56 19.17 7.55
C ILE F 462 5.82 20.52 6.89
N GLU F 463 6.64 21.37 7.55
CA GLU F 463 6.92 22.70 6.99
C GLU F 463 7.66 22.60 5.66
N THR F 464 8.66 21.71 5.57
CA THR F 464 9.38 21.54 4.32
C THR F 464 8.45 21.07 3.21
N ILE F 465 7.59 20.08 3.50
CA ILE F 465 6.71 19.52 2.48
C ILE F 465 5.70 20.57 1.99
N LYS F 466 5.09 21.30 2.93
CA LYS F 466 4.11 22.32 2.55
C LYS F 466 4.75 23.43 1.74
N GLY F 467 5.94 23.89 2.13
CA GLY F 467 6.62 24.89 1.33
C GLY F 467 6.93 24.40 -0.07
N LEU F 468 7.43 23.16 -0.19
CA LEU F 468 7.79 22.65 -1.51
C LEU F 468 6.55 22.53 -2.41
N ILE F 469 5.46 21.97 -1.90
CA ILE F 469 4.30 21.79 -2.78
C ILE F 469 3.63 23.13 -3.06
N LYS F 470 3.72 24.09 -2.14
CA LYS F 470 3.22 25.44 -2.44
C LYS F 470 4.01 26.07 -3.58
N ASN F 471 5.30 25.73 -3.72
CA ASN F 471 6.14 26.25 -4.80
C ASN F 471 6.11 25.38 -6.06
N ASP F 472 5.04 24.60 -6.25
CA ASP F 472 4.88 23.73 -7.43
C ASP F 472 6.07 22.78 -7.57
N VAL F 473 6.55 22.25 -6.44
CA VAL F 473 7.51 21.17 -6.43
C VAL F 473 6.76 19.93 -5.96
N ILE F 474 6.68 18.91 -6.82
CA ILE F 474 6.05 17.67 -6.43
C ILE F 474 6.97 16.94 -5.45
N VAL F 475 6.39 16.36 -4.41
CA VAL F 475 7.14 15.78 -3.31
C VAL F 475 6.88 14.28 -3.27
N VAL F 476 7.96 13.49 -3.21
CA VAL F 476 7.89 12.06 -2.92
C VAL F 476 8.47 11.86 -1.52
N VAL F 477 7.82 11.02 -0.71
CA VAL F 477 8.19 10.86 0.69
C VAL F 477 8.45 9.39 1.00
N THR F 478 9.40 9.15 1.90
CA THR F 478 9.67 7.80 2.39
C THR F 478 9.85 7.83 3.91
N GLY F 479 9.65 6.67 4.51
CA GLY F 479 10.03 6.48 5.91
C GLY F 479 9.22 7.29 6.89
N CYS F 480 9.91 7.74 7.94
CA CYS F 480 9.24 8.47 9.01
C CYS F 480 8.72 9.83 8.54
N ALA F 481 9.38 10.45 7.56
CA ALA F 481 8.84 11.66 6.94
C ALA F 481 7.52 11.36 6.24
N ALA F 482 7.46 10.24 5.53
CA ALA F 482 6.20 9.84 4.89
C ALA F 482 5.12 9.61 5.93
N GLN F 483 5.49 9.02 7.05
CA GLN F 483 4.49 8.78 8.11
C GLN F 483 4.07 10.09 8.78
N ALA F 484 4.98 11.06 8.90
CA ALA F 484 4.57 12.39 9.39
C ALA F 484 3.58 13.04 8.44
N ALA F 485 3.83 12.93 7.14
CA ALA F 485 2.88 13.44 6.14
C ALA F 485 1.54 12.72 6.24
N ALA F 486 1.57 11.40 6.45
CA ALA F 486 0.33 10.64 6.60
C ALA F 486 -0.47 11.10 7.81
N LYS F 487 0.21 11.27 8.95
CA LYS F 487 -0.48 11.71 10.16
C LYS F 487 -1.07 13.10 9.96
N TYR F 488 -0.33 13.99 9.30
CA TYR F 488 -0.80 15.35 9.15
C TYR F 488 -1.99 15.45 8.20
N GLY F 489 -2.07 14.58 7.19
CA GLY F 489 -3.14 14.65 6.21
C GLY F 489 -2.73 15.09 4.83
N LEU F 490 -1.42 15.12 4.53
CA LEU F 490 -0.95 15.52 3.22
C LEU F 490 -1.12 14.44 2.17
N LEU F 491 -1.23 13.17 2.58
CA LEU F 491 -1.38 12.04 1.66
C LEU F 491 -2.85 11.87 1.28
N GLN F 492 -3.42 12.95 0.75
CA GLN F 492 -4.82 12.97 0.36
C GLN F 492 -4.97 13.75 -0.95
N LYS F 493 -5.93 13.32 -1.76
CA LYS F 493 -6.20 14.03 -3.01
C LYS F 493 -6.64 15.46 -2.72
N GLU F 494 -7.48 15.63 -1.69
CA GLU F 494 -7.95 16.96 -1.30
C GLU F 494 -6.77 17.90 -0.97
N ALA F 495 -5.69 17.34 -0.45
CA ALA F 495 -4.54 18.16 -0.13
C ALA F 495 -4.04 18.96 -1.33
N ALA F 496 -4.25 18.45 -2.55
CA ALA F 496 -3.82 19.20 -3.72
C ALA F 496 -4.43 20.60 -3.78
N GLU F 497 -5.75 20.70 -3.53
CA GLU F 497 -6.39 22.00 -3.56
C GLU F 497 -6.22 22.76 -2.26
N LYS F 498 -5.67 22.14 -1.23
CA LYS F 498 -5.53 22.85 0.04
C LYS F 498 -4.13 23.45 0.23
N TYR F 499 -3.10 22.83 -0.35
CA TYR F 499 -1.73 23.25 -0.07
C TYR F 499 -0.90 23.52 -1.32
N ALA F 500 -1.22 22.84 -2.42
CA ALA F 500 -0.36 22.93 -3.60
C ALA F 500 -0.52 24.25 -4.33
N GLY F 501 0.53 24.65 -5.06
CA GLY F 501 0.46 25.80 -5.94
C GLY F 501 -0.31 25.48 -7.20
N PRO F 502 -0.44 26.47 -8.08
CA PRO F 502 -1.31 26.27 -9.27
C PRO F 502 -0.87 25.15 -10.20
N GLY F 503 0.42 25.09 -10.56
CA GLY F 503 0.87 24.06 -11.47
C GLY F 503 0.74 22.67 -10.88
N LEU F 504 1.14 22.50 -9.62
CA LEU F 504 1.02 21.20 -8.97
C LEU F 504 -0.45 20.81 -8.76
N ALA F 505 -1.31 21.77 -8.44
CA ALA F 505 -2.73 21.47 -8.30
C ALA F 505 -3.32 21.01 -9.62
N THR F 506 -2.96 21.67 -10.72
CA THR F 506 -3.41 21.22 -12.04
C THR F 506 -2.90 19.81 -12.33
N VAL F 507 -1.62 19.54 -12.05
CA VAL F 507 -1.08 18.21 -12.32
C VAL F 507 -1.80 17.15 -11.49
N CYS F 508 -2.05 17.45 -10.21
CA CYS F 508 -2.73 16.50 -9.35
C CYS F 508 -4.15 16.23 -9.84
N LYS F 509 -4.85 17.28 -10.28
CA LYS F 509 -6.18 17.07 -10.81
C LYS F 509 -6.17 16.24 -12.08
N LEU F 510 -5.22 16.51 -12.98
CA LEU F 510 -5.14 15.78 -14.25
C LEU F 510 -4.79 14.31 -14.05
N VAL F 511 -3.83 14.02 -13.15
CA VAL F 511 -3.37 12.66 -12.94
C VAL F 511 -4.14 11.94 -11.83
N ASP F 512 -4.92 12.67 -11.02
CA ASP F 512 -5.68 12.10 -9.91
C ASP F 512 -4.75 11.46 -8.87
N ILE F 513 -3.82 12.26 -8.37
CA ILE F 513 -2.87 11.83 -7.35
C ILE F 513 -2.81 12.89 -6.25
N PRO F 514 -2.39 12.52 -5.05
CA PRO F 514 -2.09 13.54 -4.03
C PRO F 514 -0.85 14.31 -4.43
N PRO F 515 -0.69 15.54 -3.93
CA PRO F 515 0.55 16.28 -4.20
C PRO F 515 1.79 15.64 -3.57
N VAL F 516 1.61 14.74 -2.60
CA VAL F 516 2.71 14.08 -1.90
C VAL F 516 2.55 12.59 -2.13
N LEU F 517 3.58 11.95 -2.70
CA LEU F 517 3.50 10.55 -3.10
C LEU F 517 4.35 9.71 -2.13
N HIS F 518 3.69 8.80 -1.41
CA HIS F 518 4.39 7.92 -0.47
C HIS F 518 5.00 6.76 -1.25
N MET F 519 6.32 6.74 -1.38
CA MET F 519 6.99 5.72 -2.18
C MET F 519 7.51 4.55 -1.34
N GLY F 520 7.26 4.52 -0.03
CA GLY F 520 7.52 3.34 0.77
C GLY F 520 8.51 3.59 1.89
N SER F 521 9.31 2.57 2.19
CA SER F 521 10.21 2.58 3.34
C SER F 521 11.54 3.23 2.96
N CYS F 522 12.53 3.14 3.85
CA CYS F 522 13.83 3.77 3.62
C CYS F 522 14.62 3.07 2.53
N VAL F 523 14.47 1.75 2.39
CA VAL F 523 15.09 1.07 1.25
C VAL F 523 14.40 1.49 -0.04
N ASP F 524 13.10 1.80 0.02
CA ASP F 524 12.34 2.24 -1.16
C ASP F 524 12.79 3.60 -1.69
N ILE F 525 13.72 4.27 -1.01
CA ILE F 525 14.37 5.43 -1.61
C ILE F 525 15.05 5.01 -2.91
N SER F 526 15.44 3.74 -3.02
CA SER F 526 15.96 3.26 -4.29
C SER F 526 14.95 3.53 -5.41
N ARG F 527 13.65 3.32 -5.13
CA ARG F 527 12.63 3.66 -6.13
C ARG F 527 12.79 5.09 -6.62
N ILE F 528 13.00 6.03 -5.70
CA ILE F 528 13.19 7.43 -6.08
C ILE F 528 14.35 7.53 -7.07
N LEU F 529 15.49 6.92 -6.69
CA LEU F 529 16.62 6.88 -7.62
C LEU F 529 16.17 6.35 -8.98
N ASP F 530 15.48 5.21 -8.97
CA ASP F 530 14.98 4.61 -10.20
C ASP F 530 14.19 5.63 -11.01
N LEU F 531 13.21 6.28 -10.36
CA LEU F 531 12.38 7.27 -11.04
C LEU F 531 13.25 8.35 -11.66
N VAL F 532 14.13 8.95 -10.86
CA VAL F 532 14.96 10.03 -11.37
C VAL F 532 15.80 9.54 -12.54
N GLY F 533 16.38 8.34 -12.39
CA GLY F 533 17.19 7.81 -13.47
C GLY F 533 16.41 7.71 -14.75
N ARG F 534 15.19 7.18 -14.66
CA ARG F 534 14.35 7.05 -15.85
C ARG F 534 14.15 8.41 -16.50
N VAL F 535 13.81 9.41 -15.69
CA VAL F 535 13.61 10.75 -16.25
C VAL F 535 14.87 11.21 -16.97
N ALA F 536 16.01 11.03 -16.32
CA ALA F 536 17.27 11.42 -16.93
C ALA F 536 17.49 10.68 -18.24
N ASN F 537 17.27 9.37 -18.23
CA ASN F 537 17.47 8.59 -19.45
C ASN F 537 16.49 8.98 -20.54
N LEU F 538 15.32 9.50 -20.15
CA LEU F 538 14.39 9.93 -21.18
C LEU F 538 14.81 11.26 -21.79
N LEU F 539 15.51 12.08 -21.00
CA LEU F 539 15.93 13.39 -21.47
C LEU F 539 17.36 13.41 -21.99
N GLY F 540 18.07 12.29 -21.92
CA GLY F 540 19.44 12.24 -22.42
C GLY F 540 20.40 13.12 -21.65
N VAL F 541 20.21 13.24 -20.33
CA VAL F 541 21.09 14.04 -19.47
C VAL F 541 21.44 13.21 -18.24
N ASP F 542 22.44 13.69 -17.50
CA ASP F 542 22.80 13.10 -16.22
C ASP F 542 21.80 13.55 -15.15
N MET F 543 21.76 12.81 -14.04
CA MET F 543 20.82 13.13 -12.97
C MET F 543 21.14 14.46 -12.29
N SER F 544 22.38 14.95 -12.42
CA SER F 544 22.77 16.24 -11.84
C SER F 544 22.28 17.41 -12.67
N ASP F 545 21.76 17.19 -13.88
CA ASP F 545 21.21 18.26 -14.69
C ASP F 545 19.73 18.53 -14.42
N LEU F 546 19.07 17.67 -13.63
CA LEU F 546 17.63 17.80 -13.40
C LEU F 546 17.32 18.71 -12.22
N PRO F 547 16.16 19.37 -12.24
CA PRO F 547 15.73 20.16 -11.05
C PRO F 547 15.11 19.28 -9.99
N VAL F 548 15.95 18.47 -9.33
CA VAL F 548 15.53 17.54 -8.31
C VAL F 548 16.37 17.80 -7.07
N ALA F 549 15.86 17.38 -5.92
CA ALA F 549 16.57 17.56 -4.66
C ALA F 549 16.08 16.53 -3.66
N GLY F 550 16.87 16.31 -2.63
CA GLY F 550 16.46 15.48 -1.52
C GLY F 550 16.60 16.24 -0.22
N VAL F 551 15.69 15.98 0.72
CA VAL F 551 15.67 16.65 2.00
C VAL F 551 15.55 15.61 3.11
N ALA F 552 16.32 15.80 4.18
CA ALA F 552 16.26 15.00 5.39
C ALA F 552 16.07 15.96 6.55
N PRO F 553 14.85 16.48 6.74
CA PRO F 553 14.65 17.56 7.72
C PRO F 553 15.01 17.18 9.15
N GLU F 554 14.80 15.92 9.58
CA GLU F 554 14.91 15.54 10.99
C GLU F 554 15.65 14.21 11.16
N TRP F 555 16.70 13.97 10.37
CA TRP F 555 17.38 12.68 10.37
C TRP F 555 18.16 12.44 11.67
N MET F 556 18.31 11.17 12.04
CA MET F 556 19.09 10.80 13.22
C MET F 556 20.06 9.64 12.97
N SER F 557 19.76 8.75 12.03
CA SER F 557 20.42 7.46 11.93
C SER F 557 21.65 7.50 11.00
N GLU F 558 22.53 6.53 11.21
CA GLU F 558 23.63 6.33 10.28
C GLU F 558 23.11 5.97 8.90
N LYS F 559 21.99 5.25 8.83
CA LYS F 559 21.37 4.99 7.54
C LYS F 559 21.04 6.28 6.79
N ALA F 560 20.57 7.30 7.51
CA ALA F 560 20.28 8.58 6.88
C ALA F 560 21.54 9.21 6.33
N VAL F 561 22.66 9.08 7.05
CA VAL F 561 23.92 9.62 6.54
C VAL F 561 24.32 8.93 5.23
N ALA F 562 24.25 7.59 5.22
CA ALA F 562 24.58 6.86 4.00
C ALA F 562 23.65 7.22 2.84
N ILE F 563 22.36 7.41 3.13
CA ILE F 563 21.38 7.77 2.11
C ILE F 563 21.71 9.12 1.49
N GLY F 564 21.93 10.13 2.34
CA GLY F 564 22.30 11.43 1.82
C GLY F 564 23.57 11.38 1.00
N THR F 565 24.55 10.59 1.46
CA THR F 565 25.81 10.50 0.74
C THR F 565 25.60 9.90 -0.65
N TYR F 566 24.83 8.81 -0.75
CA TYR F 566 24.68 8.23 -2.09
C TYR F 566 23.73 9.06 -2.97
N VAL F 567 22.78 9.79 -2.39
CA VAL F 567 21.93 10.70 -3.18
C VAL F 567 22.77 11.83 -3.78
N VAL F 568 23.66 12.42 -2.96
CA VAL F 568 24.55 13.44 -3.49
C VAL F 568 25.50 12.84 -4.53
N THR F 569 26.05 11.64 -4.24
CA THR F 569 26.97 11.02 -5.18
C THR F 569 26.29 10.68 -6.50
N SER F 570 24.98 10.35 -6.47
CA SER F 570 24.23 10.11 -7.68
C SER F 570 23.96 11.39 -8.46
N GLY F 571 24.19 12.56 -7.85
CA GLY F 571 23.99 13.81 -8.57
C GLY F 571 22.75 14.58 -8.16
N ILE F 572 22.31 14.43 -6.92
CA ILE F 572 21.11 15.08 -6.41
C ILE F 572 21.49 15.87 -5.17
N ASP F 573 21.29 17.19 -5.22
CA ASP F 573 21.57 18.04 -4.07
C ASP F 573 20.72 17.62 -2.87
N THR F 574 21.35 17.60 -1.69
CA THR F 574 20.68 17.14 -0.48
C THR F 574 20.76 18.19 0.61
N TRP F 575 19.62 18.51 1.20
CA TRP F 575 19.51 19.40 2.34
C TRP F 575 19.37 18.57 3.61
N LEU F 576 20.15 18.91 4.63
CA LEU F 576 20.10 18.23 5.92
C LEU F 576 19.54 19.20 6.96
N GLY F 577 18.44 18.82 7.59
CA GLY F 577 17.84 19.63 8.63
C GLY F 577 18.48 19.50 10.00
N VAL F 578 19.37 18.53 10.17
CA VAL F 578 20.16 18.33 11.39
C VAL F 578 21.62 18.33 11.01
N ALA F 579 22.41 19.18 11.66
CA ALA F 579 23.83 19.28 11.31
C ALA F 579 24.54 17.96 11.64
N PRO F 580 25.28 17.38 10.69
CA PRO F 580 26.12 16.19 11.02
C PRO F 580 27.38 16.62 11.74
N PRO F 581 27.99 15.73 12.56
CA PRO F 581 29.18 16.14 13.34
C PRO F 581 30.43 16.34 12.48
N VAL F 582 30.45 17.42 11.69
CA VAL F 582 31.56 17.75 10.81
C VAL F 582 32.03 19.19 10.96
N THR F 583 31.37 20.01 11.79
CA THR F 583 31.73 21.42 11.87
C THR F 583 33.14 21.62 12.41
N GLY F 584 33.69 20.63 13.12
CA GLY F 584 35.04 20.74 13.61
C GLY F 584 36.11 20.64 12.54
N GLY F 585 35.81 20.01 11.39
CA GLY F 585 36.75 19.92 10.30
C GLY F 585 36.41 20.85 9.14
N PRO F 586 37.12 21.98 9.04
CA PRO F 586 36.83 22.94 7.95
C PRO F 586 36.99 22.34 6.57
N GLU F 587 38.00 21.49 6.37
CA GLU F 587 38.18 20.86 5.07
C GLU F 587 37.01 19.95 4.72
N VAL F 588 36.50 19.19 5.71
CA VAL F 588 35.38 18.28 5.46
C VAL F 588 34.11 19.07 5.15
N VAL F 589 33.87 20.18 5.86
CA VAL F 589 32.73 21.04 5.55
C VAL F 589 32.84 21.57 4.13
N ASP F 590 34.03 22.03 3.76
CA ASP F 590 34.26 22.56 2.41
C ASP F 590 34.06 21.49 1.34
N ILE F 591 34.49 20.25 1.60
CA ILE F 591 34.30 19.17 0.64
C ILE F 591 32.82 18.86 0.47
N LEU F 592 32.09 18.69 1.58
CA LEU F 592 30.69 18.26 1.52
C LEU F 592 29.78 19.32 0.94
N THR F 593 30.04 20.59 1.23
CA THR F 593 29.12 21.65 0.84
C THR F 593 29.60 22.46 -0.36
N ASN F 594 30.89 22.43 -0.68
CA ASN F 594 31.40 23.18 -1.83
C ASN F 594 32.07 22.31 -2.89
N LYS F 595 33.08 21.52 -2.52
CA LYS F 595 33.88 20.82 -3.53
C LYS F 595 33.15 19.66 -4.16
N MET F 596 32.18 19.09 -3.45
CA MET F 596 31.45 17.94 -3.98
C MET F 596 30.80 18.26 -5.33
N GLU F 597 30.35 19.50 -5.51
CA GLU F 597 29.72 19.86 -6.77
C GLU F 597 30.68 19.70 -7.95
N ASP F 598 31.98 19.93 -7.75
CA ASP F 598 32.94 19.71 -8.82
C ASP F 598 33.10 18.23 -9.16
N TRP F 599 32.90 17.35 -8.17
CA TRP F 599 33.11 15.92 -8.41
C TRP F 599 31.88 15.29 -9.07
N VAL F 600 30.72 15.43 -8.45
CA VAL F 600 29.54 14.69 -8.86
C VAL F 600 28.39 15.60 -9.29
N GLY F 601 28.59 16.91 -9.33
CA GLY F 601 27.57 17.84 -9.76
C GLY F 601 26.51 18.16 -8.74
N ALA F 602 26.61 17.64 -7.52
CA ALA F 602 25.68 17.93 -6.44
C ALA F 602 26.49 18.14 -5.17
N LYS F 603 25.83 18.59 -4.11
CA LYS F 603 26.51 18.86 -2.85
C LYS F 603 25.48 18.89 -1.72
N PHE F 604 25.98 18.85 -0.48
CA PHE F 604 25.15 18.94 0.70
C PHE F 604 24.83 20.41 1.02
N PHE F 605 23.63 20.62 1.55
CA PHE F 605 23.20 21.91 2.11
C PHE F 605 22.79 21.64 3.54
N ILE F 606 23.36 22.38 4.49
CA ILE F 606 23.00 22.25 5.90
C ILE F 606 22.13 23.45 6.25
N GLU F 607 20.87 23.20 6.60
CA GLU F 607 19.93 24.28 6.88
C GLU F 607 18.92 23.75 7.89
N THR F 608 18.94 24.32 9.10
CA THR F 608 18.05 23.92 10.19
C THR F 608 16.74 24.68 10.20
N ASP F 609 16.59 25.69 9.36
CA ASP F 609 15.34 26.43 9.25
C ASP F 609 14.58 25.91 8.04
N PRO F 610 13.42 25.26 8.22
CA PRO F 610 12.72 24.66 7.06
C PRO F 610 12.30 25.67 6.00
N HIS F 611 11.85 26.87 6.38
CA HIS F 611 11.45 27.87 5.40
C HIS F 611 12.64 28.30 4.55
N LYS F 612 13.78 28.54 5.19
CA LYS F 612 14.99 28.86 4.43
C LYS F 612 15.41 27.71 3.53
N ALA F 613 15.27 26.48 4.02
CA ALA F 613 15.58 25.31 3.19
C ALA F 613 14.70 25.26 1.95
N VAL F 614 13.40 25.53 2.08
CA VAL F 614 12.52 25.54 0.93
C VAL F 614 12.96 26.61 -0.06
N GLU F 615 13.27 27.81 0.44
CA GLU F 615 13.74 28.89 -0.43
C GLU F 615 15.00 28.48 -1.18
N GLN F 616 15.96 27.89 -0.48
CA GLN F 616 17.21 27.48 -1.12
C GLN F 616 16.97 26.38 -2.14
N ILE F 617 16.07 25.44 -1.85
CA ILE F 617 15.77 24.38 -2.80
C ILE F 617 15.17 24.97 -4.06
N VAL F 618 14.23 25.91 -3.93
CA VAL F 618 13.63 26.53 -5.11
C VAL F 618 14.67 27.29 -5.92
N ASN F 619 15.55 28.04 -5.25
CA ASN F 619 16.57 28.78 -5.97
C ASN F 619 17.54 27.86 -6.71
N ARG F 620 17.95 26.78 -6.06
CA ARG F 620 18.87 25.83 -6.69
C ARG F 620 18.20 25.13 -7.88
N MET F 621 16.93 24.75 -7.74
CA MET F 621 16.20 24.15 -8.85
C MET F 621 16.08 25.10 -10.02
N ASN F 622 15.80 26.38 -9.75
CA ASN F 622 15.73 27.36 -10.83
C ASN F 622 17.08 27.53 -11.50
N GLU F 623 18.17 27.51 -10.71
CA GLU F 623 19.50 27.59 -11.30
C GLU F 623 19.76 26.41 -12.24
N LYS F 624 19.40 25.21 -11.81
CA LYS F 624 19.63 24.05 -12.66
C LYS F 624 18.72 24.07 -13.89
N ARG F 625 17.50 24.59 -13.75
CA ARG F 625 16.63 24.75 -14.91
C ARG F 625 17.23 25.71 -15.92
N LYS F 626 17.78 26.84 -15.44
CA LYS F 626 18.41 27.79 -16.34
C LYS F 626 19.64 27.20 -17.00
N LYS F 627 20.38 26.37 -16.28
CA LYS F 627 21.47 25.63 -16.92
C LYS F 627 20.96 24.70 -18.00
N LEU F 628 19.87 23.99 -17.75
CA LEU F 628 19.32 23.03 -18.69
C LEU F 628 18.54 23.68 -19.84
N GLY F 629 18.21 24.96 -19.74
CA GLY F 629 17.46 25.65 -20.77
C GLY F 629 15.96 25.56 -20.63
N ILE F 630 15.43 24.93 -19.59
CA ILE F 630 13.99 24.81 -19.41
C ILE F 630 13.44 25.89 -18.46
FE1 SF4 G . -37.63 -0.70 -8.69
FE2 SF4 G . -38.16 -1.78 -6.23
FE3 SF4 G . -38.02 -3.39 -8.44
FE4 SF4 G . -40.12 -1.66 -8.13
S1 SF4 G . -39.61 -3.44 -6.80
S2 SF4 G . -38.90 -2.02 -10.03
S3 SF4 G . -39.08 0.10 -7.13
S4 SF4 G . -36.33 -2.17 -7.53
NI NI H . -41.90 -2.86 -7.03
NI NI I . -44.39 -4.38 -5.85
FE1 SF4 J . -61.80 -13.64 18.94
FE2 SF4 J . -59.72 -14.95 17.76
FE3 SF4 J . -61.98 -14.41 16.32
FE4 SF4 J . -62.04 -16.28 18.30
S1 SF4 J . -60.84 -16.39 16.38
S2 SF4 J . -63.58 -14.64 17.92
S3 SF4 J . -60.60 -15.36 19.82
S4 SF4 J . -60.54 -12.89 17.20
CO B12 K . -44.22 -4.77 -12.96
N21 B12 K . -42.61 -4.88 -13.93
N22 B12 K . -44.07 -6.63 -12.47
N23 B12 K . -45.81 -4.39 -12.09
N24 B12 K . -44.14 -2.97 -13.59
C1 B12 K . -42.16 -3.72 -14.75
C20 B12 K . -42.80 -3.82 -16.18
C2 B12 K . -40.61 -3.93 -14.81
C25 B12 K . -39.90 -3.11 -15.94
C26 B12 K . -40.00 -3.59 -13.42
C27 B12 K . -38.49 -3.84 -13.37
O28 B12 K . -37.67 -3.45 -14.20
N29 B12 K . -38.10 -4.55 -12.31
C3 B12 K . -40.56 -5.46 -14.99
C30 B12 K . -40.58 -6.15 -16.39
C31 B12 K . -39.36 -7.10 -16.64
C32 B12 K . -39.57 -8.14 -17.73
O34 B12 K . -40.67 -8.69 -17.88
N33 B12 K . -38.54 -8.43 -18.54
C4 B12 K . -41.79 -5.89 -14.17
C5 B12 K . -41.96 -7.21 -13.60
C35 B12 K . -40.87 -8.18 -13.97
C6 B12 K . -43.04 -7.56 -12.81
C7 B12 K . -43.34 -8.91 -12.16
C36 B12 K . -43.39 -10.08 -13.17
C37 B12 K . -42.25 -9.20 -11.04
C38 B12 K . -42.44 -10.61 -10.40
O39 B12 K . -41.68 -11.50 -10.74
N40 B12 K . -43.38 -10.85 -9.49
C8 B12 K . -44.68 -8.69 -11.44
C41 B12 K . -45.87 -9.59 -11.97
C42 B12 K . -47.10 -9.62 -11.05
C43 B12 K . -48.00 -10.76 -11.35
O44 B12 K . -47.55 -11.82 -11.85
N45 B12 K . -49.32 -10.68 -11.11
C9 B12 K . -44.95 -7.22 -11.71
C10 B12 K . -46.06 -6.60 -11.23
C11 B12 K . -46.48 -5.33 -11.38
C12 B12 K . -47.72 -4.79 -10.69
C46 B12 K . -47.40 -4.80 -9.16
C47 B12 K . -48.95 -5.68 -11.00
C13 B12 K . -47.80 -3.39 -11.25
C48 B12 K . -48.99 -3.12 -12.25
C49 B12 K . -50.14 -2.39 -11.54
C50 B12 K . -50.88 -1.58 -12.61
O51 B12 K . -51.18 -2.11 -13.74
N52 B12 K . -51.14 -0.37 -12.29
C14 B12 K . -46.51 -3.22 -12.03
C15 B12 K . -46.13 -2.04 -12.65
C53 B12 K . -46.99 -0.79 -12.52
C16 B12 K . -44.97 -1.98 -13.47
C17 B12 K . -44.34 -0.70 -14.09
C54 B12 K . -43.93 0.09 -12.82
C55 B12 K . -45.20 0.19 -14.95
C56 B12 K . -46.03 -0.46 -16.07
C57 B12 K . -46.66 0.62 -16.95
O58 B12 K . -47.74 1.11 -16.66
N59 B12 K . -45.94 1.04 -17.97
C18 B12 K . -43.13 -1.25 -14.83
C60 B12 K . -41.90 -0.30 -15.01
C61 B12 K . -41.48 -0.11 -16.46
O63 B12 K . -42.23 -0.34 -17.41
N62 B12 K . -40.23 0.32 -16.60
C19 B12 K . -42.79 -2.50 -14.04
C1P B12 K . -46.39 2.12 -18.87
C2P B12 K . -47.52 1.70 -19.80
C3P B12 K . -48.29 2.92 -20.34
O3 B12 K . -46.88 1.08 -20.95
O4 B12 K . -48.72 -0.65 -20.90
O5 B12 K . -46.59 -0.98 -22.35
P B12 K . -47.67 -0.09 -21.76
O2 B12 K . -48.36 0.69 -23.03
C3R B12 K . -47.62 1.40 -23.98
C2R B12 K . -47.15 0.57 -25.17
O7R B12 K . -47.41 -0.79 -25.09
C1R B12 K . -47.83 1.23 -26.42
O6R B12 K . -48.30 2.47 -25.98
C4R B12 K . -48.65 2.40 -24.59
C5R B12 K . -48.62 3.80 -23.98
O8R B12 K . -47.35 4.43 -24.32
N1B B12 K . -48.94 0.50 -27.03
C8B B12 K . -49.19 0.53 -28.38
C2B B12 K . -49.89 -0.27 -26.50
N3B B12 K . -50.72 -0.75 -27.40
C9B B12 K . -50.30 -0.25 -28.65
C4B B12 K . -50.75 -0.38 -29.97
C5B B12 K . -50.07 0.27 -31.00
C5M B12 K . -50.54 0.15 -32.44
C6B B12 K . -48.94 1.06 -30.74
C6M B12 K . -48.16 1.79 -31.77
C7B B12 K . -48.51 1.18 -29.41
FE1 SF4 L . 34.56 12.23 25.80
FE2 SF4 L . 34.95 12.21 23.09
FE3 SF4 L . 33.20 14.01 24.21
FE4 SF4 L . 32.56 11.35 24.14
S1 SF4 L . 32.84 12.75 22.36
S2 SF4 L . 32.33 12.76 25.91
S3 SF4 L . 34.63 10.40 24.45
S4 SF4 L . 35.47 13.90 24.54
FE1 SF4 M . 22.72 8.18 22.19
FE2 SF4 M . 21.48 5.82 21.55
FE3 SF4 M . 24.17 6.13 21.08
FE4 SF4 M . 22.31 7.49 19.56
S1 SF4 M . 22.64 5.23 19.66
S2 SF4 M . 24.23 8.34 20.47
S3 SF4 M . 20.72 7.93 21.13
S4 SF4 M . 23.12 6.12 23.11
FE1 RQM N . 50.88 -2.01 14.21
FE2 RQM N . 51.55 -4.72 12.31
FE3 RQM N . 50.63 -3.07 16.63
FE4 RQM N . 53.18 -3.00 15.59
S1 RQM N . 52.03 -4.86 16.36
S2 RQM N . 51.83 -1.19 16.18
S4 RQM N . 49.11 -3.37 14.88
S3 RQM N . 52.69 -2.93 13.29
NI RQM N . 50.61 -5.20 14.58
FE1 SF4 O . 44.32 6.87 18.12
FE2 SF4 O . 45.17 8.86 16.44
FE3 SF4 O . 44.21 9.51 18.93
FE4 SF4 O . 42.48 8.61 16.99
S1 SF4 O . 43.72 10.53 16.94
S2 SF4 O . 42.58 7.92 19.18
S3 SF4 O . 43.80 7.10 15.90
S4 SF4 O . 46.08 8.28 18.45
FE1 RQM P . 14.62 4.59 11.21
FE2 RQM P . 13.52 2.87 8.52
FE3 RQM P . 14.99 7.02 10.21
FE4 RQM P . 12.38 6.21 10.50
S1 RQM P . 13.40 6.94 8.56
S2 RQM P . 13.95 6.60 12.18
S4 RQM P . 16.31 5.15 9.71
S3 RQM P . 12.65 3.87 10.45
NI RQM P . 14.60 5.07 8.02
#